data_8UHW
#
_entry.id   8UHW
#
loop_
_entity.id
_entity.type
_entity.pdbx_description
1 polymer 'Aldehyde-alcohol dehydrogenase'
2 non-polymer 'FE (III) ION'
#
_entity_poly.entity_id   1
_entity_poly.type   'polypeptide(L)'
_entity_poly.pdbx_seq_one_letter_code
;MHHHHHHENLYFQGMTKIANKYEVIDNVEKLEKALKRLREAQSVYATYTQEQVDKIFFEAAMAANKMRIPLAKMAVEETG
MGVVEDKVIKNHYASEYIYNAYKNTKTCGVIEEDPAFGIKKIAEPLGVIAAVIPTTNPTSTAIFKTLIALKTRNAIIISP
HPRAKNSTIEAAKIVLEAAVKAGAPEGIIGWIDVPSLELTNLVMREADVILATGGPGLVKAAYSSGKPAIGVGAGNTPAI
IDDSADIVLAVNSIIHSKTFDNGMICASEQSVIVLDGVYKEVKKEFEKRGCYFLNEDETEKVRKTIIINGALNAKIVGQK
AHTIANLAGFEVPETTKILIGEVTSVDISEEFAHEKLCPVLAMYRAKDFDDALDKAERLVADGGFGHTSSLYIDTVTQKE
KLQKFSERMKTCRILVNTPSSQGGIGDLYNFKLAPSLTLGCGSWGGNSVSDNVGVKHLLNIKTVAERRENMLWFRTPEKI
YIKRGCLPVALDELKNVMGKKKAFIVTDNFLYNNGYTKPITDKLDEMGIVHKTFFDVSPDPSLASAKAGAAEMLAFQPDT
IIAVGGGSAMDAAKIMWVMYEHPEVDFMDMAMRFMDIRKRVYTFPKMGQKAYFIAIPTSAGTGSEVTPFAVITDEKTGIK
YPLADYELLPDMAIVDADMMMNAPKGLTAASGIDALTHALEAYVSMLATDYTDSLALRAIKMIFEYLPRAYENGASDPVA
REKMANAATIAGMAFANAFLGVCHSMAHKLGAFYHLPHGVANALMINEVIRFNSSEAPTKMGTFPQYDHPRTLERYAEIA
DYIGLKGKNNEEKVENLIKAIDELKEKVGIRKTIKDYDIDEKEFLDRLDEMVEQAFDDQCTGTNPRYPLMNEIRQMYLNA
YYGGAKK
;
_entity_poly.pdbx_strand_id   A,B,C,D,E,F
#
loop_
_chem_comp.id
_chem_comp.type
_chem_comp.name
_chem_comp.formula
FE non-polymer 'FE (III) ION' 'Fe 3'
#
# COMPACT_ATOMS: atom_id res chain seq x y z
N LEU A 472 43.34 -16.68 54.68
CA LEU A 472 42.14 -16.09 54.11
C LEU A 472 42.48 -14.96 53.14
N TRP A 473 41.47 -14.23 52.70
CA TRP A 473 41.65 -13.17 51.72
C TRP A 473 40.43 -12.26 51.75
N PHE A 474 40.47 -11.21 50.93
CA PHE A 474 39.32 -10.33 50.74
C PHE A 474 39.47 -9.70 49.37
N ARG A 475 38.64 -10.13 48.42
CA ARG A 475 38.71 -9.69 47.04
C ARG A 475 37.37 -9.10 46.61
N THR A 476 37.41 -7.88 46.09
CA THR A 476 36.25 -7.17 45.58
C THR A 476 36.65 -6.49 44.28
N PRO A 477 35.67 -6.13 43.44
CA PRO A 477 36.01 -5.39 42.21
C PRO A 477 36.72 -4.08 42.53
N GLU A 478 37.42 -3.57 41.51
CA GLU A 478 38.24 -2.37 41.70
C GLU A 478 37.40 -1.17 42.11
N LYS A 479 36.25 -0.98 41.47
CA LYS A 479 35.39 0.17 41.73
C LYS A 479 33.96 -0.29 41.87
N ILE A 480 33.30 0.15 42.95
CA ILE A 480 31.87 -0.08 43.17
C ILE A 480 31.23 1.27 43.40
N TYR A 481 30.32 1.67 42.51
CA TYR A 481 29.68 2.97 42.56
C TYR A 481 28.21 2.80 42.92
N ILE A 482 27.79 3.40 44.02
CA ILE A 482 26.44 3.24 44.53
C ILE A 482 25.83 4.62 44.82
N LYS A 483 24.77 4.96 44.11
CA LYS A 483 23.85 6.06 44.42
C LYS A 483 22.78 6.09 43.35
N ARG A 484 21.68 6.77 43.64
CA ARG A 484 20.65 6.98 42.64
C ARG A 484 21.14 7.91 41.55
N GLY A 485 20.90 7.55 40.30
CA GLY A 485 21.32 8.38 39.19
C GLY A 485 22.81 8.41 38.96
N CYS A 486 23.53 7.37 39.37
CA CYS A 486 24.98 7.35 39.23
C CYS A 486 25.44 6.73 37.91
N LEU A 487 24.52 6.21 37.10
CA LEU A 487 24.93 5.57 35.85
C LEU A 487 25.61 6.54 34.88
N PRO A 488 25.08 7.74 34.60
CA PRO A 488 25.78 8.62 33.64
C PRO A 488 27.13 9.10 34.13
N VAL A 489 27.25 9.46 35.41
CA VAL A 489 28.51 10.00 35.92
C VAL A 489 29.57 8.91 35.98
N ALA A 490 29.17 7.68 36.31
CA ALA A 490 30.13 6.58 36.38
C ALA A 490 30.68 6.21 35.00
N LEU A 491 29.98 6.60 33.93
CA LEU A 491 30.45 6.36 32.57
C LEU A 491 31.21 7.55 31.99
N ASP A 492 30.70 8.76 32.13
CA ASP A 492 31.37 9.93 31.57
C ASP A 492 32.75 10.12 32.18
N GLU A 493 32.83 10.12 33.51
CA GLU A 493 34.06 10.49 34.20
C GLU A 493 35.15 9.44 34.11
N LEU A 494 34.84 8.23 33.63
CA LEU A 494 35.86 7.18 33.55
C LEU A 494 36.04 6.64 32.14
N LYS A 495 34.96 6.36 31.41
CA LYS A 495 35.08 5.64 30.15
C LYS A 495 35.81 6.47 29.09
N ASN A 496 35.47 7.76 28.97
CA ASN A 496 36.21 8.61 28.06
C ASN A 496 37.60 8.92 28.60
N VAL A 497 37.78 8.85 29.92
CA VAL A 497 39.10 9.06 30.52
C VAL A 497 40.04 7.92 30.14
N MET A 498 39.57 6.67 30.24
CA MET A 498 40.39 5.54 29.84
C MET A 498 40.61 5.46 28.33
N GLY A 499 39.83 6.20 27.54
CA GLY A 499 40.01 6.20 26.10
C GLY A 499 39.44 5.00 25.38
N LYS A 500 38.53 4.26 26.00
CA LYS A 500 37.90 3.13 25.34
C LYS A 500 37.08 3.61 24.15
N LYS A 501 37.06 2.80 23.09
CA LYS A 501 36.43 3.19 21.84
C LYS A 501 35.37 2.22 21.34
N LYS A 502 35.26 1.02 21.92
CA LYS A 502 34.28 0.04 21.47
C LYS A 502 33.60 -0.58 22.68
N ALA A 503 32.28 -0.75 22.59
CA ALA A 503 31.49 -1.29 23.68
C ALA A 503 30.60 -2.43 23.18
N PHE A 504 30.43 -3.43 24.03
CA PHE A 504 29.61 -4.60 23.72
C PHE A 504 28.62 -4.82 24.85
N ILE A 505 27.39 -4.37 24.66
CA ILE A 505 26.34 -4.52 25.65
C ILE A 505 25.74 -5.92 25.53
N VAL A 506 25.52 -6.57 26.68
CA VAL A 506 24.91 -7.90 26.73
C VAL A 506 23.72 -7.85 27.67
N THR A 507 22.53 -8.10 27.13
CA THR A 507 21.29 -8.06 27.90
C THR A 507 20.41 -9.23 27.45
N ASP A 508 19.14 -9.20 27.86
CA ASP A 508 18.16 -10.20 27.47
C ASP A 508 17.09 -9.61 26.59
N ASN A 509 16.18 -10.49 26.15
CA ASN A 509 15.10 -10.08 25.26
C ASN A 509 14.17 -9.08 25.94
N PHE A 510 13.81 -9.35 27.20
CA PHE A 510 12.79 -8.55 27.87
C PHE A 510 13.27 -7.12 28.09
N LEU A 511 14.48 -6.98 28.65
CA LEU A 511 15.02 -5.65 28.92
C LEU A 511 15.25 -4.87 27.63
N TYR A 512 15.78 -5.54 26.61
CA TYR A 512 16.02 -4.86 25.34
C TYR A 512 14.72 -4.39 24.71
N ASN A 513 13.67 -5.23 24.75
CA ASN A 513 12.40 -4.85 24.15
C ASN A 513 11.73 -3.72 24.92
N ASN A 514 11.79 -3.76 26.25
CA ASN A 514 11.19 -2.70 27.04
C ASN A 514 12.01 -1.42 27.01
N GLY A 515 13.22 -1.45 26.47
CA GLY A 515 14.04 -0.26 26.38
C GLY A 515 14.84 0.08 27.61
N TYR A 516 15.23 -0.92 28.40
CA TYR A 516 16.01 -0.65 29.61
C TYR A 516 17.48 -0.39 29.30
N THR A 517 17.91 -0.64 28.06
CA THR A 517 19.28 -0.36 27.65
C THR A 517 19.41 1.00 26.97
N LYS A 518 18.32 1.74 26.86
CA LYS A 518 18.37 3.05 26.19
C LYS A 518 19.30 4.04 26.88
N PRO A 519 19.29 4.22 28.21
CA PRO A 519 20.21 5.21 28.81
C PRO A 519 21.68 4.92 28.54
N ILE A 520 22.07 3.64 28.53
CA ILE A 520 23.47 3.30 28.33
C ILE A 520 23.91 3.66 26.92
N THR A 521 23.12 3.27 25.92
CA THR A 521 23.46 3.61 24.54
C THR A 521 23.41 5.11 24.30
N ASP A 522 22.46 5.80 24.94
CA ASP A 522 22.38 7.25 24.80
C ASP A 522 23.61 7.93 25.39
N LYS A 523 24.09 7.43 26.54
CA LYS A 523 25.32 7.97 27.12
C LYS A 523 26.52 7.68 26.24
N LEU A 524 26.61 6.46 25.70
CA LEU A 524 27.74 6.12 24.83
C LEU A 524 27.63 6.80 23.48
N ASP A 525 26.48 7.42 23.18
CA ASP A 525 26.33 8.16 21.95
C ASP A 525 26.81 9.60 22.09
N GLU A 526 26.64 10.20 23.27
CA GLU A 526 27.10 11.57 23.49
C GLU A 526 28.60 11.68 23.30
N MET A 527 29.35 10.72 23.84
CA MET A 527 30.79 10.65 23.62
C MET A 527 31.11 9.60 22.56
N GLY A 528 32.34 9.63 22.06
CA GLY A 528 32.70 8.88 20.88
C GLY A 528 33.06 7.42 21.07
N ILE A 529 32.07 6.58 21.35
CA ILE A 529 32.25 5.14 21.42
C ILE A 529 31.19 4.46 20.55
N VAL A 530 31.62 3.55 19.70
CA VAL A 530 30.69 2.71 18.95
C VAL A 530 30.31 1.51 19.80
N HIS A 531 29.03 1.14 19.79
CA HIS A 531 28.53 0.10 20.65
C HIS A 531 27.71 -0.91 19.85
N LYS A 532 27.81 -2.18 20.26
CA LYS A 532 27.05 -3.26 19.65
C LYS A 532 26.31 -4.01 20.76
N THR A 533 25.05 -4.35 20.51
CA THR A 533 24.18 -4.96 21.51
C THR A 533 23.89 -6.40 21.13
N PHE A 534 23.99 -7.30 22.12
CA PHE A 534 23.66 -8.71 21.95
C PHE A 534 22.58 -9.06 22.96
N PHE A 535 21.34 -9.16 22.49
CA PHE A 535 20.18 -9.34 23.36
C PHE A 535 19.54 -10.72 23.25
N ASP A 536 20.32 -11.74 22.86
CA ASP A 536 19.76 -13.09 22.69
C ASP A 536 20.40 -14.03 23.72
N VAL A 537 19.70 -14.17 24.84
CA VAL A 537 20.14 -15.06 25.91
C VAL A 537 18.94 -15.63 26.65
N ASP A 540 17.16 -19.03 32.51
CA ASP A 540 18.40 -19.81 32.58
C ASP A 540 19.14 -19.77 31.25
N PRO A 541 20.43 -19.46 31.30
CA PRO A 541 21.21 -19.35 30.06
C PRO A 541 21.66 -20.71 29.57
N SER A 542 22.00 -20.75 28.28
CA SER A 542 22.49 -21.95 27.63
C SER A 542 23.91 -21.72 27.10
N LEU A 543 24.70 -22.81 27.09
CA LEU A 543 26.08 -22.70 26.63
C LEU A 543 26.15 -22.37 25.15
N ALA A 544 25.14 -22.78 24.36
CA ALA A 544 25.11 -22.42 22.95
C ALA A 544 25.00 -20.92 22.77
N SER A 545 24.16 -20.26 23.58
CA SER A 545 24.08 -18.80 23.53
C SER A 545 25.40 -18.17 23.92
N ALA A 546 26.10 -18.75 24.89
CA ALA A 546 27.40 -18.22 25.28
C ALA A 546 28.41 -18.34 24.14
N LYS A 547 28.42 -19.47 23.44
CA LYS A 547 29.33 -19.62 22.31
C LYS A 547 28.97 -18.66 21.17
N ALA A 548 27.68 -18.46 20.93
CA ALA A 548 27.27 -17.50 19.92
C ALA A 548 27.72 -16.08 20.28
N GLY A 549 27.58 -15.71 21.55
CA GLY A 549 28.04 -14.40 22.00
C GLY A 549 29.55 -14.26 21.90
N ALA A 550 30.29 -15.33 22.20
CA ALA A 550 31.75 -15.29 22.06
C ALA A 550 32.16 -15.11 20.60
N ALA A 551 31.48 -15.82 19.70
CA ALA A 551 31.77 -15.65 18.27
C ALA A 551 31.44 -14.24 17.80
N GLU A 552 30.32 -13.68 18.28
CA GLU A 552 29.97 -12.31 17.93
C GLU A 552 31.01 -11.33 18.45
N MET A 553 31.50 -11.55 19.68
CA MET A 553 32.54 -10.68 20.22
C MET A 553 33.82 -10.78 19.39
N LEU A 554 34.21 -12.00 19.02
CA LEU A 554 35.40 -12.17 18.21
C LEU A 554 35.29 -11.49 16.86
N ALA A 555 34.10 -11.55 16.25
CA ALA A 555 33.88 -10.83 15.00
C ALA A 555 33.94 -9.32 15.21
N PHE A 556 33.30 -8.82 16.28
CA PHE A 556 33.26 -7.39 16.53
C PHE A 556 34.57 -6.85 17.10
N GLN A 557 35.30 -7.66 17.88
CA GLN A 557 36.55 -7.27 18.51
C GLN A 557 36.37 -6.04 19.39
N PRO A 558 35.65 -6.15 20.51
CA PRO A 558 35.41 -4.99 21.37
C PRO A 558 36.55 -4.75 22.35
N ASP A 559 36.41 -3.68 23.11
CA ASP A 559 37.34 -3.34 24.18
C ASP A 559 36.67 -3.26 25.54
N THR A 560 35.41 -2.81 25.60
CA THR A 560 34.65 -2.72 26.84
C THR A 560 33.43 -3.61 26.73
N ILE A 561 33.18 -4.39 27.77
CA ILE A 561 32.02 -5.29 27.84
C ILE A 561 31.11 -4.80 28.95
N ILE A 562 29.86 -4.54 28.62
CA ILE A 562 28.86 -4.08 29.57
C ILE A 562 27.79 -5.17 29.70
N ALA A 563 27.57 -5.64 30.92
CA ALA A 563 26.58 -6.67 31.19
C ALA A 563 25.45 -6.07 32.02
N VAL A 564 24.22 -6.16 31.49
CA VAL A 564 23.06 -5.56 32.12
C VAL A 564 21.97 -6.63 32.24
N GLY A 565 21.27 -6.63 33.37
CA GLY A 565 20.14 -7.52 33.56
C GLY A 565 20.16 -8.27 34.88
N GLY A 566 21.35 -8.70 35.32
CA GLY A 566 21.45 -9.40 36.57
C GLY A 566 21.03 -10.85 36.50
N GLY A 567 21.73 -11.72 37.23
CA GLY A 567 21.39 -13.13 37.26
C GLY A 567 21.99 -13.92 36.11
N SER A 568 21.14 -14.46 35.25
CA SER A 568 21.58 -15.28 34.13
C SER A 568 22.42 -14.47 33.14
N ALA A 569 22.02 -13.22 32.92
CA ALA A 569 22.71 -12.38 31.95
C ALA A 569 24.18 -12.18 32.32
N MET A 570 24.44 -11.94 33.61
CA MET A 570 25.82 -11.69 34.04
C MET A 570 26.67 -12.95 33.94
N ASP A 571 26.14 -14.11 34.33
CA ASP A 571 26.91 -15.35 34.19
C ASP A 571 27.20 -15.65 32.72
N ALA A 572 26.19 -15.46 31.86
CA ALA A 572 26.39 -15.67 30.43
C ALA A 572 27.47 -14.72 29.90
N ALA A 573 27.40 -13.44 30.30
CA ALA A 573 28.37 -12.47 29.82
C ALA A 573 29.78 -12.80 30.32
N LYS A 574 29.89 -13.27 31.56
CA LYS A 574 31.19 -13.67 32.08
C LYS A 574 31.77 -14.83 31.29
N ILE A 575 30.94 -15.82 30.96
CA ILE A 575 31.42 -16.96 30.18
C ILE A 575 31.84 -16.51 28.78
N MET A 576 31.06 -15.61 28.17
CA MET A 576 31.43 -15.06 26.87
C MET A 576 32.75 -14.32 26.95
N TRP A 577 32.95 -13.55 28.02
CA TRP A 577 34.21 -12.84 28.22
C TRP A 577 35.39 -13.80 28.31
N VAL A 578 35.21 -14.89 29.07
CA VAL A 578 36.26 -15.89 29.21
C VAL A 578 36.60 -16.51 27.85
N MET A 579 35.57 -16.91 27.10
CA MET A 579 35.83 -17.59 25.83
C MET A 579 36.34 -16.64 24.76
N TYR A 580 35.97 -15.36 24.84
CA TYR A 580 36.47 -14.38 23.87
C TYR A 580 37.92 -14.01 24.15
N GLU A 581 38.28 -13.83 25.42
CA GLU A 581 39.64 -13.44 25.74
C GLU A 581 40.58 -14.64 25.78
N HIS A 582 40.03 -15.85 25.90
CA HIS A 582 40.83 -17.08 25.90
C HIS A 582 40.14 -18.12 25.03
N PRO A 583 40.31 -18.04 23.71
CA PRO A 583 39.65 -19.00 22.81
C PRO A 583 40.21 -20.41 22.87
N GLU A 584 41.36 -20.61 23.52
CA GLU A 584 41.98 -21.94 23.60
C GLU A 584 41.14 -22.95 24.38
N VAL A 585 40.38 -22.50 25.38
CA VAL A 585 39.58 -23.41 26.19
C VAL A 585 38.45 -24.01 25.36
N PHE A 604 42.99 -20.95 36.41
CA PHE A 604 42.41 -20.11 35.36
C PHE A 604 43.46 -19.20 34.74
N PRO A 605 43.37 -18.97 33.44
CA PRO A 605 44.28 -18.03 32.78
C PRO A 605 43.98 -16.60 33.18
N LYS A 606 44.90 -15.70 32.85
CA LYS A 606 44.74 -14.28 33.16
C LYS A 606 44.00 -13.59 32.02
N MET A 607 42.79 -13.10 32.30
CA MET A 607 41.97 -12.41 31.30
C MET A 607 41.76 -10.97 31.74
N GLY A 608 42.71 -10.11 31.37
CA GLY A 608 42.58 -8.68 31.62
C GLY A 608 43.20 -7.85 30.52
N GLN A 609 43.40 -8.46 29.35
CA GLN A 609 44.17 -7.86 28.27
C GLN A 609 43.28 -7.23 27.20
N LYS A 610 42.30 -7.98 26.70
CA LYS A 610 41.53 -7.52 25.55
C LYS A 610 40.27 -6.75 25.95
N ALA A 611 39.74 -7.00 27.15
CA ALA A 611 38.43 -6.48 27.50
C ALA A 611 38.44 -5.87 28.90
N TYR A 612 37.51 -4.96 29.12
CA TYR A 612 37.25 -4.34 30.41
C TYR A 612 35.79 -4.56 30.76
N PHE A 613 35.54 -5.30 31.85
CA PHE A 613 34.21 -5.82 32.16
C PHE A 613 33.50 -4.89 33.14
N ILE A 614 32.26 -4.53 32.81
CA ILE A 614 31.41 -3.69 33.65
C ILE A 614 30.06 -4.38 33.81
N ALA A 615 29.59 -4.46 35.05
CA ALA A 615 28.33 -5.11 35.37
C ALA A 615 27.34 -4.11 35.95
N ILE A 616 26.11 -4.13 35.43
CA ILE A 616 25.04 -3.25 35.89
C ILE A 616 23.81 -4.09 36.20
N PRO A 617 23.45 -4.27 37.48
CA PRO A 617 22.30 -5.12 37.80
C PRO A 617 20.97 -4.38 37.68
N THR A 618 19.97 -5.11 37.18
CA THR A 618 18.59 -4.64 37.19
C THR A 618 17.72 -5.43 38.15
N SER A 619 18.30 -6.33 38.94
CA SER A 619 17.59 -7.05 39.97
C SER A 619 18.36 -6.95 41.28
N ALA A 620 17.64 -7.01 42.39
CA ALA A 620 18.25 -6.81 43.70
C ALA A 620 18.27 -8.08 44.53
N GLY A 621 18.53 -9.22 43.88
CA GLY A 621 18.61 -10.46 44.64
C GLY A 621 19.87 -11.29 44.48
N THR A 622 20.56 -11.15 43.35
CA THR A 622 21.65 -12.07 43.05
C THR A 622 23.00 -11.53 43.53
N GLY A 623 23.23 -10.24 43.30
CA GLY A 623 24.52 -9.67 43.64
C GLY A 623 25.65 -10.31 42.85
N SER A 624 25.42 -10.54 41.56
CA SER A 624 26.37 -11.23 40.71
C SER A 624 27.46 -10.29 40.16
N GLU A 625 27.38 -9.00 40.47
CA GLU A 625 28.38 -8.05 39.99
C GLU A 625 29.62 -7.99 40.88
N VAL A 626 29.58 -8.60 42.07
CA VAL A 626 30.70 -8.53 43.00
C VAL A 626 31.20 -9.93 43.32
N THR A 627 30.55 -10.94 42.77
CA THR A 627 30.96 -12.31 43.07
C THR A 627 31.59 -12.97 41.84
N PRO A 628 32.51 -13.92 42.06
CA PRO A 628 33.06 -14.67 40.93
C PRO A 628 32.25 -15.92 40.61
N TYR A 646 38.54 -16.58 40.98
CA TYR A 646 38.55 -15.15 41.27
C TYR A 646 38.91 -14.33 40.05
N GLU A 647 39.22 -15.02 38.94
CA GLU A 647 39.51 -14.34 37.69
C GLU A 647 38.26 -13.99 36.90
N LEU A 648 37.09 -14.37 37.39
CA LEU A 648 35.82 -13.97 36.80
C LEU A 648 35.29 -12.67 37.39
N LEU A 649 35.99 -12.09 38.36
CA LEU A 649 35.48 -10.94 39.07
C LEU A 649 35.42 -9.72 38.14
N PRO A 650 34.30 -9.02 38.07
CA PRO A 650 34.21 -7.84 37.19
C PRO A 650 35.16 -6.74 37.64
N ASP A 651 35.59 -5.92 36.68
CA ASP A 651 36.48 -4.81 36.98
C ASP A 651 35.74 -3.64 37.63
N MET A 652 34.46 -3.46 37.33
CA MET A 652 33.70 -2.36 37.89
C MET A 652 32.26 -2.80 38.11
N ALA A 653 31.62 -2.19 39.10
CA ALA A 653 30.22 -2.45 39.42
C ALA A 653 29.51 -1.12 39.63
N ILE A 654 28.35 -0.96 39.02
CA ILE A 654 27.55 0.24 39.12
C ILE A 654 26.19 -0.16 39.67
N VAL A 655 25.83 0.37 40.83
CA VAL A 655 24.57 0.04 41.49
C VAL A 655 23.77 1.33 41.64
N ASP A 656 22.61 1.38 40.98
CA ASP A 656 21.70 2.51 41.11
C ASP A 656 20.27 2.00 41.11
N ALA A 657 19.40 2.71 41.81
CA ALA A 657 18.01 2.29 41.95
C ALA A 657 17.18 2.57 40.70
N ASP A 658 17.63 3.47 39.83
CA ASP A 658 16.83 3.83 38.65
C ASP A 658 16.61 2.63 37.74
N MET A 659 17.61 1.77 37.61
CA MET A 659 17.48 0.56 36.80
C MET A 659 16.58 -0.50 37.45
N MET A 660 16.19 -0.30 38.71
CA MET A 660 15.46 -1.31 39.46
C MET A 660 14.17 -0.78 40.07
N MET A 661 13.60 0.29 39.51
CA MET A 661 12.40 0.89 40.09
C MET A 661 11.16 0.06 39.80
N ASN A 662 11.06 -0.50 38.58
CA ASN A 662 9.82 -1.11 38.11
C ASN A 662 9.88 -2.63 38.07
N ALA A 663 10.55 -3.26 39.03
CA ALA A 663 10.56 -4.71 39.08
C ALA A 663 9.18 -5.25 39.49
N PRO A 664 8.80 -6.43 38.99
CA PRO A 664 7.51 -7.01 39.39
C PRO A 664 7.53 -7.56 40.81
N LYS A 665 6.35 -7.84 41.36
CA LYS A 665 6.22 -8.26 42.75
C LYS A 665 6.84 -9.64 43.03
N GLY A 666 6.53 -10.62 42.18
CA GLY A 666 7.08 -11.95 42.40
C GLY A 666 8.59 -11.98 42.28
N LEU A 667 9.13 -11.28 41.28
CA LEU A 667 10.59 -11.18 41.15
C LEU A 667 11.19 -10.46 42.34
N THR A 668 10.52 -9.42 42.84
CA THR A 668 11.01 -8.70 44.01
C THR A 668 11.10 -9.62 45.22
N ALA A 669 10.03 -10.39 45.46
CA ALA A 669 10.02 -11.30 46.60
C ALA A 669 11.08 -12.38 46.47
N ALA A 670 11.20 -12.97 45.28
CA ALA A 670 12.22 -14.00 45.07
C ALA A 670 13.62 -13.45 45.27
N SER A 671 13.87 -12.24 44.75
CA SER A 671 15.18 -11.61 44.91
C SER A 671 15.49 -11.31 46.37
N GLY A 672 14.50 -10.80 47.11
CA GLY A 672 14.72 -10.53 48.52
C GLY A 672 15.02 -11.79 49.31
N ILE A 673 14.27 -12.85 49.06
CA ILE A 673 14.52 -14.12 49.75
C ILE A 673 15.88 -14.67 49.38
N ASP A 674 16.28 -14.54 48.11
CA ASP A 674 17.60 -15.01 47.70
C ASP A 674 18.71 -14.24 48.41
N ALA A 675 18.57 -12.92 48.51
CA ALA A 675 19.57 -12.12 49.21
C ALA A 675 19.64 -12.50 50.69
N LEU A 676 18.48 -12.73 51.31
CA LEU A 676 18.45 -13.16 52.70
C LEU A 676 19.16 -14.50 52.88
N THR A 677 18.90 -15.44 51.98
CA THR A 677 19.54 -16.75 52.05
C THR A 677 21.05 -16.63 51.89
N HIS A 678 21.49 -15.79 50.94
CA HIS A 678 22.92 -15.58 50.72
C HIS A 678 23.57 -15.01 51.98
N ALA A 679 22.93 -14.03 52.60
CA ALA A 679 23.49 -13.44 53.82
C ALA A 679 23.55 -14.45 54.95
N LEU A 680 22.50 -15.26 55.10
CA LEU A 680 22.47 -16.24 56.19
C LEU A 680 23.58 -17.27 56.03
N GLU A 681 23.72 -17.85 54.83
CA GLU A 681 24.82 -18.80 54.64
C GLU A 681 26.19 -18.14 54.64
N ALA A 682 26.29 -16.85 54.33
CA ALA A 682 27.58 -16.18 54.45
C ALA A 682 27.97 -16.01 55.91
N TYR A 683 27.01 -15.68 56.77
CA TYR A 683 27.31 -15.55 58.19
C TYR A 683 27.59 -16.90 58.84
N VAL A 684 26.83 -17.93 58.47
CA VAL A 684 26.96 -19.22 59.13
C VAL A 684 28.18 -19.99 58.64
N SER A 685 28.70 -19.66 57.46
CA SER A 685 29.74 -20.45 56.82
C SER A 685 30.96 -20.63 57.71
N MET A 686 31.71 -21.71 57.45
CA MET A 686 32.87 -22.03 58.27
C MET A 686 34.03 -21.10 57.98
N LEU A 687 34.08 -20.55 56.77
CA LEU A 687 35.16 -19.64 56.38
C LEU A 687 34.89 -18.20 56.77
N ALA A 688 33.75 -17.91 57.41
CA ALA A 688 33.39 -16.54 57.71
C ALA A 688 34.36 -15.92 58.72
N THR A 689 34.68 -14.66 58.50
CA THR A 689 35.54 -13.88 59.39
C THR A 689 34.81 -12.60 59.78
N ASP A 690 35.53 -11.69 60.42
CA ASP A 690 34.91 -10.47 60.93
C ASP A 690 34.29 -9.64 59.81
N TYR A 691 34.99 -9.54 58.67
CA TYR A 691 34.51 -8.71 57.58
C TYR A 691 33.17 -9.22 57.07
N THR A 692 33.12 -10.51 56.73
CA THR A 692 31.89 -11.11 56.22
C THR A 692 30.80 -11.13 57.28
N ASP A 693 31.18 -11.30 58.55
CA ASP A 693 30.19 -11.27 59.62
C ASP A 693 29.50 -9.90 59.68
N SER A 694 30.28 -8.82 59.66
CA SER A 694 29.70 -7.49 59.72
C SER A 694 28.82 -7.23 58.50
N LEU A 695 29.32 -7.60 57.30
CA LEU A 695 28.56 -7.36 56.09
C LEU A 695 27.24 -8.13 56.11
N ALA A 696 27.29 -9.40 56.50
CA ALA A 696 26.09 -10.23 56.52
C ALA A 696 25.08 -9.72 57.54
N LEU A 697 25.56 -9.29 58.72
CA LEU A 697 24.65 -8.76 59.73
C LEU A 697 23.96 -7.50 59.23
N ARG A 698 24.72 -6.60 58.59
CA ARG A 698 24.11 -5.40 58.03
C ARG A 698 23.09 -5.75 56.97
N ALA A 699 23.42 -6.69 56.09
CA ALA A 699 22.51 -7.07 55.01
C ALA A 699 21.21 -7.66 55.58
N ILE A 700 21.33 -8.52 56.58
CA ILE A 700 20.14 -9.12 57.19
C ILE A 700 19.27 -8.04 57.85
N LYS A 701 19.89 -7.11 58.56
CA LYS A 701 19.11 -6.06 59.22
C LYS A 701 18.38 -5.19 58.20
N MET A 702 19.05 -4.84 57.09
CA MET A 702 18.37 -4.05 56.07
C MET A 702 17.31 -4.84 55.33
N ILE A 703 17.47 -6.17 55.21
CA ILE A 703 16.45 -6.97 54.54
C ILE A 703 15.20 -7.10 55.40
N PHE A 704 15.36 -7.29 56.71
CA PHE A 704 14.21 -7.43 57.62
C PHE A 704 13.45 -6.13 57.84
N GLU A 705 13.76 -5.06 57.13
CA GLU A 705 13.08 -3.79 57.39
C GLU A 705 12.42 -3.21 56.14
N TYR A 706 13.02 -3.40 54.97
CA TYR A 706 12.55 -2.72 53.76
C TYR A 706 11.96 -3.66 52.71
N LEU A 707 12.11 -4.97 52.87
CA LEU A 707 11.52 -5.88 51.89
C LEU A 707 9.99 -5.77 51.83
N PRO A 708 9.26 -5.75 52.95
CA PRO A 708 7.80 -5.55 52.83
C PRO A 708 7.42 -4.24 52.17
N ARG A 709 8.15 -3.15 52.45
CA ARG A 709 7.83 -1.87 51.83
C ARG A 709 8.08 -1.91 50.33
N ALA A 710 9.17 -2.56 49.90
CA ALA A 710 9.44 -2.69 48.48
C ALA A 710 8.41 -3.58 47.78
N TYR A 711 7.96 -4.64 48.45
CA TYR A 711 6.97 -5.53 47.85
C TYR A 711 5.58 -4.95 47.82
N GLU A 712 5.23 -4.07 48.77
CA GLU A 712 3.89 -3.51 48.82
C GLU A 712 3.72 -2.36 47.84
N ASN A 713 4.48 -1.28 48.04
CA ASN A 713 4.35 -0.10 47.20
C ASN A 713 5.08 -0.22 45.86
N GLY A 714 6.22 -0.91 45.83
CA GLY A 714 6.99 -1.01 44.62
C GLY A 714 7.72 0.28 44.28
N ALA A 715 7.48 0.80 43.08
CA ALA A 715 8.14 2.04 42.66
C ALA A 715 7.68 3.25 43.46
N SER A 716 6.58 3.11 44.23
CA SER A 716 6.09 4.24 45.01
C SER A 716 6.92 4.49 46.26
N ASP A 717 7.86 3.60 46.58
CA ASP A 717 8.72 3.74 47.76
C ASP A 717 10.17 3.58 47.30
N PRO A 718 10.74 4.61 46.68
CA PRO A 718 12.12 4.48 46.17
C PRO A 718 13.15 4.20 47.24
N VAL A 719 12.92 4.68 48.47
CA VAL A 719 13.88 4.46 49.55
C VAL A 719 14.03 2.96 49.84
N ALA A 720 12.90 2.26 49.90
CA ALA A 720 12.95 0.82 50.15
C ALA A 720 13.66 0.09 49.01
N ARG A 721 13.43 0.52 47.77
CA ARG A 721 14.10 -0.11 46.64
C ARG A 721 15.60 0.11 46.69
N GLU A 722 16.04 1.33 47.02
CA GLU A 722 17.47 1.60 47.12
C GLU A 722 18.11 0.80 48.26
N LYS A 723 17.41 0.70 49.39
CA LYS A 723 17.93 -0.08 50.50
C LYS A 723 18.02 -1.56 50.13
N MET A 724 17.03 -2.07 49.39
CA MET A 724 17.09 -3.45 48.94
C MET A 724 18.26 -3.67 47.99
N ALA A 725 18.51 -2.72 47.08
CA ALA A 725 19.68 -2.82 46.21
C ALA A 725 20.97 -2.88 47.00
N ASN A 726 21.12 -1.98 47.99
CA ASN A 726 22.33 -1.96 48.80
C ASN A 726 22.49 -3.26 49.59
N ALA A 727 21.39 -3.76 50.16
CA ALA A 727 21.44 -5.00 50.91
C ALA A 727 21.82 -6.17 50.01
N ALA A 728 21.31 -6.19 48.78
CA ALA A 728 21.68 -7.22 47.82
C ALA A 728 23.17 -7.17 47.51
N THR A 729 23.70 -5.95 47.32
CA THR A 729 25.13 -5.84 47.03
C THR A 729 25.98 -6.30 48.22
N ILE A 730 25.58 -5.93 49.44
CA ILE A 730 26.33 -6.35 50.62
C ILE A 730 26.29 -7.87 50.78
N ALA A 731 25.10 -8.46 50.58
CA ALA A 731 24.99 -9.92 50.67
C ALA A 731 25.81 -10.60 49.58
N GLY A 732 25.85 -10.02 48.39
CA GLY A 732 26.70 -10.58 47.34
C GLY A 732 28.16 -10.55 47.71
N MET A 733 28.62 -9.43 48.28
CA MET A 733 30.01 -9.34 48.73
C MET A 733 30.30 -10.38 49.81
N ALA A 734 29.40 -10.52 50.77
CA ALA A 734 29.60 -11.49 51.85
C ALA A 734 29.64 -12.91 51.31
N PHE A 735 28.74 -13.24 50.38
CA PHE A 735 28.73 -14.57 49.78
C PHE A 735 30.00 -14.81 48.98
N ALA A 736 30.47 -13.80 48.25
CA ALA A 736 31.67 -13.95 47.45
C ALA A 736 32.89 -14.19 48.32
N ASN A 737 32.98 -13.49 49.46
CA ASN A 737 34.17 -13.62 50.30
C ASN A 737 34.03 -14.78 51.28
N ALA A 738 32.80 -15.20 51.56
CA ALA A 738 32.53 -16.36 52.40
C ALA A 738 31.54 -17.27 51.67
N PHE A 739 32.04 -18.38 51.16
CA PHE A 739 31.21 -19.30 50.36
C PHE A 739 30.05 -19.85 51.18
N THR A 792 27.45 -22.71 65.58
CA THR A 792 26.30 -22.48 64.72
C THR A 792 25.13 -21.94 65.54
N LEU A 793 24.88 -22.58 66.69
CA LEU A 793 23.85 -22.08 67.59
C LEU A 793 24.18 -20.67 68.07
N GLU A 794 25.44 -20.42 68.42
CA GLU A 794 25.86 -19.08 68.80
C GLU A 794 25.72 -18.10 67.65
N ARG A 795 26.04 -18.52 66.43
CA ARG A 795 25.89 -17.64 65.27
C ARG A 795 24.43 -17.22 65.10
N TYR A 796 23.51 -18.18 65.14
CA TYR A 796 22.09 -17.85 64.98
C TYR A 796 21.59 -17.02 66.15
N ALA A 797 22.07 -17.29 67.37
CA ALA A 797 21.68 -16.49 68.52
C ALA A 797 22.13 -15.04 68.35
N GLU A 798 23.37 -14.83 67.87
CA GLU A 798 23.85 -13.48 67.63
C GLU A 798 23.03 -12.78 66.55
N ILE A 799 22.69 -13.50 65.49
CA ILE A 799 21.86 -12.91 64.43
C ILE A 799 20.51 -12.48 65.00
N ALA A 800 19.87 -13.36 65.77
CA ALA A 800 18.56 -13.05 66.34
C ALA A 800 18.64 -11.87 67.31
N ASP A 801 19.69 -11.83 68.13
CA ASP A 801 19.86 -10.73 69.07
C ASP A 801 20.08 -9.41 68.34
N TYR A 802 20.85 -9.44 67.25
CA TYR A 802 21.05 -8.23 66.46
C TYR A 802 19.73 -7.76 65.85
N ILE A 803 18.94 -8.69 65.33
CA ILE A 803 17.63 -8.33 64.78
C ILE A 803 16.67 -7.92 65.90
N ASN A 809 17.68 -18.09 76.05
CA ASN A 809 18.63 -19.10 76.51
C ASN A 809 19.38 -19.74 75.35
N ASN A 810 19.50 -19.00 74.24
CA ASN A 810 20.18 -19.39 73.01
C ASN A 810 19.51 -20.56 72.30
N GLU A 811 18.37 -21.04 72.78
CA GLU A 811 17.59 -22.07 72.10
C GLU A 811 16.27 -21.54 71.58
N GLU A 812 15.58 -20.72 72.37
CA GLU A 812 14.35 -20.08 71.91
C GLU A 812 14.63 -19.00 70.86
N LYS A 813 15.84 -18.47 70.82
CA LYS A 813 16.17 -17.43 69.83
C LYS A 813 16.10 -17.99 68.42
N VAL A 814 16.51 -19.24 68.23
CA VAL A 814 16.39 -19.88 66.92
C VAL A 814 14.93 -20.00 66.53
N GLU A 815 14.07 -20.36 67.48
CA GLU A 815 12.64 -20.44 67.20
C GLU A 815 12.06 -19.09 66.82
N ASN A 816 12.46 -18.03 67.54
CA ASN A 816 11.99 -16.69 67.20
C ASN A 816 12.47 -16.28 65.81
N LEU A 817 13.72 -16.61 65.48
CA LEU A 817 14.25 -16.25 64.16
C LEU A 817 13.52 -16.98 63.05
N ILE A 818 13.25 -18.28 63.23
CA ILE A 818 12.55 -19.02 62.19
C ILE A 818 11.11 -18.56 62.07
N LYS A 819 10.49 -18.16 63.19
CA LYS A 819 9.15 -17.60 63.13
C LYS A 819 9.15 -16.27 62.37
N ALA A 820 10.17 -15.44 62.60
CA ALA A 820 10.27 -14.19 61.86
C ALA A 820 10.50 -14.43 60.37
N ILE A 821 11.30 -15.44 60.04
CA ILE A 821 11.52 -15.78 58.64
C ILE A 821 10.22 -16.24 57.98
N ASP A 822 9.46 -17.07 58.68
CA ASP A 822 8.16 -17.51 58.16
C ASP A 822 7.20 -16.33 57.99
N GLU A 823 7.19 -15.41 58.95
CA GLU A 823 6.35 -14.23 58.84
C GLU A 823 6.73 -13.37 57.64
N LEU A 824 8.04 -13.19 57.42
CA LEU A 824 8.49 -12.44 56.26
C LEU A 824 8.10 -13.13 54.95
N LYS A 825 8.23 -14.46 54.91
CA LYS A 825 7.80 -15.20 53.72
C LYS A 825 6.31 -15.02 53.48
N GLU A 826 5.51 -15.04 54.55
CA GLU A 826 4.08 -14.80 54.42
C GLU A 826 3.79 -13.40 53.90
N LYS A 827 4.54 -12.41 54.38
CA LYS A 827 4.31 -11.02 53.99
C LYS A 827 4.57 -10.76 52.51
N VAL A 828 5.37 -11.58 51.84
CA VAL A 828 5.69 -11.38 50.43
C VAL A 828 5.02 -12.43 49.55
N GLY A 829 4.05 -13.17 50.11
CA GLY A 829 3.28 -14.11 49.32
C GLY A 829 4.04 -15.29 48.77
N ILE A 830 4.90 -15.91 49.58
CA ILE A 830 5.61 -17.11 49.16
C ILE A 830 4.73 -18.33 49.35
N ILE B 25 -2.23 56.14 15.23
CA ILE B 25 -1.33 56.40 16.35
C ILE B 25 -0.28 57.42 15.94
N ASP B 26 -0.54 58.69 16.25
CA ASP B 26 0.41 59.76 15.95
C ASP B 26 0.70 60.65 17.15
N ASN B 27 0.27 60.28 18.35
CA ASN B 27 0.56 61.02 19.57
C ASN B 27 0.84 60.04 20.69
N VAL B 28 1.21 60.59 21.85
CA VAL B 28 1.67 59.75 22.96
C VAL B 28 0.53 58.94 23.56
N GLU B 29 -0.60 59.58 23.83
CA GLU B 29 -1.66 58.94 24.60
C GLU B 29 -2.22 57.72 23.87
N LYS B 30 -2.47 57.85 22.57
CA LYS B 30 -2.94 56.72 21.80
C LYS B 30 -1.91 55.60 21.78
N LEU B 31 -0.63 55.95 21.76
CA LEU B 31 0.42 54.94 21.80
C LEU B 31 0.41 54.19 23.13
N GLU B 32 0.22 54.91 24.24
CA GLU B 32 0.12 54.25 25.53
C GLU B 32 -1.08 53.31 25.59
N LYS B 33 -2.22 53.75 25.04
CA LYS B 33 -3.39 52.88 25.02
C LYS B 33 -3.15 51.65 24.16
N ALA B 34 -2.43 51.82 23.04
CA ALA B 34 -2.10 50.67 22.19
C ALA B 34 -1.20 49.68 22.92
N LEU B 35 -0.20 50.18 23.66
CA LEU B 35 0.61 49.29 24.50
C LEU B 35 -0.23 48.56 25.53
N LYS B 36 -1.16 49.27 26.17
CA LYS B 36 -2.01 48.61 27.16
C LYS B 36 -2.80 47.47 26.53
N ARG B 37 -3.45 47.74 25.40
CA ARG B 37 -4.27 46.70 24.76
C ARG B 37 -3.39 45.56 24.23
N LEU B 38 -2.19 45.87 23.77
CA LEU B 38 -1.28 44.82 23.30
C LEU B 38 -0.82 43.93 24.45
N ARG B 39 -0.54 44.52 25.62
CA ARG B 39 -0.19 43.71 26.78
C ARG B 39 -1.35 42.82 27.20
N GLU B 40 -2.57 43.37 27.20
CA GLU B 40 -3.72 42.54 27.55
C GLU B 40 -3.89 41.38 26.56
N ALA B 41 -3.71 41.65 25.27
CA ALA B 41 -3.82 40.59 24.26
C ALA B 41 -2.73 39.54 24.42
N GLN B 42 -1.50 39.98 24.70
CA GLN B 42 -0.38 39.05 24.87
C GLN B 42 -0.61 38.17 26.10
N SER B 43 -1.18 38.73 27.16
CA SER B 43 -1.45 37.93 28.36
C SER B 43 -2.38 36.76 28.05
N VAL B 44 -3.39 37.00 27.21
CA VAL B 44 -4.28 35.92 26.79
C VAL B 44 -3.56 34.96 25.85
N TYR B 45 -2.79 35.51 24.91
CA TYR B 45 -2.20 34.68 23.86
C TYR B 45 -1.09 33.79 24.38
N ALA B 46 -0.48 34.15 25.52
CA ALA B 46 0.65 33.41 26.06
C ALA B 46 0.30 32.01 26.55
N THR B 47 -0.99 31.69 26.70
CA THR B 47 -1.39 30.39 27.24
C THR B 47 -1.93 29.45 26.18
N TYR B 48 -1.78 29.77 24.90
CA TYR B 48 -2.28 28.91 23.84
C TYR B 48 -1.48 27.62 23.78
N THR B 49 -2.12 26.57 23.25
CA THR B 49 -1.48 25.28 23.11
C THR B 49 -0.73 25.19 21.79
N GLN B 50 -0.15 24.02 21.54
CA GLN B 50 0.66 23.83 20.33
C GLN B 50 -0.20 23.84 19.07
N GLU B 51 -1.37 23.19 19.12
CA GLU B 51 -2.21 23.06 17.94
C GLU B 51 -2.74 24.41 17.48
N GLN B 52 -3.15 25.26 18.43
CA GLN B 52 -3.66 26.58 18.07
C GLN B 52 -2.58 27.42 17.40
N VAL B 53 -1.36 27.39 17.94
CA VAL B 53 -0.27 28.15 17.37
C VAL B 53 0.08 27.62 15.98
N ASP B 54 0.05 26.29 15.82
CA ASP B 54 0.31 25.71 14.51
C ASP B 54 -0.72 26.16 13.49
N LYS B 55 -2.00 26.16 13.87
CA LYS B 55 -3.04 26.60 12.95
C LYS B 55 -2.88 28.08 12.59
N ILE B 56 -2.57 28.92 13.58
CA ILE B 56 -2.40 30.34 13.31
C ILE B 56 -1.21 30.57 12.38
N PHE B 57 -0.10 29.88 12.63
CA PHE B 57 1.08 29.98 11.77
C PHE B 57 0.75 29.55 10.36
N PHE B 58 0.02 28.45 10.21
CA PHE B 58 -0.33 27.92 8.88
C PHE B 58 -1.20 28.91 8.12
N GLU B 59 -2.22 29.46 8.78
CA GLU B 59 -3.11 30.42 8.11
C GLU B 59 -2.37 31.69 7.72
N ALA B 60 -1.53 32.21 8.62
CA ALA B 60 -0.79 33.43 8.31
C ALA B 60 0.18 33.22 7.15
N ALA B 61 0.87 32.07 7.14
CA ALA B 61 1.76 31.76 6.04
C ALA B 61 0.99 31.64 4.73
N MET B 62 -0.18 30.99 4.76
CA MET B 62 -1.01 30.90 3.57
C MET B 62 -1.35 32.29 3.03
N ALA B 63 -1.83 33.18 3.89
CA ALA B 63 -2.23 34.51 3.43
C ALA B 63 -1.04 35.28 2.86
N ALA B 64 0.07 35.27 3.59
CA ALA B 64 1.25 36.01 3.14
C ALA B 64 1.76 35.48 1.81
N ASN B 65 1.76 34.15 1.63
CA ASN B 65 2.17 33.58 0.36
C ASN B 65 1.21 33.97 -0.76
N LYS B 66 -0.09 33.92 -0.50
CA LYS B 66 -1.07 34.20 -1.53
C LYS B 66 -1.12 35.67 -1.93
N MET B 67 -0.58 36.56 -1.09
CA MET B 67 -0.58 38.00 -1.40
C MET B 67 0.82 38.50 -1.75
N ARG B 68 1.57 37.71 -2.53
CA ARG B 68 2.96 38.07 -2.83
C ARG B 68 3.09 39.11 -3.94
N ILE B 69 2.20 39.08 -4.93
CA ILE B 69 2.36 39.93 -6.12
C ILE B 69 1.94 41.37 -5.83
N PRO B 70 0.74 41.65 -5.32
CA PRO B 70 0.37 43.06 -5.11
C PRO B 70 1.28 43.79 -4.12
N LEU B 71 1.79 43.09 -3.12
CA LEU B 71 2.64 43.74 -2.13
C LEU B 71 3.92 44.29 -2.76
N ALA B 72 4.53 43.52 -3.66
CA ALA B 72 5.74 43.98 -4.33
C ALA B 72 5.47 45.20 -5.19
N LYS B 73 4.35 45.20 -5.93
CA LYS B 73 4.02 46.37 -6.75
C LYS B 73 3.78 47.60 -5.89
N MET B 74 3.07 47.42 -4.76
CA MET B 74 2.84 48.55 -3.86
C MET B 74 4.15 49.08 -3.30
N ALA B 75 5.05 48.18 -2.88
CA ALA B 75 6.33 48.61 -2.32
C ALA B 75 7.17 49.35 -3.36
N VAL B 76 7.19 48.86 -4.59
CA VAL B 76 7.98 49.51 -5.64
C VAL B 76 7.38 50.87 -5.98
N GLU B 77 6.05 50.95 -6.05
CA GLU B 77 5.40 52.22 -6.35
C GLU B 77 5.65 53.26 -5.27
N GLU B 78 5.57 52.86 -4.00
CA GLU B 78 5.73 53.82 -2.90
C GLU B 78 7.20 54.20 -2.70
N THR B 79 8.08 53.22 -2.51
CA THR B 79 9.48 53.52 -2.27
C THR B 79 10.16 54.17 -3.47
N GLY B 80 9.70 53.88 -4.69
CA GLY B 80 10.32 54.44 -5.87
C GLY B 80 11.63 53.82 -6.27
N MET B 81 11.92 52.60 -5.81
CA MET B 81 13.17 51.93 -6.15
C MET B 81 12.95 50.42 -6.10
N GLY B 82 13.88 49.69 -6.70
CA GLY B 82 13.84 48.25 -6.70
C GLY B 82 13.25 47.68 -7.98
N VAL B 83 13.22 46.35 -8.03
CA VAL B 83 12.67 45.61 -9.16
C VAL B 83 11.51 44.77 -8.64
N VAL B 84 10.37 44.84 -9.33
CA VAL B 84 9.15 44.20 -8.84
C VAL B 84 9.34 42.70 -8.76
N GLU B 85 10.01 42.11 -9.74
CA GLU B 85 10.19 40.66 -9.76
C GLU B 85 11.04 40.19 -8.58
N ASP B 86 12.12 40.93 -8.28
CA ASP B 86 12.97 40.56 -7.16
C ASP B 86 12.23 40.72 -5.83
N LYS B 87 11.39 41.74 -5.72
CA LYS B 87 10.58 41.89 -4.51
C LYS B 87 9.56 40.77 -4.38
N VAL B 88 9.01 40.30 -5.49
CA VAL B 88 8.13 39.13 -5.46
C VAL B 88 8.89 37.92 -4.95
N ILE B 89 10.13 37.73 -5.44
CA ILE B 89 10.95 36.61 -4.97
C ILE B 89 11.21 36.74 -3.47
N LYS B 90 11.47 37.96 -3.01
CA LYS B 90 11.77 38.19 -1.59
C LYS B 90 10.56 37.88 -0.72
N ASN B 91 9.37 38.33 -1.13
CA ASN B 91 8.17 38.03 -0.36
C ASN B 91 7.88 36.53 -0.34
N HIS B 92 8.03 35.87 -1.49
CA HIS B 92 7.79 34.43 -1.54
C HIS B 92 8.78 33.69 -0.64
N TYR B 93 10.04 34.12 -0.62
CA TYR B 93 11.01 33.54 0.30
C TYR B 93 10.59 33.75 1.75
N ALA B 94 10.33 35.01 2.13
CA ALA B 94 9.99 35.35 3.50
C ALA B 94 8.73 34.67 3.99
N SER B 95 7.86 34.21 3.09
CA SER B 95 6.72 33.39 3.50
C SER B 95 7.07 31.90 3.53
N GLU B 96 7.43 31.35 2.37
CA GLU B 96 7.54 29.90 2.23
C GLU B 96 8.71 29.34 3.04
N TYR B 97 9.90 29.93 2.90
CA TYR B 97 11.06 29.36 3.57
C TYR B 97 10.97 29.55 5.08
N ILE B 98 10.43 30.68 5.53
CA ILE B 98 10.24 30.90 6.96
C ILE B 98 9.25 29.89 7.52
N TYR B 99 8.16 29.63 6.80
CA TYR B 99 7.22 28.61 7.26
C TYR B 99 7.88 27.24 7.30
N ASN B 100 8.64 26.90 6.25
CA ASN B 100 9.23 25.57 6.17
C ASN B 100 10.28 25.34 7.25
N ALA B 101 11.04 26.38 7.62
CA ALA B 101 12.13 26.19 8.58
C ALA B 101 11.61 25.82 9.95
N TYR B 102 10.64 26.57 10.47
CA TYR B 102 10.09 26.36 11.81
C TYR B 102 8.70 25.73 11.74
N LYS B 103 8.46 24.89 10.75
CA LYS B 103 7.14 24.27 10.59
C LYS B 103 6.81 23.35 11.75
N ASN B 104 7.78 22.57 12.23
CA ASN B 104 7.56 21.58 13.27
C ASN B 104 8.63 21.71 14.35
N THR B 105 8.87 22.94 14.81
CA THR B 105 9.79 23.21 15.91
C THR B 105 8.98 23.42 17.19
N LYS B 106 9.42 22.77 18.27
CA LYS B 106 8.71 22.82 19.53
C LYS B 106 9.11 24.08 20.31
N THR B 107 8.14 24.95 20.58
CA THR B 107 8.40 26.20 21.29
C THR B 107 7.35 26.45 22.37
N CYS B 108 6.78 25.39 22.95
CA CYS B 108 5.62 25.52 23.82
C CYS B 108 5.91 25.16 25.27
N GLY B 109 6.41 23.96 25.53
CA GLY B 109 6.56 23.48 26.89
C GLY B 109 7.87 22.74 27.09
N VAL B 110 7.78 21.53 27.62
CA VAL B 110 8.96 20.75 27.93
C VAL B 110 9.68 20.38 26.64
N ILE B 111 10.97 20.68 26.57
CA ILE B 111 11.77 20.39 25.39
C ILE B 111 12.78 19.29 25.73
N GLU B 112 13.66 19.55 26.68
CA GLU B 112 14.66 18.60 27.11
C GLU B 112 14.31 18.07 28.50
N GLU B 113 14.35 16.74 28.65
CA GLU B 113 14.03 16.10 29.93
C GLU B 113 15.00 14.94 30.12
N ASP B 114 15.79 15.00 31.18
CA ASP B 114 16.75 13.95 31.54
C ASP B 114 16.30 13.34 32.86
N PRO B 115 15.63 12.19 32.82
CA PRO B 115 15.14 11.60 34.08
C PRO B 115 16.22 11.26 35.08
N ALA B 116 17.44 10.90 34.62
CA ALA B 116 18.51 10.58 35.54
C ALA B 116 18.86 11.79 36.42
N PHE B 117 18.94 12.97 35.81
CA PHE B 117 19.08 14.22 36.55
C PHE B 117 17.69 14.80 36.79
N GLY B 118 17.61 16.06 37.19
CA GLY B 118 16.32 16.69 37.42
C GLY B 118 16.11 17.94 36.60
N ILE B 119 16.62 17.97 35.39
CA ILE B 119 16.59 19.16 34.54
C ILE B 119 15.38 19.11 33.63
N LYS B 120 14.79 20.28 33.37
CA LYS B 120 13.63 20.40 32.50
C LYS B 120 13.54 21.83 31.98
N LYS B 121 13.40 21.99 30.68
CA LYS B 121 13.26 23.31 30.06
C LYS B 121 11.81 23.53 29.65
N ILE B 122 11.36 24.79 29.73
CA ILE B 122 9.94 25.07 29.54
C ILE B 122 9.70 26.01 28.35
N ALA B 123 10.67 26.87 28.06
CA ALA B 123 10.61 27.76 26.90
C ALA B 123 9.39 28.67 26.90
N GLU B 124 9.31 29.57 27.87
CA GLU B 124 8.22 30.53 27.96
C GLU B 124 8.37 31.63 26.91
N PRO B 125 7.28 32.34 26.57
CA PRO B 125 7.40 33.43 25.59
C PRO B 125 8.20 34.59 26.16
N LEU B 126 8.30 35.65 25.36
CA LEU B 126 9.20 36.75 25.68
C LEU B 126 8.44 38.00 26.13
N GLY B 127 7.36 38.34 25.44
CA GLY B 127 6.59 39.52 25.76
C GLY B 127 6.23 40.33 24.53
N VAL B 128 6.09 41.63 24.67
CA VAL B 128 5.84 42.50 23.52
C VAL B 128 7.18 42.92 22.92
N ILE B 129 7.24 42.91 21.60
CA ILE B 129 8.47 43.17 20.86
C ILE B 129 8.27 44.44 20.04
N ALA B 130 9.26 45.33 20.09
CA ALA B 130 9.25 46.55 19.28
C ALA B 130 10.12 46.31 18.05
N ALA B 131 9.48 46.13 16.90
CA ALA B 131 10.17 45.78 15.66
C ALA B 131 10.33 47.02 14.79
N VAL B 132 11.54 47.21 14.26
CA VAL B 132 11.85 48.32 13.38
C VAL B 132 12.06 47.78 11.97
N ILE B 133 11.41 48.40 11.00
CA ILE B 133 11.41 47.94 9.61
C ILE B 133 12.17 48.96 8.77
N PRO B 134 13.11 48.53 7.93
CA PRO B 134 13.82 49.48 7.08
C PRO B 134 13.02 49.80 5.81
N THR B 135 13.55 50.76 5.05
CA THR B 135 12.91 51.18 3.82
C THR B 135 13.39 50.39 2.60
N THR B 136 14.46 49.61 2.72
CA THR B 136 14.91 48.80 1.61
C THR B 136 14.05 47.56 1.42
N ASN B 137 13.58 46.97 2.52
CA ASN B 137 12.73 45.77 2.48
C ASN B 137 11.46 46.06 3.26
N PRO B 138 10.52 46.80 2.67
CA PRO B 138 9.33 47.21 3.42
C PRO B 138 8.43 46.06 3.86
N THR B 139 8.04 45.19 2.93
CA THR B 139 7.02 44.18 3.20
C THR B 139 7.58 42.84 3.63
N SER B 140 8.69 42.39 3.02
CA SER B 140 9.22 41.07 3.33
C SER B 140 9.70 40.99 4.79
N THR B 141 10.39 42.02 5.26
CA THR B 141 10.84 42.03 6.65
C THR B 141 9.67 42.06 7.62
N ALA B 142 8.64 42.85 7.30
CA ALA B 142 7.45 42.89 8.15
C ALA B 142 6.78 41.53 8.22
N ILE B 143 6.64 40.86 7.08
CA ILE B 143 6.04 39.52 7.06
C ILE B 143 6.86 38.55 7.89
N PHE B 144 8.18 38.57 7.70
CA PHE B 144 9.05 37.64 8.42
C PHE B 144 8.97 37.86 9.92
N LYS B 145 9.05 39.12 10.36
CA LYS B 145 9.02 39.41 11.78
C LYS B 145 7.66 39.09 12.39
N THR B 146 6.57 39.40 11.69
CA THR B 146 5.25 39.08 12.21
C THR B 146 5.06 37.57 12.33
N LEU B 147 5.53 36.82 11.32
CA LEU B 147 5.41 35.35 11.39
C LEU B 147 6.20 34.78 12.56
N ILE B 148 7.44 35.23 12.75
CA ILE B 148 8.24 34.65 13.83
C ILE B 148 7.72 35.11 15.18
N ALA B 149 7.06 36.26 15.25
CA ALA B 149 6.42 36.67 16.50
C ALA B 149 5.19 35.82 16.79
N LEU B 150 4.39 35.54 15.77
CA LEU B 150 3.19 34.72 15.97
C LEU B 150 3.54 33.30 16.36
N LYS B 151 4.58 32.73 15.74
CA LYS B 151 5.00 31.37 16.08
C LYS B 151 5.46 31.25 17.53
N THR B 152 6.02 32.31 18.09
CA THR B 152 6.65 32.27 19.41
C THR B 152 5.69 32.70 20.52
N ARG B 153 4.45 33.09 20.15
CA ARG B 153 3.43 33.51 21.10
C ARG B 153 3.78 34.85 21.75
N ASN B 154 4.27 35.78 20.94
CA ASN B 154 4.57 37.14 21.39
C ASN B 154 3.72 38.14 20.62
N ALA B 155 3.47 39.28 21.26
CA ALA B 155 2.90 40.42 20.58
C ALA B 155 4.01 41.19 19.88
N ILE B 156 3.61 42.08 18.97
CA ILE B 156 4.59 42.81 18.17
C ILE B 156 4.02 44.18 17.81
N ILE B 157 4.91 45.16 17.75
CA ILE B 157 4.60 46.51 17.27
C ILE B 157 5.54 46.82 16.13
N ILE B 158 4.98 47.24 15.00
CA ILE B 158 5.75 47.57 13.80
C ILE B 158 5.86 49.08 13.69
N SER B 159 7.08 49.59 13.59
CA SER B 159 7.34 51.02 13.40
C SER B 159 7.89 51.22 12.00
N PRO B 160 7.06 51.57 11.04
CA PRO B 160 7.50 51.62 9.64
C PRO B 160 8.39 52.82 9.37
N HIS B 161 9.23 52.66 8.34
CA HIS B 161 10.01 53.78 7.84
C HIS B 161 9.07 54.81 7.22
N PRO B 162 9.34 56.11 7.41
CA PRO B 162 8.43 57.12 6.85
C PRO B 162 8.29 57.04 5.33
N ARG B 163 9.30 56.54 4.62
CA ARG B 163 9.24 56.49 3.17
C ARG B 163 8.35 55.37 2.64
N ALA B 164 8.22 54.27 3.39
CA ALA B 164 7.48 53.10 2.92
C ALA B 164 6.29 52.75 3.80
N LYS B 165 5.96 53.61 4.78
CA LYS B 165 5.02 53.29 5.84
C LYS B 165 3.81 52.50 5.37
N ASN B 166 3.03 53.09 4.45
CA ASN B 166 1.77 52.48 4.03
C ASN B 166 1.98 51.03 3.61
N SER B 167 2.95 50.78 2.74
CA SER B 167 3.16 49.42 2.25
C SER B 167 3.39 48.47 3.41
N THR B 168 4.31 48.84 4.32
CA THR B 168 4.57 48.00 5.47
C THR B 168 3.30 47.76 6.26
N ILE B 169 2.52 48.82 6.49
CA ILE B 169 1.28 48.67 7.25
C ILE B 169 0.40 47.61 6.59
N GLU B 170 0.26 47.71 5.27
CA GLU B 170 -0.60 46.76 4.57
C GLU B 170 -0.14 45.34 4.81
N ALA B 171 1.18 45.11 4.75
CA ALA B 171 1.69 43.76 4.98
C ALA B 171 1.20 43.22 6.31
N ALA B 172 1.29 44.04 7.37
CA ALA B 172 0.86 43.57 8.68
C ALA B 172 -0.60 43.16 8.66
N LYS B 173 -1.44 43.97 8.00
CA LYS B 173 -2.85 43.64 7.93
C LYS B 173 -3.05 42.28 7.27
N ILE B 174 -2.32 42.02 6.18
CA ILE B 174 -2.49 40.77 5.45
C ILE B 174 -2.27 39.58 6.37
N VAL B 175 -1.44 39.77 7.40
CA VAL B 175 -1.26 38.70 8.38
C VAL B 175 -2.31 38.77 9.48
N LEU B 176 -2.56 39.98 10.01
CA LEU B 176 -3.32 40.10 11.25
C LEU B 176 -4.70 39.48 11.11
N GLU B 177 -5.44 39.87 10.08
CA GLU B 177 -6.76 39.30 9.86
C GLU B 177 -6.68 37.77 9.81
N ALA B 178 -5.75 37.25 9.01
CA ALA B 178 -5.62 35.80 8.92
C ALA B 178 -5.40 35.20 10.30
N ALA B 179 -4.56 35.83 11.12
CA ALA B 179 -4.31 35.34 12.46
C ALA B 179 -5.60 35.28 13.26
N VAL B 180 -6.40 36.35 13.21
CA VAL B 180 -7.60 36.36 14.04
C VAL B 180 -8.69 35.50 13.41
N LYS B 181 -8.45 34.94 12.22
CA LYS B 181 -9.39 33.97 11.67
C LYS B 181 -9.04 32.56 12.13
N ALA B 182 -7.94 32.40 12.86
CA ALA B 182 -7.57 31.07 13.34
C ALA B 182 -7.74 30.96 14.85
N GLY B 183 -7.88 32.08 15.55
CA GLY B 183 -8.11 32.05 16.97
C GLY B 183 -7.23 32.98 17.77
N ALA B 184 -6.41 33.77 17.08
CA ALA B 184 -5.51 34.68 17.79
C ALA B 184 -6.29 35.82 18.42
N PRO B 185 -5.78 36.41 19.51
CA PRO B 185 -6.42 37.60 20.08
C PRO B 185 -6.47 38.75 19.09
N GLU B 186 -7.47 39.63 19.23
CA GLU B 186 -7.75 40.66 18.24
C GLU B 186 -6.58 41.62 18.06
N GLY B 187 -6.10 42.21 19.15
CA GLY B 187 -5.00 43.16 19.08
C GLY B 187 -3.64 42.56 19.34
N ILE B 188 -3.19 41.64 18.49
CA ILE B 188 -1.94 40.93 18.78
C ILE B 188 -0.80 41.48 17.91
N ILE B 189 -1.13 42.12 16.79
CA ILE B 189 -0.16 42.91 16.02
C ILE B 189 -0.61 44.37 16.04
N GLY B 190 0.32 45.27 16.37
CA GLY B 190 0.04 46.68 16.35
C GLY B 190 1.03 47.45 15.51
N TRP B 191 0.68 48.67 15.11
CA TRP B 191 1.57 49.46 14.28
C TRP B 191 1.36 50.94 14.56
N ILE B 192 2.36 51.74 14.21
CA ILE B 192 2.33 53.18 14.37
C ILE B 192 2.03 53.80 13.02
N ASP B 193 0.88 54.46 12.90
CA ASP B 193 0.46 54.98 11.60
C ASP B 193 1.40 56.09 11.12
N VAL B 194 1.77 57.00 12.00
CA VAL B 194 2.66 58.12 11.66
C VAL B 194 3.89 58.04 12.55
N PRO B 195 5.05 57.62 12.03
CA PRO B 195 6.24 57.50 12.87
C PRO B 195 7.00 58.83 12.98
N SER B 196 7.62 59.00 14.14
CA SER B 196 8.42 60.18 14.42
C SER B 196 9.52 59.80 15.41
N LEU B 197 10.53 60.68 15.53
CA LEU B 197 11.67 60.37 16.38
C LEU B 197 11.25 60.23 17.84
N GLU B 198 10.39 61.13 18.32
CA GLU B 198 9.94 61.03 19.71
C GLU B 198 9.06 59.81 19.92
N LEU B 199 8.17 59.51 18.96
CA LEU B 199 7.33 58.33 19.08
C LEU B 199 8.17 57.05 19.07
N THR B 200 9.15 56.98 18.18
CA THR B 200 10.02 55.81 18.11
C THR B 200 10.83 55.66 19.38
N ASN B 201 11.37 56.77 19.90
CA ASN B 201 12.13 56.73 21.14
C ASN B 201 11.27 56.24 22.30
N LEU B 202 10.02 56.71 22.37
CA LEU B 202 9.14 56.29 23.45
C LEU B 202 8.75 54.82 23.31
N VAL B 203 8.47 54.37 22.08
CA VAL B 203 8.02 52.99 21.89
C VAL B 203 9.16 52.02 22.14
N MET B 204 10.39 52.45 21.89
CA MET B 204 11.52 51.59 22.23
C MET B 204 11.70 51.45 23.73
N ARG B 205 11.37 52.50 24.49
CA ARG B 205 11.57 52.48 25.94
C ARG B 205 10.53 51.65 26.67
N GLU B 206 9.43 51.28 26.00
CA GLU B 206 8.33 50.58 26.64
C GLU B 206 8.34 49.07 26.42
N ALA B 207 8.65 48.61 25.21
CA ALA B 207 8.62 47.19 24.92
C ALA B 207 9.76 46.47 25.62
N ASP B 208 9.51 45.20 25.96
CA ASP B 208 10.51 44.41 26.69
C ASP B 208 11.77 44.21 25.85
N VAL B 209 11.60 43.88 24.57
CA VAL B 209 12.72 43.58 23.68
C VAL B 209 12.52 44.32 22.37
N ILE B 210 13.64 44.80 21.82
CA ILE B 210 13.65 45.58 20.59
C ILE B 210 14.33 44.75 19.51
N LEU B 211 13.68 44.63 18.35
CA LEU B 211 14.21 43.94 17.18
C LEU B 211 14.42 45.00 16.11
N ALA B 212 15.64 45.52 16.03
CA ALA B 212 15.95 46.69 15.21
C ALA B 212 16.57 46.28 13.89
N THR B 213 16.40 47.14 12.88
CA THR B 213 16.99 46.96 11.56
C THR B 213 17.02 48.32 10.88
N GLY B 214 18.10 48.61 10.17
CA GLY B 214 18.23 49.89 9.50
C GLY B 214 19.58 50.56 9.69
N GLY B 215 20.54 49.82 10.22
CA GLY B 215 21.89 50.30 10.34
C GLY B 215 22.07 51.34 11.43
N PRO B 216 23.14 52.11 11.35
CA PRO B 216 23.46 53.07 12.41
C PRO B 216 22.42 54.18 12.50
N GLY B 217 22.31 54.75 13.69
CA GLY B 217 21.32 55.79 13.95
C GLY B 217 20.09 55.23 14.63
N LEU B 218 19.70 54.01 14.26
CA LEU B 218 18.55 53.38 14.90
C LEU B 218 18.99 52.24 15.82
N VAL B 219 20.02 51.48 15.42
CA VAL B 219 20.52 50.41 16.28
C VAL B 219 21.17 50.99 17.53
N LYS B 220 21.83 52.15 17.42
CA LYS B 220 22.39 52.80 18.59
C LYS B 220 21.30 53.21 19.57
N ALA B 221 20.19 53.76 19.06
CA ALA B 221 19.07 54.10 19.93
C ALA B 221 18.42 52.86 20.52
N ALA B 222 18.42 51.75 19.78
CA ALA B 222 17.86 50.50 20.30
C ALA B 222 18.71 49.97 21.44
N TYR B 223 20.03 50.05 21.32
CA TYR B 223 20.93 49.50 22.32
C TYR B 223 21.20 50.48 23.46
N SER B 224 20.64 51.68 23.41
CA SER B 224 20.82 52.69 24.46
C SER B 224 19.48 53.18 24.97
N SER B 225 18.56 52.25 25.26
CA SER B 225 17.22 52.60 25.69
C SER B 225 16.85 52.06 27.06
N GLY B 226 17.65 51.14 27.62
CA GLY B 226 17.36 50.57 28.92
C GLY B 226 16.73 49.20 28.89
N LYS B 227 16.43 48.67 27.71
CA LYS B 227 15.82 47.36 27.53
C LYS B 227 16.69 46.52 26.61
N PRO B 228 16.62 45.19 26.72
CA PRO B 228 17.39 44.34 25.80
C PRO B 228 16.97 44.58 24.36
N ALA B 229 17.95 44.53 23.46
CA ALA B 229 17.72 44.85 22.06
C ALA B 229 18.45 43.85 21.18
N ILE B 230 17.97 43.72 19.95
CA ILE B 230 18.58 42.85 18.95
C ILE B 230 18.64 43.68 17.66
N GLY B 231 19.83 44.23 17.37
CA GLY B 231 20.03 45.03 16.19
C GLY B 231 20.91 44.34 15.16
N VAL B 232 21.13 45.05 14.05
CA VAL B 232 21.94 44.53 12.95
C VAL B 232 22.87 45.63 12.45
N GLY B 233 24.09 45.24 12.09
CA GLY B 233 25.01 46.11 11.40
C GLY B 233 24.99 45.86 9.89
N ALA B 234 25.72 46.70 9.18
CA ALA B 234 25.81 46.58 7.73
C ALA B 234 27.08 47.29 7.27
N GLY B 235 27.49 46.98 6.05
CA GLY B 235 28.64 47.62 5.46
C GLY B 235 29.21 46.79 4.33
N ASN B 236 30.48 47.05 4.05
CA ASN B 236 31.16 46.41 2.92
C ASN B 236 31.31 44.91 3.13
N THR B 237 31.25 44.18 2.03
CA THR B 237 31.62 42.76 2.02
C THR B 237 32.62 42.51 0.89
N PRO B 238 33.78 41.94 1.18
CA PRO B 238 34.76 41.71 0.12
C PRO B 238 34.65 40.32 -0.49
N ALA B 239 34.82 40.29 -1.82
CA ALA B 239 34.83 39.05 -2.58
C ALA B 239 36.22 38.84 -3.14
N ILE B 240 36.80 37.67 -2.85
CA ILE B 240 38.15 37.32 -3.27
C ILE B 240 38.07 36.33 -4.41
N ILE B 241 38.85 36.56 -5.47
CA ILE B 241 39.02 35.62 -6.58
C ILE B 241 40.50 35.36 -6.73
N ASP B 242 40.89 34.08 -6.69
CA ASP B 242 42.30 33.72 -6.76
C ASP B 242 42.61 32.96 -8.04
N ASP B 243 43.85 32.47 -8.15
CA ASP B 243 44.31 31.81 -9.37
C ASP B 243 43.52 30.53 -9.64
N SER B 244 43.36 29.68 -8.62
CA SER B 244 42.68 28.39 -8.80
C SER B 244 41.21 28.53 -8.45
N ALA B 245 40.49 29.22 -9.34
CA ALA B 245 39.06 29.43 -9.17
C ALA B 245 38.37 29.21 -10.52
N ASP B 246 37.09 28.87 -10.45
CA ASP B 246 36.26 28.77 -11.65
C ASP B 246 35.85 30.17 -12.06
N ILE B 247 36.45 30.68 -13.14
CA ILE B 247 36.28 32.08 -13.50
C ILE B 247 34.83 32.35 -13.89
N VAL B 248 34.24 31.48 -14.70
CA VAL B 248 32.86 31.69 -15.14
C VAL B 248 31.91 31.66 -13.95
N LEU B 249 32.08 30.68 -13.05
CA LEU B 249 31.23 30.58 -11.88
C LEU B 249 31.36 31.80 -11.00
N ALA B 250 32.59 32.23 -10.71
CA ALA B 250 32.79 33.37 -9.83
C ALA B 250 32.21 34.64 -10.42
N VAL B 251 32.50 34.91 -11.69
CA VAL B 251 32.01 36.15 -12.31
C VAL B 251 30.49 36.15 -12.38
N ASN B 252 29.90 35.03 -12.78
CA ASN B 252 28.45 34.99 -12.92
C ASN B 252 27.76 35.08 -11.56
N SER B 253 28.33 34.45 -10.54
CA SER B 253 27.77 34.56 -9.19
C SER B 253 27.83 35.99 -8.69
N ILE B 254 28.97 36.68 -8.92
CA ILE B 254 29.09 38.06 -8.49
C ILE B 254 28.07 38.94 -9.20
N ILE B 255 27.92 38.75 -10.51
CA ILE B 255 26.96 39.55 -11.28
C ILE B 255 25.53 39.29 -10.78
N HIS B 256 25.19 38.02 -10.58
CA HIS B 256 23.86 37.66 -10.09
C HIS B 256 23.57 38.32 -8.74
N SER B 257 24.49 38.17 -7.79
CA SER B 257 24.27 38.72 -6.46
C SER B 257 24.20 40.24 -6.48
N LYS B 258 25.06 40.89 -7.28
CA LYS B 258 25.07 42.34 -7.32
C LYS B 258 23.83 42.90 -7.98
N THR B 259 23.33 42.23 -9.03
CA THR B 259 22.17 42.69 -9.75
C THR B 259 20.85 42.34 -9.07
N PHE B 260 20.85 41.35 -8.17
CA PHE B 260 19.63 41.00 -7.45
C PHE B 260 19.08 42.19 -6.68
N ASP B 261 17.89 42.66 -7.09
CA ASP B 261 17.23 43.81 -6.46
C ASP B 261 18.09 45.06 -6.55
N ASN B 262 18.86 45.19 -7.64
CA ASN B 262 19.71 46.35 -7.90
C ASN B 262 20.70 46.61 -6.76
N GLY B 263 21.10 45.55 -6.06
CA GLY B 263 22.03 45.71 -4.94
C GLY B 263 21.43 46.39 -3.74
N MET B 264 20.13 46.66 -3.76
CA MET B 264 19.49 47.34 -2.64
C MET B 264 19.38 46.43 -1.42
N ILE B 265 19.48 45.11 -1.62
CA ILE B 265 19.55 44.20 -0.49
C ILE B 265 20.90 44.32 0.19
N CYS B 266 20.93 44.06 1.49
CA CYS B 266 22.19 44.10 2.22
C CYS B 266 23.06 42.91 1.83
N ALA B 267 24.31 42.93 2.30
CA ALA B 267 25.31 41.87 2.13
C ALA B 267 25.72 41.67 0.67
N SER B 268 25.27 42.51 -0.25
CA SER B 268 25.71 42.41 -1.63
C SER B 268 27.15 42.89 -1.78
N GLU B 269 27.89 42.24 -2.68
CA GLU B 269 29.31 42.51 -2.87
C GLU B 269 29.52 43.98 -3.21
N GLN B 270 30.47 44.62 -2.53
CA GLN B 270 30.81 46.01 -2.78
C GLN B 270 32.17 46.17 -3.44
N SER B 271 33.04 45.17 -3.34
CA SER B 271 34.35 45.23 -3.96
C SER B 271 34.86 43.82 -4.16
N VAL B 272 35.58 43.61 -5.27
CA VAL B 272 36.14 42.31 -5.60
C VAL B 272 37.65 42.45 -5.75
N ILE B 273 38.40 41.56 -5.11
CA ILE B 273 39.85 41.53 -5.17
C ILE B 273 40.27 40.34 -6.03
N VAL B 274 40.88 40.62 -7.18
CA VAL B 274 41.30 39.61 -8.13
C VAL B 274 42.82 39.57 -8.13
N LEU B 275 43.38 38.36 -8.05
CA LEU B 275 44.83 38.22 -8.08
C LEU B 275 45.36 38.55 -9.47
N ASP B 276 46.69 38.70 -9.53
CA ASP B 276 47.34 39.09 -10.79
C ASP B 276 47.29 37.99 -11.83
N GLY B 277 47.26 36.72 -11.42
CA GLY B 277 47.37 35.62 -12.36
C GLY B 277 46.19 35.47 -13.30
N VAL B 278 44.99 35.87 -12.87
CA VAL B 278 43.79 35.66 -13.68
C VAL B 278 43.03 36.96 -13.88
N TYR B 279 43.74 38.09 -13.79
CA TYR B 279 43.07 39.38 -13.94
C TYR B 279 42.49 39.55 -15.34
N LYS B 280 43.24 39.13 -16.37
CA LYS B 280 42.79 39.33 -17.74
C LYS B 280 41.52 38.54 -18.04
N GLU B 281 41.50 37.26 -17.68
CA GLU B 281 40.33 36.43 -17.94
C GLU B 281 39.11 36.94 -17.19
N VAL B 282 39.30 37.34 -15.92
CA VAL B 282 38.19 37.86 -15.13
C VAL B 282 37.64 39.14 -15.76
N LYS B 283 38.53 40.04 -16.18
CA LYS B 283 38.07 41.27 -16.82
C LYS B 283 37.32 40.98 -18.11
N LYS B 284 37.83 40.05 -18.92
CA LYS B 284 37.17 39.70 -20.17
C LYS B 284 35.78 39.11 -19.91
N GLU B 285 35.67 38.21 -18.93
CA GLU B 285 34.39 37.62 -18.61
C GLU B 285 33.42 38.66 -18.06
N PHE B 286 33.91 39.64 -17.30
CA PHE B 286 33.05 40.70 -16.81
C PHE B 286 32.51 41.54 -17.95
N GLU B 287 33.37 41.93 -18.90
CA GLU B 287 32.90 42.79 -19.98
C GLU B 287 32.07 42.03 -20.99
N LYS B 288 32.21 40.69 -21.07
CA LYS B 288 31.43 39.92 -22.02
C LYS B 288 29.95 39.91 -21.69
N ARG B 289 29.59 40.03 -20.41
CA ARG B 289 28.21 39.82 -20.00
C ARG B 289 27.56 41.05 -19.39
N GLY B 290 27.75 42.21 -20.02
CA GLY B 290 26.98 43.39 -19.68
C GLY B 290 27.52 44.24 -18.54
N CYS B 291 28.83 44.47 -18.53
CA CYS B 291 29.45 45.35 -17.55
C CYS B 291 30.21 46.46 -18.27
N TYR B 292 30.22 47.65 -17.67
CA TYR B 292 30.85 48.83 -18.27
C TYR B 292 32.02 49.23 -17.38
N PHE B 293 33.23 49.15 -17.93
CA PHE B 293 34.42 49.58 -17.21
C PHE B 293 34.62 51.09 -17.39
N LEU B 294 34.93 51.76 -16.29
CA LEU B 294 35.05 53.21 -16.29
C LEU B 294 36.49 53.66 -16.43
N ASN B 295 36.72 54.69 -17.23
CA ASN B 295 38.04 55.30 -17.34
C ASN B 295 38.24 56.27 -16.18
N GLU B 296 39.30 57.08 -16.23
CA GLU B 296 39.63 57.94 -15.10
C GLU B 296 38.57 59.02 -14.88
N ASP B 297 38.19 59.73 -15.95
CA ASP B 297 37.23 60.82 -15.81
C ASP B 297 35.87 60.31 -15.34
N GLU B 298 35.41 59.21 -15.93
CA GLU B 298 34.13 58.64 -15.51
C GLU B 298 34.21 58.12 -14.08
N THR B 299 35.34 57.55 -13.69
CA THR B 299 35.52 57.11 -12.31
C THR B 299 35.41 58.28 -11.35
N GLU B 300 36.03 59.42 -11.69
CA GLU B 300 35.95 60.60 -10.84
C GLU B 300 34.51 61.12 -10.78
N LYS B 301 33.81 61.11 -11.91
CA LYS B 301 32.41 61.55 -11.92
C LYS B 301 31.56 60.67 -11.01
N VAL B 302 31.78 59.36 -11.07
CA VAL B 302 31.03 58.44 -10.21
C VAL B 302 31.40 58.65 -8.75
N ARG B 303 32.68 58.96 -8.47
CA ARG B 303 33.09 59.29 -7.12
C ARG B 303 32.29 60.48 -6.60
N LYS B 304 32.22 61.56 -7.40
CA LYS B 304 31.50 62.75 -6.97
C LYS B 304 30.00 62.47 -6.82
N THR B 305 29.47 61.56 -7.65
CA THR B 305 28.04 61.30 -7.62
C THR B 305 27.64 60.46 -6.40
N ILE B 306 28.43 59.44 -6.08
CA ILE B 306 28.03 58.46 -5.06
C ILE B 306 27.96 59.13 -3.69
N ILE B 307 29.08 59.67 -3.22
CA ILE B 307 29.18 60.22 -1.88
C ILE B 307 29.18 61.74 -2.03
N ILE B 308 28.17 62.37 -1.45
CA ILE B 308 28.07 63.84 -1.48
C ILE B 308 28.14 64.35 -0.04
N ASN B 309 29.07 65.27 0.21
CA ASN B 309 29.27 65.88 1.52
C ASN B 309 29.51 64.82 2.60
N GLY B 310 30.30 63.82 2.23
CA GLY B 310 30.62 62.75 3.17
C GLY B 310 29.44 61.94 3.63
N ALA B 311 28.49 61.65 2.74
CA ALA B 311 27.33 60.86 3.08
C ALA B 311 26.81 60.17 1.82
N LEU B 312 26.11 59.06 2.01
CA LEU B 312 25.55 58.32 0.88
C LEU B 312 24.43 59.13 0.23
N ASN B 313 24.41 59.14 -1.10
CA ASN B 313 23.37 59.85 -1.81
C ASN B 313 22.08 59.05 -1.79
N ALA B 314 20.97 59.72 -1.45
CA ALA B 314 19.69 59.05 -1.32
C ALA B 314 18.98 58.85 -2.65
N LYS B 315 19.51 59.41 -3.74
CA LYS B 315 18.93 59.24 -5.07
C LYS B 315 19.64 58.16 -5.88
N ILE B 316 20.49 57.36 -5.23
CA ILE B 316 21.26 56.33 -5.92
C ILE B 316 20.84 54.92 -5.53
N VAL B 317 20.33 54.72 -4.31
CA VAL B 317 20.00 53.37 -3.84
C VAL B 317 18.85 52.80 -4.65
N GLY B 318 19.01 51.57 -5.13
CA GLY B 318 17.95 50.88 -5.84
C GLY B 318 17.78 51.28 -7.29
N GLN B 319 18.64 52.16 -7.80
CA GLN B 319 18.55 52.62 -9.17
C GLN B 319 19.37 51.74 -10.09
N LYS B 320 19.02 51.76 -11.38
CA LYS B 320 19.74 51.01 -12.39
C LYS B 320 21.08 51.67 -12.70
N ALA B 321 21.94 50.90 -13.39
CA ALA B 321 23.25 51.43 -13.78
C ALA B 321 23.09 52.61 -14.74
N HIS B 322 22.13 52.51 -15.66
CA HIS B 322 21.89 53.61 -16.60
C HIS B 322 21.46 54.87 -15.88
N THR B 323 20.59 54.74 -14.88
CA THR B 323 20.15 55.92 -14.12
C THR B 323 21.32 56.55 -13.37
N ILE B 324 22.17 55.73 -12.76
CA ILE B 324 23.32 56.25 -12.04
C ILE B 324 24.26 56.97 -12.99
N ALA B 325 24.50 56.39 -14.17
CA ALA B 325 25.37 57.03 -15.15
C ALA B 325 24.79 58.35 -15.62
N ASN B 326 23.48 58.40 -15.84
CA ASN B 326 22.84 59.64 -16.28
C ASN B 326 22.93 60.70 -15.20
N LEU B 327 22.77 60.30 -13.93
CA LEU B 327 22.98 61.25 -12.84
C LEU B 327 24.41 61.75 -12.80
N ALA B 328 25.38 60.87 -13.03
CA ALA B 328 26.79 61.28 -13.05
C ALA B 328 27.09 62.27 -14.16
N GLY B 329 26.58 62.04 -15.37
CA GLY B 329 26.77 62.97 -16.45
C GLY B 329 27.27 62.36 -17.75
N PHE B 330 27.31 61.04 -17.83
CA PHE B 330 27.71 60.37 -19.06
C PHE B 330 26.65 59.33 -19.41
N GLU B 331 26.76 58.80 -20.63
CA GLU B 331 25.77 57.87 -21.16
C GLU B 331 26.38 56.49 -21.34
N VAL B 332 25.58 55.47 -21.00
CA VAL B 332 25.98 54.07 -21.15
C VAL B 332 24.90 53.33 -21.90
N PRO B 333 25.25 52.20 -22.53
CA PRO B 333 24.23 51.41 -23.23
C PRO B 333 23.10 50.99 -22.30
N GLU B 334 21.89 50.93 -22.86
CA GLU B 334 20.70 50.60 -22.08
C GLU B 334 20.77 49.21 -21.47
N THR B 335 21.60 48.33 -22.00
CA THR B 335 21.73 46.97 -21.48
C THR B 335 22.81 46.84 -20.42
N THR B 336 23.42 47.94 -19.99
CA THR B 336 24.45 47.88 -18.98
C THR B 336 23.86 47.45 -17.64
N LYS B 337 24.56 46.54 -16.95
CA LYS B 337 24.11 46.02 -15.67
C LYS B 337 24.94 46.49 -14.50
N ILE B 338 26.25 46.62 -14.65
CA ILE B 338 27.15 46.98 -13.57
C ILE B 338 28.17 47.99 -14.09
N LEU B 339 28.49 48.99 -13.28
CA LEU B 339 29.56 49.94 -13.55
C LEU B 339 30.76 49.55 -12.70
N ILE B 340 31.88 49.23 -13.34
CA ILE B 340 33.07 48.76 -12.64
C ILE B 340 34.18 49.79 -12.80
N GLY B 341 34.72 50.26 -11.69
CA GLY B 341 35.85 51.18 -11.71
C GLY B 341 37.03 50.64 -10.94
N GLU B 342 38.18 50.51 -11.61
CA GLU B 342 39.36 49.98 -10.96
C GLU B 342 40.05 51.04 -10.13
N VAL B 343 40.33 50.72 -8.86
CA VAL B 343 40.95 51.66 -7.93
C VAL B 343 42.17 51.01 -7.29
N THR B 344 42.85 51.74 -6.42
CA THR B 344 44.10 51.25 -5.83
C THR B 344 44.15 51.30 -4.30
N SER B 345 43.42 52.20 -3.64
CA SER B 345 43.53 52.40 -2.21
C SER B 345 42.33 51.80 -1.50
N VAL B 346 42.50 51.47 -0.22
CA VAL B 346 41.44 50.88 0.58
C VAL B 346 41.15 51.72 1.83
N ASP B 347 41.60 52.97 1.86
CA ASP B 347 41.40 53.81 3.02
C ASP B 347 40.01 54.46 3.00
N ILE B 348 39.73 55.25 4.03
CA ILE B 348 38.45 55.92 4.19
C ILE B 348 38.27 56.97 3.10
N SER B 349 39.37 57.64 2.74
CA SER B 349 39.32 58.69 1.72
C SER B 349 38.89 58.19 0.36
N GLU B 350 39.06 56.90 0.08
CA GLU B 350 38.64 56.34 -1.20
C GLU B 350 37.14 56.14 -1.21
N GLU B 351 36.45 56.93 -2.05
CA GLU B 351 34.98 56.88 -2.07
C GLU B 351 34.46 55.56 -2.63
N PHE B 352 35.28 54.85 -3.39
CA PHE B 352 34.87 53.54 -3.89
C PHE B 352 35.02 52.43 -2.85
N ALA B 353 35.61 52.73 -1.70
CA ALA B 353 35.79 51.75 -0.63
C ALA B 353 34.70 51.82 0.42
N HIS B 354 33.64 52.57 0.18
CA HIS B 354 32.52 52.71 1.12
C HIS B 354 31.34 51.88 0.64
N GLU B 355 30.37 51.70 1.53
CA GLU B 355 29.16 50.98 1.20
C GLU B 355 28.36 51.76 0.16
N LYS B 356 27.72 51.04 -0.76
CA LYS B 356 26.89 51.64 -1.80
C LYS B 356 25.83 50.63 -2.20
N LEU B 357 24.58 50.92 -1.87
CA LEU B 357 23.48 50.04 -2.24
C LEU B 357 23.03 50.32 -3.67
N CYS B 358 23.90 50.02 -4.63
CA CYS B 358 23.67 50.29 -6.03
C CYS B 358 24.55 49.36 -6.84
N PRO B 359 24.29 49.23 -8.15
CA PRO B 359 25.11 48.30 -8.96
C PRO B 359 26.50 48.81 -9.28
N VAL B 360 26.96 49.86 -8.58
CA VAL B 360 28.32 50.33 -8.76
C VAL B 360 29.26 49.44 -7.95
N LEU B 361 30.31 48.95 -8.62
CA LEU B 361 31.24 48.01 -8.01
C LEU B 361 32.68 48.44 -8.28
N ALA B 362 33.58 48.08 -7.37
CA ALA B 362 34.99 48.41 -7.47
C ALA B 362 35.82 47.13 -7.48
N MET B 363 36.86 47.11 -8.30
CA MET B 363 37.71 45.94 -8.45
C MET B 363 39.15 46.30 -8.11
N TYR B 364 39.81 45.44 -7.34
CA TYR B 364 41.16 45.67 -6.87
C TYR B 364 42.12 44.69 -7.53
N ARG B 365 43.39 45.07 -7.58
CA ARG B 365 44.46 44.25 -8.15
C ARG B 365 45.36 43.80 -7.01
N ALA B 366 45.57 42.49 -6.91
CA ALA B 366 46.38 41.90 -5.86
C ALA B 366 47.48 41.05 -6.46
N LYS B 367 48.63 41.00 -5.77
CA LYS B 367 49.78 40.24 -6.26
C LYS B 367 49.71 38.79 -5.81
N ASP B 368 49.65 38.55 -4.50
CA ASP B 368 49.58 37.21 -3.95
C ASP B 368 48.39 37.13 -3.01
N PHE B 369 48.18 35.94 -2.44
CA PHE B 369 47.03 35.71 -1.56
C PHE B 369 47.11 36.56 -0.29
N ASP B 370 48.31 36.73 0.25
CA ASP B 370 48.47 37.50 1.48
C ASP B 370 48.08 38.97 1.27
N ASP B 371 48.44 39.54 0.12
CA ASP B 371 48.03 40.90 -0.18
C ASP B 371 46.51 41.00 -0.28
N ALA B 372 45.88 40.00 -0.89
CA ALA B 372 44.42 39.97 -0.96
C ALA B 372 43.81 39.91 0.43
N LEU B 373 44.39 39.10 1.33
CA LEU B 373 43.89 39.03 2.69
C LEU B 373 44.04 40.36 3.41
N ASP B 374 45.18 41.03 3.23
CA ASP B 374 45.39 42.33 3.86
C ASP B 374 44.37 43.35 3.37
N LYS B 375 44.15 43.41 2.05
CA LYS B 375 43.17 44.34 1.51
C LYS B 375 41.77 44.00 2.01
N ALA B 376 41.42 42.71 2.07
CA ALA B 376 40.10 42.31 2.53
C ALA B 376 39.88 42.69 3.98
N GLU B 377 40.88 42.48 4.84
CA GLU B 377 40.71 42.84 6.24
C GLU B 377 40.65 44.36 6.42
N ARG B 378 41.45 45.11 5.66
CA ARG B 378 41.40 46.56 5.76
C ARG B 378 40.06 47.10 5.26
N LEU B 379 39.45 46.44 4.28
CA LEU B 379 38.18 46.87 3.73
C LEU B 379 36.99 46.43 4.56
N VAL B 380 37.12 45.33 5.31
CA VAL B 380 36.02 44.87 6.14
C VAL B 380 36.06 45.49 7.53
N ALA B 381 37.25 45.88 8.02
CA ALA B 381 37.33 46.53 9.31
C ALA B 381 36.76 47.95 9.26
N ASP B 382 36.99 48.67 8.16
CA ASP B 382 36.53 50.04 8.06
C ASP B 382 35.03 50.12 7.77
N GLY B 383 34.47 49.10 7.12
CA GLY B 383 33.08 49.14 6.73
C GLY B 383 32.21 48.15 7.49
N GLY B 384 31.89 47.02 6.86
CA GLY B 384 31.04 46.03 7.48
C GLY B 384 31.77 45.11 8.44
N PHE B 385 32.11 45.64 9.61
CA PHE B 385 32.82 44.86 10.62
C PHE B 385 31.87 43.84 11.23
N GLY B 386 32.13 42.56 10.96
CA GLY B 386 31.28 41.48 11.42
C GLY B 386 30.29 40.95 10.41
N HIS B 387 30.11 41.63 9.28
CA HIS B 387 29.16 41.21 8.27
C HIS B 387 29.84 40.25 7.29
N THR B 388 29.17 39.93 6.18
CA THR B 388 29.54 38.84 5.31
C THR B 388 30.85 39.12 4.57
N SER B 389 31.49 38.05 4.11
CA SER B 389 32.63 38.11 3.19
C SER B 389 32.66 36.81 2.39
N SER B 390 33.16 36.87 1.15
CA SER B 390 33.08 35.75 0.24
C SER B 390 34.41 35.48 -0.45
N LEU B 391 34.67 34.20 -0.73
CA LEU B 391 35.87 33.74 -1.38
C LEU B 391 35.51 32.73 -2.46
N TYR B 392 36.23 32.79 -3.58
CA TYR B 392 36.09 31.82 -4.67
C TYR B 392 37.42 31.08 -4.81
N ILE B 393 37.37 29.76 -4.66
CA ILE B 393 38.58 28.94 -4.61
C ILE B 393 38.19 27.49 -4.86
N ASP B 394 39.17 26.71 -5.32
CA ASP B 394 39.00 25.28 -5.54
C ASP B 394 39.25 24.55 -4.23
N THR B 395 38.18 24.20 -3.52
CA THR B 395 38.28 23.61 -2.19
C THR B 395 38.48 22.10 -2.28
N VAL B 396 39.47 21.69 -3.08
CA VAL B 396 39.84 20.29 -3.20
C VAL B 396 41.32 20.13 -2.88
N THR B 397 42.15 20.99 -3.48
CA THR B 397 43.58 20.95 -3.28
C THR B 397 44.13 22.17 -2.56
N GLN B 398 43.41 23.30 -2.59
CA GLN B 398 43.85 24.52 -1.93
C GLN B 398 43.22 24.59 -0.53
N LYS B 399 43.55 23.59 0.28
CA LYS B 399 42.98 23.50 1.62
C LYS B 399 43.62 24.50 2.57
N GLU B 400 44.92 24.75 2.43
CA GLU B 400 45.61 25.66 3.33
C GLU B 400 45.12 27.09 3.16
N LYS B 401 44.89 27.52 1.91
CA LYS B 401 44.43 28.88 1.67
C LYS B 401 43.04 29.09 2.24
N LEU B 402 42.17 28.08 2.15
CA LEU B 402 40.83 28.20 2.72
C LEU B 402 40.89 28.37 4.24
N GLN B 403 41.74 27.59 4.90
CA GLN B 403 41.89 27.73 6.35
C GLN B 403 42.47 29.08 6.72
N LYS B 404 43.44 29.56 5.95
CA LYS B 404 44.01 30.88 6.19
C LYS B 404 42.94 31.96 6.05
N PHE B 405 42.09 31.86 5.04
CA PHE B 405 40.99 32.80 4.88
C PHE B 405 40.01 32.71 6.05
N SER B 406 39.70 31.49 6.50
CA SER B 406 38.74 31.33 7.58
C SER B 406 39.25 31.92 8.89
N GLU B 407 40.55 31.75 9.15
CA GLU B 407 41.12 32.17 10.44
C GLU B 407 41.62 33.61 10.40
N ARG B 408 41.06 34.41 9.48
CA ARG B 408 41.54 35.78 9.32
C ARG B 408 40.43 36.82 9.35
N MET B 409 39.27 36.49 8.82
CA MET B 409 38.21 37.48 8.64
C MET B 409 37.35 37.59 9.89
N LYS B 410 37.18 38.81 10.39
CA LYS B 410 36.24 39.09 11.48
C LYS B 410 34.85 39.14 10.85
N THR B 411 34.34 37.96 10.52
CA THR B 411 33.17 37.80 9.67
C THR B 411 32.28 36.71 10.26
N CYS B 412 31.03 37.06 10.55
CA CYS B 412 30.11 36.07 11.11
C CYS B 412 29.61 35.10 10.03
N ARG B 413 29.57 35.54 8.77
CA ARG B 413 29.09 34.72 7.66
C ARG B 413 30.15 34.70 6.58
N ILE B 414 30.95 33.64 6.55
CA ILE B 414 31.99 33.45 5.54
C ILE B 414 31.43 32.53 4.46
N LEU B 415 31.46 32.98 3.21
CA LEU B 415 30.86 32.26 2.10
C LEU B 415 31.94 31.79 1.15
N VAL B 416 31.79 30.57 0.64
CA VAL B 416 32.72 29.99 -0.31
C VAL B 416 31.95 29.62 -1.57
N ASN B 417 32.35 30.20 -2.70
CA ASN B 417 31.75 29.91 -4.01
C ASN B 417 30.25 30.16 -4.01
N THR B 418 29.79 31.20 -3.32
CA THR B 418 28.38 31.48 -3.16
C THR B 418 28.11 32.96 -3.38
N PRO B 419 27.08 33.31 -4.14
CA PRO B 419 26.65 34.72 -4.20
C PRO B 419 26.27 35.21 -2.82
N SER B 420 26.65 36.45 -2.51
CA SER B 420 26.55 36.93 -1.14
C SER B 420 25.12 37.35 -0.78
N SER B 421 24.41 37.97 -1.73
CA SER B 421 23.05 38.41 -1.44
C SER B 421 22.13 37.25 -1.12
N GLN B 422 22.22 36.16 -1.88
CA GLN B 422 21.44 34.96 -1.63
C GLN B 422 22.15 33.99 -0.69
N GLY B 423 23.40 34.27 -0.32
CA GLY B 423 24.13 33.42 0.59
C GLY B 423 24.04 33.89 2.03
N GLY B 424 23.92 35.20 2.23
CA GLY B 424 23.76 35.74 3.57
C GLY B 424 22.46 35.29 4.19
N ILE B 425 21.37 35.39 3.44
CA ILE B 425 20.09 34.81 3.85
C ILE B 425 20.06 33.38 3.32
N GLY B 426 20.72 32.48 4.03
CA GLY B 426 21.08 31.20 3.43
C GLY B 426 20.12 30.04 3.64
N ASP B 427 19.27 29.81 2.64
CA ASP B 427 18.56 28.55 2.51
C ASP B 427 18.56 28.13 1.05
N LEU B 428 18.99 29.04 0.18
CA LEU B 428 18.95 28.80 -1.25
C LEU B 428 20.18 28.02 -1.72
N TYR B 429 21.38 28.59 -1.52
CA TYR B 429 22.60 27.98 -2.02
C TYR B 429 23.30 27.10 -0.99
N ASN B 430 22.94 27.21 0.29
CA ASN B 430 23.53 26.37 1.32
C ASN B 430 22.47 26.03 2.35
N PHE B 431 22.55 24.81 2.87
CA PHE B 431 21.62 24.33 3.89
C PHE B 431 22.30 24.29 5.26
N LYS B 432 21.51 23.93 6.27
CA LYS B 432 21.94 23.96 7.65
C LYS B 432 22.32 25.37 8.08
N LEU B 433 21.97 26.36 7.26
CA LEU B 433 22.06 27.76 7.63
C LEU B 433 20.66 28.31 7.86
N ALA B 434 20.50 29.06 8.93
CA ALA B 434 19.17 29.53 9.31
C ALA B 434 18.63 30.50 8.27
N PRO B 435 17.47 30.23 7.67
CA PRO B 435 16.89 31.16 6.70
C PRO B 435 16.15 32.28 7.42
N SER B 436 16.68 33.50 7.32
CA SER B 436 16.05 34.64 7.97
C SER B 436 16.69 35.92 7.47
N LEU B 437 15.93 37.01 7.56
CA LEU B 437 16.48 38.35 7.41
C LEU B 437 17.07 38.76 8.75
N THR B 438 17.35 40.06 8.92
CA THR B 438 17.87 40.58 10.18
C THR B 438 19.20 39.89 10.52
N LEU B 439 20.19 40.18 9.68
CA LEU B 439 21.50 39.52 9.76
C LEU B 439 22.27 40.08 10.96
N GLY B 440 22.48 39.25 11.97
CA GLY B 440 23.24 39.70 13.13
C GLY B 440 24.72 39.76 12.84
N CYS B 441 25.39 40.77 13.40
CA CYS B 441 26.80 41.01 13.15
C CYS B 441 27.67 40.76 14.38
N GLY B 442 27.08 40.38 15.50
CA GLY B 442 27.87 40.02 16.67
C GLY B 442 28.47 41.20 17.40
N SER B 443 29.34 40.89 18.35
CA SER B 443 30.00 41.91 19.16
C SER B 443 30.91 42.82 18.35
N TRP B 444 31.38 42.37 17.19
CA TRP B 444 32.23 43.23 16.35
C TRP B 444 31.44 44.44 15.85
N GLY B 445 30.20 44.24 15.43
CA GLY B 445 29.34 45.30 14.97
C GLY B 445 28.51 45.97 16.04
N GLY B 446 28.76 45.67 17.32
CA GLY B 446 27.96 46.23 18.39
C GLY B 446 26.68 45.48 18.68
N ASN B 447 26.53 44.27 18.14
CA ASN B 447 25.34 43.47 18.32
C ASN B 447 25.62 42.35 19.33
N SER B 448 24.59 41.58 19.64
CA SER B 448 24.67 40.57 20.70
C SER B 448 24.17 39.21 20.24
N VAL B 449 24.14 38.96 18.94
CA VAL B 449 23.60 37.71 18.43
C VAL B 449 24.68 36.90 17.71
N SER B 450 25.32 37.51 16.72
CA SER B 450 26.34 36.86 15.90
C SER B 450 25.79 35.60 15.23
N ASP B 451 24.57 35.67 14.72
CA ASP B 451 23.93 34.54 14.06
C ASP B 451 22.69 35.06 13.35
N ASN B 452 22.14 34.23 12.46
CA ASN B 452 20.87 34.56 11.83
C ASN B 452 19.75 34.49 12.87
N VAL B 453 18.95 35.56 12.93
CA VAL B 453 17.92 35.66 13.95
C VAL B 453 16.81 34.66 13.65
N GLY B 454 16.62 33.70 14.55
CA GLY B 454 15.60 32.70 14.38
C GLY B 454 14.51 32.82 15.42
N VAL B 455 13.92 31.69 15.82
CA VAL B 455 12.88 31.73 16.85
C VAL B 455 13.49 31.54 18.23
N LYS B 456 14.63 30.86 18.32
CA LYS B 456 15.27 30.61 19.60
C LYS B 456 15.80 31.89 20.26
N HIS B 457 15.87 32.99 19.52
CA HIS B 457 16.25 34.27 20.08
C HIS B 457 15.06 35.05 20.63
N LEU B 458 13.85 34.51 20.49
CA LEU B 458 12.63 35.15 20.99
C LEU B 458 12.00 34.39 22.14
N LEU B 459 12.77 33.54 22.81
CA LEU B 459 12.27 32.66 23.85
C LEU B 459 12.97 32.93 25.18
N ASN B 460 12.27 32.64 26.26
CA ASN B 460 12.79 32.70 27.63
C ASN B 460 12.85 31.27 28.16
N ILE B 461 14.03 30.65 28.05
CA ILE B 461 14.20 29.30 28.55
C ILE B 461 14.36 29.34 30.06
N LYS B 462 13.49 28.62 30.77
CA LYS B 462 13.57 28.49 32.21
C LYS B 462 13.73 27.02 32.58
N THR B 463 14.57 26.76 33.56
CA THR B 463 14.97 25.41 33.92
C THR B 463 14.39 25.02 35.27
N VAL B 464 13.99 23.77 35.39
CA VAL B 464 13.50 23.20 36.64
C VAL B 464 14.57 22.26 37.18
N ALA B 465 14.90 22.41 38.46
CA ALA B 465 15.99 21.65 39.08
C ALA B 465 15.45 20.84 40.25
N GLU B 466 15.87 19.58 40.33
CA GLU B 466 15.49 18.68 41.40
C GLU B 466 16.73 18.25 42.19
N ARG B 467 16.53 18.03 43.49
CA ARG B 467 17.64 17.69 44.39
C ARG B 467 18.13 16.28 44.07
N ARG B 468 19.37 16.19 43.62
CA ARG B 468 20.05 14.91 43.44
C ARG B 468 21.03 14.68 44.59
N GLU B 469 21.82 13.62 44.47
CA GLU B 469 22.84 13.30 45.46
C GLU B 469 24.14 12.90 44.79
N ASN B 470 25.24 13.16 45.47
CA ASN B 470 26.56 12.81 44.95
C ASN B 470 26.71 11.30 44.85
N MET B 471 27.41 10.85 43.82
CA MET B 471 27.75 9.43 43.71
C MET B 471 28.79 9.06 44.75
N LEU B 472 28.57 7.93 45.41
CA LEU B 472 29.50 7.40 46.41
C LEU B 472 30.13 6.12 45.88
N TRP B 473 31.09 5.59 46.63
CA TRP B 473 31.92 4.51 46.14
C TRP B 473 32.35 3.63 47.30
N PHE B 474 33.00 2.52 46.96
CA PHE B 474 33.65 1.64 47.93
C PHE B 474 34.93 1.12 47.27
N ARG B 475 36.06 1.74 47.59
CA ARG B 475 37.34 1.42 46.98
C ARG B 475 38.27 0.84 48.03
N THR B 476 38.76 -0.37 47.79
CA THR B 476 39.67 -1.07 48.69
C THR B 476 40.83 -1.64 47.89
N PRO B 477 42.00 -1.80 48.50
CA PRO B 477 43.10 -2.49 47.81
C PRO B 477 42.76 -3.96 47.58
N GLU B 478 43.24 -4.48 46.45
CA GLU B 478 43.00 -5.87 46.13
C GLU B 478 44.00 -6.78 46.84
N LYS B 479 43.61 -8.04 47.00
CA LYS B 479 44.45 -9.07 47.62
C LYS B 479 44.86 -8.68 49.04
N ILE B 480 43.86 -8.56 49.90
CA ILE B 480 44.06 -8.30 51.33
C ILE B 480 44.07 -9.67 52.02
N TYR B 481 45.25 -10.11 52.42
CA TYR B 481 45.42 -11.44 53.01
C TYR B 481 45.39 -11.32 54.53
N ILE B 482 44.50 -12.09 55.16
CA ILE B 482 44.21 -11.95 56.59
C ILE B 482 44.35 -13.34 57.22
N LYS B 483 45.54 -13.63 57.75
CA LYS B 483 45.77 -14.86 58.51
C LYS B 483 47.15 -14.78 59.16
N ARG B 484 47.28 -15.38 60.33
CA ARG B 484 48.56 -15.45 61.01
C ARG B 484 49.50 -16.38 60.27
N GLY B 485 50.74 -15.95 60.07
CA GLY B 485 51.71 -16.74 59.36
C GLY B 485 51.52 -16.80 57.87
N CYS B 486 50.73 -15.88 57.31
CA CYS B 486 50.42 -15.88 55.89
C CYS B 486 51.43 -15.10 55.06
N LEU B 487 52.38 -14.41 55.68
CA LEU B 487 53.37 -13.66 54.92
C LEU B 487 54.23 -14.56 54.03
N PRO B 488 54.72 -15.72 54.48
CA PRO B 488 55.37 -16.63 53.54
C PRO B 488 54.56 -16.92 52.29
N VAL B 489 53.27 -17.21 52.43
CA VAL B 489 52.45 -17.61 51.28
C VAL B 489 52.28 -16.45 50.32
N ALA B 490 51.93 -15.28 50.85
CA ALA B 490 51.70 -14.11 50.00
C ALA B 490 52.98 -13.62 49.35
N LEU B 491 54.13 -13.78 50.02
CA LEU B 491 55.40 -13.42 49.41
C LEU B 491 55.85 -14.46 48.38
N ASP B 492 55.50 -15.73 48.56
CA ASP B 492 55.80 -16.73 47.54
C ASP B 492 54.90 -16.55 46.31
N GLU B 493 53.69 -16.02 46.51
CA GLU B 493 52.83 -15.71 45.38
C GLU B 493 53.48 -14.69 44.45
N LEU B 494 54.41 -13.89 44.95
CA LEU B 494 55.05 -12.85 44.17
C LEU B 494 55.80 -13.40 42.95
N LYS B 495 56.27 -14.65 43.00
CA LYS B 495 57.08 -15.20 41.93
C LYS B 495 56.28 -16.04 40.94
N ASN B 496 55.22 -16.70 41.39
CA ASN B 496 54.49 -17.61 40.52
C ASN B 496 53.62 -16.87 39.52
N VAL B 497 52.71 -16.01 40.01
CA VAL B 497 51.75 -15.36 39.12
C VAL B 497 52.34 -14.07 38.56
N MET B 498 53.20 -13.41 39.33
CA MET B 498 53.72 -12.10 38.91
C MET B 498 55.16 -12.22 38.41
N GLY B 499 55.99 -12.98 39.11
CA GLY B 499 57.35 -13.19 38.67
C GLY B 499 58.25 -11.97 38.67
N LYS B 500 58.22 -11.18 39.74
CA LYS B 500 59.07 -10.01 39.84
C LYS B 500 60.52 -10.41 40.06
N LYS B 501 61.44 -9.48 39.84
CA LYS B 501 62.86 -9.78 39.90
C LYS B 501 63.67 -8.85 40.79
N LYS B 502 63.12 -7.69 41.17
CA LYS B 502 63.82 -6.75 42.04
C LYS B 502 62.89 -6.33 43.16
N ALA B 503 63.45 -6.08 44.34
CA ALA B 503 62.68 -5.72 45.52
C ALA B 503 63.35 -4.58 46.28
N PHE B 504 62.51 -3.68 46.80
CA PHE B 504 62.96 -2.54 47.58
C PHE B 504 62.14 -2.50 48.86
N ILE B 505 62.82 -2.61 50.00
CA ILE B 505 62.15 -2.68 51.30
C ILE B 505 62.38 -1.35 52.02
N VAL B 506 61.30 -0.64 52.31
CA VAL B 506 61.35 0.64 53.01
C VAL B 506 60.84 0.44 54.42
N THR B 507 61.70 0.71 55.40
CA THR B 507 61.37 0.53 56.82
C THR B 507 61.96 1.70 57.60
N ASP B 508 61.96 1.56 58.91
CA ASP B 508 62.65 2.48 59.81
C ASP B 508 63.87 1.81 60.41
N ASN B 509 64.72 2.61 61.06
CA ASN B 509 65.96 2.08 61.61
C ASN B 509 65.71 1.16 62.79
N PHE B 510 64.65 1.41 63.56
CA PHE B 510 64.41 0.62 64.76
C PHE B 510 64.15 -0.84 64.43
N LEU B 511 63.21 -1.11 63.52
CA LEU B 511 62.88 -2.49 63.18
C LEU B 511 64.02 -3.16 62.41
N TYR B 512 64.76 -2.37 61.62
CA TYR B 512 65.89 -2.94 60.91
C TYR B 512 67.00 -3.36 61.85
N ASN B 513 67.24 -2.59 62.92
CA ASN B 513 68.27 -2.94 63.89
C ASN B 513 67.87 -4.13 64.74
N ASN B 514 66.58 -4.32 65.00
CA ASN B 514 66.08 -5.41 65.82
C ASN B 514 65.69 -6.63 65.00
N GLY B 515 65.97 -6.61 63.70
CA GLY B 515 65.69 -7.76 62.85
C GLY B 515 64.23 -8.11 62.65
N TYR B 516 63.38 -7.10 62.45
CA TYR B 516 61.98 -7.34 62.14
C TYR B 516 61.75 -7.63 60.66
N THR B 517 62.75 -7.39 59.81
CA THR B 517 62.63 -7.67 58.39
C THR B 517 63.31 -8.96 57.99
N LYS B 518 63.78 -9.76 58.95
CA LYS B 518 64.49 -11.01 58.69
C LYS B 518 63.65 -12.01 57.89
N PRO B 519 62.39 -12.27 58.25
CA PRO B 519 61.60 -13.23 57.45
C PRO B 519 61.45 -12.83 55.99
N ILE B 520 61.27 -11.55 55.71
CA ILE B 520 61.03 -11.10 54.34
C ILE B 520 62.29 -11.29 53.49
N THR B 521 63.44 -10.84 54.00
CA THR B 521 64.68 -11.00 53.25
C THR B 521 65.08 -12.47 53.15
N ASP B 522 64.74 -13.27 54.17
CA ASP B 522 65.00 -14.70 54.10
C ASP B 522 64.17 -15.35 52.99
N LYS B 523 62.89 -14.98 52.90
CA LYS B 523 62.05 -15.49 51.83
C LYS B 523 62.52 -15.03 50.45
N LEU B 524 62.91 -13.77 50.31
CA LEU B 524 63.40 -13.27 49.04
C LEU B 524 64.76 -13.86 48.66
N ASP B 525 65.67 -14.01 49.63
CA ASP B 525 66.98 -14.60 49.34
C ASP B 525 66.90 -16.09 49.06
N GLU B 526 65.77 -16.73 49.34
CA GLU B 526 65.60 -18.14 48.98
C GLU B 526 65.63 -18.32 47.46
N MET B 527 64.99 -17.42 46.74
CA MET B 527 64.83 -17.54 45.29
C MET B 527 65.42 -16.32 44.58
N GLY B 528 65.29 -16.31 43.26
CA GLY B 528 65.99 -15.34 42.44
C GLY B 528 65.43 -13.94 42.45
N ILE B 529 65.51 -13.25 43.57
CA ILE B 529 65.13 -11.84 43.68
C ILE B 529 66.27 -11.08 44.32
N VAL B 530 66.68 -9.99 43.68
CA VAL B 530 67.68 -9.09 44.24
C VAL B 530 66.94 -7.98 45.00
N HIS B 531 67.28 -7.81 46.27
CA HIS B 531 66.56 -6.91 47.15
C HIS B 531 67.52 -5.91 47.79
N LYS B 532 67.06 -4.68 47.95
CA LYS B 532 67.78 -3.63 48.66
C LYS B 532 66.85 -3.00 49.68
N THR B 533 67.42 -2.55 50.79
CA THR B 533 66.64 -1.96 51.88
C THR B 533 67.06 -0.52 52.14
N PHE B 534 66.10 0.27 52.58
CA PHE B 534 66.32 1.67 52.96
C PHE B 534 65.70 1.89 54.33
N PHE B 535 66.53 2.22 55.32
CA PHE B 535 66.08 2.32 56.70
C PHE B 535 66.34 3.69 57.33
N ASP B 536 66.48 4.74 56.53
CA ASP B 536 66.77 6.07 57.06
C ASP B 536 65.50 6.92 57.14
N VAL B 537 64.44 6.37 57.72
CA VAL B 537 63.19 7.09 57.93
C VAL B 537 62.99 7.27 59.43
N SER B 538 63.02 8.52 59.87
CA SER B 538 62.76 8.85 61.26
C SER B 538 61.26 9.02 61.50
N PRO B 539 60.82 8.93 62.75
CA PRO B 539 59.41 9.23 63.05
C PRO B 539 59.07 10.65 62.65
N ASP B 540 57.82 10.85 62.21
CA ASP B 540 57.39 12.10 61.59
C ASP B 540 58.27 12.40 60.40
N PRO B 541 58.16 11.63 59.31
CA PRO B 541 59.13 11.73 58.21
C PRO B 541 59.11 13.09 57.55
N SER B 542 60.27 13.49 57.04
CA SER B 542 60.43 14.74 56.33
C SER B 542 60.48 14.50 54.83
N LEU B 543 60.35 15.59 54.07
CA LEU B 543 60.34 15.45 52.61
C LEU B 543 61.74 15.22 52.06
N ALA B 544 62.78 15.62 52.80
CA ALA B 544 64.15 15.31 52.40
C ALA B 544 64.40 13.81 52.38
N SER B 545 63.86 13.10 53.37
CA SER B 545 63.94 11.64 53.35
C SER B 545 63.22 11.07 52.15
N ALA B 546 62.12 11.70 51.74
CA ALA B 546 61.42 11.27 50.53
C ALA B 546 62.30 11.44 49.31
N LYS B 547 63.00 12.58 49.21
CA LYS B 547 63.92 12.78 48.09
C LYS B 547 65.03 11.74 48.10
N ALA B 548 65.57 11.44 49.28
CA ALA B 548 66.64 10.45 49.37
C ALA B 548 66.15 9.07 48.92
N GLY B 549 64.95 8.68 49.38
CA GLY B 549 64.40 7.40 48.97
C GLY B 549 64.13 7.34 47.49
N ALA B 550 63.60 8.42 46.92
CA ALA B 550 63.35 8.45 45.47
C ALA B 550 64.65 8.36 44.69
N ALA B 551 65.70 9.05 45.16
CA ALA B 551 67.00 8.98 44.48
C ALA B 551 67.56 7.57 44.54
N GLU B 552 67.46 6.91 45.70
CA GLU B 552 67.94 5.54 45.81
C GLU B 552 67.14 4.59 44.92
N MET B 553 65.82 4.79 44.85
CA MET B 553 64.99 3.98 43.96
C MET B 553 65.39 4.16 42.51
N LEU B 554 65.63 5.41 42.10
CA LEU B 554 66.05 5.68 40.73
C LEU B 554 67.40 5.03 40.44
N ALA B 555 68.31 5.08 41.41
CA ALA B 555 69.62 4.45 41.23
C ALA B 555 69.50 2.93 41.09
N PHE B 556 68.62 2.32 41.87
CA PHE B 556 68.49 0.86 41.87
C PHE B 556 67.47 0.36 40.86
N GLN B 557 66.45 1.16 40.55
CA GLN B 557 65.38 0.80 39.62
C GLN B 557 64.72 -0.52 40.03
N PRO B 558 63.96 -0.54 41.13
CA PRO B 558 63.33 -1.79 41.56
C PRO B 558 62.03 -2.05 40.82
N ASP B 559 61.50 -3.24 41.04
CA ASP B 559 60.21 -3.64 40.49
C ASP B 559 59.11 -3.75 41.54
N THR B 560 59.46 -3.85 42.81
CA THR B 560 58.48 -3.90 43.88
C THR B 560 58.92 -3.00 45.02
N ILE B 561 57.95 -2.49 45.77
CA ILE B 561 58.21 -1.69 46.96
C ILE B 561 57.48 -2.33 48.13
N ILE B 562 58.20 -2.53 49.23
CA ILE B 562 57.66 -3.15 50.43
C ILE B 562 57.88 -2.22 51.62
N ALA B 563 56.80 -1.91 52.34
CA ALA B 563 56.86 -1.09 53.54
C ALA B 563 56.51 -1.97 54.73
N VAL B 564 57.44 -2.06 55.68
CA VAL B 564 57.29 -2.99 56.80
C VAL B 564 57.31 -2.22 58.11
N GLY B 565 56.81 -0.98 58.08
CA GLY B 565 56.72 -0.18 59.27
C GLY B 565 55.30 0.30 59.48
N GLY B 566 54.98 0.60 60.74
CA GLY B 566 53.60 0.87 61.10
C GLY B 566 53.02 2.17 60.60
N GLY B 567 53.44 3.30 61.16
CA GLY B 567 52.81 4.57 60.85
C GLY B 567 53.54 5.45 59.86
N SER B 568 54.83 5.64 60.07
CA SER B 568 55.63 6.55 59.25
C SER B 568 56.17 5.90 57.99
N ALA B 569 56.48 4.60 58.05
CA ALA B 569 57.10 3.93 56.91
C ALA B 569 56.15 3.88 55.72
N MET B 570 54.85 3.67 55.95
CA MET B 570 53.92 3.63 54.82
C MET B 570 53.82 4.98 54.13
N ASP B 571 53.70 6.07 54.90
CA ASP B 571 53.67 7.39 54.29
C ASP B 571 54.95 7.69 53.53
N ALA B 572 56.10 7.36 54.14
CA ALA B 572 57.37 7.57 53.47
C ALA B 572 57.44 6.77 52.17
N ALA B 573 57.06 5.50 52.22
CA ALA B 573 57.13 4.66 51.03
C ALA B 573 56.21 5.18 49.94
N LYS B 574 55.01 5.65 50.31
CA LYS B 574 54.10 6.20 49.32
C LYS B 574 54.68 7.43 48.66
N ILE B 575 55.30 8.33 49.45
CA ILE B 575 55.82 9.54 48.83
C ILE B 575 57.05 9.25 47.98
N MET B 576 57.90 8.30 48.39
CA MET B 576 59.00 7.89 47.50
C MET B 576 58.46 7.26 46.22
N TRP B 577 57.37 6.48 46.33
CA TRP B 577 56.76 5.90 45.14
C TRP B 577 56.30 6.99 44.18
N VAL B 578 55.65 8.03 44.71
CA VAL B 578 55.18 9.13 43.87
C VAL B 578 56.37 9.84 43.22
N MET B 579 57.41 10.13 44.01
CA MET B 579 58.56 10.86 43.47
C MET B 579 59.42 10.00 42.55
N TYR B 580 59.29 8.68 42.63
CA TYR B 580 60.06 7.76 41.79
C TYR B 580 59.38 7.53 40.44
N GLU B 581 58.06 7.35 40.45
CA GLU B 581 57.37 7.16 39.17
C GLU B 581 57.22 8.47 38.40
N HIS B 582 57.11 9.59 39.10
CA HIS B 582 56.93 10.91 38.47
C HIS B 582 57.85 11.91 39.15
N PRO B 583 59.13 11.94 38.77
CA PRO B 583 60.08 12.83 39.46
C PRO B 583 59.77 14.31 39.31
N GLU B 584 58.98 14.71 38.31
CA GLU B 584 58.71 16.11 38.06
C GLU B 584 57.57 16.68 38.91
N VAL B 585 56.92 15.84 39.72
CA VAL B 585 55.79 16.29 40.53
C VAL B 585 56.27 17.26 41.61
N ASP B 586 55.38 18.16 42.00
CA ASP B 586 55.66 19.15 43.03
C ASP B 586 54.79 18.88 44.24
N PHE B 587 55.39 19.00 45.43
CA PHE B 587 54.68 18.66 46.66
C PHE B 587 53.58 19.66 46.99
N MET B 588 53.87 20.95 46.91
CA MET B 588 52.88 21.96 47.29
C MET B 588 51.67 21.94 46.37
N ASP B 589 51.90 21.69 45.08
CA ASP B 589 50.78 21.53 44.16
C ASP B 589 49.98 20.26 44.47
N MET B 590 50.67 19.21 44.91
CA MET B 590 50.06 17.92 45.18
C MET B 590 49.42 17.83 46.55
N ALA B 591 49.65 18.80 47.43
CA ALA B 591 49.12 18.82 48.79
C ALA B 591 48.17 19.99 49.01
N MET B 592 47.25 20.21 48.08
CA MET B 592 46.30 21.31 48.14
C MET B 592 45.00 20.83 48.76
N ARG B 593 44.30 21.75 49.44
CA ARG B 593 42.97 21.44 49.94
C ARG B 593 41.94 21.56 48.83
N PHE B 594 40.90 20.75 48.93
CA PHE B 594 39.82 20.72 47.95
C PHE B 594 38.48 20.57 48.67
N MET B 595 37.40 20.61 47.90
CA MET B 595 36.05 20.41 48.42
C MET B 595 35.46 19.08 47.99
N ASP B 596 35.58 18.73 46.73
CA ASP B 596 35.14 17.44 46.20
C ASP B 596 36.35 16.69 45.67
N ILE B 597 36.46 15.41 46.04
CA ILE B 597 37.64 14.63 45.66
C ILE B 597 37.69 14.44 44.16
N ARG B 598 36.55 14.28 43.51
CA ARG B 598 36.50 14.07 42.07
C ARG B 598 36.47 15.37 41.28
N LYS B 599 36.49 16.52 41.95
CA LYS B 599 36.50 17.82 41.29
C LYS B 599 37.76 18.62 41.62
N ARG B 600 38.79 17.97 42.15
CA ARG B 600 40.00 18.67 42.55
C ARG B 600 40.70 19.27 41.33
N VAL B 601 41.34 20.41 41.53
CA VAL B 601 42.04 21.09 40.44
C VAL B 601 43.24 20.26 39.99
N TYR B 602 43.98 19.68 40.93
CA TYR B 602 45.16 18.88 40.60
C TYR B 602 44.77 17.41 40.54
N THR B 603 45.08 16.76 39.42
CA THR B 603 44.78 15.34 39.22
C THR B 603 46.06 14.53 39.36
N PHE B 604 46.02 13.54 40.26
CA PHE B 604 47.19 12.70 40.49
C PHE B 604 47.53 11.88 39.25
N PRO B 605 48.82 11.76 38.93
CA PRO B 605 49.22 10.92 37.80
C PRO B 605 49.02 9.45 38.13
N LYS B 606 48.83 8.65 37.08
CA LYS B 606 48.66 7.22 37.23
C LYS B 606 49.96 6.57 37.69
N MET B 607 49.85 5.64 38.65
CA MET B 607 51.01 4.97 39.22
C MET B 607 50.76 3.46 39.21
N GLY B 608 51.04 2.84 38.07
CA GLY B 608 50.94 1.40 37.97
C GLY B 608 51.94 0.73 37.04
N GLN B 609 52.90 1.50 36.52
CA GLN B 609 53.76 1.00 35.45
C GLN B 609 55.14 0.56 35.92
N LYS B 610 55.68 1.20 36.97
CA LYS B 610 57.07 0.91 37.34
C LYS B 610 57.14 -0.14 38.45
N ALA B 611 56.54 0.13 39.59
CA ALA B 611 56.75 -0.68 40.78
C ALA B 611 55.43 -1.22 41.32
N TYR B 612 55.52 -2.25 42.15
CA TYR B 612 54.39 -2.88 42.81
C TYR B 612 54.50 -2.61 44.30
N PHE B 613 53.43 -2.07 44.89
CA PHE B 613 53.46 -1.61 46.27
C PHE B 613 52.83 -2.66 47.17
N ILE B 614 53.53 -3.00 48.25
CA ILE B 614 53.07 -3.96 49.25
C ILE B 614 53.25 -3.34 50.63
N ALA B 615 52.22 -3.44 51.47
CA ALA B 615 52.26 -2.88 52.81
C ALA B 615 52.10 -3.97 53.84
N ILE B 616 53.04 -4.02 54.78
CA ILE B 616 53.04 -4.99 55.87
C ILE B 616 53.09 -4.25 57.21
N PRO B 617 51.95 -4.07 57.88
CA PRO B 617 51.93 -3.29 59.13
C PRO B 617 52.63 -3.98 60.29
N THR B 618 53.12 -3.15 61.21
CA THR B 618 53.66 -3.61 62.48
C THR B 618 53.05 -2.93 63.69
N SER B 619 52.43 -1.77 63.53
CA SER B 619 51.63 -1.13 64.56
C SER B 619 50.17 -1.18 64.15
N ALA B 620 49.31 -1.61 65.07
CA ALA B 620 47.91 -1.88 64.75
C ALA B 620 47.18 -0.63 64.28
N GLY B 621 47.02 0.35 65.16
CA GLY B 621 46.15 1.47 64.89
C GLY B 621 46.72 2.57 64.02
N THR B 622 46.95 2.26 62.74
CA THR B 622 47.32 3.31 61.78
C THR B 622 46.41 3.26 60.56
N GLY B 623 46.01 2.04 60.15
CA GLY B 623 45.14 1.85 59.02
C GLY B 623 45.71 2.31 57.68
N SER B 624 47.00 2.59 57.61
CA SER B 624 47.58 3.15 56.39
C SER B 624 47.82 2.09 55.32
N GLU B 625 47.68 0.81 55.66
CA GLU B 625 47.90 -0.24 54.68
C GLU B 625 46.74 -0.37 53.70
N VAL B 626 45.61 0.29 53.96
CA VAL B 626 44.44 0.22 53.09
C VAL B 626 43.86 1.58 52.78
N THR B 627 44.60 2.68 53.00
CA THR B 627 43.92 3.95 52.87
C THR B 627 44.73 4.91 52.00
N PRO B 628 44.08 5.87 51.33
CA PRO B 628 44.80 6.76 50.41
C PRO B 628 45.41 8.02 51.04
N PHE B 629 45.53 8.09 52.36
CA PHE B 629 46.12 9.26 52.99
C PHE B 629 47.60 9.07 53.25
N ALA B 630 48.32 10.20 53.31
CA ALA B 630 49.73 10.18 53.68
C ALA B 630 50.09 11.55 54.23
N VAL B 631 50.68 11.59 55.42
CA VAL B 631 51.08 12.84 56.07
C VAL B 631 52.59 12.98 55.99
N ILE B 632 53.06 14.17 55.64
CA ILE B 632 54.49 14.43 55.46
C ILE B 632 54.84 15.76 56.11
N THR B 633 55.96 15.79 56.83
CA THR B 633 56.42 17.03 57.45
C THR B 633 57.30 17.82 56.49
N ASP B 634 56.99 19.11 56.36
CA ASP B 634 57.68 20.00 55.44
C ASP B 634 59.16 20.19 55.78
N GLU B 635 59.48 20.36 57.06
CA GLU B 635 60.84 20.59 57.56
C GLU B 635 61.33 22.00 57.20
N LYS B 636 60.54 22.74 56.42
CA LYS B 636 60.86 24.14 56.16
C LYS B 636 60.22 25.04 57.19
N THR B 637 58.95 24.80 57.50
CA THR B 637 58.26 25.50 58.57
C THR B 637 57.86 24.57 59.72
N GLY B 638 57.68 23.29 59.44
CA GLY B 638 57.29 22.34 60.47
C GLY B 638 55.82 21.98 60.49
N ILE B 639 55.15 22.02 59.33
CA ILE B 639 53.72 21.76 59.25
C ILE B 639 53.51 20.38 58.63
N LYS B 640 52.70 19.56 59.30
CA LYS B 640 52.39 18.22 58.79
C LYS B 640 51.28 18.34 57.75
N TYR B 641 51.65 18.22 56.47
CA TYR B 641 50.70 18.31 55.38
C TYR B 641 50.16 16.92 55.07
N PRO B 642 48.84 16.71 55.17
CA PRO B 642 48.26 15.46 54.69
C PRO B 642 47.79 15.56 53.25
N LEU B 643 48.07 14.53 52.46
CA LEU B 643 47.63 14.49 51.07
C LEU B 643 46.91 13.18 50.81
N ALA B 644 45.86 13.23 49.99
CA ALA B 644 44.95 12.11 49.79
C ALA B 644 44.55 12.00 48.33
N ASP B 645 44.62 10.79 47.79
CA ASP B 645 44.09 10.46 46.48
C ASP B 645 44.13 8.95 46.32
N TYR B 646 43.13 8.41 45.64
CA TYR B 646 42.96 6.96 45.55
C TYR B 646 44.05 6.29 44.71
N GLU B 647 44.89 7.07 44.02
CA GLU B 647 46.02 6.49 43.30
C GLU B 647 47.10 5.98 44.24
N LEU B 648 46.99 6.27 45.54
CA LEU B 648 47.98 5.84 46.53
C LEU B 648 47.63 4.52 47.18
N LEU B 649 46.52 3.91 46.79
CA LEU B 649 46.13 2.63 47.39
C LEU B 649 47.14 1.55 47.01
N PRO B 650 47.71 0.83 47.97
CA PRO B 650 48.65 -0.23 47.63
C PRO B 650 47.97 -1.35 46.86
N ASP B 651 48.76 -2.06 46.06
CA ASP B 651 48.24 -3.18 45.28
C ASP B 651 48.20 -4.48 46.07
N MET B 652 48.65 -4.47 47.33
CA MET B 652 48.74 -5.70 48.11
C MET B 652 48.83 -5.31 49.58
N ALA B 653 47.93 -5.84 50.40
CA ALA B 653 47.90 -5.56 51.84
C ALA B 653 48.07 -6.88 52.58
N ILE B 654 49.20 -7.02 53.27
CA ILE B 654 49.48 -8.23 54.03
C ILE B 654 49.52 -7.88 55.51
N VAL B 655 48.51 -8.34 56.25
CA VAL B 655 48.45 -8.13 57.69
C VAL B 655 48.69 -9.47 58.37
N ASP B 656 49.63 -9.50 59.29
CA ASP B 656 50.02 -10.72 60.00
C ASP B 656 50.31 -10.35 61.45
N ALA B 657 49.78 -11.15 62.38
CA ALA B 657 50.00 -10.88 63.79
C ALA B 657 51.43 -11.13 64.23
N ASP B 658 52.20 -11.92 63.47
CA ASP B 658 53.52 -12.35 63.93
C ASP B 658 54.44 -11.17 64.21
N MET B 659 54.38 -10.14 63.38
CA MET B 659 55.24 -8.98 63.54
C MET B 659 54.64 -7.92 64.45
N MET B 660 53.50 -8.19 65.07
CA MET B 660 52.82 -7.22 65.93
C MET B 660 52.63 -7.70 67.36
N MET B 661 53.36 -8.73 67.78
CA MET B 661 53.22 -9.26 69.14
C MET B 661 54.20 -8.67 70.13
N ASN B 662 55.04 -7.70 69.71
CA ASN B 662 56.07 -7.17 70.59
C ASN B 662 56.01 -5.64 70.70
N ALA B 663 54.81 -5.07 70.61
CA ALA B 663 54.69 -3.63 70.76
C ALA B 663 54.75 -3.24 72.24
N PRO B 664 55.25 -2.05 72.56
CA PRO B 664 55.27 -1.60 73.96
C PRO B 664 53.87 -1.28 74.47
N LYS B 665 53.78 -0.81 75.72
CA LYS B 665 52.46 -0.55 76.31
C LYS B 665 51.89 0.77 75.80
N GLY B 666 52.68 1.85 75.88
CA GLY B 666 52.20 3.14 75.43
C GLY B 666 51.88 3.17 73.95
N LEU B 667 52.73 2.53 73.13
CA LEU B 667 52.47 2.47 71.69
C LEU B 667 51.19 1.70 71.41
N THR B 668 50.98 0.58 72.10
CA THR B 668 49.76 -0.19 71.91
C THR B 668 48.53 0.62 72.29
N ALA B 669 48.59 1.33 73.42
CA ALA B 669 47.46 2.15 73.83
C ALA B 669 47.18 3.25 72.81
N ALA B 670 48.22 3.93 72.35
CA ALA B 670 48.04 5.01 71.38
C ALA B 670 47.43 4.47 70.08
N SER B 671 47.94 3.33 69.60
CA SER B 671 47.40 2.75 68.38
C SER B 671 45.94 2.35 68.55
N GLY B 672 45.60 1.72 69.67
CA GLY B 672 44.22 1.33 69.90
C GLY B 672 43.26 2.52 69.94
N ILE B 673 43.66 3.58 70.66
CA ILE B 673 42.78 4.73 70.74
C ILE B 673 42.69 5.45 69.39
N ASP B 674 43.78 5.48 68.62
CA ASP B 674 43.72 6.08 67.29
C ASP B 674 42.78 5.30 66.39
N ALA B 675 42.80 3.97 66.46
CA ALA B 675 41.87 3.16 65.68
C ALA B 675 40.44 3.40 66.11
N LEU B 676 40.20 3.52 67.43
CA LEU B 676 38.85 3.80 67.92
C LEU B 676 38.35 5.14 67.40
N THR B 677 39.22 6.16 67.42
CA THR B 677 38.83 7.47 66.89
C THR B 677 38.56 7.39 65.40
N HIS B 678 39.39 6.64 64.66
CA HIS B 678 39.15 6.41 63.24
C HIS B 678 37.75 5.86 63.01
N ALA B 679 37.40 4.80 63.74
CA ALA B 679 36.09 4.16 63.55
C ALA B 679 34.95 5.12 63.91
N LEU B 680 35.07 5.83 65.03
CA LEU B 680 34.01 6.74 65.44
C LEU B 680 33.80 7.84 64.41
N GLU B 681 34.88 8.46 63.94
CA GLU B 681 34.74 9.55 62.99
C GLU B 681 34.29 9.07 61.62
N ALA B 682 34.64 7.83 61.26
CA ALA B 682 34.14 7.27 60.01
C ALA B 682 32.64 7.02 60.09
N TYR B 683 32.16 6.52 61.24
CA TYR B 683 30.73 6.29 61.40
C TYR B 683 29.96 7.61 61.42
N VAL B 684 30.50 8.63 62.07
CA VAL B 684 29.78 9.89 62.21
C VAL B 684 29.81 10.74 60.94
N SER B 685 30.82 10.53 60.08
CA SER B 685 31.06 11.41 58.94
C SER B 685 29.83 11.57 58.05
N MET B 686 29.82 12.67 57.31
CA MET B 686 28.71 12.94 56.40
C MET B 686 28.69 11.95 55.24
N LEU B 687 29.86 11.53 54.78
CA LEU B 687 29.97 10.54 53.70
C LEU B 687 29.80 9.12 54.19
N ALA B 688 28.71 8.84 54.90
CA ALA B 688 28.54 7.54 55.53
C ALA B 688 27.46 6.73 54.80
N THR B 689 27.81 5.50 54.44
CA THR B 689 26.87 4.58 53.83
C THR B 689 26.82 3.31 54.67
N ASP B 690 26.07 2.32 54.17
CA ASP B 690 25.90 1.08 54.92
C ASP B 690 27.23 0.34 55.09
N TYR B 691 28.09 0.41 54.07
CA TYR B 691 29.37 -0.29 54.10
C TYR B 691 30.20 0.17 55.29
N THR B 692 30.54 1.46 55.29
CA THR B 692 31.35 2.02 56.37
C THR B 692 30.63 1.95 57.70
N ASP B 693 29.29 2.01 57.69
CA ASP B 693 28.54 1.87 58.94
C ASP B 693 28.80 0.52 59.59
N SER B 694 28.63 -0.56 58.82
CA SER B 694 28.85 -1.90 59.37
C SER B 694 30.29 -2.07 59.79
N LEU B 695 31.23 -1.63 58.95
CA LEU B 695 32.64 -1.79 59.27
C LEU B 695 33.01 -1.04 60.55
N ALA B 696 32.56 0.21 60.67
CA ALA B 696 32.87 1.03 61.83
C ALA B 696 32.26 0.44 63.09
N LEU B 697 31.02 -0.05 63.00
CA LEU B 697 30.40 -0.64 64.18
C LEU B 697 31.15 -1.88 64.65
N ARG B 698 31.53 -2.77 63.71
CA ARG B 698 32.28 -3.96 64.10
C ARG B 698 33.63 -3.59 64.72
N ALA B 699 34.32 -2.62 64.11
CA ALA B 699 35.61 -2.20 64.64
C ALA B 699 35.46 -1.60 66.03
N ILE B 700 34.42 -0.78 66.23
CA ILE B 700 34.20 -0.15 67.52
C ILE B 700 33.96 -1.20 68.60
N LYS B 701 33.12 -2.19 68.30
CA LYS B 701 32.85 -3.22 69.30
C LYS B 701 34.10 -4.05 69.60
N MET B 702 34.84 -4.44 68.57
CA MET B 702 36.01 -5.30 68.78
C MET B 702 37.13 -4.56 69.48
N ILE B 703 37.23 -3.23 69.31
CA ILE B 703 38.22 -2.46 70.04
C ILE B 703 37.91 -2.39 71.52
N PHE B 704 36.66 -2.08 71.89
CA PHE B 704 36.28 -2.07 73.29
C PHE B 704 36.41 -3.45 73.94
N GLU B 705 36.14 -4.52 73.19
CA GLU B 705 36.15 -5.86 73.76
C GLU B 705 37.55 -6.39 74.05
N TYR B 706 38.57 -5.96 73.30
CA TYR B 706 39.88 -6.62 73.39
C TYR B 706 41.06 -5.70 73.70
N LEU B 707 40.90 -4.38 73.66
CA LEU B 707 42.05 -3.50 73.83
C LEU B 707 42.72 -3.62 75.20
N PRO B 708 42.00 -3.62 76.35
CA PRO B 708 42.68 -3.73 77.64
C PRO B 708 43.53 -4.99 77.79
N ARG B 709 43.03 -6.11 77.28
CA ARG B 709 43.77 -7.37 77.39
C ARG B 709 45.07 -7.29 76.61
N ALA B 710 45.03 -6.72 75.40
CA ALA B 710 46.25 -6.55 74.61
C ALA B 710 47.22 -5.60 75.30
N TYR B 711 46.69 -4.52 75.90
CA TYR B 711 47.56 -3.56 76.57
C TYR B 711 48.25 -4.18 77.77
N GLU B 712 47.53 -4.99 78.55
CA GLU B 712 48.07 -5.53 79.79
C GLU B 712 49.13 -6.60 79.53
N ASN B 713 48.75 -7.69 78.87
CA ASN B 713 49.67 -8.81 78.67
C ASN B 713 50.54 -8.57 77.43
N GLY B 714 49.91 -8.43 76.27
CA GLY B 714 50.62 -8.15 75.04
C GLY B 714 51.21 -9.38 74.37
N ALA B 715 52.30 -9.92 74.92
CA ALA B 715 52.95 -11.06 74.32
C ALA B 715 52.24 -12.36 74.68
N SER B 716 51.56 -12.39 75.82
CA SER B 716 50.93 -13.61 76.31
C SER B 716 49.48 -13.76 75.85
N ASP B 717 48.97 -12.85 75.04
CA ASP B 717 47.59 -12.88 74.57
C ASP B 717 47.58 -12.74 73.04
N PRO B 718 47.92 -13.82 72.32
CA PRO B 718 47.89 -13.74 70.85
C PRO B 718 46.51 -13.45 70.29
N VAL B 719 45.45 -13.95 70.93
CA VAL B 719 44.09 -13.74 70.41
C VAL B 719 43.75 -12.25 70.43
N ALA B 720 44.06 -11.57 71.53
CA ALA B 720 43.78 -10.15 71.63
C ALA B 720 44.60 -9.37 70.60
N ARG B 721 45.86 -9.75 70.40
CA ARG B 721 46.69 -9.07 69.43
C ARG B 721 46.17 -9.24 68.00
N GLU B 722 45.72 -10.44 67.63
CA GLU B 722 45.12 -10.65 66.33
C GLU B 722 43.81 -9.88 66.16
N LYS B 723 42.97 -9.87 67.20
CA LYS B 723 41.70 -9.15 67.13
C LYS B 723 41.94 -7.66 66.98
N MET B 724 42.94 -7.11 67.67
CA MET B 724 43.24 -5.69 67.55
C MET B 724 43.69 -5.34 66.13
N ALA B 725 44.52 -6.19 65.52
CA ALA B 725 44.94 -5.95 64.15
C ALA B 725 43.76 -6.02 63.18
N ASN B 726 42.87 -7.00 63.37
CA ASN B 726 41.70 -7.11 62.52
C ASN B 726 40.81 -5.87 62.65
N ALA B 727 40.59 -5.41 63.88
CA ALA B 727 39.80 -4.21 64.10
C ALA B 727 40.44 -2.99 63.47
N ALA B 728 41.77 -2.89 63.57
CA ALA B 728 42.48 -1.77 62.96
C ALA B 728 42.31 -1.77 61.45
N THR B 729 42.39 -2.95 60.82
CA THR B 729 42.19 -3.03 59.37
C THR B 729 40.76 -2.67 58.99
N ILE B 730 39.77 -3.13 59.76
CA ILE B 730 38.38 -2.79 59.46
C ILE B 730 38.17 -1.29 59.56
N ALA B 731 38.68 -0.67 60.63
CA ALA B 731 38.55 0.77 60.77
C ALA B 731 39.29 1.50 59.65
N GLY B 732 40.44 0.97 59.24
CA GLY B 732 41.17 1.59 58.15
C GLY B 732 40.37 1.63 56.87
N MET B 733 39.75 0.50 56.51
CA MET B 733 38.85 0.50 55.36
C MET B 733 37.70 1.49 55.58
N ALA B 734 37.16 1.51 56.79
CA ALA B 734 35.99 2.34 57.09
C ALA B 734 36.28 3.82 56.84
N PHE B 735 37.43 4.33 57.30
CA PHE B 735 37.64 5.75 57.03
C PHE B 735 38.37 5.98 55.71
N ALA B 736 38.90 4.93 55.09
CA ALA B 736 39.41 5.08 53.73
C ALA B 736 38.28 5.35 52.76
N ASN B 737 37.10 4.79 53.03
CA ASN B 737 35.98 5.04 52.14
C ASN B 737 35.12 6.22 52.62
N ALA B 738 35.16 6.51 53.92
CA ALA B 738 34.43 7.64 54.49
C ALA B 738 35.39 8.52 55.26
N PHE B 739 35.62 9.74 54.78
CA PHE B 739 36.67 10.58 55.33
C PHE B 739 36.37 10.94 56.78
N LEU B 740 37.41 11.39 57.48
CA LEU B 740 37.34 11.66 58.91
C LEU B 740 36.74 13.05 59.17
N GLY B 741 36.83 13.50 60.42
CA GLY B 741 36.26 14.77 60.80
C GLY B 741 37.23 15.73 61.46
N VAL B 742 36.73 16.56 62.38
CA VAL B 742 37.54 17.62 62.97
C VAL B 742 38.47 17.15 64.08
N CYS B 743 38.22 15.96 64.64
CA CYS B 743 39.10 15.46 65.70
C CYS B 743 40.53 15.29 65.20
N HIS B 744 40.70 14.72 64.00
CA HIS B 744 42.03 14.65 63.41
C HIS B 744 42.53 16.01 62.97
N SER B 745 41.63 16.89 62.51
CA SER B 745 42.05 18.23 62.12
C SER B 745 42.67 18.97 63.30
N MET B 746 42.24 18.64 64.52
CA MET B 746 42.85 19.21 65.73
C MET B 746 44.08 18.42 66.19
N ALA B 747 43.98 17.09 66.15
CA ALA B 747 45.04 16.25 66.69
C ALA B 747 46.32 16.35 65.87
N HIS B 748 46.20 16.52 64.55
CA HIS B 748 47.39 16.67 63.71
C HIS B 748 48.21 17.86 64.16
N LYS B 749 47.56 19.03 64.29
CA LYS B 749 48.27 20.23 64.70
C LYS B 749 48.77 20.10 66.13
N LEU B 750 47.97 19.50 67.02
CA LEU B 750 48.38 19.37 68.42
C LEU B 750 49.62 18.50 68.53
N GLY B 751 49.67 17.39 67.80
CA GLY B 751 50.83 16.52 67.83
C GLY B 751 52.03 17.05 67.05
N ALA B 752 51.81 17.91 66.06
CA ALA B 752 52.91 18.54 65.36
C ALA B 752 53.55 19.65 66.17
N PHE B 753 52.77 20.38 66.95
CA PHE B 753 53.32 21.49 67.71
C PHE B 753 54.12 21.04 68.93
N TYR B 754 53.68 19.97 69.60
CA TYR B 754 54.24 19.60 70.90
C TYR B 754 54.79 18.18 70.94
N HIS B 755 55.05 17.57 69.79
CA HIS B 755 55.71 16.26 69.71
C HIS B 755 54.91 15.16 70.40
N LEU B 756 53.60 15.38 70.59
CA LEU B 756 52.77 14.35 71.18
C LEU B 756 52.53 13.21 70.20
N PRO B 757 52.44 11.98 70.69
CA PRO B 757 52.08 10.86 69.81
C PRO B 757 50.69 11.06 69.21
N HIS B 758 50.50 10.56 67.99
CA HIS B 758 49.24 10.76 67.29
C HIS B 758 48.08 10.13 68.05
N GLY B 759 48.27 8.92 68.57
CA GLY B 759 47.21 8.29 69.34
C GLY B 759 46.88 9.06 70.60
N VAL B 760 47.89 9.58 71.29
CA VAL B 760 47.65 10.37 72.49
C VAL B 760 46.90 11.65 72.14
N ALA B 761 47.30 12.32 71.05
CA ALA B 761 46.62 13.54 70.64
C ALA B 761 45.17 13.26 70.27
N ASN B 762 44.90 12.11 69.65
CA ASN B 762 43.52 11.74 69.35
C ASN B 762 42.74 11.44 70.62
N ALA B 763 43.38 10.83 71.61
CA ALA B 763 42.69 10.45 72.85
C ALA B 763 42.21 11.67 73.62
N LEU B 764 42.99 12.75 73.60
CA LEU B 764 42.72 13.91 74.43
C LEU B 764 41.62 14.81 73.90
N MET B 765 41.10 14.54 72.69
CA MET B 765 40.15 15.43 72.05
C MET B 765 38.83 14.76 71.65
N ILE B 766 38.74 13.44 71.68
CA ILE B 766 37.55 12.76 71.15
C ILE B 766 36.31 13.09 71.98
N ASN B 767 36.45 13.10 73.31
CA ASN B 767 35.30 13.30 74.19
C ASN B 767 34.75 14.73 74.12
N GLU B 768 35.51 15.68 73.58
CA GLU B 768 35.01 17.03 73.35
C GLU B 768 34.40 17.19 71.96
N VAL B 769 34.98 16.54 70.96
CA VAL B 769 34.38 16.54 69.62
C VAL B 769 33.02 15.85 69.65
N ILE B 770 32.88 14.82 70.48
CA ILE B 770 31.58 14.15 70.59
C ILE B 770 30.52 15.12 71.09
N ARG B 771 30.83 15.91 72.12
CA ARG B 771 29.88 16.91 72.60
C ARG B 771 29.66 18.01 71.58
N PHE B 772 30.71 18.39 70.85
CA PHE B 772 30.58 19.44 69.84
C PHE B 772 29.62 19.03 68.72
N ASN B 773 29.75 17.79 68.25
CA ASN B 773 28.94 17.35 67.11
C ASN B 773 27.49 17.10 67.51
N SER B 774 27.26 16.58 68.72
CA SER B 774 25.92 16.26 69.16
C SER B 774 25.15 17.50 69.56
N SER B 775 24.65 18.24 68.58
CA SER B 775 23.85 19.44 68.86
C SER B 775 22.69 19.47 67.88
N GLU B 776 21.47 19.57 68.42
CA GLU B 776 20.28 19.57 67.57
C GLU B 776 20.10 20.90 66.84
N ALA B 777 20.77 21.96 67.29
CA ALA B 777 20.71 23.28 66.64
C ALA B 777 22.12 23.81 66.44
N PRO B 778 22.87 23.25 65.51
CA PRO B 778 24.23 23.75 65.25
C PRO B 778 24.21 25.08 64.53
N THR B 779 25.28 25.84 64.73
CA THR B 779 25.41 27.13 64.06
C THR B 779 25.49 26.96 62.54
N LYS B 780 26.27 25.97 62.08
CA LYS B 780 26.44 25.66 60.67
C LYS B 780 26.34 24.16 60.48
N MET B 781 25.98 23.76 59.26
CA MET B 781 25.99 22.35 58.89
C MET B 781 27.07 22.12 57.84
N GLY B 782 27.20 20.85 57.42
CA GLY B 782 28.29 20.45 56.56
C GLY B 782 28.04 20.54 55.07
N THR B 783 26.93 21.16 54.66
CA THR B 783 26.57 21.41 53.26
C THR B 783 26.92 20.23 52.34
N PHE B 784 26.28 19.09 52.62
CA PHE B 784 26.37 17.92 51.78
C PHE B 784 24.96 17.47 51.42
N PRO B 785 24.69 17.12 50.14
CA PRO B 785 23.31 16.86 49.72
C PRO B 785 22.60 15.76 50.50
N GLN B 786 23.31 14.67 50.85
CA GLN B 786 22.64 13.60 51.56
C GLN B 786 22.56 13.83 53.06
N TYR B 787 23.25 14.86 53.57
CA TYR B 787 23.11 15.25 54.97
C TYR B 787 21.95 16.22 55.07
N ASP B 788 20.76 15.67 55.27
CA ASP B 788 19.53 16.47 55.23
C ASP B 788 19.41 17.39 56.44
N HIS B 789 19.68 16.87 57.63
CA HIS B 789 19.46 17.61 58.86
C HIS B 789 20.38 17.04 59.92
N PRO B 790 20.58 17.75 61.04
CA PRO B 790 21.43 17.23 62.12
C PRO B 790 20.91 15.89 62.63
N ARG B 791 21.73 14.84 62.46
CA ARG B 791 21.39 13.50 62.89
C ARG B 791 22.49 12.86 63.71
N THR B 792 23.48 13.62 64.17
CA THR B 792 24.65 13.02 64.81
C THR B 792 24.28 12.41 66.16
N LEU B 793 23.34 13.02 66.88
CA LEU B 793 22.92 12.48 68.16
C LEU B 793 22.34 11.07 68.01
N GLU B 794 21.52 10.87 66.97
CA GLU B 794 20.99 9.54 66.70
C GLU B 794 22.08 8.54 66.36
N ARG B 795 23.09 8.95 65.58
CA ARG B 795 24.18 8.04 65.25
C ARG B 795 24.94 7.63 66.51
N TYR B 796 25.21 8.59 67.40
CA TYR B 796 25.87 8.24 68.65
C TYR B 796 24.99 7.34 69.52
N ALA B 797 23.67 7.54 69.45
CA ALA B 797 22.76 6.65 70.16
C ALA B 797 22.84 5.22 69.62
N GLU B 798 22.91 5.07 68.28
CA GLU B 798 23.08 3.74 67.70
C GLU B 798 24.40 3.12 68.13
N ILE B 799 25.47 3.92 68.17
CA ILE B 799 26.76 3.40 68.62
C ILE B 799 26.65 2.89 70.06
N ALA B 800 26.02 3.68 70.92
CA ALA B 800 25.85 3.29 72.32
C ALA B 800 25.01 2.02 72.44
N ASP B 801 23.94 1.91 71.65
CA ASP B 801 23.11 0.72 71.69
C ASP B 801 23.88 -0.51 71.24
N TYR B 802 24.67 -0.37 70.17
CA TYR B 802 25.41 -1.53 69.66
C TYR B 802 26.52 -1.97 70.61
N ILE B 803 27.20 -1.01 71.24
CA ILE B 803 28.32 -1.36 72.11
C ILE B 803 27.83 -2.05 73.37
N GLY B 804 26.55 -1.88 73.72
CA GLY B 804 25.99 -2.56 74.86
C GLY B 804 25.78 -1.67 76.06
N LEU B 805 25.32 -0.44 75.83
CA LEU B 805 25.10 0.52 76.90
C LEU B 805 23.62 0.85 77.01
N LYS B 806 23.21 1.27 78.21
CA LYS B 806 21.81 1.53 78.51
C LYS B 806 21.57 3.03 78.69
N GLY B 807 20.32 3.43 78.53
CA GLY B 807 19.95 4.82 78.67
C GLY B 807 18.56 5.07 78.15
N LYS B 808 18.21 6.35 78.05
CA LYS B 808 16.91 6.77 77.55
C LYS B 808 17.00 8.19 77.03
N ASN B 809 15.99 8.57 76.25
CA ASN B 809 15.82 9.91 75.68
C ASN B 809 16.91 10.29 74.68
N ASN B 810 17.73 9.33 74.26
CA ASN B 810 18.79 9.56 73.27
C ASN B 810 19.83 10.57 73.77
N GLU B 811 19.76 10.94 75.04
CA GLU B 811 20.73 11.84 75.65
C GLU B 811 21.63 11.14 76.65
N GLU B 812 21.07 10.29 77.51
CA GLU B 812 21.88 9.56 78.47
C GLU B 812 22.79 8.55 77.77
N LYS B 813 22.40 8.08 76.58
CA LYS B 813 23.24 7.13 75.85
C LYS B 813 24.56 7.76 75.43
N VAL B 814 24.52 9.00 74.94
CA VAL B 814 25.75 9.69 74.55
C VAL B 814 26.63 9.94 75.78
N GLU B 815 26.01 10.32 76.90
CA GLU B 815 26.78 10.55 78.12
C GLU B 815 27.43 9.26 78.60
N ASN B 816 26.72 8.13 78.53
CA ASN B 816 27.30 6.86 78.92
C ASN B 816 28.41 6.45 77.96
N LEU B 817 28.27 6.77 76.68
CA LEU B 817 29.35 6.51 75.73
C LEU B 817 30.59 7.32 76.08
N ILE B 818 30.40 8.59 76.43
CA ILE B 818 31.53 9.43 76.84
C ILE B 818 32.19 8.87 78.10
N LYS B 819 31.36 8.42 79.06
CA LYS B 819 31.91 7.84 80.28
C LYS B 819 32.70 6.57 79.98
N ALA B 820 32.20 5.74 79.07
CA ALA B 820 32.91 4.52 78.69
C ALA B 820 34.23 4.84 78.01
N ILE B 821 34.24 5.86 77.15
CA ILE B 821 35.49 6.28 76.51
C ILE B 821 36.48 6.77 77.55
N ASP B 822 36.00 7.55 78.53
CA ASP B 822 36.88 8.03 79.59
C ASP B 822 37.45 6.88 80.40
N GLU B 823 36.62 5.87 80.71
CA GLU B 823 37.11 4.71 81.44
C GLU B 823 38.14 3.95 80.63
N LEU B 824 37.92 3.80 79.32
CA LEU B 824 38.89 3.13 78.47
C LEU B 824 40.21 3.88 78.44
N LYS B 825 40.15 5.21 78.38
CA LYS B 825 41.37 6.01 78.44
C LYS B 825 42.08 5.83 79.78
N GLU B 826 41.31 5.77 80.87
CA GLU B 826 41.91 5.58 82.19
C GLU B 826 42.55 4.20 82.31
N LYS B 827 42.01 3.21 81.61
CA LYS B 827 42.53 1.85 81.69
C LYS B 827 43.85 1.66 80.96
N VAL B 828 44.14 2.48 79.94
CA VAL B 828 45.31 2.29 79.10
C VAL B 828 46.41 3.30 79.44
N GLY B 829 46.34 3.93 80.60
CA GLY B 829 47.38 4.83 81.03
C GLY B 829 47.50 6.11 80.26
N ILE B 830 46.39 6.72 79.85
CA ILE B 830 46.42 8.03 79.21
C ILE B 830 45.88 9.06 80.18
N ARG B 831 46.60 10.16 80.35
CA ARG B 831 46.24 11.17 81.32
C ARG B 831 44.99 11.92 80.87
N LYS B 832 44.56 12.89 81.69
CA LYS B 832 43.25 13.50 81.54
C LYS B 832 43.25 14.75 80.68
N THR B 833 44.28 15.59 80.76
CA THR B 833 44.28 16.88 80.09
C THR B 833 45.61 17.11 79.41
N ILE B 834 45.68 18.20 78.63
CA ILE B 834 46.94 18.61 78.01
C ILE B 834 47.96 18.97 79.07
N LYS B 835 47.52 19.67 80.13
CA LYS B 835 48.45 20.15 81.16
C LYS B 835 49.16 19.00 81.85
N ASP B 836 48.57 17.80 81.85
CA ASP B 836 49.22 16.65 82.47
C ASP B 836 50.44 16.18 81.71
N TYR B 837 50.62 16.63 80.46
CA TYR B 837 51.77 16.25 79.65
C TYR B 837 52.85 17.31 79.61
N ASP B 838 52.91 18.17 80.64
CA ASP B 838 53.98 19.16 80.81
C ASP B 838 54.03 20.12 79.61
N ILE B 839 52.95 20.85 79.43
CA ILE B 839 52.86 21.90 78.41
C ILE B 839 52.78 23.25 79.10
N ASP B 840 53.71 24.14 78.75
CA ASP B 840 53.75 25.45 79.38
C ASP B 840 52.51 26.27 79.03
N GLU B 841 51.95 26.93 80.04
CA GLU B 841 50.73 27.70 79.84
C GLU B 841 50.95 28.90 78.93
N LYS B 842 52.02 29.65 79.16
CA LYS B 842 52.30 30.82 78.32
C LYS B 842 52.58 30.42 76.89
N GLU B 843 53.33 29.34 76.68
CA GLU B 843 53.59 28.86 75.33
C GLU B 843 52.30 28.43 74.64
N PHE B 844 51.42 27.76 75.37
CA PHE B 844 50.13 27.35 74.82
C PHE B 844 49.31 28.56 74.40
N LEU B 845 49.22 29.56 75.27
CA LEU B 845 48.38 30.72 74.97
C LEU B 845 48.95 31.55 73.83
N ASP B 846 50.27 31.69 73.77
CA ASP B 846 50.89 32.51 72.74
C ASP B 846 50.77 31.92 71.34
N ARG B 847 50.58 30.61 71.23
CA ARG B 847 50.47 29.96 69.93
C ARG B 847 49.09 29.39 69.63
N LEU B 848 48.13 29.46 70.56
CA LEU B 848 46.78 29.00 70.29
C LEU B 848 46.15 29.78 69.14
N ASP B 849 46.35 31.10 69.11
CA ASP B 849 45.73 31.92 68.09
C ASP B 849 46.20 31.53 66.70
N GLU B 850 47.45 31.10 66.57
CA GLU B 850 47.97 30.72 65.26
C GLU B 850 47.69 29.26 64.95
N MET B 851 47.54 28.42 65.99
CA MET B 851 47.25 27.02 65.77
C MET B 851 45.78 26.79 65.38
N VAL B 852 44.87 27.65 65.86
CA VAL B 852 43.46 27.51 65.50
C VAL B 852 43.28 27.70 64.00
N GLU B 853 43.96 28.71 63.43
CA GLU B 853 43.82 28.97 62.00
C GLU B 853 44.33 27.79 61.17
N GLN B 854 45.41 27.14 61.62
CA GLN B 854 45.91 25.98 60.89
C GLN B 854 44.98 24.78 61.07
N ALA B 855 44.37 24.65 62.25
CA ALA B 855 43.42 23.57 62.47
C ALA B 855 42.20 23.72 61.58
N PHE B 856 41.69 24.94 61.41
CA PHE B 856 40.54 25.16 60.55
C PHE B 856 40.87 24.85 59.09
N ASP B 857 42.05 25.24 58.61
CA ASP B 857 42.41 25.07 57.21
C ASP B 857 43.09 23.70 57.02
N ASP B 858 42.27 22.66 57.21
CA ASP B 858 42.72 21.29 57.09
C ASP B 858 41.77 20.53 56.16
N GLN B 859 42.29 19.47 55.55
CA GLN B 859 41.49 18.70 54.60
C GLN B 859 40.31 18.03 55.28
N CYS B 860 40.52 17.48 56.48
CA CYS B 860 39.47 16.74 57.17
C CYS B 860 38.33 17.64 57.64
N THR B 861 38.62 18.90 57.96
CA THR B 861 37.60 19.80 58.50
C THR B 861 36.38 19.89 57.59
N GLY B 862 36.58 19.84 56.28
CA GLY B 862 35.48 19.94 55.34
C GLY B 862 34.52 18.78 55.32
N THR B 863 34.83 17.69 56.03
CA THR B 863 33.96 16.53 56.07
C THR B 863 33.14 16.43 57.35
N ASN B 864 33.52 17.17 58.39
CA ASN B 864 32.80 17.13 59.65
C ASN B 864 31.36 17.63 59.46
N PRO B 865 30.38 17.03 60.14
CA PRO B 865 28.99 17.46 59.96
C PRO B 865 28.71 18.91 60.32
N ARG B 866 29.41 19.46 61.32
CA ARG B 866 29.02 20.76 61.86
C ARG B 866 29.82 21.93 61.29
N TYR B 867 30.95 21.69 60.64
CA TYR B 867 31.75 22.74 60.03
C TYR B 867 32.10 23.82 61.05
N PRO B 868 33.03 23.54 61.97
CA PRO B 868 33.30 24.49 63.06
C PRO B 868 33.90 25.80 62.58
N LEU B 869 33.69 26.84 63.38
CA LEU B 869 34.29 28.14 63.14
C LEU B 869 35.60 28.26 63.91
N MET B 870 36.23 29.44 63.82
CA MET B 870 37.50 29.65 64.52
C MET B 870 37.31 29.72 66.02
N ASN B 871 36.30 30.49 66.48
CA ASN B 871 36.10 30.68 67.91
C ASN B 871 35.72 29.37 68.60
N GLU B 872 34.92 28.54 67.93
CA GLU B 872 34.52 27.27 68.51
C GLU B 872 35.70 26.32 68.60
N ILE B 873 36.59 26.34 67.61
CA ILE B 873 37.80 25.53 67.68
C ILE B 873 38.69 26.00 68.83
N ARG B 874 38.81 27.32 69.00
CA ARG B 874 39.59 27.85 70.10
C ARG B 874 39.00 27.45 71.45
N GLN B 875 37.67 27.49 71.56
CA GLN B 875 37.01 27.07 72.80
C GLN B 875 37.24 25.58 73.08
N MET B 876 37.18 24.75 72.03
CA MET B 876 37.46 23.33 72.22
C MET B 876 38.89 23.11 72.70
N TYR B 877 39.84 23.84 72.13
CA TYR B 877 41.24 23.74 72.56
C TYR B 877 41.37 24.15 74.03
N LEU B 878 40.72 25.25 74.41
CA LEU B 878 40.80 25.71 75.79
C LEU B 878 40.19 24.70 76.75
N ASN B 879 39.05 24.11 76.37
CA ASN B 879 38.41 23.11 77.21
C ASN B 879 39.31 21.88 77.35
N ALA B 880 39.97 21.47 76.26
CA ALA B 880 40.88 20.34 76.34
C ALA B 880 42.06 20.64 77.24
N TYR B 881 42.59 21.87 77.19
CA TYR B 881 43.75 22.20 78.02
C TYR B 881 43.38 22.32 79.50
N TYR B 882 42.28 23.00 79.81
CA TYR B 882 41.91 23.28 81.19
C TYR B 882 41.02 22.21 81.80
N GLY B 883 40.62 21.20 81.03
CA GLY B 883 39.76 20.16 81.55
C GLY B 883 38.31 20.59 81.71
N ILE C 25 44.93 54.44 38.40
CA ILE C 25 43.96 54.96 37.45
C ILE C 25 42.92 55.80 38.18
N ASP C 26 43.04 57.13 38.05
CA ASP C 26 42.11 58.03 38.71
C ASP C 26 41.57 59.08 37.74
N ASN C 27 42.35 59.47 36.72
CA ASN C 27 41.92 60.49 35.78
C ASN C 27 41.34 59.84 34.54
N VAL C 28 40.71 60.68 33.70
CA VAL C 28 40.14 60.18 32.46
C VAL C 28 41.23 59.73 31.50
N GLU C 29 42.30 60.52 31.38
CA GLU C 29 43.37 60.21 30.43
C GLU C 29 44.07 58.91 30.80
N LYS C 30 44.29 58.68 32.10
CA LYS C 30 44.89 57.42 32.54
C LYS C 30 44.01 56.24 32.15
N LEU C 31 42.70 56.38 32.27
CA LEU C 31 41.80 55.31 31.89
C LEU C 31 41.79 55.10 30.37
N GLU C 32 41.91 56.18 29.61
CA GLU C 32 42.04 56.06 28.16
C GLU C 32 43.28 55.26 27.79
N LYS C 33 44.40 55.58 28.42
CA LYS C 33 45.63 54.83 28.17
C LYS C 33 45.49 53.37 28.58
N ALA C 34 44.82 53.13 29.71
CA ALA C 34 44.60 51.76 30.15
C ALA C 34 43.76 50.97 29.16
N LEU C 35 42.70 51.59 28.62
CA LEU C 35 41.89 50.92 27.62
C LEU C 35 42.68 50.64 26.35
N LYS C 36 43.52 51.59 25.94
CA LYS C 36 44.35 51.36 24.76
C LYS C 36 45.30 50.19 24.98
N ARG C 37 45.93 50.13 26.16
CA ARG C 37 46.82 49.01 26.48
C ARG C 37 46.06 47.70 26.54
N LEU C 38 44.84 47.70 27.10
CA LEU C 38 44.02 46.49 27.13
C LEU C 38 43.72 45.99 25.73
N ARG C 39 43.34 46.91 24.82
CA ARG C 39 43.07 46.50 23.45
C ARG C 39 44.33 45.95 22.78
N GLU C 40 45.48 46.60 23.01
CA GLU C 40 46.72 46.12 22.41
C GLU C 40 47.10 44.75 22.93
N ALA C 41 46.87 44.47 24.21
CA ALA C 41 47.18 43.15 24.75
C ALA C 41 46.19 42.10 24.24
N GLN C 42 44.92 42.46 24.13
CA GLN C 42 43.91 41.52 23.64
C GLN C 42 44.17 41.15 22.18
N SER C 43 44.66 42.09 21.39
CA SER C 43 45.00 41.79 20.00
C SER C 43 46.02 40.67 19.90
N VAL C 44 47.04 40.71 20.77
CA VAL C 44 48.04 39.64 20.79
C VAL C 44 47.44 38.36 21.35
N TYR C 45 46.67 38.46 22.43
CA TYR C 45 46.15 37.28 23.09
C TYR C 45 45.14 36.50 22.25
N ALA C 46 44.44 37.18 21.34
CA ALA C 46 43.35 36.54 20.60
C ALA C 46 43.82 35.54 19.55
N THR C 47 45.11 35.18 19.52
CA THR C 47 45.62 34.23 18.53
C THR C 47 46.39 33.08 19.17
N TYR C 48 46.17 32.82 20.46
CA TYR C 48 46.87 31.75 21.14
C TYR C 48 46.31 30.38 20.72
N THR C 49 47.09 29.34 20.99
CA THR C 49 46.68 27.97 20.72
C THR C 49 45.88 27.43 21.90
N GLN C 50 45.44 26.17 21.79
CA GLN C 50 44.62 25.57 22.83
C GLN C 50 45.45 25.24 24.07
N GLU C 51 46.64 24.68 23.86
CA GLU C 51 47.47 24.24 24.99
C GLU C 51 47.90 25.42 25.85
N GLN C 52 48.26 26.54 25.22
CA GLN C 52 48.67 27.72 25.99
C GLN C 52 47.53 28.23 26.86
N VAL C 53 46.32 28.32 26.30
CA VAL C 53 45.17 28.78 27.06
C VAL C 53 44.84 27.81 28.17
N ASP C 54 44.94 26.51 27.91
CA ASP C 54 44.68 25.52 28.94
C ASP C 54 45.67 25.66 30.11
N LYS C 55 46.94 25.84 29.79
CA LYS C 55 47.95 26.02 30.84
C LYS C 55 47.70 27.29 31.64
N ILE C 56 47.35 28.39 30.96
CA ILE C 56 47.08 29.63 31.66
C ILE C 56 45.87 29.48 32.59
N PHE C 57 44.80 28.86 32.10
CA PHE C 57 43.62 28.62 32.92
C PHE C 57 43.96 27.77 34.14
N PHE C 58 44.74 26.71 33.94
CA PHE C 58 45.11 25.81 35.02
C PHE C 58 45.93 26.53 36.09
N GLU C 59 46.95 27.29 35.66
CA GLU C 59 47.77 28.01 36.62
C GLU C 59 46.98 29.07 37.37
N ALA C 60 46.11 29.81 36.67
CA ALA C 60 45.31 30.82 37.33
C ALA C 60 44.35 30.20 38.34
N ALA C 61 43.73 29.07 37.98
CA ALA C 61 42.84 28.40 38.91
C ALA C 61 43.59 27.92 40.15
N MET C 62 44.79 27.37 39.96
CA MET C 62 45.59 26.95 41.10
C MET C 62 45.94 28.13 42.01
N ALA C 63 46.38 29.24 41.41
CA ALA C 63 46.75 30.41 42.21
C ALA C 63 45.57 30.96 42.98
N ALA C 64 44.39 31.00 42.35
CA ALA C 64 43.21 31.48 43.05
C ALA C 64 42.78 30.51 44.14
N ASN C 65 42.96 29.21 43.92
CA ASN C 65 42.56 28.22 44.92
C ASN C 65 43.45 28.30 46.16
N LYS C 66 44.75 28.52 45.96
CA LYS C 66 45.68 28.47 47.08
C LYS C 66 45.51 29.63 48.07
N MET C 67 44.72 30.65 47.73
CA MET C 67 44.64 31.85 48.58
C MET C 67 43.20 32.18 48.96
N ARG C 68 42.45 31.19 49.45
CA ARG C 68 41.04 31.40 49.79
C ARG C 68 40.87 32.01 51.18
N ILE C 69 41.71 31.62 52.13
CA ILE C 69 41.58 32.16 53.50
C ILE C 69 41.94 33.64 53.57
N PRO C 70 43.12 34.09 53.13
CA PRO C 70 43.43 35.52 53.27
C PRO C 70 42.48 36.43 52.53
N LEU C 71 42.00 36.02 51.35
CA LEU C 71 41.08 36.87 50.59
C LEU C 71 39.76 37.06 51.34
N ALA C 72 39.21 35.97 51.87
CA ALA C 72 37.97 36.08 52.64
C ALA C 72 38.18 36.91 53.90
N LYS C 73 39.32 36.72 54.57
CA LYS C 73 39.61 37.52 55.75
C LYS C 73 39.66 39.00 55.41
N MET C 74 40.36 39.35 54.34
CA MET C 74 40.49 40.74 53.93
C MET C 74 39.13 41.34 53.58
N ALA C 75 38.30 40.55 52.88
CA ALA C 75 36.97 41.01 52.52
C ALA C 75 36.14 41.28 53.77
N VAL C 76 36.24 40.41 54.76
CA VAL C 76 35.47 40.59 55.99
C VAL C 76 35.94 41.83 56.74
N GLU C 77 37.25 42.03 56.86
CA GLU C 77 37.75 43.21 57.56
C GLU C 77 37.36 44.50 56.83
N GLU C 78 37.46 44.52 55.51
CA GLU C 78 37.18 45.75 54.78
C GLU C 78 35.69 46.07 54.70
N THR C 79 34.87 45.08 54.34
CA THR C 79 33.44 45.35 54.20
C THR C 79 32.74 45.43 55.55
N GLY C 80 33.22 44.66 56.54
CA GLY C 80 32.61 44.68 57.85
C GLY C 80 31.32 43.91 57.98
N MET C 81 31.04 43.00 57.05
CA MET C 81 29.81 42.22 57.11
C MET C 81 30.06 40.86 56.45
N GLY C 82 29.26 39.89 56.84
CA GLY C 82 29.39 38.53 56.35
C GLY C 82 30.09 37.63 57.36
N VAL C 83 30.18 36.35 56.99
CA VAL C 83 30.79 35.33 57.84
C VAL C 83 32.04 34.80 57.13
N VAL C 84 33.17 34.80 57.85
CA VAL C 84 34.45 34.49 57.23
C VAL C 84 34.43 33.10 56.61
N GLU C 85 33.84 32.13 57.30
CA GLU C 85 33.83 30.75 56.79
C GLU C 85 33.00 30.63 55.51
N ASP C 86 31.88 31.33 55.44
CA ASP C 86 31.07 31.29 54.23
C ASP C 86 31.78 31.98 53.06
N LYS C 87 32.49 33.08 53.32
CA LYS C 87 33.29 33.70 52.27
C LYS C 87 34.40 32.75 51.81
N VAL C 88 35.00 32.00 52.73
CA VAL C 88 36.00 31.02 52.36
C VAL C 88 35.39 29.95 51.45
N ILE C 89 34.20 29.47 51.81
CA ILE C 89 33.52 28.46 51.00
C ILE C 89 33.24 29.01 49.60
N LYS C 90 32.74 30.24 49.52
CA LYS C 90 32.46 30.84 48.22
C LYS C 90 33.72 31.02 47.39
N ASN C 91 34.81 31.44 48.02
CA ASN C 91 36.06 31.60 47.30
C ASN C 91 36.57 30.26 46.76
N HIS C 92 36.49 29.20 47.57
CA HIS C 92 36.92 27.90 47.09
C HIS C 92 36.02 27.40 45.96
N TYR C 93 34.71 27.63 46.08
CA TYR C 93 33.77 27.22 45.03
C TYR C 93 34.11 27.91 43.71
N ALA C 94 34.22 29.24 43.74
CA ALA C 94 34.38 30.05 42.53
C ALA C 94 35.67 29.74 41.78
N SER C 95 36.62 29.05 42.40
CA SER C 95 37.82 28.59 41.72
C SER C 95 37.71 27.13 41.31
N GLU C 96 37.47 26.23 42.27
CA GLU C 96 37.52 24.81 41.99
C GLU C 96 36.41 24.39 41.02
N TYR C 97 35.16 24.77 41.32
CA TYR C 97 34.06 24.32 40.47
C TYR C 97 34.12 24.96 39.10
N ILE C 98 34.54 26.23 39.02
CA ILE C 98 34.68 26.90 37.75
C ILE C 98 35.74 26.22 36.89
N TYR C 99 36.86 25.83 37.50
CA TYR C 99 37.88 25.11 36.73
C TYR C 99 37.36 23.75 36.29
N ASN C 100 36.67 23.02 37.18
CA ASN C 100 36.23 21.68 36.84
C ASN C 100 35.15 21.67 35.77
N ALA C 101 34.31 22.71 35.72
CA ALA C 101 33.22 22.73 34.76
C ALA C 101 33.73 22.90 33.33
N TYR C 102 34.64 23.85 33.12
CA TYR C 102 35.16 24.18 31.81
C TYR C 102 36.61 23.74 31.64
N LYS C 103 36.97 22.63 32.29
CA LYS C 103 38.33 22.12 32.21
C LYS C 103 38.71 21.72 30.79
N ASN C 104 37.80 21.06 30.08
CA ASN C 104 38.07 20.51 28.76
C ASN C 104 36.96 20.87 27.79
N THR C 105 36.56 22.14 27.78
CA THR C 105 35.58 22.65 26.83
C THR C 105 36.32 23.30 25.67
N LYS C 106 36.14 22.76 24.46
CA LYS C 106 36.80 23.28 23.28
C LYS C 106 36.26 24.66 22.95
N THR C 107 37.14 25.66 22.93
CA THR C 107 36.76 27.03 22.62
C THR C 107 37.80 27.74 21.76
N CYS C 108 38.67 27.00 21.09
CA CYS C 108 39.75 27.58 20.30
C CYS C 108 39.37 27.74 18.83
N GLY C 109 39.06 26.64 18.16
CA GLY C 109 38.82 26.69 16.73
C GLY C 109 37.58 25.93 16.29
N VAL C 110 37.74 25.03 15.32
CA VAL C 110 36.61 24.30 14.76
C VAL C 110 35.99 23.44 15.84
N ILE C 111 34.76 23.75 16.24
CA ILE C 111 34.03 22.99 17.23
C ILE C 111 32.98 22.09 16.60
N GLU C 112 32.34 22.56 15.54
CA GLU C 112 31.34 21.79 14.81
C GLU C 112 31.71 21.73 13.35
N GLU C 113 31.52 20.56 12.74
CA GLU C 113 31.88 20.37 11.33
C GLU C 113 31.01 19.25 10.76
N ASP C 114 30.19 19.59 9.76
CA ASP C 114 29.34 18.62 9.08
C ASP C 114 29.76 18.54 7.62
N PRO C 115 30.59 17.56 7.24
CA PRO C 115 31.05 17.50 5.85
C PRO C 115 29.95 17.24 4.83
N ALA C 116 28.83 16.67 5.25
CA ALA C 116 27.72 16.45 4.32
C ALA C 116 27.21 17.77 3.76
N PHE C 117 27.00 18.75 4.62
CA PHE C 117 26.74 20.13 4.20
C PHE C 117 28.07 20.88 4.19
N GLY C 118 28.01 22.20 4.12
CA GLY C 118 29.21 23.00 4.13
C GLY C 118 29.32 23.91 5.33
N ILE C 119 28.97 23.41 6.51
CA ILE C 119 28.91 24.20 7.74
C ILE C 119 30.13 23.89 8.60
N LYS C 120 30.68 24.93 9.23
CA LYS C 120 31.83 24.79 10.11
C LYS C 120 31.93 26.03 10.99
N LYS C 121 31.97 25.82 12.30
CA LYS C 121 32.03 26.91 13.28
C LYS C 121 33.46 27.09 13.78
N ILE C 122 33.82 28.34 14.09
CA ILE C 122 35.19 28.66 14.43
C ILE C 122 35.34 29.11 15.88
N ALA C 123 34.31 29.80 16.40
CA ALA C 123 34.23 30.12 17.83
C ALA C 123 35.45 30.92 18.31
N GLU C 124 35.59 32.13 17.78
CA GLU C 124 36.70 32.99 18.19
C GLU C 124 36.20 34.04 19.19
N PRO C 125 37.10 34.70 19.93
CA PRO C 125 36.67 35.41 21.14
C PRO C 125 35.98 36.73 20.81
N LEU C 126 35.71 37.47 21.89
CA LEU C 126 34.83 38.64 21.85
C LEU C 126 35.59 39.95 21.92
N GLY C 127 36.41 40.16 22.95
CA GLY C 127 37.14 41.39 23.08
C GLY C 127 37.36 41.85 24.50
N VAL C 128 37.08 43.13 24.77
CA VAL C 128 37.31 43.71 26.09
C VAL C 128 35.98 43.75 26.84
N ILE C 129 35.94 43.12 28.01
CA ILE C 129 34.74 43.03 28.84
C ILE C 129 34.82 44.07 29.94
N ALA C 130 33.75 44.83 30.12
CA ALA C 130 33.63 45.80 31.21
C ALA C 130 32.87 45.12 32.35
N ALA C 131 33.59 44.69 33.38
CA ALA C 131 33.01 43.92 34.47
C ALA C 131 32.69 44.83 35.66
N VAL C 132 31.50 44.66 36.22
CA VAL C 132 31.07 45.39 37.40
C VAL C 132 30.94 44.41 38.56
N ILE C 133 31.53 44.76 39.69
CA ILE C 133 31.61 43.87 40.85
C ILE C 133 30.71 44.43 41.95
N PRO C 134 29.88 43.61 42.59
CA PRO C 134 29.03 44.12 43.67
C PRO C 134 29.77 44.25 44.99
N THR C 135 29.08 44.67 46.03
CA THR C 135 29.67 44.84 47.35
C THR C 135 29.38 43.67 48.29
N THR C 136 28.69 42.64 47.82
CA THR C 136 28.35 41.50 48.68
C THR C 136 29.30 40.33 48.47
N ASN C 137 29.68 40.07 47.21
CA ASN C 137 30.60 38.98 46.86
C ASN C 137 31.73 39.54 46.01
N PRO C 138 32.61 40.36 46.60
CA PRO C 138 33.67 40.98 45.79
C PRO C 138 34.70 39.99 45.26
N THR C 139 35.30 39.22 46.16
CA THR C 139 36.43 38.38 45.78
C THR C 139 35.99 37.18 44.94
N SER C 140 34.89 36.53 45.34
CA SER C 140 34.42 35.37 44.59
C SER C 140 34.01 35.75 43.17
N THR C 141 33.28 36.86 43.03
CA THR C 141 32.89 37.31 41.70
C THR C 141 34.10 37.74 40.88
N ALA C 142 35.07 38.41 41.51
CA ALA C 142 36.27 38.79 40.79
C ALA C 142 37.01 37.56 40.25
N ILE C 143 37.18 36.54 41.10
CA ILE C 143 37.86 35.32 40.67
C ILE C 143 37.09 34.65 39.54
N PHE C 144 35.77 34.54 39.70
CA PHE C 144 34.94 33.87 38.69
C PHE C 144 35.03 34.57 37.35
N LYS C 145 34.82 35.89 37.34
CA LYS C 145 34.84 36.64 36.09
C LYS C 145 36.21 36.61 35.45
N THR C 146 37.27 36.75 36.25
CA THR C 146 38.62 36.73 35.69
C THR C 146 38.96 35.38 35.07
N LEU C 147 38.60 34.29 35.74
CA LEU C 147 38.86 32.96 35.17
C LEU C 147 38.06 32.75 33.89
N ILE C 148 36.80 33.17 33.88
CA ILE C 148 35.96 32.99 32.70
C ILE C 148 36.53 33.79 31.53
N ALA C 149 36.98 35.02 31.79
CA ALA C 149 37.59 35.82 30.73
C ALA C 149 38.89 35.19 30.25
N LEU C 150 39.68 34.63 31.17
CA LEU C 150 40.94 34.00 30.77
C LEU C 150 40.72 32.78 29.88
N LYS C 151 39.68 31.99 30.17
CA LYS C 151 39.43 30.80 29.36
C LYS C 151 39.08 31.14 27.92
N THR C 152 38.33 32.22 27.69
CA THR C 152 37.82 32.56 26.37
C THR C 152 38.76 33.49 25.59
N ARG C 153 39.96 33.76 26.10
CA ARG C 153 40.92 34.64 25.44
C ARG C 153 40.38 36.05 25.29
N ASN C 154 39.81 36.57 26.38
CA ASN C 154 39.28 37.92 26.43
C ASN C 154 40.13 38.79 27.35
N ALA C 155 39.87 40.10 27.30
CA ALA C 155 40.49 41.07 28.20
C ALA C 155 39.41 41.68 29.06
N ILE C 156 39.73 41.91 30.33
CA ILE C 156 38.74 42.31 31.32
C ILE C 156 39.22 43.54 32.08
N ILE C 157 38.30 44.47 32.30
CA ILE C 157 38.52 45.63 33.16
C ILE C 157 37.53 45.53 34.31
N ILE C 158 38.04 45.64 35.54
CA ILE C 158 37.26 45.45 36.75
C ILE C 158 36.94 46.82 37.34
N SER C 159 35.65 47.06 37.60
CA SER C 159 35.20 48.29 38.25
C SER C 159 34.65 47.92 39.62
N PRO C 160 35.45 48.06 40.68
CA PRO C 160 35.03 47.57 42.00
C PRO C 160 34.06 48.52 42.68
N HIS C 161 33.34 47.97 43.65
CA HIS C 161 32.47 48.77 44.48
C HIS C 161 33.31 49.62 45.44
N PRO C 162 32.94 50.87 45.70
CA PRO C 162 33.74 51.70 46.59
C PRO C 162 33.87 51.16 48.01
N ARG C 163 32.95 50.29 48.43
CA ARG C 163 32.98 49.78 49.80
C ARG C 163 34.13 48.80 50.02
N ALA C 164 34.32 47.86 49.09
CA ALA C 164 35.29 46.79 49.26
C ALA C 164 36.36 46.78 48.17
N LYS C 165 36.58 47.91 47.50
CA LYS C 165 37.40 47.95 46.29
C LYS C 165 38.75 47.27 46.48
N ASN C 166 39.44 47.59 47.58
CA ASN C 166 40.78 47.04 47.81
C ASN C 166 40.75 45.52 47.71
N SER C 167 39.83 44.88 48.44
CA SER C 167 39.75 43.42 48.39
C SER C 167 39.60 42.95 46.96
N THR C 168 38.65 43.53 46.23
CA THR C 168 38.45 43.16 44.83
C THR C 168 39.74 43.25 44.06
N ILE C 169 40.43 44.38 44.18
CA ILE C 169 41.67 44.59 43.43
C ILE C 169 42.65 43.49 43.76
N GLU C 170 42.79 43.17 45.06
CA GLU C 170 43.74 42.15 45.46
C GLU C 170 43.44 40.84 44.75
N ALA C 171 42.17 40.45 44.70
CA ALA C 171 41.80 39.21 44.03
C ALA C 171 42.31 39.20 42.60
N ALA C 172 42.12 40.30 41.87
CA ALA C 172 42.58 40.37 40.50
C ALA C 172 44.07 40.11 40.43
N LYS C 173 44.85 40.74 41.30
CA LYS C 173 46.29 40.54 41.29
C LYS C 173 46.63 39.07 41.46
N ILE C 174 45.92 38.39 42.37
CA ILE C 174 46.24 36.99 42.65
C ILE C 174 46.14 36.15 41.39
N VAL C 175 45.25 36.53 40.47
CA VAL C 175 45.15 35.80 39.22
C VAL C 175 46.17 36.31 38.22
N LEU C 176 46.34 37.64 38.14
CA LEU C 176 47.12 38.24 37.06
C LEU C 176 48.56 37.75 37.11
N GLU C 177 49.20 37.83 38.28
CA GLU C 177 50.59 37.42 38.41
C GLU C 177 50.76 35.93 38.10
N ALA C 178 49.68 35.16 38.14
CA ALA C 178 49.75 33.77 37.69
C ALA C 178 49.69 33.66 36.18
N ALA C 179 48.75 34.37 35.55
CA ALA C 179 48.59 34.26 34.10
C ALA C 179 49.86 34.69 33.37
N VAL C 180 50.42 35.82 33.77
CA VAL C 180 51.68 36.28 33.19
C VAL C 180 52.78 35.26 33.41
N LYS C 181 52.74 34.54 34.52
CA LYS C 181 53.74 33.50 34.76
C LYS C 181 53.55 32.31 33.82
N ALA C 182 52.31 32.06 33.40
CA ALA C 182 52.04 30.94 32.50
C ALA C 182 52.29 31.26 31.04
N GLY C 183 52.40 32.54 30.68
CA GLY C 183 52.69 32.92 29.32
C GLY C 183 51.69 33.90 28.73
N ALA C 184 50.83 34.45 29.55
CA ALA C 184 49.83 35.41 29.11
C ALA C 184 50.45 36.77 28.88
N PRO C 185 49.81 37.63 28.10
CA PRO C 185 50.31 39.01 27.93
C PRO C 185 50.36 39.76 29.25
N GLU C 186 50.96 40.95 29.20
CA GLU C 186 51.24 41.69 30.42
C GLU C 186 49.98 42.36 30.99
N GLY C 187 49.36 43.26 30.23
CA GLY C 187 48.22 44.00 30.74
C GLY C 187 46.88 43.42 30.36
N ILE C 188 46.74 42.09 30.47
CA ILE C 188 45.52 41.43 30.03
C ILE C 188 44.35 41.79 30.95
N ILE C 189 44.64 42.07 32.22
CA ILE C 189 43.61 42.37 33.22
C ILE C 189 43.87 43.77 33.76
N GLY C 190 42.82 44.60 33.80
CA GLY C 190 42.94 45.93 34.35
C GLY C 190 41.88 46.17 35.41
N TRP C 191 42.09 47.23 36.18
CA TRP C 191 41.14 47.59 37.24
C TRP C 191 41.18 49.09 37.47
N ILE C 192 40.14 49.60 38.10
CA ILE C 192 40.01 51.01 38.43
C ILE C 192 40.25 51.19 39.93
N ASP C 193 41.22 52.03 40.28
CA ASP C 193 41.55 52.24 41.69
C ASP C 193 40.49 53.10 42.37
N VAL C 194 40.04 54.16 41.72
CA VAL C 194 39.07 55.09 42.28
C VAL C 194 37.82 55.08 41.40
N PRO C 195 36.80 54.31 41.79
CA PRO C 195 35.58 54.26 40.99
C PRO C 195 34.63 55.40 41.31
N SER C 196 33.99 55.91 40.26
CA SER C 196 33.03 57.00 40.37
C SER C 196 32.01 56.87 39.26
N LEU C 197 30.96 57.71 39.33
CA LEU C 197 29.89 57.63 38.35
C LEU C 197 30.38 57.98 36.95
N GLU C 198 31.08 59.11 36.82
CA GLU C 198 31.55 59.53 35.50
C GLU C 198 32.57 58.54 34.94
N LEU C 199 33.47 58.02 35.78
CA LEU C 199 34.45 57.08 35.29
C LEU C 199 33.81 55.78 34.84
N THR C 200 32.83 55.29 35.60
CA THR C 200 32.11 54.07 35.20
C THR C 200 31.35 54.29 33.89
N ASN C 201 30.70 55.46 33.75
CA ASN C 201 30.01 55.77 32.51
C ASN C 201 30.98 55.82 31.34
N LEU C 202 32.17 56.36 31.56
CA LEU C 202 33.18 56.38 30.52
C LEU C 202 33.62 54.97 30.12
N VAL C 203 33.79 54.09 31.12
CA VAL C 203 34.18 52.71 30.83
C VAL C 203 33.10 52.01 30.02
N MET C 204 31.84 52.19 30.41
CA MET C 204 30.76 51.49 29.75
C MET C 204 30.63 51.91 28.29
N ARG C 205 31.12 53.09 27.94
CA ARG C 205 30.96 53.59 26.58
C ARG C 205 32.09 53.19 25.64
N GLU C 206 33.16 52.57 26.15
CA GLU C 206 34.28 52.16 25.31
C GLU C 206 34.68 50.71 25.50
N ALA C 207 33.76 49.83 25.90
CA ALA C 207 34.03 48.41 26.00
C ALA C 207 33.41 47.67 24.82
N ASP C 208 33.45 46.34 24.90
CA ASP C 208 32.76 45.52 23.91
C ASP C 208 31.42 45.03 24.46
N VAL C 209 31.47 44.31 25.59
CA VAL C 209 30.28 43.87 26.30
C VAL C 209 30.46 44.18 27.78
N ILE C 210 29.36 44.58 28.41
CA ILE C 210 29.38 45.00 29.81
C ILE C 210 28.75 43.88 30.64
N LEU C 211 29.55 43.23 31.47
CA LEU C 211 29.05 42.23 32.43
C LEU C 211 28.74 42.92 33.76
N ALA C 212 27.45 43.25 33.92
CA ALA C 212 27.00 43.87 35.15
C ALA C 212 26.53 42.78 36.12
N THR C 213 26.59 43.08 37.40
CA THR C 213 26.21 42.15 38.46
C THR C 213 25.18 42.86 39.36
N GLY C 214 24.73 42.26 40.45
CA GLY C 214 23.64 42.77 41.29
C GLY C 214 23.65 44.25 41.60
N GLY C 215 22.46 44.83 41.69
CA GLY C 215 22.30 46.23 41.98
C GLY C 215 21.57 46.95 40.87
N PRO C 216 20.32 47.36 41.15
CA PRO C 216 19.54 48.10 40.16
C PRO C 216 20.11 49.49 39.94
N GLY C 217 19.82 50.07 38.77
CA GLY C 217 20.40 51.35 38.41
C GLY C 217 21.69 51.17 37.63
N LEU C 218 22.58 50.31 38.13
CA LEU C 218 23.77 49.98 37.38
C LEU C 218 23.46 49.10 36.18
N VAL C 219 22.52 48.17 36.33
CA VAL C 219 22.07 47.38 35.18
C VAL C 219 21.35 48.26 34.17
N LYS C 220 20.49 49.16 34.66
CA LYS C 220 19.78 50.08 33.76
C LYS C 220 20.75 51.00 33.03
N ALA C 221 21.83 51.41 33.72
CA ALA C 221 22.85 52.22 33.06
C ALA C 221 23.65 51.40 32.06
N ALA C 222 23.90 50.12 32.37
CA ALA C 222 24.60 49.25 31.45
C ALA C 222 23.79 49.00 30.18
N TYR C 223 22.48 48.92 30.30
CA TYR C 223 21.61 48.75 29.15
C TYR C 223 21.26 50.06 28.47
N SER C 224 21.81 51.18 28.94
CA SER C 224 21.59 52.49 28.32
C SER C 224 22.88 53.09 27.78
N SER C 225 23.90 52.25 27.56
CA SER C 225 25.19 52.74 27.10
C SER C 225 25.38 52.60 25.59
N GLY C 226 24.46 51.94 24.91
CA GLY C 226 24.59 51.71 23.48
C GLY C 226 25.45 50.54 23.09
N LYS C 227 25.80 49.67 24.02
CA LYS C 227 26.66 48.52 23.76
C LYS C 227 26.04 47.30 24.42
N PRO C 228 26.36 46.10 23.94
CA PRO C 228 25.77 44.88 24.51
C PRO C 228 26.10 44.71 25.99
N ALA C 229 25.11 44.25 26.75
CA ALA C 229 25.26 44.09 28.19
C ALA C 229 24.65 42.77 28.63
N ILE C 230 25.17 42.26 29.74
CA ILE C 230 24.66 41.06 30.39
C ILE C 230 24.50 41.44 31.86
N GLY C 231 23.25 41.64 32.30
CA GLY C 231 22.99 42.10 33.65
C GLY C 231 22.43 41.03 34.57
N VAL C 232 22.24 41.38 35.83
CA VAL C 232 21.72 40.46 36.84
C VAL C 232 20.55 41.14 37.53
N GLY C 233 19.40 40.50 37.53
CA GLY C 233 18.27 40.97 38.30
C GLY C 233 18.33 40.53 39.75
N ALA C 234 17.41 41.05 40.54
CA ALA C 234 17.35 40.72 41.96
C ALA C 234 15.91 40.86 42.44
N GLY C 235 15.60 40.19 43.55
CA GLY C 235 14.27 40.31 44.12
C GLY C 235 13.96 39.13 45.04
N ASN C 236 12.68 38.97 45.32
CA ASN C 236 12.23 37.99 46.30
C ASN C 236 12.38 36.57 45.77
N THR C 237 12.54 35.63 46.71
CA THR C 237 12.66 34.21 46.41
C THR C 237 11.71 33.44 47.31
N PRO C 238 10.44 33.36 46.93
CA PRO C 238 9.47 32.62 47.76
C PRO C 238 9.76 31.13 47.77
N ALA C 239 9.38 30.49 48.87
CA ALA C 239 9.45 29.05 49.02
C ALA C 239 8.09 28.53 49.46
N ILE C 240 7.58 27.54 48.73
CA ILE C 240 6.28 26.93 49.01
C ILE C 240 6.52 25.67 49.82
N ILE C 241 5.73 25.49 50.88
CA ILE C 241 5.73 24.26 51.67
C ILE C 241 4.30 23.74 51.75
N ASP C 242 4.00 22.68 51.01
CA ASP C 242 2.65 22.13 51.02
C ASP C 242 2.51 21.01 52.05
N ASP C 243 1.38 20.30 52.01
CA ASP C 243 1.08 19.26 52.97
C ASP C 243 1.98 18.03 52.86
N SER C 244 2.25 17.56 51.65
CA SER C 244 3.03 16.34 51.46
C SER C 244 4.53 16.56 51.57
N ALA C 245 4.98 17.80 51.74
CA ALA C 245 6.39 18.08 51.82
C ALA C 245 7.00 17.48 53.08
N ASP C 246 8.29 17.19 53.02
CA ASP C 246 9.04 16.75 54.20
C ASP C 246 9.31 17.98 55.07
N ILE C 247 8.67 18.02 56.23
CA ILE C 247 8.70 19.23 57.06
C ILE C 247 10.11 19.48 57.59
N VAL C 248 10.76 18.43 58.10
CA VAL C 248 12.11 18.59 58.64
C VAL C 248 13.08 19.00 57.55
N LEU C 249 12.98 18.35 56.38
CA LEU C 249 13.85 18.70 55.26
C LEU C 249 13.65 20.15 54.84
N ALA C 250 12.38 20.56 54.68
CA ALA C 250 12.07 21.91 54.23
C ALA C 250 12.60 22.95 55.21
N VAL C 251 12.30 22.76 56.50
CA VAL C 251 12.70 23.75 57.51
C VAL C 251 14.22 23.83 57.60
N ASN C 252 14.89 22.67 57.62
CA ASN C 252 16.35 22.67 57.76
C ASN C 252 17.03 23.28 56.54
N SER C 253 16.53 22.97 55.34
CA SER C 253 17.10 23.56 54.14
C SER C 253 16.87 25.07 54.10
N ILE C 254 15.68 25.52 54.53
CA ILE C 254 15.40 26.96 54.57
C ILE C 254 16.35 27.66 55.55
N ILE C 255 16.56 27.05 56.72
CA ILE C 255 17.47 27.64 57.70
C ILE C 255 18.89 27.70 57.15
N HIS C 256 19.33 26.61 56.52
CA HIS C 256 20.68 26.59 55.94
C HIS C 256 20.85 27.68 54.89
N SER C 257 19.90 27.77 53.95
CA SER C 257 20.00 28.77 52.89
C SER C 257 19.89 30.19 53.43
N LYS C 258 19.12 30.40 54.48
CA LYS C 258 18.95 31.73 55.04
C LYS C 258 20.16 32.17 55.87
N THR C 259 20.82 31.22 56.54
CA THR C 259 21.97 31.55 57.37
C THR C 259 23.30 31.47 56.61
N PHE C 260 23.30 30.94 55.39
CA PHE C 260 24.54 30.94 54.61
C PHE C 260 25.00 32.37 54.31
N ASP C 261 26.11 32.77 54.91
CA ASP C 261 26.68 34.12 54.73
C ASP C 261 25.69 35.20 55.15
N ASN C 262 24.90 34.91 56.19
CA ASN C 262 23.91 35.84 56.74
C ASN C 262 22.92 36.31 55.67
N GLY C 263 22.58 35.43 54.74
CA GLY C 263 21.63 35.75 53.70
C GLY C 263 22.05 36.86 52.76
N MET C 264 23.34 37.22 52.75
CA MET C 264 23.80 38.31 51.90
C MET C 264 23.77 37.93 50.43
N ILE C 265 24.08 36.68 50.10
CA ILE C 265 24.04 36.22 48.73
C ILE C 265 22.60 36.25 48.22
N CYS C 266 22.43 36.70 46.99
CA CYS C 266 21.11 36.74 46.39
C CYS C 266 20.55 35.33 46.21
N ALA C 267 19.31 35.27 45.71
CA ALA C 267 18.57 34.02 45.54
C ALA C 267 18.35 33.28 46.84
N SER C 268 18.28 33.99 47.97
CA SER C 268 17.96 33.40 49.25
C SER C 268 16.49 33.63 49.58
N GLU C 269 15.91 32.68 50.32
CA GLU C 269 14.49 32.76 50.65
C GLU C 269 14.19 34.03 51.42
N GLN C 270 13.17 34.76 50.96
CA GLN C 270 12.71 35.96 51.64
C GLN C 270 11.36 35.76 52.32
N SER C 271 10.50 34.93 51.76
CA SER C 271 9.21 34.63 52.35
C SER C 271 8.92 33.15 52.14
N VAL C 272 8.19 32.56 53.08
CA VAL C 272 7.78 31.16 53.02
C VAL C 272 6.27 31.09 53.16
N ILE C 273 5.64 30.29 52.30
CA ILE C 273 4.20 30.10 52.29
C ILE C 273 3.93 28.65 52.66
N VAL C 274 3.27 28.43 53.78
CA VAL C 274 3.04 27.08 54.32
C VAL C 274 1.54 26.86 54.51
N LEU C 275 1.09 25.68 54.10
CA LEU C 275 -0.31 25.34 54.11
C LEU C 275 -0.81 25.07 55.54
N ASP C 276 -2.13 25.03 55.68
CA ASP C 276 -2.74 24.83 56.99
C ASP C 276 -2.57 23.40 57.50
N GLY C 277 -2.34 22.43 56.61
CA GLY C 277 -2.30 21.05 57.03
C GLY C 277 -1.17 20.74 57.99
N VAL C 278 -0.03 21.40 57.82
CA VAL C 278 1.16 21.14 58.63
C VAL C 278 1.69 22.43 59.26
N TYR C 279 0.95 23.53 59.12
CA TYR C 279 1.43 24.83 59.58
C TYR C 279 2.01 24.75 60.99
N LYS C 280 1.19 24.36 61.96
CA LYS C 280 1.65 24.27 63.35
C LYS C 280 2.93 23.46 63.44
N GLU C 281 2.94 22.27 62.81
CA GLU C 281 4.13 21.43 62.84
C GLU C 281 5.35 22.20 62.39
N VAL C 282 5.24 22.88 61.24
CA VAL C 282 6.37 23.64 60.72
C VAL C 282 6.86 24.63 61.76
N LYS C 283 5.91 25.35 62.39
CA LYS C 283 6.29 26.32 63.41
C LYS C 283 7.13 25.67 64.49
N LYS C 284 6.68 24.50 64.98
CA LYS C 284 7.43 23.83 66.03
C LYS C 284 8.84 23.50 65.58
N GLU C 285 8.97 23.03 64.34
CA GLU C 285 10.29 22.65 63.84
C GLU C 285 11.23 23.84 63.78
N PHE C 286 10.69 25.05 63.68
CA PHE C 286 11.55 26.23 63.77
C PHE C 286 12.01 26.45 65.20
N GLU C 287 11.08 26.38 66.16
CA GLU C 287 11.43 26.68 67.55
C GLU C 287 12.41 25.66 68.13
N LYS C 288 12.41 24.43 67.60
CA LYS C 288 13.36 23.43 68.07
C LYS C 288 14.78 23.78 67.69
N ARG C 289 14.98 24.60 66.66
CA ARG C 289 16.32 24.82 66.13
C ARG C 289 16.72 26.29 66.07
N GLY C 290 16.50 27.01 67.16
CA GLY C 290 17.02 28.35 67.30
C GLY C 290 16.37 29.39 66.40
N CYS C 291 15.10 29.69 66.66
CA CYS C 291 14.38 30.71 65.90
C CYS C 291 13.51 31.52 66.85
N TYR C 292 13.29 32.78 66.49
CA TYR C 292 12.54 33.70 67.34
C TYR C 292 11.40 34.31 66.54
N PHE C 293 10.19 34.28 67.10
CA PHE C 293 8.99 34.77 66.43
C PHE C 293 8.60 36.13 66.99
N LEU C 294 8.42 37.09 66.09
CA LEU C 294 8.01 38.45 66.45
C LEU C 294 6.48 38.50 66.46
N ASN C 295 5.91 38.86 67.61
CA ASN C 295 4.46 38.74 67.75
C ASN C 295 3.69 40.02 67.46
N GLU C 296 3.86 41.06 68.28
CA GLU C 296 3.06 42.27 68.12
C GLU C 296 3.88 43.53 67.88
N ASP C 297 4.82 43.84 68.78
CA ASP C 297 5.53 45.12 68.75
C ASP C 297 6.89 45.02 68.09
N GLU C 298 7.64 43.96 68.38
CA GLU C 298 8.92 43.76 67.72
C GLU C 298 8.75 43.58 66.22
N THR C 299 7.61 43.01 65.80
CA THR C 299 7.30 42.93 64.38
C THR C 299 7.29 44.31 63.74
N GLU C 300 6.55 45.25 64.35
CA GLU C 300 6.47 46.60 63.80
C GLU C 300 7.82 47.31 63.89
N LYS C 301 8.56 47.09 64.98
CA LYS C 301 9.88 47.71 65.10
C LYS C 301 10.81 47.26 63.97
N VAL C 302 10.86 45.96 63.70
CA VAL C 302 11.67 45.46 62.60
C VAL C 302 11.14 46.00 61.27
N ARG C 303 9.82 46.12 61.15
CA ARG C 303 9.23 46.67 59.93
C ARG C 303 9.71 48.09 59.66
N LYS C 304 9.81 48.90 60.72
CA LYS C 304 10.36 50.25 60.55
C LYS C 304 11.84 50.20 60.23
N THR C 305 12.58 49.32 60.88
CA THR C 305 14.05 49.35 60.75
C THR C 305 14.51 48.88 59.37
N ILE C 306 13.84 47.87 58.81
CA ILE C 306 14.31 47.26 57.57
C ILE C 306 14.25 48.25 56.41
N ILE C 307 13.16 49.01 56.31
CA ILE C 307 12.93 49.93 55.20
C ILE C 307 12.96 51.34 55.76
N ILE C 308 13.85 52.17 55.23
CA ILE C 308 13.97 53.56 55.62
C ILE C 308 13.63 54.43 54.42
N ASN C 309 12.43 55.01 54.43
CA ASN C 309 11.95 55.90 53.37
C ASN C 309 12.00 55.19 52.00
N GLY C 310 11.40 54.01 51.96
CA GLY C 310 11.34 53.25 50.72
C GLY C 310 12.67 52.80 50.19
N ALA C 311 13.57 52.37 51.08
CA ALA C 311 14.88 51.88 50.67
C ALA C 311 15.40 50.92 51.74
N LEU C 312 16.37 50.08 51.35
CA LEU C 312 16.91 49.10 52.29
C LEU C 312 17.92 49.75 53.21
N ASN C 313 17.82 49.46 54.51
CA ASN C 313 18.75 50.00 55.48
C ASN C 313 20.13 49.36 55.30
N ALA C 314 21.14 50.20 55.10
CA ALA C 314 22.49 49.73 54.81
C ALA C 314 23.28 49.35 56.05
N LYS C 315 22.75 49.51 57.27
CA LYS C 315 23.49 49.21 58.48
C LYS C 315 23.08 47.87 59.08
N ILE C 316 22.25 47.09 58.38
CA ILE C 316 21.79 45.80 58.89
C ILE C 316 22.06 44.71 57.86
N VAL C 317 22.53 45.11 56.68
CA VAL C 317 22.78 44.14 55.61
C VAL C 317 23.96 43.25 56.00
N GLY C 318 23.74 41.94 55.93
CA GLY C 318 24.79 40.99 56.25
C GLY C 318 25.03 40.75 57.71
N GLN C 319 24.25 41.37 58.59
CA GLN C 319 24.45 41.24 60.03
C GLN C 319 23.67 40.03 60.56
N LYS C 320 23.96 39.67 61.81
CA LYS C 320 23.29 38.55 62.45
C LYS C 320 21.91 38.96 62.96
N ALA C 321 21.18 37.99 63.49
CA ALA C 321 19.85 38.26 64.03
C ALA C 321 19.93 39.12 65.29
N HIS C 322 20.93 38.86 66.13
CA HIS C 322 21.08 39.63 67.37
C HIS C 322 21.33 41.10 67.08
N THR C 323 22.20 41.39 66.11
CA THR C 323 22.48 42.79 65.77
C THR C 323 21.25 43.49 65.23
N ILE C 324 20.48 42.80 64.38
CA ILE C 324 19.26 43.39 63.83
C ILE C 324 18.27 43.68 64.94
N ALA C 325 18.10 42.74 65.88
CA ALA C 325 17.20 42.96 67.00
C ALA C 325 17.67 44.12 67.87
N ASN C 326 18.98 44.20 68.12
CA ASN C 326 19.52 45.27 68.96
C ASN C 326 19.30 46.63 68.32
N LEU C 327 19.53 46.74 67.02
CA LEU C 327 19.23 48.00 66.33
C LEU C 327 17.74 48.28 66.31
N ALA C 328 16.90 47.24 66.23
CA ALA C 328 15.46 47.44 66.26
C ALA C 328 14.99 48.01 67.59
N GLY C 329 15.52 47.51 68.70
CA GLY C 329 15.16 48.03 70.01
C GLY C 329 14.68 46.99 71.00
N PHE C 330 14.96 45.72 70.74
CA PHE C 330 14.61 44.66 71.66
C PHE C 330 15.75 43.65 71.70
N GLU C 331 15.74 42.80 72.72
CA GLU C 331 16.85 41.89 73.00
C GLU C 331 16.44 40.45 72.71
N VAL C 332 17.36 39.71 72.09
CA VAL C 332 17.16 38.30 71.77
C VAL C 332 18.39 37.53 72.22
N PRO C 333 18.24 36.22 72.46
CA PRO C 333 19.41 35.40 72.82
C PRO C 333 20.46 35.43 71.72
N GLU C 334 21.73 35.35 72.13
CA GLU C 334 22.83 35.42 71.18
C GLU C 334 22.79 34.24 70.20
N THR C 335 22.20 33.12 70.59
CA THR C 335 22.22 31.93 69.76
C THR C 335 21.07 31.87 68.77
N THR C 336 20.23 32.91 68.69
CA THR C 336 19.14 32.91 67.72
C THR C 336 19.70 33.02 66.30
N LYS C 337 18.93 32.49 65.35
CA LYS C 337 19.34 32.47 63.95
C LYS C 337 18.45 33.32 63.06
N ILE C 338 17.14 33.09 63.08
CA ILE C 338 16.22 33.74 62.15
C ILE C 338 15.14 34.46 62.95
N LEU C 339 14.81 35.68 62.54
CA LEU C 339 13.71 36.45 63.10
C LEU C 339 12.50 36.30 62.19
N ILE C 340 11.53 35.50 62.60
CA ILE C 340 10.35 35.21 61.78
C ILE C 340 9.22 36.14 62.20
N GLY C 341 8.68 36.88 61.23
CA GLY C 341 7.50 37.68 61.47
C GLY C 341 6.29 37.18 60.70
N GLU C 342 5.32 36.61 61.42
CA GLU C 342 4.13 36.05 60.80
C GLU C 342 3.17 37.18 60.43
N VAL C 343 2.84 37.26 59.14
CA VAL C 343 2.05 38.36 58.59
C VAL C 343 1.02 37.77 57.63
N THR C 344 0.12 38.64 57.14
CA THR C 344 -0.95 38.23 56.26
C THR C 344 -0.97 38.95 54.92
N SER C 345 -0.72 40.26 54.90
CA SER C 345 -0.83 41.03 53.67
C SER C 345 0.33 40.74 52.72
N VAL C 346 0.12 41.03 51.44
CA VAL C 346 1.10 40.75 50.40
C VAL C 346 1.36 41.99 49.55
N ASP C 347 0.63 43.06 49.79
CA ASP C 347 0.73 44.30 49.02
C ASP C 347 2.10 44.92 49.21
N ILE C 348 2.48 45.78 48.24
CA ILE C 348 3.79 46.41 48.27
C ILE C 348 3.92 47.38 49.45
N SER C 349 2.79 47.81 50.01
CA SER C 349 2.83 48.71 51.15
C SER C 349 3.52 48.07 52.35
N GLU C 350 3.31 46.77 52.57
CA GLU C 350 3.97 46.09 53.67
C GLU C 350 5.47 45.98 53.42
N GLU C 351 6.24 45.97 54.50
CA GLU C 351 7.70 45.96 54.40
C GLU C 351 8.30 44.57 54.41
N PHE C 352 7.66 43.60 55.08
CA PHE C 352 8.17 42.23 55.07
C PHE C 352 8.03 41.54 53.72
N ALA C 353 7.30 42.14 52.78
CA ALA C 353 7.19 41.60 51.43
C ALA C 353 8.29 42.10 50.51
N HIS C 354 9.19 42.94 51.01
CA HIS C 354 10.26 43.50 50.19
C HIS C 354 11.48 42.59 50.19
N GLU C 355 12.52 43.02 49.49
CA GLU C 355 13.74 42.23 49.31
C GLU C 355 14.79 42.75 50.29
N LYS C 356 15.14 41.93 51.28
CA LYS C 356 16.08 42.30 52.31
C LYS C 356 17.24 41.30 52.36
N LEU C 357 18.46 41.82 52.49
CA LEU C 357 19.65 40.98 52.64
C LEU C 357 19.94 40.74 54.12
N CYS C 358 18.95 40.24 54.82
CA CYS C 358 19.03 40.05 56.26
C CYS C 358 18.45 38.69 56.60
N PRO C 359 18.79 38.14 57.76
CA PRO C 359 18.14 36.90 58.20
C PRO C 359 16.70 37.10 58.67
N VAL C 360 16.16 38.28 58.42
CA VAL C 360 14.75 38.55 58.72
C VAL C 360 13.89 37.77 57.73
N LEU C 361 12.92 37.02 58.25
CA LEU C 361 12.08 36.15 57.44
C LEU C 361 10.61 36.37 57.79
N ALA C 362 9.75 36.15 56.80
CA ALA C 362 8.31 36.30 56.96
C ALA C 362 7.61 35.00 56.57
N MET C 363 6.61 34.61 57.36
CA MET C 363 5.84 33.40 57.11
C MET C 363 4.41 33.76 56.77
N TYR C 364 3.84 33.06 55.80
CA TYR C 364 2.48 33.27 55.33
C TYR C 364 1.64 32.02 55.58
N ARG C 365 0.34 32.24 55.76
CA ARG C 365 -0.62 31.17 55.98
C ARG C 365 -1.49 31.03 54.74
N ALA C 366 -1.54 29.83 54.18
CA ALA C 366 -2.32 29.57 52.98
C ALA C 366 -3.31 28.45 53.24
N LYS C 367 -4.53 28.62 52.75
CA LYS C 367 -5.59 27.64 52.96
C LYS C 367 -5.55 26.54 51.91
N ASP C 368 -5.24 26.89 50.67
CA ASP C 368 -5.21 25.94 49.56
C ASP C 368 -3.98 26.21 48.69
N PHE C 369 -3.61 25.18 47.92
CA PHE C 369 -2.45 25.30 47.03
C PHE C 369 -2.61 26.45 46.04
N ASP C 370 -3.82 26.66 45.53
CA ASP C 370 -4.05 27.77 44.61
C ASP C 370 -3.82 29.11 45.28
N ASP C 371 -4.22 29.24 46.55
CA ASP C 371 -3.98 30.48 47.28
C ASP C 371 -2.49 30.73 47.46
N ALA C 372 -1.73 29.68 47.80
CA ALA C 372 -0.28 29.81 47.92
C ALA C 372 0.34 30.21 46.59
N LEU C 373 -0.12 29.62 45.49
CA LEU C 373 0.40 29.99 44.18
C LEU C 373 0.08 31.44 43.86
N ASP C 374 -1.13 31.89 44.18
CA ASP C 374 -1.50 33.28 43.92
C ASP C 374 -0.63 34.24 44.72
N LYS C 375 -0.39 33.92 46.00
CA LYS C 375 0.46 34.79 46.82
C LYS C 375 1.89 34.81 46.29
N ALA C 376 2.42 33.65 45.92
CA ALA C 376 3.79 33.59 45.40
C ALA C 376 3.92 34.39 44.11
N GLU C 377 2.94 34.25 43.21
CA GLU C 377 2.96 35.01 41.97
C GLU C 377 2.86 36.50 42.24
N ARG C 378 2.02 36.91 43.19
CA ARG C 378 1.88 38.32 43.52
C ARG C 378 3.21 38.89 44.01
N LEU C 379 3.85 38.22 44.97
CA LEU C 379 5.08 38.77 45.53
C LEU C 379 6.30 38.52 44.65
N VAL C 380 6.17 37.71 43.60
CA VAL C 380 7.23 37.64 42.59
C VAL C 380 7.07 38.76 41.57
N ALA C 381 5.84 39.08 41.17
CA ALA C 381 5.63 40.15 40.20
C ALA C 381 6.16 41.47 40.73
N ASP C 382 5.91 41.78 42.00
CA ASP C 382 6.48 42.96 42.65
C ASP C 382 7.74 42.61 43.43
N GLY C 383 8.77 42.17 42.71
CA GLY C 383 9.98 41.67 43.33
C GLY C 383 10.87 40.94 42.35
N GLY C 384 11.27 39.72 42.69
CA GLY C 384 12.14 38.94 41.83
C GLY C 384 11.43 38.41 40.61
N PHE C 385 11.05 39.31 39.70
CA PHE C 385 10.32 38.92 38.50
C PHE C 385 11.27 38.22 37.53
N GLY C 386 11.43 36.92 37.70
CA GLY C 386 12.32 36.13 36.88
C GLY C 386 13.49 35.49 37.59
N HIS C 387 13.67 35.78 38.88
CA HIS C 387 14.79 35.23 39.64
C HIS C 387 14.35 33.91 40.26
N THR C 388 15.13 33.37 41.19
CA THR C 388 14.91 32.04 41.72
C THR C 388 13.63 31.97 42.55
N SER C 389 13.01 30.77 42.57
CA SER C 389 11.88 30.47 43.43
C SER C 389 11.95 28.99 43.78
N SER C 390 11.36 28.61 44.92
CA SER C 390 11.52 27.27 45.45
C SER C 390 10.20 26.68 45.92
N LEU C 391 10.10 25.36 45.84
CA LEU C 391 8.94 24.63 46.33
C LEU C 391 9.40 23.28 46.88
N TYR C 392 8.78 22.86 47.99
CA TYR C 392 9.05 21.58 48.62
C TYR C 392 7.81 20.72 48.52
N ILE C 393 7.95 19.54 47.90
CA ILE C 393 6.84 18.63 47.67
C ILE C 393 7.40 17.21 47.60
N ASP C 394 6.51 16.22 47.60
CA ASP C 394 6.85 14.83 47.36
C ASP C 394 6.72 14.58 45.86
N THR C 395 7.85 14.50 45.16
CA THR C 395 7.83 14.38 43.70
C THR C 395 7.65 12.92 43.28
N VAL C 396 6.66 12.25 43.85
CA VAL C 396 6.31 10.90 43.42
C VAL C 396 4.82 10.87 43.09
N THR C 397 4.00 11.42 43.98
CA THR C 397 2.55 11.39 43.86
C THR C 397 1.96 12.70 43.36
N GLN C 398 2.38 13.83 43.92
CA GLN C 398 1.82 15.13 43.56
C GLN C 398 2.47 15.64 42.28
N LYS C 399 2.22 14.92 41.19
CA LYS C 399 2.77 15.30 39.90
C LYS C 399 2.02 16.50 39.30
N GLU C 400 0.71 16.55 39.47
CA GLU C 400 -0.08 17.64 38.90
C GLU C 400 0.26 18.97 39.55
N LYS C 401 0.47 18.98 40.87
CA LYS C 401 0.82 20.21 41.57
C LYS C 401 2.16 20.76 41.08
N LEU C 402 3.15 19.88 40.89
CA LEU C 402 4.45 20.32 40.40
C LEU C 402 4.33 20.88 39.00
N GLN C 403 3.54 20.24 38.13
CA GLN C 403 3.33 20.75 36.78
C GLN C 403 2.66 22.12 36.80
N LYS C 404 1.66 22.28 37.66
CA LYS C 404 0.97 23.58 37.75
C LYS C 404 1.93 24.66 38.25
N PHE C 405 2.78 24.32 39.22
CA PHE C 405 3.78 25.28 39.70
C PHE C 405 4.76 25.65 38.60
N SER C 406 5.21 24.65 37.82
CA SER C 406 6.13 24.94 36.72
C SER C 406 5.50 25.85 35.69
N GLU C 407 4.22 25.62 35.37
CA GLU C 407 3.54 26.48 34.40
C GLU C 407 3.32 27.89 34.94
N ARG C 408 2.96 28.01 36.22
CA ARG C 408 2.51 29.30 36.75
C ARG C 408 3.65 30.29 36.95
N MET C 409 4.81 29.83 37.43
CA MET C 409 5.86 30.75 37.88
C MET C 409 6.60 31.35 36.69
N LYS C 410 6.71 32.67 36.68
CA LYS C 410 7.50 33.40 35.69
C LYS C 410 8.90 33.63 36.24
N THR C 411 9.56 32.53 36.57
CA THR C 411 10.89 32.55 37.17
C THR C 411 11.82 31.62 36.41
N CYS C 412 13.06 32.08 36.22
CA CYS C 412 14.04 31.36 35.40
C CYS C 412 14.57 30.09 36.06
N ARG C 413 14.59 30.02 37.39
CA ARG C 413 15.06 28.84 38.11
C ARG C 413 13.92 28.29 38.95
N ILE C 414 13.60 27.01 38.73
CA ILE C 414 12.60 26.30 39.51
C ILE C 414 13.32 25.23 40.30
N LEU C 415 13.58 25.50 41.57
CA LEU C 415 14.25 24.56 42.45
C LEU C 415 13.21 23.80 43.26
N VAL C 416 13.38 22.48 43.33
CA VAL C 416 12.46 21.60 44.06
C VAL C 416 13.26 20.85 45.11
N ASN C 417 12.83 20.97 46.37
CA ASN C 417 13.48 20.31 47.50
C ASN C 417 14.96 20.67 47.62
N THR C 418 15.30 21.93 47.35
CA THR C 418 16.69 22.36 47.36
C THR C 418 16.78 23.77 47.95
N PRO C 419 17.77 24.01 48.81
CA PRO C 419 17.99 25.38 49.30
C PRO C 419 18.23 26.35 48.15
N SER C 420 17.59 27.52 48.24
CA SER C 420 17.57 28.44 47.11
C SER C 420 18.93 29.09 46.88
N SER C 421 19.59 29.54 47.95
CA SER C 421 20.86 30.23 47.81
C SER C 421 21.94 29.35 47.19
N GLN C 422 22.08 28.12 47.64
CA GLN C 422 23.07 27.20 47.10
C GLN C 422 22.55 26.39 45.92
N GLY C 423 21.24 26.47 45.62
CA GLY C 423 20.69 25.90 44.42
C GLY C 423 20.66 26.83 43.23
N GLY C 424 20.61 28.14 43.47
CA GLY C 424 20.71 29.09 42.37
C GLY C 424 22.06 29.02 41.68
N ILE C 425 23.13 28.99 42.46
CA ILE C 425 24.46 28.69 41.93
C ILE C 425 24.63 27.19 42.00
N GLY C 426 24.11 26.48 41.01
CA GLY C 426 23.88 25.06 41.15
C GLY C 426 24.93 24.13 40.54
N ASP C 427 25.81 23.63 41.39
CA ASP C 427 26.64 22.48 41.04
C ASP C 427 26.69 21.58 42.26
N LEU C 428 26.19 22.09 43.39
CA LEU C 428 26.27 21.36 44.65
C LEU C 428 25.07 20.44 44.84
N TYR C 429 23.85 21.00 44.80
CA TYR C 429 22.64 20.23 45.05
C TYR C 429 22.01 19.68 43.79
N ASN C 430 22.48 20.07 42.62
CA ASN C 430 21.95 19.55 41.36
C ASN C 430 22.95 19.73 40.24
N PHE C 431 23.33 18.64 39.59
CA PHE C 431 24.25 18.69 38.47
C PHE C 431 23.50 19.04 37.18
N LYS C 432 24.24 19.09 36.08
CA LYS C 432 23.79 19.53 34.77
C LYS C 432 23.34 20.98 34.76
N LEU C 433 23.49 21.70 35.87
CA LEU C 433 23.26 23.13 35.93
C LEU C 433 24.62 23.83 35.94
N ALA C 434 24.74 24.90 35.18
CA ALA C 434 26.02 25.57 35.03
C ALA C 434 26.45 26.19 36.34
N PRO C 435 27.60 25.81 36.90
CA PRO C 435 28.09 26.46 38.14
C PRO C 435 28.64 27.84 37.82
N SER C 436 27.98 28.87 38.34
CA SER C 436 28.42 30.23 38.09
C SER C 436 27.62 31.20 38.94
N LEU C 437 28.27 32.31 39.28
CA LEU C 437 27.55 33.48 39.77
C LEU C 437 26.97 34.21 38.56
N THR C 438 26.54 35.46 38.73
CA THR C 438 25.99 36.26 37.65
C THR C 438 24.77 35.56 37.03
N LEU C 439 23.74 35.41 37.87
CA LEU C 439 22.54 34.69 37.50
C LEU C 439 21.63 35.59 36.68
N GLY C 440 21.41 35.23 35.42
CA GLY C 440 20.54 36.04 34.56
C GLY C 440 19.08 35.79 34.86
N CYS C 441 18.24 36.75 34.46
CA CYS C 441 16.81 36.70 34.76
C CYS C 441 15.93 36.80 33.53
N GLY C 442 16.49 36.95 32.34
CA GLY C 442 15.69 36.99 31.14
C GLY C 442 15.02 38.33 30.91
N SER C 443 14.10 38.32 29.94
CA SER C 443 13.38 39.55 29.60
C SER C 443 12.49 40.01 30.74
N TRP C 444 12.08 39.09 31.61
CA TRP C 444 11.25 39.46 32.75
C TRP C 444 11.98 40.43 33.66
N GLY C 445 13.25 40.16 33.94
CA GLY C 445 14.04 41.03 34.80
C GLY C 445 14.80 42.10 34.06
N GLY C 446 14.60 42.21 32.75
CA GLY C 446 15.31 43.17 31.94
C GLY C 446 16.68 42.74 31.46
N ASN C 447 16.98 41.45 31.48
CA ASN C 447 18.25 40.92 31.02
C ASN C 447 18.03 40.23 29.67
N SER C 448 19.10 39.66 29.12
CA SER C 448 19.04 39.07 27.79
C SER C 448 19.82 37.77 27.72
N VAL C 449 19.92 37.05 28.85
CA VAL C 449 20.57 35.74 28.84
C VAL C 449 19.61 34.66 29.31
N SER C 450 18.84 34.95 30.36
CA SER C 450 17.87 34.01 30.93
C SER C 450 18.50 32.68 31.35
N ASP C 451 19.73 32.71 31.86
CA ASP C 451 20.41 31.50 32.29
C ASP C 451 21.61 31.90 33.12
N ASN C 452 22.27 30.90 33.70
CA ASN C 452 23.50 31.10 34.43
C ASN C 452 24.62 31.41 33.44
N VAL C 453 25.23 32.58 33.57
CA VAL C 453 26.22 33.02 32.60
C VAL C 453 27.46 32.14 32.67
N GLY C 454 27.86 31.60 31.53
CA GLY C 454 29.00 30.71 31.48
C GLY C 454 29.98 31.04 30.38
N VAL C 455 30.76 30.03 29.96
CA VAL C 455 31.78 30.26 28.95
C VAL C 455 31.15 30.59 27.59
N LYS C 456 30.09 29.89 27.22
CA LYS C 456 29.50 30.02 25.89
C LYS C 456 28.91 31.39 25.63
N HIS C 457 28.70 32.19 26.66
CA HIS C 457 28.16 33.54 26.50
C HIS C 457 29.23 34.57 26.20
N LEU C 458 30.51 34.19 26.24
CA LEU C 458 31.61 35.11 26.01
C LEU C 458 32.38 34.74 24.74
N LEU C 459 31.65 34.30 23.71
CA LEU C 459 32.27 33.89 22.45
C LEU C 459 31.45 34.42 21.29
N ASN C 460 32.14 34.74 20.19
CA ASN C 460 31.50 35.04 18.92
C ASN C 460 31.61 33.81 18.03
N ILE C 461 30.50 33.41 17.42
CA ILE C 461 30.45 32.22 16.58
C ILE C 461 30.26 32.65 15.13
N LYS C 462 31.17 32.21 14.27
CA LYS C 462 31.10 32.47 12.85
C LYS C 462 30.90 31.17 12.10
N THR C 463 30.24 31.26 10.95
CA THR C 463 29.95 30.09 10.12
C THR C 463 30.56 30.29 8.74
N VAL C 464 31.24 29.27 8.25
CA VAL C 464 31.69 29.22 6.87
C VAL C 464 30.72 28.33 6.11
N ALA C 465 30.29 28.79 4.94
CA ALA C 465 29.28 28.09 4.16
C ALA C 465 29.79 27.86 2.75
N GLU C 466 29.77 26.61 2.31
CA GLU C 466 30.18 26.23 0.97
C GLU C 466 28.94 26.03 0.09
N ARG C 467 29.12 26.25 -1.21
CA ARG C 467 28.02 26.08 -2.15
C ARG C 467 27.64 24.61 -2.24
N ARG C 468 26.34 24.35 -2.25
CA ARG C 468 25.81 23.00 -2.36
C ARG C 468 24.71 22.97 -3.42
N GLU C 469 24.29 21.76 -3.77
CA GLU C 469 23.33 21.53 -4.84
C GLU C 469 22.05 20.93 -4.29
N ASN C 470 20.91 21.41 -4.77
CA ASN C 470 19.62 20.88 -4.37
C ASN C 470 19.49 19.42 -4.78
N MET C 471 18.94 18.60 -3.89
CA MET C 471 18.71 17.20 -4.21
C MET C 471 17.64 17.08 -5.29
N LEU C 472 17.87 16.17 -6.24
CA LEU C 472 16.96 15.94 -7.35
C LEU C 472 16.43 14.51 -7.28
N TRP C 473 15.54 14.17 -8.23
CA TRP C 473 14.81 12.93 -8.15
C TRP C 473 14.46 12.44 -9.54
N PHE C 474 13.96 11.19 -9.59
CA PHE C 474 13.37 10.64 -10.80
C PHE C 474 12.17 9.79 -10.35
N ARG C 475 10.97 10.32 -10.55
CA ARG C 475 9.75 9.65 -10.11
C ARG C 475 8.85 9.40 -11.31
N THR C 476 8.44 8.15 -11.48
CA THR C 476 7.57 7.73 -12.56
C THR C 476 6.56 6.72 -12.03
N PRO C 477 5.37 6.66 -12.61
CA PRO C 477 4.41 5.64 -12.18
C PRO C 477 4.92 4.23 -12.46
N GLU C 478 4.61 3.31 -11.56
CA GLU C 478 5.00 1.93 -11.76
C GLU C 478 4.05 1.25 -12.74
N LYS C 479 4.53 0.14 -13.32
CA LYS C 479 3.76 -0.68 -14.25
C LYS C 479 3.27 0.15 -15.44
N ILE C 480 4.23 0.65 -16.22
CA ILE C 480 3.93 1.28 -17.49
C ILE C 480 3.93 0.19 -18.56
N TYR C 481 2.83 0.07 -19.30
CA TYR C 481 2.65 -0.99 -20.27
C TYR C 481 2.52 -0.41 -21.66
N ILE C 482 3.28 -0.96 -22.60
CA ILE C 482 3.36 -0.43 -23.96
C ILE C 482 3.07 -1.52 -24.99
N LYS C 483 3.24 -1.17 -26.27
CA LYS C 483 3.03 -2.05 -27.41
C LYS C 483 1.54 -2.25 -27.68
N ARG C 484 1.20 -2.57 -28.93
CA ARG C 484 -0.18 -2.69 -29.34
C ARG C 484 -0.82 -3.96 -28.80
N GLY C 485 -2.14 -3.93 -28.67
CA GLY C 485 -2.88 -5.09 -28.18
C GLY C 485 -2.52 -5.49 -26.77
N CYS C 486 -2.22 -4.52 -25.91
CA CYS C 486 -1.86 -4.77 -24.53
C CYS C 486 -2.96 -4.42 -23.55
N LEU C 487 -4.06 -3.83 -24.02
CA LEU C 487 -5.12 -3.39 -23.10
C LEU C 487 -5.77 -4.56 -22.37
N PRO C 488 -6.26 -5.62 -23.05
CA PRO C 488 -6.85 -6.73 -22.27
C PRO C 488 -5.85 -7.43 -21.37
N VAL C 489 -4.61 -7.61 -21.84
CA VAL C 489 -3.62 -8.32 -21.05
C VAL C 489 -3.25 -7.53 -19.80
N ALA C 490 -3.17 -6.19 -19.93
CA ALA C 490 -2.92 -5.35 -18.76
C ALA C 490 -4.12 -5.36 -17.82
N LEU C 491 -5.33 -5.27 -18.36
CA LEU C 491 -6.53 -5.24 -17.52
C LEU C 491 -6.77 -6.55 -16.81
N ASP C 492 -6.23 -7.66 -17.33
CA ASP C 492 -6.39 -8.96 -16.67
C ASP C 492 -5.83 -8.93 -15.24
N GLU C 493 -4.83 -8.08 -14.99
CA GLU C 493 -4.26 -7.96 -13.66
C GLU C 493 -5.26 -7.47 -12.63
N LEU C 494 -6.34 -6.81 -13.06
CA LEU C 494 -7.35 -6.33 -12.12
C LEU C 494 -7.99 -7.48 -11.35
N LYS C 495 -8.11 -8.65 -11.97
CA LYS C 495 -8.64 -9.83 -11.31
C LYS C 495 -7.57 -10.83 -10.91
N ASN C 496 -6.65 -11.15 -11.82
CA ASN C 496 -5.76 -12.29 -11.57
C ASN C 496 -4.63 -11.93 -10.62
N VAL C 497 -4.46 -10.65 -10.29
CA VAL C 497 -3.40 -10.22 -9.40
C VAL C 497 -3.94 -9.46 -8.19
N MET C 498 -4.63 -8.34 -8.42
CA MET C 498 -5.10 -7.48 -7.35
C MET C 498 -6.40 -7.97 -6.71
N GLY C 499 -7.47 -8.07 -7.50
CA GLY C 499 -8.76 -8.49 -6.97
C GLY C 499 -9.77 -7.39 -6.78
N LYS C 500 -9.84 -6.41 -7.68
CA LYS C 500 -10.80 -5.33 -7.55
C LYS C 500 -12.19 -5.81 -7.95
N LYS C 501 -13.22 -5.04 -7.57
CA LYS C 501 -14.60 -5.45 -7.77
C LYS C 501 -15.50 -4.36 -8.35
N LYS C 502 -15.08 -3.10 -8.36
CA LYS C 502 -15.89 -2.01 -8.86
C LYS C 502 -15.01 -1.04 -9.62
N ALA C 503 -15.48 -0.59 -10.79
CA ALA C 503 -14.72 0.29 -11.65
C ALA C 503 -15.54 1.52 -12.04
N PHE C 504 -14.88 2.67 -12.10
CA PHE C 504 -15.51 3.94 -12.45
C PHE C 504 -14.74 4.51 -13.64
N ILE C 505 -15.31 4.38 -14.83
CA ILE C 505 -14.68 4.88 -16.04
C ILE C 505 -15.04 6.35 -16.23
N VAL C 506 -14.05 7.17 -16.57
CA VAL C 506 -14.24 8.58 -16.87
C VAL C 506 -13.74 8.83 -18.28
N THR C 507 -14.59 9.42 -19.13
CA THR C 507 -14.26 9.64 -20.52
C THR C 507 -15.04 10.86 -21.01
N ASP C 508 -14.85 11.20 -22.29
CA ASP C 508 -15.46 12.36 -22.90
C ASP C 508 -16.72 11.95 -23.67
N ASN C 509 -17.51 12.95 -24.06
CA ASN C 509 -18.75 12.69 -24.78
C ASN C 509 -18.47 12.00 -26.12
N PHE C 510 -17.49 12.51 -26.87
CA PHE C 510 -17.22 12.01 -28.21
C PHE C 510 -16.79 10.54 -28.17
N LEU C 511 -15.85 10.22 -27.28
CA LEU C 511 -15.34 8.86 -27.18
C LEU C 511 -16.44 7.89 -26.77
N TYR C 512 -17.26 8.27 -25.79
CA TYR C 512 -18.33 7.39 -25.34
C TYR C 512 -19.39 7.20 -26.41
N ASN C 513 -19.75 8.28 -27.12
CA ASN C 513 -20.74 8.17 -28.19
C ASN C 513 -20.25 7.28 -29.32
N ASN C 514 -18.97 7.37 -29.67
CA ASN C 514 -18.42 6.56 -30.76
C ASN C 514 -17.99 5.17 -30.31
N GLY C 515 -18.31 4.77 -29.08
CA GLY C 515 -18.04 3.41 -28.64
C GLY C 515 -16.57 3.06 -28.52
N TYR C 516 -15.75 3.99 -28.02
CA TYR C 516 -14.35 3.69 -27.79
C TYR C 516 -14.09 3.15 -26.39
N THR C 517 -15.10 3.12 -25.52
CA THR C 517 -14.94 2.50 -24.21
C THR C 517 -15.39 1.05 -24.24
N LYS C 518 -15.94 0.59 -25.36
CA LYS C 518 -16.41 -0.79 -25.47
C LYS C 518 -15.32 -1.83 -25.26
N PRO C 519 -14.09 -1.70 -25.80
CA PRO C 519 -13.07 -2.73 -25.51
C PRO C 519 -12.78 -2.89 -24.03
N ILE C 520 -12.92 -1.83 -23.25
CA ILE C 520 -12.64 -1.91 -21.82
C ILE C 520 -13.81 -2.53 -21.06
N THR C 521 -15.03 -2.08 -21.38
CA THR C 521 -16.20 -2.63 -20.71
C THR C 521 -16.40 -4.10 -21.04
N ASP C 522 -16.04 -4.53 -22.25
CA ASP C 522 -16.15 -5.94 -22.59
C ASP C 522 -15.24 -6.80 -21.71
N LYS C 523 -14.00 -6.37 -21.52
CA LYS C 523 -13.08 -7.11 -20.66
C LYS C 523 -13.54 -7.06 -19.21
N LEU C 524 -14.08 -5.92 -18.77
CA LEU C 524 -14.59 -5.83 -17.41
C LEU C 524 -15.75 -6.79 -17.18
N ASP C 525 -16.66 -6.88 -18.16
CA ASP C 525 -17.76 -7.84 -18.07
C ASP C 525 -17.25 -9.27 -18.08
N GLU C 526 -16.26 -9.57 -18.93
CA GLU C 526 -15.71 -10.93 -18.97
C GLU C 526 -15.09 -11.33 -17.65
N MET C 527 -14.33 -10.41 -17.03
CA MET C 527 -13.71 -10.72 -15.74
C MET C 527 -14.72 -10.81 -14.61
N GLY C 528 -15.86 -10.13 -14.73
CA GLY C 528 -16.87 -10.16 -13.69
C GLY C 528 -16.73 -8.99 -12.73
N ILE C 529 -16.58 -7.79 -13.27
CA ILE C 529 -16.38 -6.58 -12.49
C ILE C 529 -17.49 -5.60 -12.83
N VAL C 530 -18.18 -5.10 -11.80
CA VAL C 530 -19.21 -4.08 -12.00
C VAL C 530 -18.54 -2.76 -12.34
N HIS C 531 -19.11 -2.04 -13.29
CA HIS C 531 -18.52 -0.79 -13.75
C HIS C 531 -19.61 0.26 -13.98
N LYS C 532 -19.20 1.52 -13.89
CA LYS C 532 -20.09 2.65 -14.15
C LYS C 532 -19.31 3.74 -14.85
N THR C 533 -19.94 4.39 -15.82
CA THR C 533 -19.26 5.33 -16.71
C THR C 533 -19.81 6.74 -16.52
N PHE C 534 -18.90 7.70 -16.35
CA PHE C 534 -19.21 9.12 -16.30
C PHE C 534 -18.58 9.76 -17.52
N PHE C 535 -19.40 10.39 -18.37
CA PHE C 535 -18.95 10.90 -19.66
C PHE C 535 -19.31 12.36 -19.86
N ASP C 536 -19.49 13.11 -18.78
CA ASP C 536 -19.98 14.49 -18.86
C ASP C 536 -18.85 15.50 -18.74
N VAL C 537 -17.65 15.18 -19.25
CA VAL C 537 -16.54 16.13 -19.26
C VAL C 537 -16.47 16.79 -20.62
N SER C 538 -15.91 17.99 -20.66
CA SER C 538 -15.83 18.83 -21.84
C SER C 538 -14.40 19.29 -22.06
N PRO C 539 -14.10 19.88 -23.23
CA PRO C 539 -12.81 20.55 -23.38
C PRO C 539 -12.65 21.67 -22.37
N ASP C 540 -11.39 21.90 -21.96
CA ASP C 540 -10.97 22.79 -20.87
C ASP C 540 -11.91 22.62 -19.67
N PRO C 541 -11.85 21.48 -19.00
CA PRO C 541 -12.88 21.14 -18.01
C PRO C 541 -12.96 22.14 -16.87
N SER C 542 -14.16 22.31 -16.35
CA SER C 542 -14.43 23.23 -15.25
C SER C 542 -14.57 22.46 -13.95
N LEU C 543 -14.79 23.21 -12.87
CA LEU C 543 -14.91 22.61 -11.55
C LEU C 543 -16.25 21.90 -11.35
N ALA C 544 -17.30 22.36 -12.05
CA ALA C 544 -18.61 21.76 -11.86
C ALA C 544 -18.62 20.29 -12.27
N SER C 545 -17.96 19.97 -13.38
CA SER C 545 -17.88 18.58 -13.83
C SER C 545 -17.12 17.73 -12.81
N ALA C 546 -16.05 18.29 -12.24
CA ALA C 546 -15.28 17.57 -11.23
C ALA C 546 -16.13 17.30 -9.99
N LYS C 547 -16.91 18.30 -9.56
CA LYS C 547 -17.77 18.13 -8.40
C LYS C 547 -18.84 17.08 -8.65
N ALA C 548 -19.48 17.13 -9.82
CA ALA C 548 -20.50 16.14 -10.15
C ALA C 548 -19.91 14.74 -10.21
N GLY C 549 -18.74 14.60 -10.84
CA GLY C 549 -18.09 13.31 -10.88
C GLY C 549 -17.73 12.78 -9.50
N ALA C 550 -17.18 13.64 -8.65
CA ALA C 550 -16.81 13.21 -7.29
C ALA C 550 -18.03 12.80 -6.50
N ALA C 551 -19.14 13.52 -6.63
CA ALA C 551 -20.38 13.11 -5.98
C ALA C 551 -20.83 11.75 -6.50
N GLU C 552 -20.71 11.53 -7.81
CA GLU C 552 -21.10 10.24 -8.37
C GLU C 552 -20.26 9.10 -7.83
N MET C 553 -18.95 9.30 -7.71
CA MET C 553 -18.09 8.25 -7.12
C MET C 553 -18.41 8.04 -5.66
N LEU C 554 -18.70 9.11 -4.92
CA LEU C 554 -19.07 8.97 -3.52
C LEU C 554 -20.34 8.14 -3.38
N ALA C 555 -21.29 8.33 -4.29
CA ALA C 555 -22.50 7.52 -4.27
C ALA C 555 -22.21 6.07 -4.68
N PHE C 556 -21.30 5.88 -5.63
CA PHE C 556 -21.06 4.56 -6.20
C PHE C 556 -20.04 3.75 -5.39
N GLN C 557 -19.08 4.41 -4.75
CA GLN C 557 -18.01 3.79 -3.98
C GLN C 557 -17.15 2.87 -4.84
N PRO C 558 -16.46 3.39 -5.85
CA PRO C 558 -15.68 2.51 -6.73
C PRO C 558 -14.43 1.99 -6.06
N ASP C 559 -13.98 0.82 -6.54
CA ASP C 559 -12.73 0.23 -6.07
C ASP C 559 -11.53 0.66 -6.90
N THR C 560 -11.76 1.09 -8.14
CA THR C 560 -10.69 1.56 -9.01
C THR C 560 -11.25 2.60 -9.96
N ILE C 561 -10.36 3.42 -10.50
CA ILE C 561 -10.73 4.48 -11.44
C ILE C 561 -9.98 4.23 -12.73
N ILE C 562 -10.69 4.33 -13.86
CA ILE C 562 -10.11 4.13 -15.18
C ILE C 562 -10.41 5.35 -16.02
N ALA C 563 -9.43 6.24 -16.17
CA ALA C 563 -9.56 7.43 -17.00
C ALA C 563 -9.18 7.07 -18.43
N VAL C 564 -10.04 7.42 -19.38
CA VAL C 564 -9.84 7.11 -20.78
C VAL C 564 -10.00 8.39 -21.59
N GLY C 565 -9.02 8.69 -22.42
CA GLY C 565 -9.10 9.85 -23.28
C GLY C 565 -7.80 10.62 -23.27
N GLY C 566 -7.86 11.86 -23.77
CA GLY C 566 -6.65 12.65 -23.88
C GLY C 566 -6.71 14.01 -23.23
N GLY C 567 -5.88 14.22 -22.21
CA GLY C 567 -5.69 15.53 -21.63
C GLY C 567 -6.75 15.96 -20.64
N SER C 568 -7.92 16.37 -21.13
CA SER C 568 -8.97 16.86 -20.25
C SER C 568 -9.54 15.73 -19.40
N ALA C 569 -9.67 14.54 -19.98
CA ALA C 569 -10.24 13.42 -19.24
C ALA C 569 -9.35 13.04 -18.05
N MET C 570 -8.03 12.99 -18.26
CA MET C 570 -7.14 12.63 -17.16
C MET C 570 -7.12 13.69 -16.07
N ASP C 571 -7.15 14.97 -16.44
CA ASP C 571 -7.18 16.03 -15.43
C ASP C 571 -8.47 15.97 -14.62
N ALA C 572 -9.60 15.81 -15.30
CA ALA C 572 -10.88 15.71 -14.60
C ALA C 572 -10.91 14.48 -13.69
N ALA C 573 -10.37 13.36 -14.16
CA ALA C 573 -10.35 12.15 -13.35
C ALA C 573 -9.44 12.32 -12.13
N LYS C 574 -8.30 13.00 -12.30
CA LYS C 574 -7.42 13.25 -11.17
C LYS C 574 -8.10 14.10 -10.11
N ILE C 575 -8.81 15.15 -10.54
CA ILE C 575 -9.49 16.01 -9.59
C ILE C 575 -10.65 15.27 -8.91
N MET C 576 -11.37 14.44 -9.67
CA MET C 576 -12.43 13.63 -9.07
C MET C 576 -11.85 12.66 -8.04
N TRP C 577 -10.69 12.07 -8.34
CA TRP C 577 -10.01 11.22 -7.37
C TRP C 577 -9.66 11.98 -6.11
N VAL C 578 -9.13 13.20 -6.27
CA VAL C 578 -8.74 14.00 -5.10
C VAL C 578 -9.95 14.30 -4.23
N MET C 579 -11.03 14.79 -4.84
CA MET C 579 -12.20 15.17 -4.07
C MET C 579 -13.08 13.98 -3.69
N TYR C 580 -12.76 12.78 -4.17
CA TYR C 580 -13.46 11.59 -3.71
C TYR C 580 -12.74 10.96 -2.53
N GLU C 581 -11.41 10.99 -2.52
CA GLU C 581 -10.69 10.41 -1.40
C GLU C 581 -10.61 11.37 -0.21
N HIS C 582 -10.52 12.67 -0.46
CA HIS C 582 -10.46 13.69 0.58
C HIS C 582 -11.45 14.79 0.24
N PRO C 583 -12.73 14.62 0.61
CA PRO C 583 -13.76 15.59 0.18
C PRO C 583 -13.64 16.95 0.85
N GLU C 584 -12.78 17.13 1.84
CA GLU C 584 -12.70 18.37 2.59
C GLU C 584 -11.64 19.33 2.08
N VAL C 585 -10.95 19.00 0.99
CA VAL C 585 -9.86 19.83 0.50
C VAL C 585 -10.40 21.06 -0.19
N ASP C 586 -9.59 22.11 -0.24
CA ASP C 586 -9.95 23.36 -0.91
C ASP C 586 -9.12 23.52 -2.19
N PHE C 587 -9.79 23.91 -3.27
CA PHE C 587 -9.12 24.05 -4.55
C PHE C 587 -8.21 25.27 -4.60
N MET C 588 -8.60 26.37 -3.95
CA MET C 588 -7.78 27.57 -3.97
C MET C 588 -6.49 27.42 -3.19
N ASP C 589 -6.37 26.40 -2.34
CA ASP C 589 -5.12 26.13 -1.64
C ASP C 589 -4.18 25.26 -2.45
N MET C 590 -4.70 24.45 -3.36
CA MET C 590 -3.85 23.65 -4.24
C MET C 590 -3.24 24.47 -5.35
N ALA C 591 -3.89 25.55 -5.77
CA ALA C 591 -3.43 26.39 -6.87
C ALA C 591 -2.57 27.54 -6.36
N MET C 592 -1.91 27.33 -5.23
CA MET C 592 -1.02 28.34 -4.65
C MET C 592 0.40 28.06 -5.10
N ARG C 593 1.05 29.10 -5.64
CA ARG C 593 2.37 28.92 -6.25
C ARG C 593 3.42 28.67 -5.18
N PHE C 594 4.49 27.99 -5.58
CA PHE C 594 5.62 27.70 -4.71
C PHE C 594 6.91 27.99 -5.48
N MET C 595 8.04 27.86 -4.79
CA MET C 595 9.34 27.96 -5.42
C MET C 595 10.17 26.68 -5.30
N ASP C 596 10.01 25.92 -4.23
CA ASP C 596 10.63 24.60 -4.09
C ASP C 596 9.52 23.61 -3.78
N ILE C 597 9.39 22.59 -4.63
CA ILE C 597 8.28 21.66 -4.49
C ILE C 597 8.36 20.86 -3.20
N ARG C 598 9.54 20.74 -2.60
CA ARG C 598 9.68 20.07 -1.31
C ARG C 598 9.54 21.02 -0.14
N LYS C 599 9.42 22.33 -0.38
CA LYS C 599 9.25 23.32 0.67
C LYS C 599 7.90 24.02 0.58
N ARG C 600 6.95 23.47 -0.16
CA ARG C 600 5.65 24.11 -0.34
C ARG C 600 4.91 24.18 0.98
N VAL C 601 4.14 25.26 1.15
CA VAL C 601 3.39 25.46 2.39
C VAL C 601 2.29 24.41 2.53
N TYR C 602 1.51 24.21 1.47
CA TYR C 602 0.41 23.26 1.49
C TYR C 602 0.89 21.90 1.03
N THR C 603 0.74 20.88 1.89
CA THR C 603 1.14 19.52 1.56
C THR C 603 -0.10 18.74 1.11
N PHE C 604 -0.01 18.16 -0.08
CA PHE C 604 -1.12 17.37 -0.60
C PHE C 604 -1.34 16.14 0.27
N PRO C 605 -2.57 15.79 0.58
CA PRO C 605 -2.83 14.61 1.41
C PRO C 605 -2.45 13.32 0.69
N LYS C 606 -2.00 12.35 1.47
CA LYS C 606 -1.64 11.05 0.92
C LYS C 606 -2.88 10.34 0.42
N MET C 607 -2.92 10.02 -0.86
CA MET C 607 -4.13 9.49 -1.49
C MET C 607 -3.81 8.20 -2.25
N GLY C 608 -4.00 7.07 -1.57
CA GLY C 608 -3.98 5.77 -2.19
C GLY C 608 -4.92 4.80 -1.52
N GLN C 609 -5.73 5.30 -0.58
CA GLN C 609 -6.47 4.45 0.34
C GLN C 609 -7.71 3.81 -0.30
N LYS C 610 -8.49 4.61 -1.04
CA LYS C 610 -9.78 4.11 -1.51
C LYS C 610 -9.65 3.41 -2.86
N ALA C 611 -9.18 4.11 -3.89
CA ALA C 611 -9.29 3.63 -5.27
C ALA C 611 -7.91 3.46 -5.89
N TYR C 612 -7.90 2.69 -6.97
CA TYR C 612 -6.70 2.43 -7.77
C TYR C 612 -6.87 3.11 -9.12
N PHE C 613 -5.97 4.03 -9.44
CA PHE C 613 -6.08 4.88 -10.61
C PHE C 613 -5.37 4.24 -11.80
N ILE C 614 -5.96 4.36 -12.99
CA ILE C 614 -5.39 3.86 -14.24
C ILE C 614 -5.68 4.89 -15.32
N ALA C 615 -4.71 5.11 -16.22
CA ALA C 615 -4.82 6.10 -17.27
C ALA C 615 -4.63 5.44 -18.63
N ILE C 616 -5.49 5.80 -19.59
CA ILE C 616 -5.43 5.25 -20.94
C ILE C 616 -5.58 6.40 -21.94
N PRO C 617 -4.50 6.89 -22.54
CA PRO C 617 -4.58 8.00 -23.47
C PRO C 617 -5.09 7.59 -24.85
N THR C 618 -5.82 8.52 -25.47
CA THR C 618 -6.29 8.36 -26.84
C THR C 618 -5.79 9.47 -27.75
N SER C 619 -4.81 10.26 -27.33
CA SER C 619 -4.28 11.37 -28.09
C SER C 619 -2.76 11.24 -28.20
N ALA C 620 -2.20 11.89 -29.21
CA ALA C 620 -0.78 11.75 -29.52
C ALA C 620 0.06 12.80 -28.79
N GLY C 621 -0.05 12.81 -27.47
CA GLY C 621 0.83 13.60 -26.65
C GLY C 621 0.21 14.74 -25.87
N THR C 622 -0.03 14.49 -24.58
CA THR C 622 -0.35 15.55 -23.62
C THR C 622 0.33 15.27 -22.29
N GLY C 623 1.12 14.20 -22.24
CA GLY C 623 1.71 13.78 -20.98
C GLY C 623 0.66 13.08 -20.13
N SER C 624 0.23 13.75 -19.07
CA SER C 624 -0.95 13.36 -18.29
C SER C 624 -0.80 11.98 -17.64
N GLU C 625 -0.69 10.92 -18.45
CA GLU C 625 -0.68 9.57 -17.88
C GLU C 625 0.57 9.27 -17.09
N VAL C 626 1.60 10.12 -17.20
CA VAL C 626 2.85 9.91 -16.48
C VAL C 626 3.25 11.18 -15.76
N THR C 627 2.45 12.23 -15.89
CA THR C 627 2.79 13.50 -15.29
C THR C 627 1.86 13.84 -14.12
N PRO C 628 2.36 14.56 -13.11
CA PRO C 628 1.52 14.95 -11.97
C PRO C 628 0.77 16.25 -12.14
N PHE C 629 0.65 16.78 -13.36
CA PHE C 629 -0.01 18.07 -13.56
C PHE C 629 -1.50 17.90 -13.79
N ALA C 630 -2.26 18.95 -13.46
CA ALA C 630 -3.69 18.97 -13.74
C ALA C 630 -4.14 20.41 -13.91
N VAL C 631 -4.79 20.70 -15.03
CA VAL C 631 -5.22 22.06 -15.37
C VAL C 631 -6.74 22.10 -15.36
N ILE C 632 -7.31 23.06 -14.63
CA ILE C 632 -8.74 23.16 -14.43
C ILE C 632 -9.15 24.62 -14.53
N THR C 633 -10.30 24.88 -15.16
CA THR C 633 -10.87 26.20 -15.26
C THR C 633 -11.82 26.45 -14.08
N ASP C 634 -11.83 27.68 -13.57
CA ASP C 634 -12.56 28.00 -12.36
C ASP C 634 -14.03 28.32 -12.62
N GLU C 635 -14.46 28.32 -13.89
CA GLU C 635 -15.85 28.36 -14.33
C GLU C 635 -16.58 29.62 -13.88
N LYS C 636 -15.90 30.53 -13.20
CA LYS C 636 -16.48 31.80 -12.79
C LYS C 636 -15.68 33.01 -13.23
N THR C 637 -14.36 32.92 -13.18
CA THR C 637 -13.50 34.00 -13.64
C THR C 637 -12.73 33.65 -14.91
N GLY C 638 -12.74 32.39 -15.31
CA GLY C 638 -12.09 31.99 -16.55
C GLY C 638 -10.58 31.92 -16.48
N ILE C 639 -10.01 31.56 -15.35
CA ILE C 639 -8.57 31.43 -15.18
C ILE C 639 -8.24 29.97 -14.94
N LYS C 640 -7.39 29.40 -15.80
CA LYS C 640 -6.95 28.02 -15.65
C LYS C 640 -5.86 27.95 -14.60
N TYR C 641 -6.01 27.04 -13.63
CA TYR C 641 -5.08 26.90 -12.52
C TYR C 641 -4.36 25.58 -12.61
N PRO C 642 -3.16 25.54 -13.20
CA PRO C 642 -2.38 24.29 -13.22
C PRO C 642 -1.86 23.98 -11.83
N LEU C 643 -2.21 22.81 -11.31
CA LEU C 643 -1.75 22.35 -10.02
C LEU C 643 -0.91 21.09 -10.20
N ALA C 644 0.19 21.01 -9.45
CA ALA C 644 1.17 19.95 -9.60
C ALA C 644 1.57 19.42 -8.24
N ASP C 645 1.61 18.10 -8.10
CA ASP C 645 2.14 17.42 -6.93
C ASP C 645 2.27 15.94 -7.26
N TYR C 646 3.34 15.32 -6.77
CA TYR C 646 3.64 13.94 -7.13
C TYR C 646 2.67 12.93 -6.53
N GLU C 647 1.62 13.36 -5.84
CA GLU C 647 0.57 12.45 -5.39
C GLU C 647 -0.50 12.25 -6.45
N LEU C 648 -0.38 12.90 -7.60
CA LEU C 648 -1.32 12.76 -8.71
C LEU C 648 -0.82 11.84 -9.81
N LEU C 649 0.24 11.10 -9.55
CA LEU C 649 0.79 10.20 -10.56
C LEU C 649 -0.16 9.03 -10.78
N PRO C 650 -0.67 8.82 -11.99
CA PRO C 650 -1.59 7.70 -12.23
C PRO C 650 -0.90 6.36 -12.13
N ASP C 651 -1.43 5.46 -11.29
CA ASP C 651 -0.89 4.12 -11.20
C ASP C 651 -1.12 3.35 -12.49
N MET C 652 -0.12 2.55 -12.89
CA MET C 652 -0.27 1.54 -13.92
C MET C 652 -0.86 2.10 -15.21
N ALA C 653 -0.12 3.03 -15.83
CA ALA C 653 -0.54 3.59 -17.10
C ALA C 653 -0.41 2.57 -18.22
N ILE C 654 -1.32 2.66 -19.20
CA ILE C 654 -1.36 1.74 -20.34
C ILE C 654 -1.26 2.58 -21.60
N VAL C 655 -0.31 2.25 -22.47
CA VAL C 655 -0.17 2.90 -23.76
C VAL C 655 -0.45 1.87 -24.84
N ASP C 656 -1.39 2.18 -25.73
CA ASP C 656 -1.82 1.27 -26.78
C ASP C 656 -2.15 2.05 -28.04
N ALA C 657 -1.42 1.77 -29.12
CA ALA C 657 -1.63 2.49 -30.36
C ALA C 657 -3.00 2.21 -30.97
N ASP C 658 -3.62 1.09 -30.59
CA ASP C 658 -4.96 0.79 -31.10
C ASP C 658 -5.97 1.85 -30.70
N MET C 659 -5.78 2.45 -29.52
CA MET C 659 -6.66 3.51 -29.06
C MET C 659 -6.28 4.87 -29.65
N MET C 660 -5.14 4.97 -30.33
CA MET C 660 -4.63 6.21 -30.87
C MET C 660 -4.47 6.13 -32.39
N MET C 661 -5.47 5.59 -33.08
CA MET C 661 -5.33 5.27 -34.50
C MET C 661 -6.18 6.13 -35.42
N ASN C 662 -7.37 6.56 -35.00
CA ASN C 662 -8.31 7.25 -35.88
C ASN C 662 -8.53 8.70 -35.46
N ALA C 663 -7.47 9.37 -35.04
CA ALA C 663 -7.58 10.78 -34.69
C ALA C 663 -7.60 11.65 -35.94
N PRO C 664 -8.31 12.78 -35.91
CA PRO C 664 -8.30 13.69 -37.06
C PRO C 664 -6.95 14.37 -37.25
N LYS C 665 -6.86 15.10 -38.35
CA LYS C 665 -5.59 15.72 -38.75
C LYS C 665 -5.17 16.82 -37.78
N GLY C 666 -6.09 17.74 -37.47
CA GLY C 666 -5.74 18.84 -36.60
C GLY C 666 -5.34 18.40 -35.21
N LEU C 667 -6.06 17.43 -34.65
CA LEU C 667 -5.71 16.90 -33.34
C LEU C 667 -4.33 16.27 -33.36
N THR C 668 -4.03 15.49 -34.40
CA THR C 668 -2.70 14.87 -34.50
C THR C 668 -1.61 15.92 -34.56
N ALA C 669 -1.80 16.96 -35.39
CA ALA C 669 -0.78 17.99 -35.52
C ALA C 669 -0.58 18.74 -34.20
N ALA C 670 -1.67 19.15 -33.57
CA ALA C 670 -1.56 19.89 -32.31
C ALA C 670 -0.90 19.05 -31.22
N SER C 671 -1.29 17.77 -31.11
CA SER C 671 -0.71 16.92 -30.08
C SER C 671 0.77 16.65 -30.33
N GLY C 672 1.15 16.43 -31.58
CA GLY C 672 2.56 16.21 -31.89
C GLY C 672 3.41 17.44 -31.60
N ILE C 673 2.91 18.62 -31.96
CA ILE C 673 3.67 19.83 -31.67
C ILE C 673 3.73 20.09 -30.17
N ASP C 674 2.67 19.78 -29.44
CA ASP C 674 2.70 19.91 -27.98
C ASP C 674 3.75 18.99 -27.37
N ALA C 675 3.83 17.75 -27.88
CA ALA C 675 4.86 16.83 -27.39
C ALA C 675 6.26 17.33 -27.71
N LEU C 676 6.46 17.90 -28.90
CA LEU C 676 7.75 18.47 -29.24
C LEU C 676 8.13 19.60 -28.29
N THR C 677 7.19 20.48 -28.00
CA THR C 677 7.45 21.57 -27.06
C THR C 677 7.74 21.04 -25.67
N HIS C 678 7.02 20.00 -25.25
CA HIS C 678 7.28 19.36 -23.96
C HIS C 678 8.73 18.89 -23.88
N ALA C 679 9.18 18.19 -24.92
CA ALA C 679 10.54 17.67 -24.92
C ALA C 679 11.57 18.80 -24.91
N LEU C 680 11.33 19.85 -25.70
CA LEU C 680 12.29 20.97 -25.74
C LEU C 680 12.40 21.65 -24.38
N GLU C 681 11.26 21.92 -23.74
CA GLU C 681 11.29 22.54 -22.41
C GLU C 681 11.94 21.63 -21.38
N ALA C 682 11.69 20.32 -21.46
CA ALA C 682 12.31 19.40 -20.52
C ALA C 682 13.81 19.37 -20.68
N TYR C 683 14.31 19.46 -21.92
CA TYR C 683 15.75 19.47 -22.13
C TYR C 683 16.37 20.78 -21.66
N VAL C 684 15.69 21.91 -21.89
CA VAL C 684 16.25 23.22 -21.57
C VAL C 684 16.07 23.60 -20.10
N SER C 685 15.17 22.93 -19.39
CA SER C 685 14.83 23.29 -18.01
C SER C 685 16.07 23.32 -17.12
N MET C 686 15.96 24.09 -16.03
CA MET C 686 17.07 24.26 -15.11
C MET C 686 17.32 23.02 -14.25
N LEU C 687 16.28 22.21 -14.05
CA LEU C 687 16.39 20.99 -13.25
C LEU C 687 16.71 19.78 -14.10
N ALA C 688 17.20 19.98 -15.32
CA ALA C 688 17.47 18.87 -16.23
C ALA C 688 18.72 18.11 -15.79
N THR C 689 18.67 16.79 -15.90
CA THR C 689 19.80 15.94 -15.55
C THR C 689 20.07 14.93 -16.65
N ASP C 690 20.98 13.99 -16.40
CA ASP C 690 21.30 12.98 -17.40
C ASP C 690 20.17 11.98 -17.59
N TYR C 691 19.26 11.88 -16.62
CA TYR C 691 18.15 10.94 -16.71
C TYR C 691 17.07 11.44 -17.66
N THR C 692 16.84 12.75 -17.70
CA THR C 692 15.79 13.30 -18.53
C THR C 692 16.31 13.80 -19.88
N ASP C 693 17.60 14.11 -19.98
CA ASP C 693 18.14 14.62 -21.23
C ASP C 693 18.05 13.59 -22.36
N SER C 694 18.38 12.34 -22.05
CA SER C 694 18.30 11.29 -23.06
C SER C 694 16.87 11.08 -23.54
N LEU C 695 15.91 11.09 -22.61
CA LEU C 695 14.51 10.95 -22.98
C LEU C 695 14.05 12.11 -23.85
N ALA C 696 14.45 13.33 -23.49
CA ALA C 696 14.06 14.49 -24.28
C ALA C 696 14.65 14.41 -25.69
N LEU C 697 15.91 14.01 -25.81
CA LEU C 697 16.53 13.91 -27.13
C LEU C 697 15.86 12.84 -27.98
N ARG C 698 15.57 11.67 -27.38
CA ARG C 698 14.90 10.60 -28.13
C ARG C 698 13.52 11.05 -28.58
N ALA C 699 12.76 11.72 -27.70
CA ALA C 699 11.44 12.20 -28.08
C ALA C 699 11.52 13.21 -29.21
N ILE C 700 12.49 14.13 -29.14
CA ILE C 700 12.63 15.13 -30.20
C ILE C 700 12.93 14.47 -31.54
N LYS C 701 13.86 13.52 -31.54
CA LYS C 701 14.21 12.83 -32.79
C LYS C 701 13.02 12.06 -33.35
N MET C 702 12.31 11.32 -32.48
CA MET C 702 11.17 10.54 -32.94
C MET C 702 10.06 11.42 -33.49
N ILE C 703 9.84 12.58 -32.86
CA ILE C 703 8.79 13.48 -33.34
C ILE C 703 9.19 14.11 -34.66
N PHE C 704 10.45 14.50 -34.81
CA PHE C 704 10.89 15.10 -36.06
C PHE C 704 10.87 14.10 -37.22
N GLU C 705 11.13 12.82 -36.94
CA GLU C 705 11.25 11.84 -38.00
C GLU C 705 9.94 11.20 -38.42
N TYR C 706 8.89 11.28 -37.60
CA TYR C 706 7.68 10.50 -37.82
C TYR C 706 6.38 11.30 -37.85
N LEU C 707 6.39 12.57 -37.39
CA LEU C 707 5.13 13.32 -37.33
C LEU C 707 4.49 13.53 -38.69
N PRO C 708 5.21 13.96 -39.74
CA PRO C 708 4.53 14.16 -41.04
C PRO C 708 3.88 12.91 -41.59
N ARG C 709 4.50 11.74 -41.39
CA ARG C 709 3.91 10.49 -41.86
C ARG C 709 2.57 10.22 -41.17
N ALA C 710 2.53 10.41 -39.85
CA ALA C 710 1.28 10.21 -39.12
C ALA C 710 0.23 11.24 -39.53
N TYR C 711 0.64 12.49 -39.76
CA TYR C 711 -0.33 13.51 -40.17
C TYR C 711 -0.90 13.23 -41.55
N GLU C 712 -0.08 12.76 -42.49
CA GLU C 712 -0.50 12.58 -43.87
C GLU C 712 -1.22 11.25 -44.09
N ASN C 713 -0.55 10.14 -43.79
CA ASN C 713 -1.14 8.84 -44.07
C ASN C 713 -2.33 8.55 -43.15
N GLY C 714 -2.20 8.86 -41.87
CA GLY C 714 -3.27 8.58 -40.93
C GLY C 714 -3.24 7.17 -40.41
N ALA C 715 -4.41 6.53 -40.32
CA ALA C 715 -4.49 5.16 -39.86
C ALA C 715 -3.87 4.15 -40.82
N SER C 716 -3.56 4.57 -42.05
CA SER C 716 -2.94 3.68 -43.01
C SER C 716 -1.47 3.40 -42.69
N ASP C 717 -0.90 4.10 -41.72
CA ASP C 717 0.51 3.94 -41.34
C ASP C 717 0.57 3.68 -39.84
N PRO C 718 0.31 2.45 -39.40
CA PRO C 718 0.34 2.17 -37.95
C PRO C 718 1.68 2.42 -37.30
N VAL C 719 2.79 2.23 -38.02
CA VAL C 719 4.11 2.40 -37.44
C VAL C 719 4.32 3.83 -36.97
N ALA C 720 3.93 4.80 -37.80
CA ALA C 720 4.08 6.21 -37.43
C ALA C 720 3.27 6.54 -36.19
N ARG C 721 2.05 6.00 -36.10
CA ARG C 721 1.21 6.27 -34.93
C ARG C 721 1.79 5.65 -33.66
N GLU C 722 2.31 4.43 -33.76
CA GLU C 722 2.95 3.79 -32.62
C GLU C 722 4.16 4.59 -32.16
N LYS C 723 4.99 5.04 -33.10
CA LYS C 723 6.17 5.82 -32.74
C LYS C 723 5.76 7.15 -32.13
N MET C 724 4.71 7.78 -32.64
CA MET C 724 4.23 9.04 -32.07
C MET C 724 3.75 8.85 -30.63
N ALA C 725 3.00 7.77 -30.38
CA ALA C 725 2.55 7.49 -29.02
C ALA C 725 3.72 7.26 -28.08
N ASN C 726 4.70 6.46 -28.52
CA ASN C 726 5.85 6.19 -27.66
C ASN C 726 6.66 7.45 -27.38
N ALA C 727 6.86 8.29 -28.40
CA ALA C 727 7.56 9.55 -28.21
C ALA C 727 6.79 10.46 -27.26
N ALA C 728 5.47 10.47 -27.37
CA ALA C 728 4.64 11.26 -26.47
C ALA C 728 4.83 10.82 -25.03
N THR C 729 4.81 9.51 -24.79
CA THR C 729 5.01 9.02 -23.42
C THR C 729 6.40 9.34 -22.90
N ILE C 730 7.42 9.21 -23.76
CA ILE C 730 8.79 9.51 -23.34
C ILE C 730 8.94 10.98 -22.98
N ALA C 731 8.39 11.87 -23.81
CA ALA C 731 8.44 13.30 -23.50
C ALA C 731 7.64 13.61 -22.24
N GLY C 732 6.53 12.89 -22.03
CA GLY C 732 5.76 13.09 -20.81
C GLY C 732 6.57 12.79 -19.57
N MET C 733 7.27 11.66 -19.57
CA MET C 733 8.18 11.36 -18.46
C MET C 733 9.25 12.44 -18.34
N ALA C 734 9.78 12.89 -19.48
CA ALA C 734 10.83 13.89 -19.49
C ALA C 734 10.41 15.15 -18.74
N PHE C 735 9.24 15.72 -19.08
CA PHE C 735 8.91 16.95 -18.37
C PHE C 735 8.22 16.68 -17.03
N ALA C 736 7.82 15.42 -16.77
CA ALA C 736 7.33 15.10 -15.44
C ALA C 736 8.46 15.14 -14.42
N ASN C 737 9.66 14.70 -14.80
CA ASN C 737 10.76 14.73 -13.85
C ASN C 737 11.51 16.06 -13.87
N ALA C 738 11.49 16.77 -14.99
CA ALA C 738 12.08 18.11 -15.10
C ALA C 738 11.04 19.07 -15.66
N PHE C 739 10.74 20.13 -14.91
CA PHE C 739 9.54 20.93 -15.19
C PHE C 739 9.70 21.70 -16.49
N LEU C 740 8.67 22.48 -16.83
CA LEU C 740 8.58 23.18 -18.10
C LEU C 740 9.16 24.58 -17.98
N GLY C 741 8.91 25.42 -18.99
CA GLY C 741 9.45 26.76 -19.02
C GLY C 741 8.41 27.85 -19.23
N VAL C 742 8.79 28.93 -19.91
CA VAL C 742 7.91 30.09 -20.03
C VAL C 742 6.96 29.98 -21.23
N CYS C 743 7.30 29.16 -22.23
CA CYS C 743 6.40 29.02 -23.37
C CYS C 743 5.08 28.43 -22.94
N HIS C 744 5.09 27.48 -22.01
CA HIS C 744 3.84 26.98 -21.46
C HIS C 744 3.13 28.02 -20.63
N SER C 745 3.88 28.85 -19.90
CA SER C 745 3.25 29.92 -19.14
C SER C 745 2.50 30.88 -20.02
N MET C 746 3.02 31.19 -21.21
CA MET C 746 2.31 32.02 -22.17
C MET C 746 1.20 31.29 -22.91
N ALA C 747 1.39 30.02 -23.25
CA ALA C 747 0.38 29.27 -24.00
C ALA C 747 -0.84 28.98 -23.15
N HIS C 748 -0.66 28.70 -21.86
CA HIS C 748 -1.79 28.42 -20.98
C HIS C 748 -2.75 29.59 -20.92
N LYS C 749 -2.26 30.80 -21.16
CA LYS C 749 -3.09 32.00 -21.16
C LYS C 749 -3.57 32.39 -22.56
N LEU C 750 -2.73 32.18 -23.58
CA LEU C 750 -3.16 32.44 -24.95
C LEU C 750 -4.30 31.53 -25.36
N GLY C 751 -4.23 30.25 -24.98
CA GLY C 751 -5.30 29.31 -25.30
C GLY C 751 -6.51 29.38 -24.41
N ALA C 752 -6.47 30.22 -23.37
CA ALA C 752 -7.61 30.44 -22.49
C ALA C 752 -8.32 31.76 -22.76
N PHE C 753 -7.57 32.79 -23.15
CA PHE C 753 -8.21 34.06 -23.50
C PHE C 753 -8.91 34.01 -24.84
N TYR C 754 -8.53 33.08 -25.73
CA TYR C 754 -9.09 33.04 -27.07
C TYR C 754 -9.48 31.63 -27.50
N HIS C 755 -9.49 30.65 -26.59
CA HIS C 755 -9.98 29.30 -26.86
C HIS C 755 -9.24 28.64 -28.01
N LEU C 756 -7.94 28.89 -28.09
CA LEU C 756 -7.15 28.16 -29.08
C LEU C 756 -6.79 26.77 -28.55
N PRO C 757 -6.52 25.82 -29.43
CA PRO C 757 -6.02 24.52 -28.97
C PRO C 757 -4.69 24.66 -28.26
N HIS C 758 -4.44 23.78 -27.29
CA HIS C 758 -3.22 23.88 -26.49
C HIS C 758 -1.98 23.68 -27.35
N GLY C 759 -1.99 22.69 -28.25
CA GLY C 759 -0.86 22.47 -29.12
C GLY C 759 -0.65 23.61 -30.09
N VAL C 760 -1.74 24.18 -30.62
CA VAL C 760 -1.63 25.31 -31.53
C VAL C 760 -1.04 26.52 -30.81
N ALA C 761 -1.48 26.76 -29.58
CA ALA C 761 -0.91 27.86 -28.79
C ALA C 761 0.56 27.61 -28.49
N ASN C 762 0.93 26.36 -28.24
CA ASN C 762 2.33 26.01 -28.04
C ASN C 762 3.15 26.29 -29.30
N ALA C 763 2.60 25.99 -30.47
CA ALA C 763 3.34 26.15 -31.73
C ALA C 763 3.66 27.61 -32.01
N LEU C 764 2.72 28.52 -31.73
CA LEU C 764 2.88 29.91 -32.09
C LEU C 764 3.93 30.64 -31.25
N MET C 765 4.44 30.01 -30.20
CA MET C 765 5.30 30.70 -29.25
C MET C 765 6.66 30.07 -29.08
N ILE C 766 6.90 28.90 -29.66
CA ILE C 766 8.14 28.17 -29.38
C ILE C 766 9.35 28.89 -29.97
N ASN C 767 9.21 29.49 -31.16
CA ASN C 767 10.33 30.15 -31.79
C ASN C 767 10.77 31.38 -31.00
N GLU C 768 9.79 32.19 -30.57
CA GLU C 768 10.12 33.38 -29.80
C GLU C 768 10.76 33.03 -28.47
N VAL C 769 10.27 31.98 -27.81
CA VAL C 769 10.85 31.55 -26.55
C VAL C 769 12.26 31.00 -26.74
N ILE C 770 12.48 30.28 -27.85
CA ILE C 770 13.82 29.78 -28.13
C ILE C 770 14.80 30.93 -28.36
N ARG C 771 14.36 31.95 -29.11
CA ARG C 771 15.23 33.12 -29.29
C ARG C 771 15.43 33.88 -27.99
N PHE C 772 14.44 33.86 -27.11
CA PHE C 772 14.55 34.54 -25.82
C PHE C 772 15.56 33.84 -24.91
N ASN C 773 15.48 32.51 -24.80
CA ASN C 773 16.36 31.77 -23.90
C ASN C 773 17.80 31.80 -24.39
N SER C 774 18.00 31.98 -25.70
CA SER C 774 19.33 31.95 -26.30
C SER C 774 19.94 33.34 -26.19
N SER C 775 20.55 33.61 -25.04
CA SER C 775 21.21 34.90 -24.81
C SER C 775 22.38 34.67 -23.87
N GLU C 776 23.53 35.25 -24.21
CA GLU C 776 24.71 35.13 -23.36
C GLU C 776 24.71 36.14 -22.21
N ALA C 777 23.88 37.18 -22.29
CA ALA C 777 23.82 38.22 -21.26
C ALA C 777 22.36 38.46 -20.90
N PRO C 778 21.73 37.53 -20.20
CA PRO C 778 20.33 37.74 -19.78
C PRO C 778 20.22 38.82 -18.73
N THR C 779 19.09 39.52 -18.76
CA THR C 779 18.84 40.56 -17.75
C THR C 779 18.76 39.95 -16.35
N LYS C 780 18.06 38.82 -16.22
CA LYS C 780 17.98 38.09 -14.98
C LYS C 780 18.30 36.62 -15.25
N MET C 781 18.80 35.93 -14.23
CA MET C 781 19.12 34.52 -14.33
C MET C 781 18.13 33.71 -13.49
N GLY C 782 18.27 32.39 -13.55
CA GLY C 782 17.27 31.49 -13.00
C GLY C 782 17.40 31.16 -11.52
N THR C 783 18.38 31.76 -10.85
CA THR C 783 18.64 31.59 -9.41
C THR C 783 18.45 30.15 -8.92
N PHE C 784 19.17 29.22 -9.54
CA PHE C 784 19.19 27.82 -9.10
C PHE C 784 20.64 27.39 -8.97
N PRO C 785 21.00 26.68 -7.88
CA PRO C 785 22.41 26.37 -7.64
C PRO C 785 23.08 25.59 -8.76
N GLN C 786 22.35 24.68 -9.40
CA GLN C 786 22.92 23.90 -10.49
C GLN C 786 23.25 24.79 -11.69
N TYR C 787 22.36 25.74 -11.99
CA TYR C 787 22.54 26.67 -13.11
C TYR C 787 23.46 27.80 -12.65
N ASP C 788 24.76 27.63 -12.85
CA ASP C 788 25.73 28.60 -12.34
C ASP C 788 26.10 29.68 -13.36
N HIS C 789 25.82 29.48 -14.64
CA HIS C 789 26.09 30.49 -15.65
C HIS C 789 25.20 30.23 -16.86
N PRO C 790 24.91 31.27 -17.66
CA PRO C 790 24.07 31.08 -18.86
C PRO C 790 24.63 30.04 -19.81
N ARG C 791 23.85 28.99 -20.06
CA ARG C 791 24.36 27.83 -20.79
C ARG C 791 23.31 27.25 -21.74
N THR C 792 22.30 28.02 -22.15
CA THR C 792 21.20 27.45 -22.94
C THR C 792 21.59 27.28 -24.39
N LEU C 793 22.41 28.19 -24.92
CA LEU C 793 22.81 28.11 -26.33
C LEU C 793 23.53 26.81 -26.62
N GLU C 794 24.37 26.35 -25.70
CA GLU C 794 25.06 25.08 -25.87
C GLU C 794 24.06 23.92 -25.92
N ARG C 795 23.02 23.98 -25.08
CA ARG C 795 22.02 22.91 -25.09
C ARG C 795 21.24 22.88 -26.41
N TYR C 796 20.88 24.05 -26.92
CA TYR C 796 20.21 24.10 -28.22
C TYR C 796 21.12 23.58 -29.32
N ALA C 797 22.41 23.91 -29.25
CA ALA C 797 23.36 23.38 -30.23
C ALA C 797 23.47 21.86 -30.12
N GLU C 798 23.40 21.32 -28.91
CA GLU C 798 23.42 19.87 -28.74
C GLU C 798 22.18 19.23 -29.36
N ILE C 799 21.01 19.86 -29.19
CA ILE C 799 19.80 19.34 -29.82
C ILE C 799 19.96 19.33 -31.34
N ALA C 800 20.47 20.44 -31.89
CA ALA C 800 20.66 20.53 -33.33
C ALA C 800 21.65 19.49 -33.83
N ASP C 801 22.74 19.26 -33.09
CA ASP C 801 23.71 18.24 -33.46
C ASP C 801 23.08 16.85 -33.44
N TYR C 802 22.27 16.56 -32.41
CA TYR C 802 21.66 15.24 -32.30
C TYR C 802 20.70 14.99 -33.46
N ILE C 803 19.87 15.99 -33.81
CA ILE C 803 18.96 15.82 -34.93
C ILE C 803 19.72 15.60 -36.22
N GLY C 804 20.77 16.40 -36.44
CA GLY C 804 21.58 16.25 -37.64
C GLY C 804 21.54 17.47 -38.53
N LEU C 805 21.27 18.63 -37.93
CA LEU C 805 21.16 19.86 -38.71
C LEU C 805 22.53 20.39 -39.13
N LYS C 806 23.54 20.26 -38.27
CA LYS C 806 24.93 20.47 -38.64
C LYS C 806 25.18 21.88 -39.17
N GLY C 807 25.06 22.88 -38.30
CA GLY C 807 25.40 24.24 -38.66
C GLY C 807 26.84 24.59 -38.33
N LYS C 808 27.07 25.73 -37.69
CA LYS C 808 28.41 26.14 -37.35
C LYS C 808 28.35 27.14 -36.20
N ASN C 809 29.40 27.13 -35.37
CA ASN C 809 29.65 28.09 -34.29
C ASN C 809 28.50 28.27 -33.31
N ASN C 810 27.57 27.32 -33.26
CA ASN C 810 26.55 27.22 -32.22
C ASN C 810 25.46 28.29 -32.32
N GLU C 811 25.58 29.25 -33.22
CA GLU C 811 24.48 30.15 -33.51
C GLU C 811 23.77 29.80 -34.82
N GLU C 812 24.54 29.45 -35.86
CA GLU C 812 23.93 28.88 -37.05
C GLU C 812 23.20 27.60 -36.74
N LYS C 813 23.67 26.84 -35.75
CA LYS C 813 22.96 25.63 -35.34
C LYS C 813 21.58 25.97 -34.78
N VAL C 814 21.50 27.01 -33.95
CA VAL C 814 20.21 27.40 -33.38
C VAL C 814 19.30 27.97 -34.47
N GLU C 815 19.86 28.73 -35.41
CA GLU C 815 19.06 29.22 -36.53
C GLU C 815 18.51 28.07 -37.36
N ASN C 816 19.33 27.04 -37.59
CA ASN C 816 18.86 25.87 -38.32
C ASN C 816 17.78 25.13 -37.52
N LEU C 817 17.91 25.08 -36.20
CA LEU C 817 16.88 24.46 -35.38
C LEU C 817 15.55 25.20 -35.51
N ILE C 818 15.60 26.54 -35.47
CA ILE C 818 14.38 27.33 -35.65
C ILE C 818 13.80 27.09 -37.04
N LYS C 819 14.66 27.03 -38.05
CA LYS C 819 14.20 26.77 -39.41
C LYS C 819 13.52 25.42 -39.52
N ALA C 820 14.11 24.38 -38.92
CA ALA C 820 13.52 23.05 -38.97
C ALA C 820 12.18 23.00 -38.23
N ILE C 821 12.09 23.68 -37.09
CA ILE C 821 10.83 23.75 -36.38
C ILE C 821 9.76 24.43 -37.23
N ASP C 822 10.13 25.52 -37.91
CA ASP C 822 9.18 26.20 -38.78
C ASP C 822 8.74 25.32 -39.94
N GLU C 823 9.67 24.54 -40.51
CA GLU C 823 9.31 23.62 -41.58
C GLU C 823 8.35 22.56 -41.09
N LEU C 824 8.61 21.99 -39.91
CA LEU C 824 7.71 20.98 -39.36
C LEU C 824 6.33 21.57 -39.07
N LYS C 825 6.29 22.82 -38.62
CA LYS C 825 5.00 23.50 -38.44
C LYS C 825 4.28 23.66 -39.77
N GLU C 826 5.02 24.01 -40.82
CA GLU C 826 4.40 24.21 -42.13
C GLU C 826 3.86 22.91 -42.70
N LYS C 827 4.55 21.79 -42.44
CA LYS C 827 4.12 20.51 -42.99
C LYS C 827 2.75 20.09 -42.46
N VAL C 828 2.48 20.31 -41.17
CA VAL C 828 1.26 19.85 -40.54
C VAL C 828 0.17 20.92 -40.52
N GLY C 829 0.34 22.00 -41.27
CA GLY C 829 -0.69 23.00 -41.40
C GLY C 829 -0.95 23.82 -40.16
N ILE C 830 0.03 24.61 -39.73
CA ILE C 830 -0.11 25.54 -38.61
C ILE C 830 0.18 26.94 -39.13
N ARG C 831 -0.76 27.86 -38.93
CA ARG C 831 -0.57 29.22 -39.39
C ARG C 831 0.57 29.90 -38.64
N LYS C 832 1.15 30.90 -39.27
CA LYS C 832 2.37 31.52 -38.76
C LYS C 832 2.09 32.39 -37.53
N THR C 833 1.25 33.40 -37.68
CA THR C 833 1.04 34.38 -36.63
C THR C 833 -0.29 34.15 -35.92
N ILE C 834 -0.43 34.77 -34.75
CA ILE C 834 -1.71 34.77 -34.05
C ILE C 834 -2.75 35.55 -34.85
N LYS C 835 -2.35 36.66 -35.46
CA LYS C 835 -3.27 37.47 -36.25
C LYS C 835 -3.95 36.64 -37.33
N ASP C 836 -3.28 35.63 -37.84
CA ASP C 836 -3.90 34.69 -38.77
C ASP C 836 -4.70 33.61 -38.05
N TYR C 837 -5.54 34.01 -37.10
CA TYR C 837 -6.50 33.08 -36.50
C TYR C 837 -7.84 33.76 -36.23
N ASP C 838 -8.18 34.83 -36.94
CA ASP C 838 -9.43 35.56 -36.78
C ASP C 838 -9.56 36.10 -35.36
N ILE C 839 -8.54 36.84 -34.94
CA ILE C 839 -8.51 37.52 -33.65
C ILE C 839 -8.32 39.00 -33.90
N ASP C 840 -9.20 39.82 -33.33
CA ASP C 840 -9.16 41.25 -33.56
C ASP C 840 -7.96 41.88 -32.86
N GLU C 841 -7.45 42.96 -33.45
CA GLU C 841 -6.27 43.63 -32.90
C GLU C 841 -6.62 44.40 -31.63
N LYS C 842 -7.76 45.09 -31.63
CA LYS C 842 -8.12 45.91 -30.48
C LYS C 842 -8.37 45.05 -29.24
N GLU C 843 -8.99 43.88 -29.42
CA GLU C 843 -9.20 42.98 -28.28
C GLU C 843 -7.88 42.51 -27.71
N PHE C 844 -6.92 42.17 -28.59
CA PHE C 844 -5.60 41.77 -28.13
C PHE C 844 -4.93 42.91 -27.36
N LEU C 845 -5.01 44.13 -27.88
CA LEU C 845 -4.35 45.25 -27.23
C LEU C 845 -5.01 45.64 -25.91
N ASP C 846 -6.31 45.40 -25.76
CA ASP C 846 -7.00 45.70 -24.52
C ASP C 846 -6.86 44.60 -23.48
N ARG C 847 -6.64 43.36 -23.90
CA ARG C 847 -6.43 42.28 -22.93
C ARG C 847 -4.96 41.93 -22.70
N LEU C 848 -4.03 42.55 -23.42
CA LEU C 848 -2.62 42.25 -23.26
C LEU C 848 -2.11 42.58 -21.86
N ASP C 849 -2.55 43.71 -21.31
CA ASP C 849 -2.04 44.13 -20.00
C ASP C 849 -2.39 43.12 -18.92
N GLU C 850 -3.62 42.59 -18.95
CA GLU C 850 -4.01 41.57 -17.98
C GLU C 850 -3.38 40.21 -18.29
N MET C 851 -3.26 39.87 -19.58
CA MET C 851 -2.75 38.54 -19.92
C MET C 851 -1.27 38.42 -19.59
N VAL C 852 -0.51 39.51 -19.73
CA VAL C 852 0.92 39.48 -19.36
C VAL C 852 1.07 39.24 -17.86
N GLU C 853 0.29 39.96 -17.05
CA GLU C 853 0.36 39.79 -15.61
C GLU C 853 -0.05 38.37 -15.21
N GLN C 854 -1.09 37.82 -15.86
CA GLN C 854 -1.49 36.45 -15.57
C GLN C 854 -0.40 35.46 -15.97
N ALA C 855 0.28 35.70 -17.09
CA ALA C 855 1.34 34.82 -17.54
C ALA C 855 2.53 34.83 -16.60
N PHE C 856 2.90 36.01 -16.08
CA PHE C 856 4.01 36.07 -15.15
C PHE C 856 3.73 35.27 -13.88
N ASP C 857 2.51 35.37 -13.37
CA ASP C 857 2.11 34.64 -12.16
C ASP C 857 1.63 33.23 -12.49
N ASP C 858 2.54 32.43 -13.05
CA ASP C 858 2.23 31.05 -13.41
C ASP C 858 3.29 30.13 -12.80
N GLN C 859 2.91 28.88 -12.59
CA GLN C 859 3.81 27.92 -11.94
C GLN C 859 5.05 27.66 -12.78
N CYS C 860 4.88 27.56 -14.09
CA CYS C 860 5.98 27.14 -14.97
C CYS C 860 7.04 28.22 -15.13
N THR C 861 6.73 29.47 -14.76
CA THR C 861 7.68 30.56 -14.95
C THR C 861 8.93 30.37 -14.08
N GLY C 862 8.79 29.68 -12.95
CA GLY C 862 9.89 29.61 -11.99
C GLY C 862 11.10 28.87 -12.52
N THR C 863 10.89 27.82 -13.30
CA THR C 863 11.97 26.95 -13.74
C THR C 863 12.63 27.39 -15.04
N ASN C 864 12.21 28.52 -15.61
CA ASN C 864 12.82 28.99 -16.84
C ASN C 864 14.22 29.55 -16.55
N PRO C 865 15.20 29.29 -17.41
CA PRO C 865 16.57 29.73 -17.13
C PRO C 865 16.77 31.24 -17.14
N ARG C 866 15.83 32.02 -17.69
CA ARG C 866 16.05 33.45 -17.88
C ARG C 866 15.18 34.34 -17.01
N TYR C 867 14.17 33.79 -16.34
CA TYR C 867 13.31 34.55 -15.44
C TYR C 867 12.74 35.80 -16.12
N PRO C 868 11.79 35.64 -17.03
CA PRO C 868 11.30 36.79 -17.81
C PRO C 868 10.62 37.84 -16.93
N LEU C 869 10.77 39.09 -17.36
CA LEU C 869 10.06 40.21 -16.76
C LEU C 869 8.76 40.45 -17.54
N MET C 870 8.00 41.45 -17.09
CA MET C 870 6.70 41.71 -17.72
C MET C 870 6.85 42.38 -19.08
N ASN C 871 7.81 43.31 -19.20
CA ASN C 871 8.04 43.97 -20.49
C ASN C 871 8.48 42.97 -21.54
N GLU C 872 9.36 42.03 -21.18
CA GLU C 872 9.79 41.01 -22.13
C GLU C 872 8.64 40.11 -22.53
N ILE C 873 7.75 39.78 -21.59
CA ILE C 873 6.58 38.96 -21.92
C ILE C 873 5.67 39.70 -22.89
N ARG C 874 5.44 40.99 -22.66
CA ARG C 874 4.61 41.77 -23.58
C ARG C 874 5.26 41.84 -24.96
N GLN C 875 6.58 42.01 -25.00
CA GLN C 875 7.28 42.06 -26.28
C GLN C 875 7.16 40.73 -27.02
N MET C 876 7.25 39.62 -26.29
CA MET C 876 7.10 38.31 -26.92
C MET C 876 5.69 38.11 -27.47
N TYR C 877 4.67 38.51 -26.72
CA TYR C 877 3.31 38.49 -27.25
C TYR C 877 3.18 39.33 -28.51
N LEU C 878 3.72 40.56 -28.50
CA LEU C 878 3.60 41.42 -29.66
C LEU C 878 4.33 40.82 -30.87
N ASN C 879 5.50 40.23 -30.65
CA ASN C 879 6.26 39.64 -31.75
C ASN C 879 5.56 38.42 -32.30
N ALA C 880 4.91 37.63 -31.43
CA ALA C 880 4.15 36.48 -31.92
C ALA C 880 2.91 36.92 -32.69
N TYR C 881 2.25 37.99 -32.25
CA TYR C 881 1.04 38.44 -32.94
C TYR C 881 1.34 39.10 -34.28
N TYR C 882 2.33 40.00 -34.32
CA TYR C 882 2.70 40.67 -35.57
C TYR C 882 3.55 39.81 -36.48
N GLY C 883 4.39 38.94 -35.93
CA GLY C 883 5.26 38.11 -36.73
C GLY C 883 6.63 38.72 -36.94
N ILE D 25 -31.40 -47.99 -55.58
CA ILE D 25 -30.04 -48.26 -55.14
C ILE D 25 -30.00 -49.53 -54.30
N ASP D 26 -29.72 -50.66 -54.95
CA ASP D 26 -29.63 -51.94 -54.27
C ASP D 26 -28.35 -52.71 -54.55
N ASN D 27 -27.41 -52.14 -55.31
CA ASN D 27 -26.17 -52.81 -55.64
C ASN D 27 -25.00 -51.89 -55.31
N VAL D 28 -23.82 -52.49 -55.19
CA VAL D 28 -22.63 -51.73 -54.77
C VAL D 28 -22.27 -50.65 -55.78
N GLU D 29 -22.30 -50.97 -57.09
CA GLU D 29 -21.90 -49.99 -58.09
C GLU D 29 -22.89 -48.84 -58.16
N LYS D 30 -24.18 -49.13 -57.98
CA LYS D 30 -25.17 -48.06 -57.89
C LYS D 30 -24.91 -47.18 -56.68
N LEU D 31 -24.54 -47.78 -55.55
CA LEU D 31 -24.22 -46.99 -54.36
C LEU D 31 -23.01 -46.10 -54.59
N GLU D 32 -22.00 -46.61 -55.29
CA GLU D 32 -20.81 -45.80 -55.56
C GLU D 32 -21.13 -44.64 -56.50
N LYS D 33 -21.95 -44.90 -57.53
CA LYS D 33 -22.38 -43.82 -58.40
C LYS D 33 -23.19 -42.77 -57.63
N ALA D 34 -24.06 -43.22 -56.73
CA ALA D 34 -24.83 -42.29 -55.91
C ALA D 34 -23.92 -41.47 -55.01
N LEU D 35 -22.90 -42.09 -54.44
CA LEU D 35 -21.95 -41.36 -53.59
C LEU D 35 -21.19 -40.31 -54.40
N LYS D 36 -20.77 -40.66 -55.62
CA LYS D 36 -20.10 -39.67 -56.47
C LYS D 36 -21.03 -38.50 -56.78
N ARG D 37 -22.29 -38.78 -57.10
CA ARG D 37 -23.25 -37.71 -57.34
C ARG D 37 -23.46 -36.86 -56.10
N LEU D 38 -23.51 -37.49 -54.93
CA LEU D 38 -23.69 -36.76 -53.68
C LEU D 38 -22.52 -35.81 -53.43
N ARG D 39 -21.30 -36.29 -53.65
CA ARG D 39 -20.14 -35.43 -53.48
C ARG D 39 -20.16 -34.27 -54.47
N GLU D 40 -20.52 -34.56 -55.72
CA GLU D 40 -20.58 -33.49 -56.72
C GLU D 40 -21.62 -32.43 -56.36
N ALA D 41 -22.76 -32.86 -55.82
CA ALA D 41 -23.79 -31.90 -55.40
C ALA D 41 -23.37 -31.11 -54.17
N GLN D 42 -22.72 -31.78 -53.20
CA GLN D 42 -22.28 -31.09 -51.99
C GLN D 42 -21.22 -30.06 -52.31
N SER D 43 -20.36 -30.33 -53.30
CA SER D 43 -19.34 -29.37 -53.67
C SER D 43 -19.97 -28.06 -54.15
N VAL D 44 -21.06 -28.14 -54.91
CA VAL D 44 -21.76 -26.93 -55.33
C VAL D 44 -22.48 -26.30 -54.15
N TYR D 45 -23.09 -27.12 -53.29
CA TYR D 45 -23.89 -26.58 -52.20
C TYR D 45 -23.04 -25.85 -51.16
N ALA D 46 -21.79 -26.26 -50.98
CA ALA D 46 -20.97 -25.74 -49.88
C ALA D 46 -20.54 -24.30 -50.07
N THR D 47 -21.02 -23.60 -51.09
CA THR D 47 -20.66 -22.21 -51.32
C THR D 47 -21.87 -21.28 -51.30
N TYR D 48 -23.01 -21.75 -50.82
CA TYR D 48 -24.22 -20.92 -50.78
C TYR D 48 -24.09 -19.85 -49.70
N THR D 49 -24.83 -18.75 -49.89
CA THR D 49 -24.83 -17.65 -48.94
C THR D 49 -25.82 -17.93 -47.82
N GLN D 50 -25.98 -16.94 -46.92
CA GLN D 50 -26.86 -17.12 -45.77
C GLN D 50 -28.32 -17.05 -46.18
N GLU D 51 -28.68 -16.12 -47.08
CA GLU D 51 -30.06 -15.97 -47.49
C GLU D 51 -30.59 -17.23 -48.15
N GLN D 52 -29.79 -17.84 -49.02
CA GLN D 52 -30.20 -19.05 -49.72
C GLN D 52 -30.49 -20.19 -48.74
N VAL D 53 -29.55 -20.41 -47.81
CA VAL D 53 -29.73 -21.47 -46.83
C VAL D 53 -30.93 -21.20 -45.93
N ASP D 54 -31.16 -19.93 -45.58
CA ASP D 54 -32.35 -19.58 -44.82
C ASP D 54 -33.61 -19.97 -45.58
N LYS D 55 -33.66 -19.66 -46.88
CA LYS D 55 -34.83 -19.99 -47.67
C LYS D 55 -35.03 -21.50 -47.76
N ILE D 56 -33.96 -22.26 -47.98
CA ILE D 56 -34.08 -23.71 -48.05
C ILE D 56 -34.61 -24.27 -46.73
N PHE D 57 -34.05 -23.79 -45.61
CA PHE D 57 -34.48 -24.26 -44.31
C PHE D 57 -35.96 -23.95 -44.07
N PHE D 58 -36.39 -22.75 -44.42
CA PHE D 58 -37.78 -22.33 -44.21
C PHE D 58 -38.75 -23.18 -45.02
N GLU D 59 -38.46 -23.34 -46.32
CA GLU D 59 -39.33 -24.13 -47.18
C GLU D 59 -39.36 -25.60 -46.75
N ALA D 60 -38.20 -26.17 -46.39
CA ALA D 60 -38.18 -27.54 -45.91
C ALA D 60 -38.97 -27.68 -44.62
N ALA D 61 -38.92 -26.67 -43.75
CA ALA D 61 -39.69 -26.72 -42.51
C ALA D 61 -41.18 -26.75 -42.78
N MET D 62 -41.67 -25.89 -43.68
CA MET D 62 -43.09 -25.99 -44.05
C MET D 62 -43.42 -27.36 -44.62
N ALA D 63 -42.60 -27.86 -45.55
CA ALA D 63 -42.94 -29.13 -46.19
C ALA D 63 -43.00 -30.27 -45.19
N ALA D 64 -42.06 -30.30 -44.25
CA ALA D 64 -42.07 -31.33 -43.23
C ALA D 64 -43.21 -31.16 -42.24
N ASN D 65 -43.61 -29.92 -41.93
CA ASN D 65 -44.66 -29.72 -40.94
C ASN D 65 -46.04 -30.03 -41.50
N LYS D 66 -46.29 -29.70 -42.76
CA LYS D 66 -47.63 -29.88 -43.31
C LYS D 66 -48.03 -31.35 -43.37
N MET D 67 -47.09 -32.23 -43.75
CA MET D 67 -47.39 -33.64 -43.91
C MET D 67 -46.97 -34.38 -42.64
N ARG D 68 -47.70 -34.12 -41.56
CA ARG D 68 -47.41 -34.73 -40.26
C ARG D 68 -48.26 -35.95 -39.94
N ILE D 69 -49.53 -35.94 -40.33
CA ILE D 69 -50.41 -37.09 -40.10
C ILE D 69 -50.19 -38.20 -41.11
N PRO D 70 -50.09 -37.91 -42.43
CA PRO D 70 -49.85 -39.01 -43.38
C PRO D 70 -48.60 -39.81 -43.07
N LEU D 71 -47.51 -39.15 -42.68
CA LEU D 71 -46.29 -39.88 -42.36
C LEU D 71 -46.49 -40.76 -41.12
N ALA D 72 -47.19 -40.25 -40.11
CA ALA D 72 -47.44 -41.06 -38.92
C ALA D 72 -48.28 -42.28 -39.25
N LYS D 73 -49.33 -42.11 -40.06
CA LYS D 73 -50.15 -43.24 -40.44
C LYS D 73 -49.35 -44.26 -41.26
N MET D 74 -48.52 -43.77 -42.19
CA MET D 74 -47.69 -44.68 -42.97
C MET D 74 -46.73 -45.46 -42.07
N ALA D 75 -46.11 -44.78 -41.11
CA ALA D 75 -45.15 -45.45 -40.23
C ALA D 75 -45.84 -46.48 -39.34
N VAL D 76 -47.00 -46.13 -38.79
CA VAL D 76 -47.69 -47.07 -37.90
C VAL D 76 -48.24 -48.25 -38.68
N GLU D 77 -48.63 -48.04 -39.94
CA GLU D 77 -49.13 -49.16 -40.74
C GLU D 77 -48.00 -50.07 -41.19
N GLU D 78 -46.85 -49.50 -41.55
CA GLU D 78 -45.73 -50.31 -42.01
C GLU D 78 -45.06 -51.06 -40.86
N THR D 79 -44.80 -50.37 -39.75
CA THR D 79 -44.01 -50.95 -38.67
C THR D 79 -44.79 -51.99 -37.87
N GLY D 80 -46.08 -51.75 -37.64
CA GLY D 80 -46.88 -52.67 -36.86
C GLY D 80 -46.86 -52.45 -35.37
N MET D 81 -46.25 -51.37 -34.88
CA MET D 81 -46.25 -51.04 -33.47
C MET D 81 -46.30 -49.53 -33.31
N GLY D 82 -46.75 -49.08 -32.14
CA GLY D 82 -46.87 -47.68 -31.85
C GLY D 82 -48.29 -47.16 -32.00
N VAL D 83 -48.48 -45.91 -31.58
CA VAL D 83 -49.78 -45.25 -31.62
C VAL D 83 -49.69 -44.05 -32.55
N VAL D 84 -50.75 -43.82 -33.32
CA VAL D 84 -50.72 -42.82 -34.38
C VAL D 84 -50.54 -41.42 -33.80
N GLU D 85 -51.26 -41.10 -32.72
CA GLU D 85 -51.30 -39.73 -32.23
C GLU D 85 -49.96 -39.28 -31.68
N ASP D 86 -49.28 -40.14 -30.93
CA ASP D 86 -47.95 -39.77 -30.43
C ASP D 86 -46.95 -39.66 -31.56
N LYS D 87 -47.09 -40.47 -32.61
CA LYS D 87 -46.26 -40.31 -33.80
C LYS D 87 -46.52 -38.96 -34.47
N VAL D 88 -47.78 -38.52 -34.49
CA VAL D 88 -48.10 -37.19 -35.01
C VAL D 88 -47.42 -36.11 -34.17
N ILE D 89 -47.45 -36.27 -32.84
CA ILE D 89 -46.77 -35.32 -31.95
C ILE D 89 -45.29 -35.28 -32.26
N LYS D 90 -44.66 -36.45 -32.43
CA LYS D 90 -43.23 -36.49 -32.71
C LYS D 90 -42.91 -35.87 -34.06
N ASN D 91 -43.73 -36.13 -35.08
CA ASN D 91 -43.51 -35.55 -36.40
C ASN D 91 -43.64 -34.04 -36.37
N HIS D 92 -44.62 -33.52 -35.64
CA HIS D 92 -44.75 -32.08 -35.50
C HIS D 92 -43.58 -31.48 -34.74
N TYR D 93 -43.11 -32.18 -33.70
CA TYR D 93 -41.97 -31.71 -32.92
C TYR D 93 -40.73 -31.60 -33.79
N ALA D 94 -40.40 -32.67 -34.52
CA ALA D 94 -39.15 -32.77 -35.26
C ALA D 94 -39.02 -31.72 -36.36
N SER D 95 -40.11 -31.05 -36.72
CA SER D 95 -40.04 -29.94 -37.67
C SER D 95 -40.17 -28.60 -36.96
N GLU D 96 -41.22 -28.41 -36.16
CA GLU D 96 -41.47 -27.09 -35.59
C GLU D 96 -40.42 -26.70 -34.57
N TYR D 97 -40.07 -27.60 -33.65
CA TYR D 97 -39.12 -27.23 -32.60
C TYR D 97 -37.71 -27.17 -33.14
N ILE D 98 -37.40 -27.96 -34.17
CA ILE D 98 -36.09 -27.89 -34.79
C ILE D 98 -35.92 -26.59 -35.56
N TYR D 99 -36.97 -26.16 -36.28
CA TYR D 99 -36.86 -24.90 -37.01
C TYR D 99 -36.68 -23.72 -36.06
N ASN D 100 -37.44 -23.69 -34.96
CA ASN D 100 -37.35 -22.59 -34.02
C ASN D 100 -36.33 -22.88 -32.92
N ALA D 101 -35.15 -23.33 -33.33
CA ALA D 101 -33.99 -23.43 -32.45
C ALA D 101 -32.76 -22.93 -33.18
N TYR D 102 -32.79 -22.98 -34.50
CA TYR D 102 -31.66 -22.60 -35.35
C TYR D 102 -32.07 -21.69 -36.50
N LYS D 103 -33.26 -21.09 -36.42
CA LYS D 103 -33.74 -20.26 -37.52
C LYS D 103 -32.84 -19.05 -37.75
N ASN D 104 -32.22 -18.52 -36.70
CA ASN D 104 -31.34 -17.38 -36.82
C ASN D 104 -29.98 -17.63 -36.18
N THR D 105 -29.45 -18.84 -36.30
CA THR D 105 -28.11 -19.18 -35.84
C THR D 105 -27.14 -19.03 -37.00
N LYS D 106 -26.16 -18.14 -36.84
CA LYS D 106 -25.21 -17.87 -37.91
C LYS D 106 -24.27 -19.05 -38.08
N THR D 107 -24.18 -19.57 -39.32
CA THR D 107 -23.31 -20.69 -39.61
C THR D 107 -22.60 -20.58 -40.96
N CYS D 108 -22.70 -19.45 -41.66
CA CYS D 108 -22.13 -19.35 -43.01
C CYS D 108 -20.65 -19.01 -42.96
N GLY D 109 -20.29 -17.87 -42.40
CA GLY D 109 -18.92 -17.40 -42.47
C GLY D 109 -18.32 -17.00 -41.14
N VAL D 110 -17.81 -15.77 -41.05
CA VAL D 110 -17.13 -15.31 -39.86
C VAL D 110 -18.14 -15.22 -38.71
N ILE D 111 -17.99 -16.11 -37.73
CA ILE D 111 -18.85 -16.12 -36.57
C ILE D 111 -18.23 -15.39 -35.37
N GLU D 112 -16.91 -15.45 -35.22
CA GLU D 112 -16.20 -14.76 -34.14
C GLU D 112 -15.16 -13.83 -34.75
N GLU D 113 -15.05 -12.63 -34.19
CA GLU D 113 -14.15 -11.61 -34.73
C GLU D 113 -13.61 -10.79 -33.56
N ASP D 114 -12.32 -10.96 -33.27
CA ASP D 114 -11.66 -10.22 -32.20
C ASP D 114 -10.60 -9.32 -32.81
N PRO D 115 -10.89 -8.04 -33.06
CA PRO D 115 -9.89 -7.17 -33.70
C PRO D 115 -8.63 -6.94 -32.90
N ALA D 116 -8.71 -6.94 -31.56
CA ALA D 116 -7.52 -6.66 -30.75
C ALA D 116 -6.43 -7.70 -30.99
N PHE D 117 -6.80 -8.96 -31.04
CA PHE D 117 -5.90 -10.03 -31.42
C PHE D 117 -6.11 -10.36 -32.90
N GLY D 118 -5.52 -11.45 -33.37
CA GLY D 118 -5.65 -11.81 -34.77
C GLY D 118 -6.59 -12.96 -35.04
N ILE D 119 -7.46 -13.27 -34.09
CA ILE D 119 -8.31 -14.45 -34.16
C ILE D 119 -9.55 -14.18 -35.01
N LYS D 120 -9.92 -15.17 -35.81
CA LYS D 120 -11.12 -15.11 -36.64
C LYS D 120 -11.50 -16.54 -37.00
N LYS D 121 -12.79 -16.87 -36.94
CA LYS D 121 -13.28 -18.21 -37.18
C LYS D 121 -14.27 -18.22 -38.35
N ILE D 122 -14.29 -19.33 -39.08
CA ILE D 122 -14.97 -19.35 -40.38
C ILE D 122 -16.17 -20.31 -40.39
N ALA D 123 -16.09 -21.39 -39.61
CA ALA D 123 -17.21 -22.33 -39.45
C ALA D 123 -17.65 -22.91 -40.81
N GLU D 124 -16.74 -23.66 -41.42
CA GLU D 124 -17.01 -24.29 -42.70
C GLU D 124 -17.81 -25.58 -42.53
N PRO D 125 -18.49 -26.03 -43.61
CA PRO D 125 -19.24 -27.30 -43.52
C PRO D 125 -18.34 -28.51 -43.32
N LEU D 126 -18.96 -29.70 -43.24
CA LEU D 126 -18.25 -30.91 -42.88
C LEU D 126 -18.08 -31.90 -44.03
N GLY D 127 -19.06 -32.05 -44.90
CA GLY D 127 -18.92 -32.98 -46.02
C GLY D 127 -20.11 -33.89 -46.24
N VAL D 128 -19.89 -35.19 -46.13
CA VAL D 128 -20.92 -36.20 -46.40
C VAL D 128 -21.23 -36.96 -45.12
N ILE D 129 -22.52 -37.06 -44.81
CA ILE D 129 -23.00 -37.71 -43.59
C ILE D 129 -23.70 -38.99 -43.98
N ALA D 130 -23.37 -40.08 -43.28
CA ALA D 130 -24.06 -41.36 -43.44
C ALA D 130 -24.97 -41.54 -42.23
N ALA D 131 -26.28 -41.47 -42.47
CA ALA D 131 -27.27 -41.49 -41.41
C ALA D 131 -27.83 -42.89 -41.24
N VAL D 132 -27.82 -43.38 -40.00
CA VAL D 132 -28.37 -44.68 -39.65
C VAL D 132 -29.59 -44.45 -38.77
N ILE D 133 -30.75 -44.87 -39.27
CA ILE D 133 -32.05 -44.55 -38.67
C ILE D 133 -32.57 -45.80 -37.97
N PRO D 134 -33.13 -45.68 -36.77
CA PRO D 134 -33.74 -46.84 -36.12
C PRO D 134 -35.16 -47.06 -36.61
N THR D 135 -35.80 -48.09 -36.05
CA THR D 135 -37.17 -48.44 -36.39
C THR D 135 -38.20 -47.82 -35.46
N THR D 136 -37.81 -47.43 -34.25
CA THR D 136 -38.77 -46.86 -33.30
C THR D 136 -39.25 -45.49 -33.74
N ASN D 137 -38.39 -44.69 -34.36
CA ASN D 137 -38.72 -43.35 -34.83
C ASN D 137 -38.29 -43.24 -36.29
N PRO D 138 -39.04 -43.84 -37.22
CA PRO D 138 -38.63 -43.83 -38.63
C PRO D 138 -38.67 -42.46 -39.26
N THR D 139 -39.81 -41.77 -39.14
CA THR D 139 -40.03 -40.53 -39.87
C THR D 139 -39.44 -39.32 -39.16
N SER D 140 -39.66 -39.21 -37.84
CA SER D 140 -39.21 -38.03 -37.11
C SER D 140 -37.70 -37.89 -37.14
N THR D 141 -36.98 -39.01 -36.96
CA THR D 141 -35.52 -38.97 -37.00
C THR D 141 -35.03 -38.57 -38.38
N ALA D 142 -35.66 -39.10 -39.43
CA ALA D 142 -35.26 -38.73 -40.79
C ALA D 142 -35.46 -37.24 -41.04
N ILE D 143 -36.61 -36.70 -40.63
CA ILE D 143 -36.87 -35.29 -40.82
C ILE D 143 -35.86 -34.44 -40.06
N PHE D 144 -35.59 -34.82 -38.80
CA PHE D 144 -34.65 -34.07 -37.98
C PHE D 144 -33.26 -34.06 -38.59
N LYS D 145 -32.75 -35.24 -38.98
CA LYS D 145 -31.42 -35.33 -39.56
C LYS D 145 -31.34 -34.57 -40.87
N THR D 146 -32.35 -34.71 -41.73
CA THR D 146 -32.32 -34.02 -43.02
C THR D 146 -32.33 -32.51 -42.83
N LEU D 147 -33.15 -32.00 -41.90
CA LEU D 147 -33.19 -30.56 -41.67
C LEU D 147 -31.88 -30.04 -41.12
N ILE D 148 -31.30 -30.74 -40.14
CA ILE D 148 -30.05 -30.23 -39.56
C ILE D 148 -28.91 -30.31 -40.58
N ALA D 149 -28.91 -31.33 -41.45
CA ALA D 149 -27.92 -31.39 -42.51
C ALA D 149 -28.12 -30.26 -43.52
N LEU D 150 -29.37 -29.95 -43.85
CA LEU D 150 -29.63 -28.86 -44.78
C LEU D 150 -29.19 -27.52 -44.22
N LYS D 151 -29.36 -27.31 -42.92
CA LYS D 151 -28.99 -26.03 -42.33
C LYS D 151 -27.48 -25.78 -42.38
N THR D 152 -26.68 -26.83 -42.30
CA THR D 152 -25.22 -26.70 -42.22
C THR D 152 -24.53 -26.85 -43.57
N ARG D 153 -25.29 -26.91 -44.67
CA ARG D 153 -24.74 -27.03 -46.02
C ARG D 153 -23.95 -28.33 -46.20
N ASN D 154 -24.51 -29.43 -45.71
CA ASN D 154 -23.96 -30.76 -45.91
C ASN D 154 -24.81 -31.55 -46.90
N ALA D 155 -24.38 -32.78 -47.15
CA ALA D 155 -25.13 -33.74 -47.94
C ALA D 155 -25.26 -35.04 -47.15
N ILE D 156 -26.46 -35.61 -47.16
CA ILE D 156 -26.79 -36.72 -46.28
C ILE D 156 -27.31 -37.89 -47.10
N ILE D 157 -26.84 -39.09 -46.77
CA ILE D 157 -27.37 -40.34 -47.30
C ILE D 157 -27.97 -41.12 -46.14
N ILE D 158 -29.20 -41.59 -46.32
CA ILE D 158 -29.98 -42.22 -45.26
C ILE D 158 -30.06 -43.71 -45.52
N SER D 159 -29.75 -44.51 -44.50
CA SER D 159 -29.84 -45.96 -44.58
C SER D 159 -30.97 -46.43 -43.67
N PRO D 160 -32.16 -46.68 -44.20
CA PRO D 160 -33.30 -46.99 -43.35
C PRO D 160 -33.25 -48.40 -42.80
N HIS D 161 -34.00 -48.62 -41.73
CA HIS D 161 -34.14 -49.95 -41.17
C HIS D 161 -34.94 -50.83 -42.15
N PRO D 162 -34.63 -52.12 -42.23
CA PRO D 162 -35.36 -52.98 -43.17
C PRO D 162 -36.85 -53.02 -42.94
N ARG D 163 -37.30 -52.91 -41.68
CA ARG D 163 -38.72 -53.06 -41.39
C ARG D 163 -39.49 -51.78 -41.68
N ALA D 164 -38.81 -50.63 -41.76
CA ALA D 164 -39.50 -49.36 -41.93
C ALA D 164 -38.90 -48.53 -43.05
N LYS D 165 -38.68 -49.14 -44.22
CA LYS D 165 -38.03 -48.45 -45.32
C LYS D 165 -38.92 -47.35 -45.90
N ASN D 166 -40.19 -47.69 -46.17
CA ASN D 166 -41.03 -46.81 -46.99
C ASN D 166 -41.30 -45.48 -46.31
N SER D 167 -41.59 -45.49 -45.01
CA SER D 167 -41.89 -44.24 -44.32
C SER D 167 -40.69 -43.30 -44.29
N THR D 168 -39.51 -43.85 -44.00
CA THR D 168 -38.30 -43.04 -44.00
C THR D 168 -38.01 -42.46 -45.38
N ILE D 169 -38.15 -43.29 -46.42
CA ILE D 169 -37.90 -42.81 -47.78
C ILE D 169 -38.90 -41.73 -48.16
N GLU D 170 -40.16 -41.90 -47.77
CA GLU D 170 -41.17 -40.90 -48.09
C GLU D 170 -40.90 -39.58 -47.38
N ALA D 171 -40.49 -39.63 -46.11
CA ALA D 171 -40.15 -38.40 -45.40
C ALA D 171 -38.97 -37.69 -46.06
N ALA D 172 -37.94 -38.46 -46.42
CA ALA D 172 -36.79 -37.87 -47.11
C ALA D 172 -37.22 -37.23 -48.41
N LYS D 173 -38.13 -37.87 -49.15
CA LYS D 173 -38.61 -37.29 -50.41
C LYS D 173 -39.39 -35.99 -50.16
N ILE D 174 -40.27 -35.98 -49.17
CA ILE D 174 -41.04 -34.78 -48.88
C ILE D 174 -40.12 -33.61 -48.58
N VAL D 175 -39.03 -33.87 -47.84
CA VAL D 175 -38.08 -32.80 -47.56
C VAL D 175 -37.31 -32.43 -48.84
N LEU D 176 -36.94 -33.43 -49.64
CA LEU D 176 -36.02 -33.20 -50.75
C LEU D 176 -36.67 -32.42 -51.90
N GLU D 177 -37.89 -32.80 -52.30
CA GLU D 177 -38.50 -32.07 -53.41
C GLU D 177 -38.96 -30.68 -53.01
N ALA D 178 -38.92 -30.33 -51.73
CA ALA D 178 -39.12 -28.94 -51.33
C ALA D 178 -37.80 -28.18 -51.23
N ALA D 179 -36.74 -28.82 -50.74
CA ALA D 179 -35.43 -28.19 -50.75
C ALA D 179 -34.99 -27.85 -52.16
N VAL D 180 -35.18 -28.79 -53.09
CA VAL D 180 -34.79 -28.55 -54.48
C VAL D 180 -35.61 -27.42 -55.08
N LYS D 181 -36.92 -27.40 -54.83
CA LYS D 181 -37.77 -26.34 -55.36
C LYS D 181 -37.39 -24.98 -54.78
N ALA D 182 -36.92 -24.95 -53.53
CA ALA D 182 -36.55 -23.69 -52.90
C ALA D 182 -35.30 -23.05 -53.52
N GLY D 183 -34.55 -23.79 -54.34
CA GLY D 183 -33.38 -23.22 -54.98
C GLY D 183 -32.07 -23.88 -54.58
N ALA D 184 -32.13 -25.17 -54.25
CA ALA D 184 -30.98 -25.93 -53.79
C ALA D 184 -30.53 -26.93 -54.85
N PRO D 185 -29.30 -27.46 -54.73
CA PRO D 185 -28.86 -28.50 -55.68
C PRO D 185 -29.77 -29.72 -55.74
N GLU D 186 -29.53 -30.59 -56.72
CA GLU D 186 -30.46 -31.68 -57.01
C GLU D 186 -30.29 -32.84 -56.04
N GLY D 187 -29.13 -33.48 -56.03
CA GLY D 187 -28.93 -34.68 -55.26
C GLY D 187 -28.34 -34.49 -53.89
N ILE D 188 -28.88 -33.56 -53.10
CA ILE D 188 -28.36 -33.32 -51.77
C ILE D 188 -28.68 -34.48 -50.84
N ILE D 189 -29.91 -34.96 -50.87
CA ILE D 189 -30.38 -36.04 -50.01
C ILE D 189 -30.45 -37.32 -50.83
N GLY D 190 -29.78 -38.37 -50.36
CA GLY D 190 -29.83 -39.66 -50.98
C GLY D 190 -30.28 -40.72 -49.98
N TRP D 191 -30.70 -41.87 -50.51
CA TRP D 191 -31.15 -42.96 -49.66
C TRP D 191 -30.88 -44.29 -50.35
N ILE D 192 -30.83 -45.35 -49.53
CA ILE D 192 -30.66 -46.71 -50.01
C ILE D 192 -32.03 -47.38 -49.98
N ASP D 193 -32.50 -47.80 -51.15
CA ASP D 193 -33.85 -48.36 -51.24
C ASP D 193 -33.94 -49.71 -50.52
N VAL D 194 -33.00 -50.60 -50.80
CA VAL D 194 -32.98 -51.94 -50.20
C VAL D 194 -31.73 -52.02 -49.32
N PRO D 195 -31.88 -51.94 -47.99
CA PRO D 195 -30.70 -51.95 -47.13
C PRO D 195 -30.19 -53.36 -46.87
N SER D 196 -28.89 -53.50 -46.74
CA SER D 196 -28.24 -54.76 -46.42
C SER D 196 -27.05 -54.51 -45.51
N LEU D 197 -26.42 -55.60 -45.05
CA LEU D 197 -25.25 -55.47 -44.19
C LEU D 197 -24.05 -54.95 -44.97
N GLU D 198 -23.80 -55.52 -46.15
CA GLU D 198 -22.66 -55.08 -46.95
C GLU D 198 -22.83 -53.65 -47.43
N LEU D 199 -24.06 -53.26 -47.78
CA LEU D 199 -24.31 -51.89 -48.23
C LEU D 199 -24.05 -50.90 -47.11
N THR D 200 -24.51 -51.21 -45.90
CA THR D 200 -24.27 -50.34 -44.75
C THR D 200 -22.78 -50.25 -44.44
N ASN D 201 -22.07 -51.38 -44.47
CA ASN D 201 -20.64 -51.36 -44.21
C ASN D 201 -19.90 -50.54 -45.26
N LEU D 202 -20.32 -50.63 -46.52
CA LEU D 202 -19.68 -49.86 -47.58
C LEU D 202 -19.94 -48.37 -47.40
N VAL D 203 -21.18 -48.00 -47.07
CA VAL D 203 -21.53 -46.59 -47.00
C VAL D 203 -20.95 -45.95 -45.75
N MET D 204 -20.69 -46.75 -44.71
CA MET D 204 -20.03 -46.21 -43.53
C MET D 204 -18.57 -45.88 -43.82
N ARG D 205 -17.89 -46.74 -44.57
CA ARG D 205 -16.48 -46.54 -44.86
C ARG D 205 -16.24 -45.44 -45.88
N GLU D 206 -17.22 -45.16 -46.74
CA GLU D 206 -17.02 -44.20 -47.82
C GLU D 206 -17.55 -42.81 -47.50
N ALA D 207 -18.14 -42.61 -46.32
CA ALA D 207 -18.69 -41.32 -45.96
C ALA D 207 -17.75 -40.56 -45.03
N ASP D 208 -17.90 -39.23 -45.04
CA ASP D 208 -17.03 -38.39 -44.22
C ASP D 208 -17.30 -38.58 -42.73
N VAL D 209 -18.57 -38.54 -42.33
CA VAL D 209 -18.94 -38.75 -40.94
C VAL D 209 -20.11 -39.72 -40.89
N ILE D 210 -20.26 -40.40 -39.76
CA ILE D 210 -21.30 -41.42 -39.58
C ILE D 210 -22.18 -40.99 -38.41
N LEU D 211 -23.42 -40.59 -38.69
CA LEU D 211 -24.39 -40.22 -37.67
C LEU D 211 -25.31 -41.42 -37.46
N ALA D 212 -25.20 -42.08 -36.31
CA ALA D 212 -25.79 -43.40 -36.12
C ALA D 212 -26.73 -43.41 -34.91
N THR D 213 -27.95 -43.93 -35.12
CA THR D 213 -28.90 -44.20 -34.05
C THR D 213 -29.40 -45.62 -34.24
N GLY D 214 -29.84 -46.24 -33.14
CA GLY D 214 -30.35 -47.59 -33.24
C GLY D 214 -29.76 -48.59 -32.27
N GLY D 215 -29.19 -48.11 -31.17
CA GLY D 215 -28.70 -48.97 -30.12
C GLY D 215 -27.40 -49.65 -30.48
N PRO D 216 -27.08 -50.74 -29.78
CA PRO D 216 -25.76 -51.35 -29.93
C PRO D 216 -25.64 -52.26 -31.14
N GLY D 217 -24.41 -52.66 -31.47
CA GLY D 217 -24.15 -53.43 -32.66
C GLY D 217 -23.90 -52.54 -33.86
N LEU D 218 -24.88 -51.69 -34.17
CA LEU D 218 -24.70 -50.76 -35.28
C LEU D 218 -23.77 -49.61 -34.91
N VAL D 219 -23.87 -49.11 -33.68
CA VAL D 219 -22.93 -48.08 -33.23
C VAL D 219 -21.54 -48.67 -33.05
N LYS D 220 -21.44 -49.92 -32.57
CA LYS D 220 -20.14 -50.56 -32.46
C LYS D 220 -19.49 -50.73 -33.82
N ALA D 221 -20.26 -51.11 -34.83
CA ALA D 221 -19.73 -51.20 -36.18
C ALA D 221 -19.38 -49.83 -36.75
N ALA D 222 -20.19 -48.82 -36.44
CA ALA D 222 -19.92 -47.47 -36.94
C ALA D 222 -18.62 -46.93 -36.37
N TYR D 223 -18.37 -47.14 -35.08
CA TYR D 223 -17.12 -46.70 -34.47
C TYR D 223 -15.94 -47.57 -34.86
N SER D 224 -16.17 -48.83 -35.24
CA SER D 224 -15.12 -49.70 -35.74
C SER D 224 -15.08 -49.70 -37.26
N SER D 225 -14.90 -48.51 -37.83
CA SER D 225 -14.93 -48.37 -39.29
C SER D 225 -13.72 -47.60 -39.81
N GLY D 226 -13.20 -46.67 -39.03
CA GLY D 226 -12.09 -45.84 -39.44
C GLY D 226 -12.45 -44.42 -39.83
N LYS D 227 -13.66 -43.99 -39.58
CA LYS D 227 -14.13 -42.64 -39.87
C LYS D 227 -14.80 -42.06 -38.64
N PRO D 228 -14.86 -40.73 -38.52
CA PRO D 228 -15.53 -40.14 -37.36
C PRO D 228 -16.98 -40.53 -37.27
N ALA D 229 -17.42 -40.89 -36.06
CA ALA D 229 -18.76 -41.37 -35.82
C ALA D 229 -19.37 -40.64 -34.64
N ILE D 230 -20.58 -40.13 -34.84
CA ILE D 230 -21.43 -39.60 -33.78
C ILE D 230 -22.56 -40.60 -33.57
N GLY D 231 -22.49 -41.37 -32.49
CA GLY D 231 -23.42 -42.46 -32.26
C GLY D 231 -24.32 -42.25 -31.06
N VAL D 232 -25.38 -43.06 -31.02
CA VAL D 232 -26.37 -43.01 -29.94
C VAL D 232 -26.24 -44.26 -29.08
N GLY D 233 -26.14 -44.07 -27.78
CA GLY D 233 -26.29 -45.14 -26.82
C GLY D 233 -27.70 -45.18 -26.24
N ALA D 234 -27.99 -46.28 -25.55
CA ALA D 234 -29.32 -46.48 -25.00
C ALA D 234 -29.25 -47.42 -23.80
N GLY D 235 -30.30 -47.41 -23.00
CA GLY D 235 -30.37 -48.32 -21.87
C GLY D 235 -31.43 -47.89 -20.87
N ASN D 236 -31.26 -48.37 -19.64
CA ASN D 236 -32.24 -48.19 -18.58
C ASN D 236 -32.36 -46.72 -18.18
N THR D 237 -33.36 -46.45 -17.34
CA THR D 237 -33.60 -45.12 -16.77
C THR D 237 -34.31 -45.28 -15.44
N PRO D 238 -33.59 -45.27 -14.33
CA PRO D 238 -34.25 -45.35 -13.02
C PRO D 238 -34.84 -44.02 -12.60
N ALA D 239 -35.99 -44.08 -11.94
CA ALA D 239 -36.70 -42.91 -11.43
C ALA D 239 -36.83 -43.05 -9.93
N ILE D 240 -36.12 -42.21 -9.18
CA ILE D 240 -36.14 -42.24 -7.72
C ILE D 240 -37.31 -41.38 -7.23
N ILE D 241 -38.07 -41.93 -6.28
CA ILE D 241 -39.12 -41.20 -5.57
C ILE D 241 -38.86 -41.34 -4.08
N ASP D 242 -38.68 -40.21 -3.40
CA ASP D 242 -38.39 -40.22 -1.98
C ASP D 242 -39.56 -39.60 -1.20
N ASP D 243 -39.34 -39.43 0.11
CA ASP D 243 -40.42 -39.04 1.01
C ASP D 243 -40.96 -37.65 0.67
N SER D 244 -40.07 -36.70 0.38
CA SER D 244 -40.45 -35.31 0.17
C SER D 244 -40.61 -35.02 -1.32
N ALA D 245 -41.76 -35.41 -1.84
CA ALA D 245 -42.11 -35.16 -3.24
C ALA D 245 -43.62 -35.18 -3.39
N ASP D 246 -44.11 -34.52 -4.45
CA ASP D 246 -45.53 -34.58 -4.79
C ASP D 246 -45.81 -35.95 -5.37
N ILE D 247 -46.61 -36.75 -4.65
CA ILE D 247 -46.89 -38.11 -5.09
C ILE D 247 -47.68 -38.09 -6.39
N VAL D 248 -48.69 -37.23 -6.48
CA VAL D 248 -49.51 -37.17 -7.69
C VAL D 248 -48.68 -36.75 -8.88
N LEU D 249 -47.84 -35.73 -8.71
CA LEU D 249 -47.01 -35.26 -9.82
C LEU D 249 -46.05 -36.34 -10.29
N ALA D 250 -45.35 -36.98 -9.36
CA ALA D 250 -44.39 -38.02 -9.74
C ALA D 250 -45.09 -39.18 -10.43
N VAL D 251 -46.18 -39.68 -9.84
CA VAL D 251 -46.85 -40.85 -10.39
C VAL D 251 -47.41 -40.54 -11.78
N ASN D 252 -48.05 -39.38 -11.94
CA ASN D 252 -48.68 -39.07 -13.21
C ASN D 252 -47.64 -38.76 -14.28
N SER D 253 -46.52 -38.11 -13.91
CA SER D 253 -45.46 -37.88 -14.87
C SER D 253 -44.84 -39.20 -15.33
N ILE D 254 -44.62 -40.14 -14.40
CA ILE D 254 -44.08 -41.44 -14.78
C ILE D 254 -45.05 -42.16 -15.72
N ILE D 255 -46.34 -42.14 -15.39
CA ILE D 255 -47.34 -42.80 -16.24
C ILE D 255 -47.35 -42.17 -17.62
N HIS D 256 -47.33 -40.84 -17.69
CA HIS D 256 -47.36 -40.13 -18.96
C HIS D 256 -46.15 -40.50 -19.82
N SER D 257 -44.96 -40.42 -19.24
CA SER D 257 -43.75 -40.71 -20.01
C SER D 257 -43.70 -42.16 -20.45
N LYS D 258 -44.10 -43.09 -19.56
CA LYS D 258 -44.03 -44.51 -19.91
C LYS D 258 -45.05 -44.85 -21.00
N THR D 259 -46.24 -44.26 -20.94
CA THR D 259 -47.27 -44.61 -21.92
C THR D 259 -47.17 -43.79 -23.21
N PHE D 260 -46.32 -42.76 -23.24
CA PHE D 260 -46.12 -42.03 -24.48
C PHE D 260 -45.59 -42.93 -25.59
N ASP D 261 -46.38 -43.07 -26.66
CA ASP D 261 -45.99 -43.85 -27.84
C ASP D 261 -45.66 -45.29 -27.47
N ASN D 262 -46.42 -45.85 -26.54
CA ASN D 262 -46.29 -47.25 -26.10
C ASN D 262 -44.88 -47.57 -25.60
N GLY D 263 -44.09 -46.54 -25.30
CA GLY D 263 -42.80 -46.75 -24.67
C GLY D 263 -41.67 -47.16 -25.59
N MET D 264 -41.83 -47.01 -26.91
CA MET D 264 -40.72 -47.32 -27.80
C MET D 264 -39.64 -46.25 -27.72
N ILE D 265 -40.03 -45.01 -27.44
CA ILE D 265 -39.06 -43.93 -27.32
C ILE D 265 -38.06 -44.26 -26.21
N CYS D 266 -36.80 -43.95 -26.46
CA CYS D 266 -35.74 -44.26 -25.52
C CYS D 266 -35.85 -43.36 -24.29
N ALA D 267 -35.01 -43.65 -23.30
CA ALA D 267 -34.91 -42.95 -22.02
C ALA D 267 -36.16 -43.12 -21.15
N SER D 268 -37.09 -44.00 -21.52
CA SER D 268 -38.29 -44.20 -20.72
C SER D 268 -37.94 -44.85 -19.39
N GLU D 269 -38.79 -44.61 -18.39
CA GLU D 269 -38.57 -45.13 -17.05
C GLU D 269 -38.77 -46.63 -17.05
N GLN D 270 -37.68 -47.39 -17.13
CA GLN D 270 -37.76 -48.84 -17.08
C GLN D 270 -37.88 -49.39 -15.66
N SER D 271 -37.74 -48.53 -14.64
CA SER D 271 -37.84 -48.96 -13.26
C SER D 271 -38.18 -47.75 -12.41
N VAL D 272 -38.66 -48.02 -11.20
CA VAL D 272 -38.96 -46.97 -10.23
C VAL D 272 -38.48 -47.45 -8.86
N ILE D 273 -37.89 -46.53 -8.11
CA ILE D 273 -37.41 -46.79 -6.76
C ILE D 273 -38.12 -45.82 -5.83
N VAL D 274 -38.90 -46.36 -4.89
CA VAL D 274 -39.71 -45.55 -3.99
C VAL D 274 -39.38 -45.95 -2.56
N LEU D 275 -39.21 -44.94 -1.68
CA LEU D 275 -38.89 -45.20 -0.29
C LEU D 275 -40.13 -45.72 0.44
N ASP D 276 -39.89 -46.42 1.55
CA ASP D 276 -40.97 -47.01 2.33
C ASP D 276 -41.87 -45.96 2.96
N GLY D 277 -41.43 -44.71 3.05
CA GLY D 277 -42.24 -43.68 3.68
C GLY D 277 -43.53 -43.39 2.94
N VAL D 278 -43.50 -43.47 1.61
CA VAL D 278 -44.68 -43.16 0.80
C VAL D 278 -44.97 -44.32 -0.14
N TYR D 279 -44.52 -45.52 0.21
CA TYR D 279 -44.71 -46.69 -0.65
C TYR D 279 -46.20 -47.00 -0.85
N LYS D 280 -46.95 -47.07 0.26
CA LYS D 280 -48.36 -47.42 0.16
C LYS D 280 -49.16 -46.33 -0.56
N GLU D 281 -48.85 -45.06 -0.27
CA GLU D 281 -49.54 -43.98 -0.96
C GLU D 281 -49.26 -43.98 -2.45
N VAL D 282 -48.00 -44.24 -2.83
CA VAL D 282 -47.65 -44.34 -4.24
C VAL D 282 -48.38 -45.51 -4.90
N LYS D 283 -48.46 -46.64 -4.21
CA LYS D 283 -49.17 -47.79 -4.77
C LYS D 283 -50.65 -47.47 -4.97
N LYS D 284 -51.27 -46.80 -4.00
CA LYS D 284 -52.67 -46.42 -4.13
C LYS D 284 -52.86 -45.44 -5.28
N GLU D 285 -51.94 -44.48 -5.44
CA GLU D 285 -52.06 -43.52 -6.54
C GLU D 285 -51.90 -44.20 -7.89
N PHE D 286 -51.00 -45.17 -7.98
CA PHE D 286 -50.87 -45.93 -9.23
C PHE D 286 -52.13 -46.73 -9.52
N GLU D 287 -52.70 -47.35 -8.49
CA GLU D 287 -53.91 -48.15 -8.67
C GLU D 287 -55.09 -47.28 -9.10
N LYS D 288 -55.18 -46.07 -8.56
CA LYS D 288 -56.33 -45.22 -8.82
C LYS D 288 -56.44 -44.81 -10.27
N ARG D 289 -55.32 -44.76 -11.00
CA ARG D 289 -55.33 -44.17 -12.34
C ARG D 289 -54.90 -45.16 -13.42
N GLY D 290 -55.45 -46.37 -13.38
CA GLY D 290 -55.28 -47.29 -14.49
C GLY D 290 -53.96 -48.02 -14.57
N CYS D 291 -53.68 -48.87 -13.59
CA CYS D 291 -52.50 -49.72 -13.60
C CYS D 291 -52.84 -51.07 -12.99
N TYR D 292 -52.00 -52.07 -13.28
CA TYR D 292 -52.25 -53.43 -12.81
C TYR D 292 -50.97 -53.96 -12.15
N PHE D 293 -51.09 -54.39 -10.90
CA PHE D 293 -49.97 -54.95 -10.16
C PHE D 293 -50.01 -56.47 -10.27
N LEU D 294 -48.93 -57.05 -10.79
CA LEU D 294 -48.90 -58.49 -11.02
C LEU D 294 -48.67 -59.25 -9.72
N ASN D 295 -49.19 -60.47 -9.66
CA ASN D 295 -48.93 -61.38 -8.54
C ASN D 295 -47.73 -62.26 -8.87
N GLU D 296 -47.50 -63.29 -8.07
CA GLU D 296 -46.31 -64.12 -8.24
C GLU D 296 -46.32 -64.85 -9.59
N ASP D 297 -47.46 -65.41 -9.97
CA ASP D 297 -47.53 -66.16 -11.23
C ASP D 297 -47.42 -65.23 -12.44
N GLU D 298 -48.15 -64.10 -12.38
CA GLU D 298 -48.10 -63.15 -13.49
C GLU D 298 -46.69 -62.59 -13.68
N THR D 299 -45.98 -62.34 -12.58
CA THR D 299 -44.60 -61.87 -12.70
C THR D 299 -43.73 -62.90 -13.39
N GLU D 300 -43.90 -64.18 -13.05
CA GLU D 300 -43.10 -65.23 -13.69
C GLU D 300 -43.41 -65.31 -15.18
N LYS D 301 -44.70 -65.25 -15.54
CA LYS D 301 -45.06 -65.31 -16.95
C LYS D 301 -44.53 -64.11 -17.72
N VAL D 302 -44.58 -62.93 -17.11
CA VAL D 302 -44.06 -61.73 -17.75
C VAL D 302 -42.55 -61.83 -17.92
N ARG D 303 -41.86 -62.38 -16.92
CA ARG D 303 -40.42 -62.60 -17.03
C ARG D 303 -40.10 -63.54 -18.17
N LYS D 304 -40.86 -64.64 -18.30
CA LYS D 304 -40.61 -65.59 -19.37
C LYS D 304 -41.02 -65.07 -20.74
N THR D 305 -41.90 -64.07 -20.82
CA THR D 305 -42.31 -63.55 -22.12
C THR D 305 -41.50 -62.35 -22.58
N ILE D 306 -40.91 -61.56 -21.67
CA ILE D 306 -40.10 -60.42 -22.10
C ILE D 306 -38.81 -60.90 -22.76
N ILE D 307 -38.12 -61.83 -22.13
CA ILE D 307 -36.77 -62.22 -22.52
C ILE D 307 -36.81 -63.62 -23.12
N ILE D 308 -36.08 -63.80 -24.22
CA ILE D 308 -35.96 -65.09 -24.88
C ILE D 308 -34.48 -65.36 -25.10
N ASN D 309 -33.95 -66.38 -24.42
CA ASN D 309 -32.55 -66.80 -24.56
C ASN D 309 -31.59 -65.64 -24.30
N GLY D 310 -31.88 -64.85 -23.27
CA GLY D 310 -31.04 -63.72 -22.92
C GLY D 310 -31.06 -62.61 -23.95
N ALA D 311 -32.24 -62.29 -24.47
CA ALA D 311 -32.39 -61.22 -25.45
C ALA D 311 -33.82 -60.72 -25.41
N LEU D 312 -34.01 -59.50 -25.89
CA LEU D 312 -35.34 -58.90 -25.89
C LEU D 312 -36.21 -59.50 -26.99
N ASN D 313 -37.48 -59.72 -26.66
CA ASN D 313 -38.45 -60.24 -27.62
C ASN D 313 -38.85 -59.13 -28.59
N ALA D 314 -39.00 -59.50 -29.86
CA ALA D 314 -39.40 -58.54 -30.88
C ALA D 314 -40.91 -58.37 -31.00
N LYS D 315 -41.69 -59.24 -30.38
CA LYS D 315 -43.15 -59.17 -30.44
C LYS D 315 -43.75 -58.43 -29.26
N ILE D 316 -42.92 -57.92 -28.34
CA ILE D 316 -43.43 -57.21 -27.17
C ILE D 316 -43.23 -55.70 -27.28
N VAL D 317 -42.31 -55.23 -28.11
CA VAL D 317 -42.03 -53.81 -28.23
C VAL D 317 -43.14 -53.12 -29.00
N GLY D 318 -43.62 -51.99 -28.47
CA GLY D 318 -44.55 -51.14 -29.17
C GLY D 318 -46.02 -51.45 -28.97
N GLN D 319 -46.35 -52.56 -28.31
CA GLN D 319 -47.74 -52.95 -28.13
C GLN D 319 -48.27 -52.45 -26.81
N LYS D 320 -49.59 -52.56 -26.64
CA LYS D 320 -50.22 -52.14 -25.40
C LYS D 320 -50.05 -53.19 -24.31
N ALA D 321 -50.46 -52.83 -23.09
CA ALA D 321 -50.38 -53.76 -21.98
C ALA D 321 -51.30 -54.96 -22.17
N HIS D 322 -52.46 -54.74 -22.78
CA HIS D 322 -53.41 -55.83 -23.01
C HIS D 322 -52.82 -56.89 -23.92
N THR D 323 -52.15 -56.47 -25.00
CA THR D 323 -51.56 -57.43 -25.92
C THR D 323 -50.41 -58.19 -25.26
N ILE D 324 -49.60 -57.49 -24.46
CA ILE D 324 -48.50 -58.15 -23.77
C ILE D 324 -49.05 -59.18 -22.78
N ALA D 325 -50.12 -58.84 -22.06
CA ALA D 325 -50.76 -59.80 -21.18
C ALA D 325 -51.31 -60.99 -21.94
N ASN D 326 -51.93 -60.75 -23.11
CA ASN D 326 -52.47 -61.84 -23.91
C ASN D 326 -51.37 -62.79 -24.36
N LEU D 327 -50.23 -62.25 -24.82
CA LEU D 327 -49.11 -63.11 -25.17
C LEU D 327 -48.51 -63.79 -23.95
N ALA D 328 -48.63 -63.17 -22.77
CA ALA D 328 -48.09 -63.79 -21.56
C ALA D 328 -48.89 -65.01 -21.14
N GLY D 329 -50.22 -64.94 -21.19
CA GLY D 329 -51.05 -66.07 -20.85
C GLY D 329 -52.11 -65.79 -19.81
N PHE D 330 -52.42 -64.52 -19.57
CA PHE D 330 -53.48 -64.13 -18.66
C PHE D 330 -54.24 -62.96 -19.29
N GLU D 331 -55.26 -62.48 -18.58
CA GLU D 331 -56.13 -61.43 -19.10
C GLU D 331 -56.20 -60.28 -18.12
N VAL D 332 -56.31 -59.07 -18.66
CA VAL D 332 -56.41 -57.85 -17.86
C VAL D 332 -57.51 -56.98 -18.47
N PRO D 333 -58.07 -56.05 -17.68
CA PRO D 333 -59.08 -55.15 -18.24
C PRO D 333 -58.52 -54.36 -19.42
N GLU D 334 -59.38 -54.12 -20.42
CA GLU D 334 -58.96 -53.47 -21.64
C GLU D 334 -58.45 -52.05 -21.39
N THR D 335 -58.88 -51.42 -20.30
CA THR D 335 -58.50 -50.03 -20.03
C THR D 335 -57.18 -49.90 -19.27
N THR D 336 -56.50 -51.00 -18.99
CA THR D 336 -55.25 -50.93 -18.24
C THR D 336 -54.18 -50.20 -19.05
N LYS D 337 -53.26 -49.57 -18.34
CA LYS D 337 -52.18 -48.82 -18.98
C LYS D 337 -50.80 -49.43 -18.75
N ILE D 338 -50.46 -49.74 -17.49
CA ILE D 338 -49.12 -50.20 -17.14
C ILE D 338 -49.25 -51.46 -16.31
N LEU D 339 -48.31 -52.40 -16.52
CA LEU D 339 -48.18 -53.61 -15.71
C LEU D 339 -46.95 -53.45 -14.84
N ILE D 340 -47.13 -53.59 -13.52
CA ILE D 340 -46.05 -53.42 -12.56
C ILE D 340 -45.84 -54.71 -11.79
N GLY D 341 -44.59 -55.15 -11.71
CA GLY D 341 -44.24 -56.32 -10.92
C GLY D 341 -43.16 -56.01 -9.90
N GLU D 342 -43.47 -56.21 -8.62
CA GLU D 342 -42.53 -55.89 -7.55
C GLU D 342 -41.39 -56.89 -7.54
N VAL D 343 -40.15 -56.38 -7.52
CA VAL D 343 -38.95 -57.19 -7.53
C VAL D 343 -37.97 -56.61 -6.51
N THR D 344 -37.09 -57.45 -6.00
CA THR D 344 -36.10 -57.03 -5.01
C THR D 344 -34.69 -57.13 -5.56
N SER D 345 -34.40 -58.20 -6.30
CA SER D 345 -33.08 -58.38 -6.88
C SER D 345 -32.84 -57.33 -7.97
N VAL D 346 -31.60 -56.86 -8.06
CA VAL D 346 -31.26 -55.79 -8.99
C VAL D 346 -30.05 -56.21 -9.83
N ASP D 347 -29.68 -57.48 -9.76
CA ASP D 347 -28.54 -57.99 -10.50
C ASP D 347 -28.90 -58.18 -11.97
N ILE D 348 -27.96 -58.75 -12.72
CA ILE D 348 -28.12 -58.90 -14.16
C ILE D 348 -28.99 -60.11 -14.48
N SER D 349 -29.05 -61.07 -13.55
CA SER D 349 -29.85 -62.27 -13.74
C SER D 349 -31.34 -61.99 -13.68
N GLU D 350 -31.75 -60.96 -12.94
CA GLU D 350 -33.16 -60.60 -12.85
C GLU D 350 -33.67 -60.13 -14.21
N GLU D 351 -34.79 -60.69 -14.65
CA GLU D 351 -35.33 -60.35 -15.96
C GLU D 351 -36.11 -59.04 -15.94
N PHE D 352 -36.39 -58.49 -14.76
CA PHE D 352 -37.05 -57.20 -14.67
C PHE D 352 -36.06 -56.04 -14.60
N ALA D 353 -34.76 -56.34 -14.51
CA ALA D 353 -33.73 -55.31 -14.41
C ALA D 353 -33.20 -54.87 -15.76
N HIS D 354 -33.59 -55.52 -16.85
CA HIS D 354 -33.19 -55.14 -18.19
C HIS D 354 -34.07 -54.00 -18.70
N GLU D 355 -33.68 -53.46 -19.86
CA GLU D 355 -34.44 -52.39 -20.51
C GLU D 355 -35.52 -53.05 -21.37
N LYS D 356 -36.77 -52.70 -21.08
CA LYS D 356 -37.90 -53.21 -21.85
C LYS D 356 -38.57 -52.06 -22.57
N LEU D 357 -38.73 -52.19 -23.89
CA LEU D 357 -39.37 -51.14 -24.67
C LEU D 357 -40.87 -51.40 -24.76
N CYS D 358 -41.50 -51.59 -23.61
CA CYS D 358 -42.91 -51.92 -23.52
C CYS D 358 -43.46 -51.29 -22.26
N PRO D 359 -44.80 -51.14 -22.16
CA PRO D 359 -45.38 -50.52 -20.96
C PRO D 359 -45.18 -51.30 -19.67
N VAL D 360 -44.45 -52.43 -19.69
CA VAL D 360 -44.16 -53.14 -18.45
C VAL D 360 -43.22 -52.30 -17.60
N LEU D 361 -43.41 -52.36 -16.28
CA LEU D 361 -42.67 -51.54 -15.35
C LEU D 361 -42.30 -52.39 -14.12
N ALA D 362 -41.22 -52.00 -13.45
CA ALA D 362 -40.75 -52.70 -12.26
C ALA D 362 -40.65 -51.72 -11.10
N MET D 363 -41.06 -52.17 -9.91
CA MET D 363 -41.10 -51.33 -8.72
C MET D 363 -40.11 -51.86 -7.68
N TYR D 364 -39.38 -50.95 -7.04
CA TYR D 364 -38.37 -51.29 -6.05
C TYR D 364 -38.68 -50.60 -4.73
N ARG D 365 -38.36 -51.29 -3.63
CA ARG D 365 -38.52 -50.75 -2.29
C ARG D 365 -37.14 -50.48 -1.70
N ALA D 366 -36.91 -49.25 -1.27
CA ALA D 366 -35.63 -48.83 -0.72
C ALA D 366 -35.81 -48.33 0.71
N LYS D 367 -34.89 -48.74 1.59
CA LYS D 367 -34.99 -48.38 3.01
C LYS D 367 -34.76 -46.89 3.22
N ASP D 368 -33.70 -46.34 2.61
CA ASP D 368 -33.39 -44.93 2.76
C ASP D 368 -32.83 -44.40 1.44
N PHE D 369 -32.41 -43.13 1.46
CA PHE D 369 -31.91 -42.49 0.24
C PHE D 369 -30.64 -43.16 -0.25
N ASP D 370 -29.76 -43.57 0.68
CA ASP D 370 -28.51 -44.20 0.28
C ASP D 370 -28.75 -45.52 -0.42
N ASP D 371 -29.71 -46.32 0.08
CA ASP D 371 -30.05 -47.57 -0.58
C ASP D 371 -30.62 -47.33 -1.97
N ALA D 372 -31.47 -46.31 -2.11
CA ALA D 372 -32.02 -45.97 -3.42
C ALA D 372 -30.91 -45.57 -4.38
N LEU D 373 -29.96 -44.78 -3.91
CA LEU D 373 -28.82 -44.39 -4.75
C LEU D 373 -27.99 -45.59 -5.14
N ASP D 374 -27.75 -46.52 -4.21
CA ASP D 374 -26.98 -47.72 -4.53
C ASP D 374 -27.69 -48.55 -5.60
N LYS D 375 -29.00 -48.75 -5.45
CA LYS D 375 -29.75 -49.51 -6.45
C LYS D 375 -29.72 -48.81 -7.81
N ALA D 376 -30.01 -47.51 -7.83
CA ALA D 376 -30.04 -46.75 -9.10
C ALA D 376 -28.68 -46.85 -9.81
N GLU D 377 -27.59 -46.69 -9.06
CA GLU D 377 -26.24 -46.79 -9.65
C GLU D 377 -26.08 -48.16 -10.30
N ARG D 378 -26.52 -49.23 -9.62
CA ARG D 378 -26.42 -50.61 -10.16
C ARG D 378 -27.18 -50.72 -11.48
N LEU D 379 -28.43 -50.24 -11.51
CA LEU D 379 -29.25 -50.27 -12.75
C LEU D 379 -28.52 -49.48 -13.85
N VAL D 380 -28.02 -48.29 -13.53
CA VAL D 380 -27.30 -47.45 -14.53
C VAL D 380 -26.03 -48.19 -14.99
N ALA D 381 -25.18 -48.69 -14.09
CA ALA D 381 -23.93 -49.29 -14.53
C ALA D 381 -24.16 -50.58 -15.30
N ASP D 382 -25.09 -51.42 -14.83
CA ASP D 382 -25.37 -52.66 -15.53
C ASP D 382 -26.00 -52.43 -16.89
N GLY D 383 -26.92 -51.47 -17.00
CA GLY D 383 -27.64 -51.25 -18.24
C GLY D 383 -27.30 -49.94 -18.92
N GLY D 384 -28.17 -48.94 -18.77
CA GLY D 384 -28.00 -47.67 -19.43
C GLY D 384 -26.92 -46.81 -18.83
N PHE D 385 -25.67 -47.22 -19.02
CA PHE D 385 -24.54 -46.50 -18.45
C PHE D 385 -24.31 -45.18 -19.18
N GLY D 386 -24.74 -44.09 -18.58
CA GLY D 386 -24.50 -42.76 -19.13
C GLY D 386 -25.66 -42.13 -19.88
N HIS D 387 -26.83 -42.78 -19.93
CA HIS D 387 -27.92 -42.23 -20.74
C HIS D 387 -28.69 -41.14 -19.99
N THR D 388 -29.36 -41.50 -18.90
CA THR D 388 -30.23 -40.58 -18.18
C THR D 388 -30.77 -41.26 -16.93
N SER D 389 -31.28 -40.44 -16.01
CA SER D 389 -31.94 -40.91 -14.79
C SER D 389 -32.84 -39.78 -14.30
N SER D 390 -33.81 -40.13 -13.45
CA SER D 390 -34.80 -39.16 -13.01
C SER D 390 -34.95 -39.21 -11.49
N LEU D 391 -35.26 -38.05 -10.92
CA LEU D 391 -35.46 -37.91 -9.47
C LEU D 391 -36.67 -37.03 -9.22
N TYR D 392 -37.50 -37.42 -8.26
CA TYR D 392 -38.66 -36.64 -7.84
C TYR D 392 -38.44 -36.25 -6.38
N ILE D 393 -38.19 -34.96 -6.14
CA ILE D 393 -37.80 -34.46 -4.84
C ILE D 393 -38.24 -33.00 -4.72
N ASP D 394 -38.26 -32.52 -3.49
CA ASP D 394 -38.46 -31.09 -3.26
C ASP D 394 -37.13 -30.37 -3.41
N THR D 395 -37.03 -29.49 -4.41
CA THR D 395 -35.76 -28.87 -4.74
C THR D 395 -35.45 -27.65 -3.87
N VAL D 396 -36.27 -27.36 -2.87
CA VAL D 396 -36.09 -26.20 -2.00
C VAL D 396 -35.49 -26.61 -0.65
N THR D 397 -36.01 -27.69 -0.05
CA THR D 397 -35.60 -28.10 1.28
C THR D 397 -34.78 -29.40 1.30
N GLN D 398 -34.28 -29.86 0.15
CA GLN D 398 -33.51 -31.09 0.07
C GLN D 398 -32.28 -30.89 -0.80
N LYS D 399 -31.54 -29.80 -0.52
CA LYS D 399 -30.40 -29.45 -1.35
C LYS D 399 -29.30 -30.52 -1.29
N GLU D 400 -29.04 -31.07 -0.09
CA GLU D 400 -27.95 -32.02 0.04
C GLU D 400 -28.25 -33.33 -0.68
N LYS D 401 -29.50 -33.81 -0.61
CA LYS D 401 -29.87 -35.02 -1.33
C LYS D 401 -29.79 -34.81 -2.83
N LEU D 402 -30.24 -33.65 -3.31
CA LEU D 402 -30.15 -33.34 -4.74
C LEU D 402 -28.69 -33.29 -5.19
N GLN D 403 -27.82 -32.70 -4.37
CA GLN D 403 -26.40 -32.62 -4.74
C GLN D 403 -25.76 -34.00 -4.74
N LYS D 404 -26.11 -34.85 -3.78
CA LYS D 404 -25.58 -36.21 -3.78
C LYS D 404 -26.05 -36.97 -5.02
N PHE D 405 -27.33 -36.80 -5.39
CA PHE D 405 -27.83 -37.45 -6.60
C PHE D 405 -27.10 -36.95 -7.84
N SER D 406 -26.87 -35.64 -7.93
CA SER D 406 -26.17 -35.09 -9.09
C SER D 406 -24.74 -35.58 -9.15
N GLU D 407 -24.10 -35.77 -7.99
CA GLU D 407 -22.71 -36.21 -7.97
C GLU D 407 -22.57 -37.69 -8.31
N ARG D 408 -23.49 -38.53 -7.80
CA ARG D 408 -23.28 -39.97 -7.87
C ARG D 408 -23.76 -40.56 -9.19
N MET D 409 -24.74 -39.92 -9.83
CA MET D 409 -25.29 -40.48 -11.07
C MET D 409 -24.37 -40.17 -12.25
N LYS D 410 -23.90 -41.22 -12.91
CA LYS D 410 -23.02 -41.08 -14.07
C LYS D 410 -23.84 -41.18 -15.35
N THR D 411 -24.68 -40.17 -15.56
CA THR D 411 -25.49 -40.06 -16.76
C THR D 411 -25.40 -38.65 -17.30
N CYS D 412 -25.38 -38.51 -18.63
CA CYS D 412 -25.25 -37.20 -19.25
C CYS D 412 -26.50 -36.34 -19.04
N ARG D 413 -27.65 -36.96 -18.80
CA ARG D 413 -28.88 -36.23 -18.51
C ARG D 413 -29.33 -36.58 -17.10
N ILE D 414 -29.53 -35.57 -16.27
CA ILE D 414 -30.07 -35.74 -14.94
C ILE D 414 -31.32 -34.87 -14.85
N LEU D 415 -32.48 -35.50 -14.81
CA LEU D 415 -33.76 -34.81 -14.82
C LEU D 415 -34.39 -34.89 -13.44
N VAL D 416 -34.89 -33.76 -12.95
CA VAL D 416 -35.56 -33.69 -11.66
C VAL D 416 -36.98 -33.20 -11.86
N ASN D 417 -37.94 -33.94 -11.32
CA ASN D 417 -39.36 -33.62 -11.42
C ASN D 417 -39.84 -33.46 -12.86
N THR D 418 -39.29 -34.28 -13.76
CA THR D 418 -39.62 -34.19 -15.18
C THR D 418 -39.83 -35.59 -15.73
N PRO D 419 -40.86 -35.79 -16.56
CA PRO D 419 -40.99 -37.06 -17.27
C PRO D 419 -39.78 -37.28 -18.18
N SER D 420 -39.31 -38.54 -18.22
CA SER D 420 -38.04 -38.82 -18.88
C SER D 420 -38.18 -38.82 -20.40
N SER D 421 -39.29 -39.32 -20.92
CA SER D 421 -39.46 -39.38 -22.37
C SER D 421 -39.47 -38.00 -23.01
N GLN D 422 -40.19 -37.06 -22.42
CA GLN D 422 -40.23 -35.68 -22.90
C GLN D 422 -39.14 -34.81 -22.29
N GLY D 423 -38.38 -35.33 -21.33
CA GLY D 423 -37.31 -34.58 -20.73
C GLY D 423 -35.99 -34.76 -21.46
N GLY D 424 -35.78 -35.94 -22.03
CA GLY D 424 -34.58 -36.20 -22.81
C GLY D 424 -34.51 -35.33 -24.06
N ILE D 425 -35.63 -35.26 -24.79
CA ILE D 425 -35.75 -34.33 -25.90
C ILE D 425 -36.28 -33.01 -25.36
N GLY D 426 -35.38 -32.18 -24.84
CA GLY D 426 -35.81 -31.10 -23.96
C GLY D 426 -36.01 -29.79 -24.69
N ASP D 427 -37.24 -29.50 -25.07
CA ASP D 427 -37.67 -28.15 -25.37
C ASP D 427 -39.08 -27.95 -24.81
N LEU D 428 -39.65 -29.02 -24.25
CA LEU D 428 -41.02 -29.01 -23.77
C LEU D 428 -41.11 -28.71 -22.28
N TYR D 429 -40.37 -29.46 -21.46
CA TYR D 429 -40.44 -29.30 -20.02
C TYR D 429 -39.31 -28.46 -19.44
N ASN D 430 -38.22 -28.28 -20.18
CA ASN D 430 -37.15 -27.38 -19.76
C ASN D 430 -36.51 -26.78 -21.01
N PHE D 431 -36.26 -25.48 -20.96
CA PHE D 431 -35.64 -24.76 -22.07
C PHE D 431 -34.13 -24.68 -21.83
N LYS D 432 -33.42 -23.97 -22.70
CA LYS D 432 -31.96 -23.89 -22.67
C LYS D 432 -31.32 -25.27 -22.79
N LEU D 433 -32.11 -26.27 -23.20
CA LEU D 433 -31.61 -27.58 -23.54
C LEU D 433 -31.85 -27.82 -25.02
N ALA D 434 -30.91 -28.48 -25.68
CA ALA D 434 -30.98 -28.61 -27.13
C ALA D 434 -32.13 -29.53 -27.51
N PRO D 435 -33.08 -29.07 -28.34
CA PRO D 435 -34.16 -29.94 -28.80
C PRO D 435 -33.67 -30.84 -29.93
N SER D 436 -33.56 -32.13 -29.66
CA SER D 436 -33.04 -33.03 -30.68
C SER D 436 -33.24 -34.48 -30.24
N LEU D 437 -33.40 -35.35 -31.23
CA LEU D 437 -33.17 -36.78 -31.04
C LEU D 437 -31.67 -37.01 -31.07
N THR D 438 -31.24 -38.26 -31.22
CA THR D 438 -29.83 -38.60 -31.34
C THR D 438 -29.07 -38.13 -30.08
N LEU D 439 -29.43 -38.73 -28.95
CA LEU D 439 -28.84 -38.37 -27.66
C LEU D 439 -27.52 -39.11 -27.48
N GLY D 440 -26.43 -38.36 -27.35
CA GLY D 440 -25.14 -38.98 -27.10
C GLY D 440 -24.93 -39.27 -25.62
N CYS D 441 -24.38 -40.44 -25.34
CA CYS D 441 -24.24 -40.92 -23.97
C CYS D 441 -22.84 -40.73 -23.40
N GLY D 442 -21.96 -40.04 -24.10
CA GLY D 442 -20.62 -39.78 -23.58
C GLY D 442 -19.75 -41.02 -23.56
N SER D 443 -18.55 -40.84 -23.03
CA SER D 443 -17.60 -41.95 -22.98
C SER D 443 -18.08 -43.09 -22.11
N TRP D 444 -19.07 -42.85 -21.24
CA TRP D 444 -19.63 -43.92 -20.42
C TRP D 444 -20.27 -45.00 -21.29
N GLY D 445 -21.03 -44.59 -22.28
CA GLY D 445 -21.67 -45.54 -23.19
C GLY D 445 -20.84 -45.95 -24.39
N GLY D 446 -19.76 -45.23 -24.67
CA GLY D 446 -18.89 -45.60 -25.78
C GLY D 446 -19.08 -44.76 -27.02
N ASN D 447 -19.43 -43.49 -26.85
CA ASN D 447 -19.53 -42.57 -27.99
C ASN D 447 -19.08 -41.19 -27.53
N SER D 448 -18.44 -40.46 -28.43
CA SER D 448 -17.78 -39.19 -28.08
C SER D 448 -18.69 -38.01 -28.39
N VAL D 449 -19.82 -37.94 -27.67
CA VAL D 449 -20.72 -36.81 -27.81
C VAL D 449 -20.97 -36.15 -26.46
N SER D 450 -21.55 -36.91 -25.53
CA SER D 450 -21.87 -36.43 -24.18
C SER D 450 -22.75 -35.18 -24.21
N ASP D 451 -23.65 -35.10 -25.19
CA ASP D 451 -24.55 -33.96 -25.33
C ASP D 451 -25.71 -34.36 -26.23
N ASN D 452 -26.59 -33.39 -26.50
CA ASN D 452 -27.65 -33.56 -27.47
C ASN D 452 -27.15 -33.11 -28.84
N VAL D 453 -27.11 -34.02 -29.81
CA VAL D 453 -26.53 -33.71 -31.11
C VAL D 453 -27.33 -32.62 -31.78
N GLY D 454 -26.67 -31.51 -32.11
CA GLY D 454 -27.34 -30.38 -32.72
C GLY D 454 -26.61 -29.84 -33.92
N VAL D 455 -26.78 -28.54 -34.18
CA VAL D 455 -26.17 -27.92 -35.36
C VAL D 455 -24.65 -27.83 -35.21
N LYS D 456 -24.18 -27.44 -34.02
CA LYS D 456 -22.76 -27.17 -33.81
C LYS D 456 -21.89 -28.41 -33.95
N HIS D 457 -22.48 -29.60 -33.94
CA HIS D 457 -21.73 -30.84 -34.11
C HIS D 457 -21.50 -31.19 -35.58
N LEU D 458 -22.08 -30.42 -36.50
CA LEU D 458 -21.95 -30.70 -37.93
C LEU D 458 -21.22 -29.59 -38.65
N LEU D 459 -20.18 -29.04 -38.02
CA LEU D 459 -19.43 -27.94 -38.59
C LEU D 459 -17.94 -28.15 -38.35
N ASN D 460 -17.13 -27.60 -39.25
CA ASN D 460 -15.69 -27.51 -39.08
C ASN D 460 -15.31 -26.05 -38.91
N ILE D 461 -14.51 -25.77 -37.88
CA ILE D 461 -14.14 -24.40 -37.53
C ILE D 461 -12.67 -24.18 -37.89
N LYS D 462 -12.43 -23.22 -38.77
CA LYS D 462 -11.09 -22.81 -39.15
C LYS D 462 -10.68 -21.58 -38.37
N THR D 463 -9.43 -21.56 -37.92
CA THR D 463 -8.88 -20.46 -37.14
C THR D 463 -7.90 -19.68 -38.00
N VAL D 464 -8.14 -18.38 -38.11
CA VAL D 464 -7.24 -17.46 -38.81
C VAL D 464 -6.49 -16.69 -37.73
N ALA D 465 -5.16 -16.75 -37.76
CA ALA D 465 -4.32 -16.16 -36.73
C ALA D 465 -3.32 -15.21 -37.37
N GLU D 466 -3.33 -13.96 -36.93
CA GLU D 466 -2.39 -12.95 -37.41
C GLU D 466 -1.24 -12.78 -36.41
N ARG D 467 -0.14 -12.23 -36.91
CA ARG D 467 1.06 -12.08 -36.10
C ARG D 467 0.86 -10.96 -35.08
N ARG D 468 1.12 -11.29 -33.81
CA ARG D 468 0.97 -10.34 -32.71
C ARG D 468 2.25 -10.31 -31.90
N GLU D 469 2.48 -9.21 -31.19
CA GLU D 469 3.69 -9.02 -30.41
C GLU D 469 3.37 -8.94 -28.92
N ASN D 470 4.29 -9.43 -28.10
CA ASN D 470 4.17 -9.31 -26.65
C ASN D 470 4.23 -7.85 -26.23
N MET D 471 3.52 -7.53 -25.16
CA MET D 471 3.63 -6.20 -24.57
C MET D 471 4.94 -6.10 -23.80
N LEU D 472 5.44 -4.89 -23.67
CA LEU D 472 6.64 -4.62 -22.89
C LEU D 472 6.26 -3.78 -21.68
N TRP D 473 7.26 -3.40 -20.89
CA TRP D 473 7.01 -2.69 -19.65
C TRP D 473 8.19 -1.77 -19.36
N PHE D 474 7.96 -0.80 -18.47
CA PHE D 474 9.02 0.05 -17.97
C PHE D 474 8.79 0.21 -16.47
N ARG D 475 9.42 -0.66 -15.68
CA ARG D 475 9.24 -0.69 -14.23
C ARG D 475 10.54 -0.28 -13.55
N THR D 476 10.46 0.78 -12.75
CA THR D 476 11.56 1.26 -11.93
C THR D 476 11.08 1.51 -10.52
N PRO D 477 11.95 1.41 -9.52
CA PRO D 477 11.54 1.74 -8.16
C PRO D 477 11.17 3.21 -8.05
N GLU D 478 10.24 3.50 -7.14
CA GLU D 478 9.83 4.88 -6.91
C GLU D 478 10.84 5.59 -6.02
N LYS D 479 10.83 6.92 -6.11
CA LYS D 479 11.64 7.78 -5.25
C LYS D 479 13.14 7.48 -5.38
N ILE D 480 13.66 7.70 -6.58
CA ILE D 480 15.09 7.64 -6.83
C ILE D 480 15.67 9.03 -6.57
N TYR D 481 16.62 9.12 -5.64
CA TYR D 481 17.17 10.41 -5.21
C TYR D 481 18.62 10.50 -5.67
N ILE D 482 18.92 11.54 -6.46
CA ILE D 482 20.19 11.62 -7.18
C ILE D 482 20.86 13.00 -7.12
N LYS D 483 21.76 13.20 -6.16
CA LYS D 483 22.72 14.32 -6.12
C LYS D 483 23.84 13.95 -5.16
N ARG D 484 24.65 14.95 -4.84
CA ARG D 484 25.73 14.80 -3.86
C ARG D 484 25.27 15.29 -2.50
N GLY D 485 25.51 14.48 -1.47
CA GLY D 485 25.12 14.86 -0.13
C GLY D 485 23.63 14.84 0.12
N CYS D 486 22.89 14.11 -0.70
CA CYS D 486 21.44 14.01 -0.55
C CYS D 486 21.02 12.92 0.44
N LEU D 487 21.97 12.16 0.97
CA LEU D 487 21.61 11.08 1.90
C LEU D 487 20.89 11.58 3.15
N PRO D 488 21.36 12.62 3.86
CA PRO D 488 20.58 13.09 5.02
C PRO D 488 19.19 13.59 4.65
N VAL D 489 19.07 14.31 3.54
CA VAL D 489 17.77 14.84 3.14
C VAL D 489 16.82 13.71 2.76
N ALA D 490 17.34 12.68 2.09
CA ALA D 490 16.50 11.53 1.75
C ALA D 490 16.07 10.77 2.98
N LEU D 491 17.02 10.48 3.89
CA LEU D 491 16.69 9.74 5.09
C LEU D 491 15.78 10.52 6.04
N ASP D 492 15.78 11.85 5.95
CA ASP D 492 14.86 12.63 6.78
C ASP D 492 13.41 12.31 6.49
N GLU D 493 13.12 11.85 5.27
CA GLU D 493 11.77 11.46 4.90
C GLU D 493 11.26 10.26 5.67
N LEU D 494 12.15 9.46 6.26
CA LEU D 494 11.76 8.26 7.00
C LEU D 494 10.92 8.55 8.24
N LYS D 495 10.94 9.78 8.75
CA LYS D 495 10.18 10.14 9.94
C LYS D 495 9.08 11.15 9.66
N ASN D 496 9.40 12.21 8.91
CA ASN D 496 8.41 13.26 8.67
C ASN D 496 7.28 12.80 7.75
N VAL D 497 7.49 11.72 7.01
CA VAL D 497 6.52 11.24 6.02
C VAL D 497 5.99 9.86 6.38
N MET D 498 6.88 8.86 6.46
CA MET D 498 6.43 7.49 6.66
C MET D 498 6.17 7.19 8.13
N GLY D 499 7.11 7.53 9.00
CA GLY D 499 6.94 7.28 10.42
C GLY D 499 7.41 5.91 10.88
N LYS D 500 8.63 5.53 10.54
CA LYS D 500 9.15 4.23 10.94
C LYS D 500 9.73 4.29 12.34
N LYS D 501 9.99 3.10 12.91
CA LYS D 501 10.49 3.00 14.27
C LYS D 501 11.73 2.12 14.41
N LYS D 502 11.94 1.16 13.51
CA LYS D 502 13.05 0.22 13.64
C LYS D 502 13.75 0.07 12.30
N ALA D 503 15.08 0.02 12.33
CA ALA D 503 15.88 -0.09 11.11
C ALA D 503 16.90 -1.22 11.25
N PHE D 504 17.15 -1.89 10.13
CA PHE D 504 18.09 -3.02 10.07
C PHE D 504 19.04 -2.78 8.91
N ILE D 505 20.24 -2.28 9.22
CA ILE D 505 21.25 -1.99 8.21
C ILE D 505 22.01 -3.26 7.88
N VAL D 506 22.25 -3.49 6.59
CA VAL D 506 23.01 -4.63 6.10
C VAL D 506 24.18 -4.12 5.29
N THR D 507 25.38 -4.59 5.60
CA THR D 507 26.59 -4.17 4.91
C THR D 507 27.59 -5.32 4.93
N ASP D 508 28.82 -5.04 4.52
CA ASP D 508 29.89 -6.02 4.54
C ASP D 508 30.95 -5.64 5.57
N ASN D 509 31.81 -6.61 5.89
CA ASN D 509 32.76 -6.43 6.98
C ASN D 509 33.74 -5.29 6.71
N PHE D 510 34.36 -5.28 5.53
CA PHE D 510 35.35 -4.24 5.23
C PHE D 510 34.71 -2.87 5.20
N LEU D 511 33.50 -2.77 4.63
CA LEU D 511 32.82 -1.48 4.56
C LEU D 511 32.43 -0.99 5.94
N TYR D 512 32.09 -1.92 6.84
CA TYR D 512 31.70 -1.56 8.21
C TYR D 512 32.89 -1.14 9.05
N ASN D 513 34.01 -1.85 8.95
CA ASN D 513 35.15 -1.60 9.82
C ASN D 513 35.76 -0.21 9.61
N ASN D 514 35.62 0.37 8.42
CA ASN D 514 36.19 1.68 8.13
C ASN D 514 35.21 2.82 8.41
N GLY D 515 34.05 2.52 8.98
CA GLY D 515 33.10 3.55 9.37
C GLY D 515 32.46 4.32 8.23
N TYR D 516 32.02 3.60 7.19
CA TYR D 516 31.23 4.22 6.14
C TYR D 516 29.73 4.25 6.47
N THR D 517 29.30 3.52 7.49
CA THR D 517 27.91 3.55 7.94
C THR D 517 27.69 4.60 9.02
N LYS D 518 28.71 5.37 9.36
CA LYS D 518 28.56 6.38 10.42
C LYS D 518 27.53 7.45 10.09
N PRO D 519 27.50 8.06 8.89
CA PRO D 519 26.46 9.08 8.64
C PRO D 519 25.04 8.55 8.75
N ILE D 520 24.81 7.32 8.30
CA ILE D 520 23.46 6.75 8.34
C ILE D 520 23.02 6.54 9.79
N THR D 521 23.89 5.95 10.60
CA THR D 521 23.57 5.75 12.01
C THR D 521 23.39 7.08 12.73
N ASP D 522 24.21 8.07 12.40
CA ASP D 522 24.06 9.38 13.02
C ASP D 522 22.72 10.01 12.68
N LYS D 523 22.31 9.93 11.41
CA LYS D 523 21.02 10.49 11.03
C LYS D 523 19.86 9.74 11.69
N LEU D 524 19.96 8.40 11.76
CA LEU D 524 18.92 7.64 12.43
C LEU D 524 18.84 7.99 13.91
N ASP D 525 19.99 8.18 14.57
CA ASP D 525 20.00 8.58 15.97
C ASP D 525 19.38 9.96 16.15
N GLU D 526 19.70 10.89 15.26
CA GLU D 526 19.12 12.23 15.35
C GLU D 526 17.60 12.17 15.18
N MET D 527 17.12 11.37 14.23
CA MET D 527 15.68 11.23 14.04
C MET D 527 15.02 10.49 15.20
N GLY D 528 15.80 9.71 15.95
CA GLY D 528 15.26 8.96 17.07
C GLY D 528 14.71 7.60 16.67
N ILE D 529 15.47 6.89 15.84
CA ILE D 529 15.05 5.59 15.32
C ILE D 529 16.04 4.54 15.81
N VAL D 530 15.51 3.47 16.42
CA VAL D 530 16.34 2.36 16.88
C VAL D 530 16.84 1.60 15.66
N HIS D 531 18.13 1.28 15.64
CA HIS D 531 18.74 0.61 14.51
C HIS D 531 19.61 -0.55 14.99
N LYS D 532 19.75 -1.56 14.12
CA LYS D 532 20.65 -2.67 14.35
C LYS D 532 21.39 -2.97 13.06
N THR D 533 22.67 -3.31 13.15
CA THR D 533 23.53 -3.48 11.99
C THR D 533 24.04 -4.91 11.90
N PHE D 534 23.90 -5.52 10.73
CA PHE D 534 24.44 -6.84 10.43
C PHE D 534 25.48 -6.70 9.33
N PHE D 535 26.69 -7.20 9.58
CA PHE D 535 27.80 -6.93 8.69
C PHE D 535 28.60 -8.17 8.32
N ASP D 536 28.07 -9.37 8.52
CA ASP D 536 28.82 -10.61 8.27
C ASP D 536 28.66 -11.10 6.84
N VAL D 537 28.36 -10.21 5.90
CA VAL D 537 28.20 -10.57 4.49
C VAL D 537 29.57 -10.59 3.83
N SER D 538 29.95 -11.74 3.30
CA SER D 538 31.22 -11.94 2.63
C SER D 538 31.05 -11.83 1.12
N PRO D 539 32.14 -11.59 0.38
CA PRO D 539 32.04 -11.62 -1.08
C PRO D 539 31.59 -12.99 -1.56
N ASP D 540 30.88 -13.00 -2.69
CA ASP D 540 30.19 -14.19 -3.18
C ASP D 540 29.22 -14.68 -2.11
N PRO D 541 28.12 -13.95 -1.89
CA PRO D 541 27.22 -14.28 -0.77
C PRO D 541 26.69 -15.70 -0.85
N SER D 542 26.58 -16.35 0.30
CA SER D 542 26.14 -17.73 0.37
C SER D 542 24.78 -17.80 1.05
N LEU D 543 24.25 -19.02 1.20
CA LEU D 543 22.98 -19.23 1.89
C LEU D 543 23.10 -19.13 3.40
N ALA D 544 24.27 -19.47 3.96
CA ALA D 544 24.45 -19.40 5.41
C ALA D 544 24.33 -17.97 5.91
N SER D 545 24.95 -17.03 5.20
CA SER D 545 24.90 -15.62 5.61
C SER D 545 23.47 -15.09 5.48
N ALA D 546 22.78 -15.46 4.40
CA ALA D 546 21.40 -15.02 4.20
C ALA D 546 20.50 -15.58 5.31
N LYS D 547 20.69 -16.84 5.66
CA LYS D 547 19.88 -17.44 6.71
C LYS D 547 20.15 -16.80 8.07
N ALA D 548 21.43 -16.52 8.36
CA ALA D 548 21.76 -15.85 9.62
C ALA D 548 21.16 -14.45 9.67
N GLY D 549 21.24 -13.72 8.57
CA GLY D 549 20.62 -12.40 8.52
C GLY D 549 19.11 -12.47 8.71
N ALA D 550 18.46 -13.44 8.06
CA ALA D 550 17.02 -13.59 8.21
C ALA D 550 16.65 -13.94 9.65
N ALA D 551 17.45 -14.78 10.30
CA ALA D 551 17.20 -15.09 11.70
C ALA D 551 17.33 -13.85 12.57
N GLU D 552 18.34 -13.02 12.32
CA GLU D 552 18.50 -11.78 13.08
C GLU D 552 17.32 -10.84 12.86
N MET D 553 16.84 -10.74 11.62
CA MET D 553 15.67 -9.91 11.34
C MET D 553 14.44 -10.44 12.06
N LEU D 554 14.26 -11.77 12.07
CA LEU D 554 13.12 -12.35 12.76
C LEU D 554 13.19 -12.07 14.26
N ALA D 555 14.38 -12.15 14.84
CA ALA D 555 14.54 -11.88 16.27
C ALA D 555 14.36 -10.39 16.58
N PHE D 556 14.71 -9.51 15.65
CA PHE D 556 14.68 -8.07 15.88
C PHE D 556 13.39 -7.40 15.42
N GLN D 557 12.76 -7.93 14.37
CA GLN D 557 11.51 -7.41 13.81
C GLN D 557 11.64 -5.96 13.38
N PRO D 558 12.39 -5.66 12.33
CA PRO D 558 12.58 -4.27 11.90
C PRO D 558 11.40 -3.79 11.06
N ASP D 559 11.24 -2.46 11.03
CA ASP D 559 10.23 -1.81 10.21
C ASP D 559 10.73 -1.34 8.85
N THR D 560 12.04 -1.19 8.68
CA THR D 560 12.64 -0.82 7.40
C THR D 560 13.98 -1.50 7.27
N ILE D 561 14.43 -1.70 6.04
CA ILE D 561 15.72 -2.35 5.75
C ILE D 561 16.55 -1.41 4.90
N ILE D 562 17.81 -1.21 5.29
CA ILE D 562 18.73 -0.33 4.59
C ILE D 562 19.90 -1.19 4.16
N ALA D 563 20.07 -1.35 2.85
CA ALA D 563 21.15 -2.16 2.29
C ALA D 563 22.23 -1.25 1.72
N VAL D 564 23.38 -1.23 2.38
CA VAL D 564 24.47 -0.32 2.02
C VAL D 564 25.64 -1.15 1.50
N GLY D 565 26.10 -0.83 0.30
CA GLY D 565 27.30 -1.47 -0.20
C GLY D 565 27.19 -1.74 -1.70
N GLY D 566 28.04 -2.67 -2.16
CA GLY D 566 28.11 -2.98 -3.57
C GLY D 566 27.24 -4.15 -3.98
N GLY D 567 27.78 -5.04 -4.81
CA GLY D 567 26.99 -6.14 -5.35
C GLY D 567 26.59 -7.18 -4.33
N SER D 568 27.51 -7.55 -3.43
CA SER D 568 27.20 -8.56 -2.43
C SER D 568 26.14 -8.06 -1.46
N ALA D 569 26.21 -6.79 -1.06
CA ALA D 569 25.32 -6.27 -0.03
C ALA D 569 23.86 -6.30 -0.49
N MET D 570 23.58 -5.78 -1.68
CA MET D 570 22.19 -5.73 -2.15
C MET D 570 21.62 -7.11 -2.37
N ASP D 571 22.39 -8.03 -2.97
CA ASP D 571 21.87 -9.37 -3.22
C ASP D 571 21.61 -10.10 -1.91
N ALA D 572 22.56 -10.03 -0.98
CA ALA D 572 22.36 -10.67 0.32
C ALA D 572 21.16 -10.08 1.05
N ALA D 573 21.02 -8.75 1.02
CA ALA D 573 19.91 -8.11 1.73
C ALA D 573 18.58 -8.45 1.08
N LYS D 574 18.55 -8.58 -0.25
CA LYS D 574 17.31 -8.97 -0.93
C LYS D 574 16.91 -10.39 -0.52
N ILE D 575 17.89 -11.30 -0.46
CA ILE D 575 17.57 -12.67 -0.06
C ILE D 575 17.10 -12.71 1.40
N MET D 576 17.75 -11.93 2.27
CA MET D 576 17.30 -11.86 3.66
C MET D 576 15.89 -11.29 3.76
N TRP D 577 15.58 -10.27 2.96
CA TRP D 577 14.23 -9.72 2.95
C TRP D 577 13.20 -10.76 2.53
N VAL D 578 13.52 -11.54 1.49
CA VAL D 578 12.60 -12.56 1.00
C VAL D 578 12.38 -13.62 2.09
N MET D 579 13.46 -14.08 2.72
CA MET D 579 13.31 -15.12 3.72
C MET D 579 12.69 -14.59 5.01
N TYR D 580 12.82 -13.29 5.26
CA TYR D 580 12.23 -12.69 6.46
C TYR D 580 10.72 -12.52 6.30
N GLU D 581 10.27 -12.05 5.14
CA GLU D 581 8.85 -11.86 4.92
C GLU D 581 8.10 -13.17 4.69
N HIS D 582 8.73 -14.16 4.08
CA HIS D 582 8.10 -15.45 3.81
C HIS D 582 9.06 -16.57 4.15
N PRO D 583 9.10 -17.01 5.40
CA PRO D 583 10.11 -17.98 5.83
C PRO D 583 9.90 -19.39 5.29
N GLU D 584 8.85 -19.65 4.53
CA GLU D 584 8.58 -20.98 4.01
C GLU D 584 8.99 -21.14 2.55
N VAL D 585 9.68 -20.16 1.99
CA VAL D 585 10.01 -20.14 0.56
C VAL D 585 11.23 -21.04 0.34
N ASP D 586 11.14 -21.93 -0.64
CA ASP D 586 12.28 -22.75 -1.02
C ASP D 586 13.12 -22.01 -2.05
N PHE D 587 14.44 -22.00 -1.84
CA PHE D 587 15.35 -21.29 -2.74
C PHE D 587 15.54 -22.00 -4.07
N MET D 588 15.43 -23.33 -4.09
CA MET D 588 15.66 -24.06 -5.33
C MET D 588 14.50 -23.90 -6.31
N ASP D 589 13.37 -23.39 -5.84
CA ASP D 589 12.23 -23.14 -6.72
C ASP D 589 12.27 -21.75 -7.35
N MET D 590 12.84 -20.76 -6.66
CA MET D 590 13.00 -19.45 -7.29
C MET D 590 14.12 -19.48 -8.32
N ALA D 591 15.03 -20.43 -8.20
CA ALA D 591 16.15 -20.56 -9.14
C ALA D 591 15.80 -21.56 -10.25
N MET D 592 14.71 -21.25 -10.94
CA MET D 592 14.23 -22.06 -12.04
C MET D 592 14.15 -21.22 -13.31
N ARG D 593 14.51 -21.80 -14.43
CA ARG D 593 14.58 -21.06 -15.68
C ARG D 593 13.21 -20.98 -16.33
N PHE D 594 12.89 -19.82 -16.89
CA PHE D 594 11.61 -19.56 -17.53
C PHE D 594 11.82 -18.97 -18.90
N MET D 595 10.86 -19.21 -19.79
CA MET D 595 10.85 -18.64 -21.13
C MET D 595 10.24 -17.24 -21.17
N ASP D 596 9.10 -17.06 -20.51
CA ASP D 596 8.47 -15.75 -20.38
C ASP D 596 8.36 -15.41 -18.91
N ILE D 597 8.76 -14.19 -18.54
CA ILE D 597 8.74 -13.79 -17.14
C ILE D 597 7.32 -13.74 -16.61
N ARG D 598 6.34 -13.51 -17.49
CA ARG D 598 4.95 -13.45 -17.07
C ARG D 598 4.23 -14.79 -17.17
N LYS D 599 4.92 -15.85 -17.61
CA LYS D 599 4.32 -17.16 -17.76
C LYS D 599 5.06 -18.23 -16.96
N ARG D 600 5.85 -17.82 -15.97
CA ARG D 600 6.65 -18.77 -15.21
C ARG D 600 5.76 -19.62 -14.31
N VAL D 601 6.25 -20.84 -14.02
CA VAL D 601 5.49 -21.77 -13.18
C VAL D 601 5.42 -21.26 -11.76
N TYR D 602 6.54 -20.79 -11.21
CA TYR D 602 6.63 -20.37 -9.82
C TYR D 602 6.41 -18.86 -9.74
N THR D 603 5.48 -18.43 -8.90
CA THR D 603 5.19 -17.02 -8.71
C THR D 603 5.73 -16.56 -7.36
N PHE D 604 6.46 -15.45 -7.37
CA PHE D 604 7.04 -14.93 -6.14
C PHE D 604 5.93 -14.37 -5.24
N PRO D 605 6.04 -14.57 -3.92
CA PRO D 605 5.06 -13.97 -3.01
C PRO D 605 5.22 -12.47 -2.95
N LYS D 606 4.13 -11.79 -2.61
CA LYS D 606 4.13 -10.34 -2.55
C LYS D 606 5.05 -9.84 -1.44
N MET D 607 5.81 -8.78 -1.73
CA MET D 607 6.75 -8.20 -0.79
C MET D 607 6.26 -6.82 -0.35
N GLY D 608 6.84 -6.33 0.74
CA GLY D 608 6.46 -5.05 1.30
C GLY D 608 5.46 -5.12 2.43
N GLN D 609 5.11 -6.31 2.91
CA GLN D 609 4.16 -6.44 3.99
C GLN D 609 4.76 -5.95 5.32
N LYS D 610 6.07 -6.08 5.48
CA LYS D 610 6.70 -5.78 6.76
C LYS D 610 7.58 -4.53 6.70
N ALA D 611 8.55 -4.49 5.79
CA ALA D 611 9.57 -3.47 5.83
C ALA D 611 9.87 -2.93 4.44
N TYR D 612 10.43 -1.72 4.40
CA TYR D 612 10.95 -1.12 3.18
C TYR D 612 12.34 -1.66 2.86
N PHE D 613 12.85 -1.31 1.69
CA PHE D 613 14.14 -1.80 1.22
C PHE D 613 14.98 -0.69 0.61
N ILE D 614 15.17 0.41 1.35
CA ILE D 614 16.08 1.45 0.92
C ILE D 614 17.45 0.84 0.59
N ALA D 615 18.06 1.30 -0.50
CA ALA D 615 19.34 0.79 -0.97
C ALA D 615 20.30 1.94 -1.27
N ILE D 616 21.54 1.80 -0.80
CA ILE D 616 22.58 2.81 -0.98
C ILE D 616 23.85 2.16 -1.50
N PRO D 617 24.22 2.38 -2.76
CA PRO D 617 25.42 1.76 -3.31
C PRO D 617 26.68 2.51 -2.94
N THR D 618 27.75 1.74 -2.70
CA THR D 618 29.07 2.28 -2.48
C THR D 618 30.05 1.98 -3.62
N SER D 619 29.55 1.49 -4.75
CA SER D 619 30.31 1.32 -5.97
C SER D 619 29.44 1.74 -7.16
N ALA D 620 29.95 1.59 -8.36
CA ALA D 620 29.21 1.99 -9.55
C ALA D 620 28.66 0.82 -10.33
N GLY D 621 29.51 -0.10 -10.78
CA GLY D 621 29.11 -1.08 -11.76
C GLY D 621 28.41 -2.32 -11.25
N THR D 622 27.30 -2.15 -10.55
CA THR D 622 26.41 -3.27 -10.25
C THR D 622 24.95 -2.98 -10.60
N GLY D 623 24.53 -1.73 -10.50
CA GLY D 623 23.15 -1.36 -10.83
C GLY D 623 22.10 -2.01 -9.97
N SER D 624 22.49 -2.64 -8.85
CA SER D 624 21.58 -3.42 -8.04
C SER D 624 20.54 -2.58 -7.31
N GLU D 625 20.69 -1.26 -7.28
CA GLU D 625 19.73 -0.42 -6.57
C GLU D 625 18.48 -0.17 -7.40
N VAL D 626 18.49 -0.57 -8.66
CA VAL D 626 17.34 -0.35 -9.55
C VAL D 626 16.93 -1.61 -10.29
N THR D 627 17.51 -2.79 -9.98
CA THR D 627 17.18 -3.97 -10.77
C THR D 627 16.51 -5.04 -9.90
N PRO D 628 15.67 -5.88 -10.50
CA PRO D 628 15.06 -6.99 -9.77
C PRO D 628 15.92 -8.24 -9.65
N PHE D 629 17.22 -8.15 -9.91
CA PHE D 629 18.08 -9.32 -9.94
C PHE D 629 18.73 -9.54 -8.59
N ALA D 630 18.97 -10.81 -8.27
CA ALA D 630 19.78 -11.21 -7.13
C ALA D 630 20.57 -12.45 -7.52
N VAL D 631 21.71 -12.66 -6.86
CA VAL D 631 22.55 -13.80 -7.16
C VAL D 631 23.32 -14.20 -5.91
N ILE D 632 23.24 -15.49 -5.55
CA ILE D 632 23.97 -16.05 -4.42
C ILE D 632 24.51 -17.41 -4.81
N THR D 633 25.49 -17.87 -4.04
CA THR D 633 26.19 -19.13 -4.30
C THR D 633 25.88 -20.11 -3.18
N ASP D 634 25.43 -21.30 -3.55
CA ASP D 634 25.19 -22.35 -2.57
C ASP D 634 26.54 -22.80 -2.01
N GLU D 635 26.53 -23.18 -0.73
CA GLU D 635 27.77 -23.55 -0.05
C GLU D 635 28.28 -24.90 -0.53
N LYS D 636 27.39 -25.84 -0.79
CA LYS D 636 27.76 -27.21 -1.16
C LYS D 636 28.02 -27.38 -2.64
N THR D 637 27.02 -27.08 -3.48
CA THR D 637 27.22 -27.18 -4.93
C THR D 637 28.24 -26.17 -5.41
N GLY D 638 28.31 -24.99 -4.78
CA GLY D 638 29.28 -24.00 -5.16
C GLY D 638 29.05 -23.40 -6.54
N ILE D 639 27.80 -23.20 -6.93
CA ILE D 639 27.46 -22.59 -8.20
C ILE D 639 26.44 -21.48 -7.97
N LYS D 640 26.63 -20.37 -8.67
CA LYS D 640 25.78 -19.19 -8.51
C LYS D 640 24.40 -19.47 -9.12
N TYR D 641 23.37 -18.94 -8.47
CA TYR D 641 21.98 -19.08 -8.93
C TYR D 641 21.36 -17.71 -9.10
N PRO D 642 21.53 -17.07 -10.25
CA PRO D 642 20.81 -15.81 -10.50
C PRO D 642 19.31 -16.03 -10.48
N LEU D 643 18.59 -15.10 -9.88
CA LEU D 643 17.14 -15.12 -9.83
C LEU D 643 16.60 -13.71 -10.02
N ALA D 644 15.43 -13.61 -10.64
CA ALA D 644 14.90 -12.32 -11.03
C ALA D 644 13.38 -12.32 -10.99
N ASP D 645 12.81 -11.33 -10.32
CA ASP D 645 11.40 -11.03 -10.38
C ASP D 645 11.20 -9.62 -9.83
N TYR D 646 10.21 -8.92 -10.38
CA TYR D 646 9.99 -7.53 -10.04
C TYR D 646 9.44 -7.32 -8.65
N GLU D 647 9.33 -8.38 -7.84
CA GLU D 647 9.03 -8.25 -6.42
C GLU D 647 10.25 -7.86 -5.61
N LEU D 648 11.43 -7.79 -6.23
CA LEU D 648 12.68 -7.47 -5.55
C LEU D 648 13.14 -6.04 -5.82
N LEU D 649 12.30 -5.21 -6.41
CA LEU D 649 12.70 -3.85 -6.74
C LEU D 649 12.86 -3.04 -5.47
N PRO D 650 14.06 -2.51 -5.20
CA PRO D 650 14.27 -1.75 -3.95
C PRO D 650 13.64 -0.37 -4.00
N ASP D 651 12.51 -0.19 -3.33
CA ASP D 651 11.86 1.11 -3.28
C ASP D 651 12.73 2.12 -2.55
N MET D 652 12.72 3.36 -3.04
CA MET D 652 13.51 4.46 -2.49
C MET D 652 15.02 4.13 -2.52
N ALA D 653 15.53 4.02 -3.74
CA ALA D 653 16.96 3.87 -3.95
C ALA D 653 17.64 5.24 -3.92
N ILE D 654 18.68 5.36 -3.10
CA ILE D 654 19.41 6.62 -2.93
C ILE D 654 20.79 6.44 -3.54
N VAL D 655 21.13 7.32 -4.48
CA VAL D 655 22.42 7.28 -5.18
C VAL D 655 23.18 8.54 -4.80
N ASP D 656 24.08 8.42 -3.83
CA ASP D 656 24.88 9.53 -3.35
C ASP D 656 26.33 9.29 -3.72
N ALA D 657 26.96 10.30 -4.34
CA ALA D 657 28.35 10.17 -4.77
C ALA D 657 29.34 10.33 -3.62
N ASP D 658 28.88 10.77 -2.44
CA ASP D 658 29.79 10.94 -1.32
C ASP D 658 30.19 9.60 -0.70
N MET D 659 29.29 8.62 -0.71
CA MET D 659 29.54 7.32 -0.11
C MET D 659 30.55 6.49 -0.91
N MET D 660 30.86 6.88 -2.14
CA MET D 660 31.66 6.07 -3.05
C MET D 660 32.67 6.93 -3.81
N MET D 661 33.34 7.84 -3.10
CA MET D 661 34.39 8.66 -3.68
C MET D 661 35.78 8.10 -3.48
N ASN D 662 35.97 7.18 -2.52
CA ASN D 662 37.29 6.70 -2.13
C ASN D 662 37.50 5.22 -2.43
N ALA D 663 37.05 4.77 -3.60
CA ALA D 663 37.24 3.38 -3.98
C ALA D 663 38.62 3.18 -4.60
N PRO D 664 39.21 1.99 -4.46
CA PRO D 664 40.51 1.72 -5.11
C PRO D 664 40.43 1.71 -6.62
N LYS D 665 41.58 1.63 -7.29
CA LYS D 665 41.60 1.77 -8.74
C LYS D 665 41.07 0.53 -9.44
N GLY D 666 41.45 -0.66 -8.96
CA GLY D 666 40.98 -1.89 -9.60
C GLY D 666 39.48 -2.04 -9.51
N LEU D 667 38.90 -1.73 -8.35
CA LEU D 667 37.45 -1.79 -8.20
C LEU D 667 36.78 -0.78 -9.13
N THR D 668 37.34 0.42 -9.26
CA THR D 668 36.78 1.42 -10.16
C THR D 668 36.78 0.91 -11.60
N ALA D 669 37.90 0.33 -12.04
CA ALA D 669 37.99 -0.17 -13.42
C ALA D 669 36.99 -1.30 -13.65
N ALA D 670 36.94 -2.26 -12.73
CA ALA D 670 36.02 -3.37 -12.89
C ALA D 670 34.57 -2.91 -12.92
N SER D 671 34.21 -1.96 -12.04
CA SER D 671 32.85 -1.46 -12.01
C SER D 671 32.50 -0.70 -13.29
N GLY D 672 33.41 0.13 -13.79
CA GLY D 672 33.14 0.84 -15.03
C GLY D 672 32.94 -0.11 -16.20
N ILE D 673 33.78 -1.15 -16.29
CA ILE D 673 33.64 -2.09 -17.39
C ILE D 673 32.36 -2.90 -17.26
N ASP D 674 31.98 -3.26 -16.03
CA ASP D 674 30.72 -3.98 -15.83
C ASP D 674 29.53 -3.12 -16.24
N ALA D 675 29.55 -1.83 -15.90
CA ALA D 675 28.47 -0.94 -16.32
C ALA D 675 28.42 -0.80 -17.84
N LEU D 676 29.58 -0.69 -18.48
CA LEU D 676 29.61 -0.61 -19.94
C LEU D 676 29.02 -1.86 -20.58
N THR D 677 29.38 -3.04 -20.05
CA THR D 677 28.83 -4.29 -20.55
C THR D 677 27.32 -4.35 -20.34
N HIS D 678 26.84 -3.91 -19.17
CA HIS D 678 25.41 -3.86 -18.93
C HIS D 678 24.71 -3.02 -19.99
N ALA D 679 25.25 -1.84 -20.26
CA ALA D 679 24.61 -0.96 -21.25
C ALA D 679 24.61 -1.58 -22.64
N LEU D 680 25.73 -2.20 -23.04
CA LEU D 680 25.80 -2.79 -24.37
C LEU D 680 24.79 -3.94 -24.51
N GLU D 681 24.75 -4.83 -23.52
CA GLU D 681 23.80 -5.95 -23.58
C GLU D 681 22.36 -5.45 -23.57
N ALA D 682 22.07 -4.41 -22.77
CA ALA D 682 20.72 -3.87 -22.75
C ALA D 682 20.34 -3.26 -24.10
N TYR D 683 21.33 -2.68 -24.80
CA TYR D 683 21.03 -2.09 -26.10
C TYR D 683 20.79 -3.15 -27.17
N VAL D 684 21.58 -4.21 -27.19
CA VAL D 684 21.46 -5.18 -28.28
C VAL D 684 20.52 -6.32 -27.88
N SER D 685 19.74 -6.13 -26.83
CA SER D 685 18.79 -7.14 -26.40
C SER D 685 17.61 -7.23 -27.37
N MET D 686 16.97 -8.39 -27.37
CA MET D 686 15.74 -8.57 -28.16
C MET D 686 14.60 -7.72 -27.62
N LEU D 687 14.50 -7.61 -26.30
CA LEU D 687 13.44 -6.85 -25.66
C LEU D 687 13.71 -5.35 -25.66
N ALA D 688 14.69 -4.88 -26.43
CA ALA D 688 15.06 -3.48 -26.42
C ALA D 688 13.95 -2.62 -27.00
N THR D 689 13.71 -1.48 -26.36
CA THR D 689 12.74 -0.50 -26.82
C THR D 689 13.36 0.88 -26.67
N ASP D 690 12.62 1.90 -27.11
CA ASP D 690 13.15 3.26 -27.11
C ASP D 690 13.50 3.74 -25.71
N TYR D 691 12.66 3.41 -24.73
CA TYR D 691 12.91 3.82 -23.35
C TYR D 691 14.26 3.31 -22.86
N THR D 692 14.56 2.04 -23.12
CA THR D 692 15.84 1.49 -22.72
C THR D 692 16.96 1.96 -23.65
N ASP D 693 16.64 2.19 -24.92
CA ASP D 693 17.66 2.57 -25.89
C ASP D 693 18.29 3.91 -25.55
N SER D 694 17.47 4.91 -25.22
CA SER D 694 18.00 6.23 -24.91
C SER D 694 18.91 6.17 -23.67
N LEU D 695 18.47 5.48 -22.64
CA LEU D 695 19.25 5.34 -21.43
C LEU D 695 20.57 4.61 -21.69
N ALA D 696 20.51 3.54 -22.49
CA ALA D 696 21.72 2.78 -22.80
C ALA D 696 22.73 3.64 -23.57
N LEU D 697 22.25 4.41 -24.54
CA LEU D 697 23.14 5.28 -25.30
C LEU D 697 23.80 6.33 -24.41
N ARG D 698 23.01 6.97 -23.54
CA ARG D 698 23.56 7.98 -22.65
C ARG D 698 24.58 7.37 -21.70
N ALA D 699 24.28 6.18 -21.17
CA ALA D 699 25.21 5.51 -20.26
C ALA D 699 26.51 5.16 -20.97
N ILE D 700 26.42 4.67 -22.21
CA ILE D 700 27.63 4.31 -22.95
C ILE D 700 28.49 5.55 -23.19
N LYS D 701 27.86 6.66 -23.58
CA LYS D 701 28.61 7.89 -23.83
C LYS D 701 29.31 8.37 -22.56
N MET D 702 28.58 8.39 -21.44
CA MET D 702 29.17 8.86 -20.19
C MET D 702 30.30 7.96 -19.73
N ILE D 703 30.14 6.64 -19.87
CA ILE D 703 31.18 5.71 -19.43
C ILE D 703 32.43 5.89 -20.29
N PHE D 704 32.25 6.06 -21.61
CA PHE D 704 33.41 6.26 -22.46
C PHE D 704 34.09 7.60 -22.22
N GLU D 705 33.36 8.63 -21.80
CA GLU D 705 33.96 9.95 -21.63
C GLU D 705 34.65 10.17 -20.30
N TYR D 706 34.21 9.52 -19.22
CA TYR D 706 34.65 9.88 -17.88
C TYR D 706 35.35 8.78 -17.10
N LEU D 707 35.36 7.54 -17.58
CA LEU D 707 36.00 6.46 -16.83
C LEU D 707 37.51 6.64 -16.67
N PRO D 708 38.29 6.98 -17.71
CA PRO D 708 39.74 7.16 -17.48
C PRO D 708 40.06 8.24 -16.47
N ARG D 709 39.30 9.33 -16.43
CA ARG D 709 39.55 10.38 -15.44
C ARG D 709 39.32 9.84 -14.03
N ALA D 710 38.26 9.08 -13.82
CA ALA D 710 38.00 8.50 -12.52
C ALA D 710 39.08 7.50 -12.12
N TYR D 711 39.57 6.71 -13.07
CA TYR D 711 40.58 5.72 -12.74
C TYR D 711 41.92 6.38 -12.41
N GLU D 712 42.37 7.30 -13.25
CA GLU D 712 43.73 7.84 -13.09
C GLU D 712 43.81 8.84 -11.94
N ASN D 713 42.74 9.59 -11.69
CA ASN D 713 42.77 10.61 -10.66
C ASN D 713 42.25 10.10 -9.32
N GLY D 714 41.00 9.65 -9.28
CA GLY D 714 40.44 9.15 -8.04
C GLY D 714 39.59 10.18 -7.31
N ALA D 715 39.78 10.27 -6.00
CA ALA D 715 39.01 11.21 -5.20
C ALA D 715 39.32 12.66 -5.54
N SER D 716 40.44 12.92 -6.22
CA SER D 716 40.78 14.28 -6.62
C SER D 716 39.86 14.82 -7.70
N ASP D 717 39.10 13.95 -8.36
CA ASP D 717 38.17 14.37 -9.42
C ASP D 717 36.75 14.00 -9.01
N PRO D 718 35.97 14.92 -8.44
CA PRO D 718 34.62 14.57 -8.01
C PRO D 718 33.62 14.54 -9.15
N VAL D 719 33.85 15.35 -10.19
CA VAL D 719 32.92 15.41 -11.31
C VAL D 719 32.88 14.08 -12.05
N ALA D 720 34.05 13.49 -12.30
CA ALA D 720 34.10 12.20 -12.96
C ALA D 720 33.43 11.11 -12.12
N ARG D 721 33.64 11.16 -10.80
CA ARG D 721 33.01 10.18 -9.92
C ARG D 721 31.49 10.29 -9.94
N GLU D 722 30.96 11.51 -9.89
CA GLU D 722 29.52 11.71 -9.94
C GLU D 722 28.95 11.28 -11.29
N LYS D 723 29.66 11.60 -12.38
CA LYS D 723 29.21 11.20 -13.70
C LYS D 723 29.19 9.67 -13.83
N MET D 724 30.20 9.00 -13.28
CA MET D 724 30.22 7.55 -13.31
C MET D 724 29.08 6.97 -12.48
N ALA D 725 28.78 7.60 -11.35
CA ALA D 725 27.61 7.19 -10.56
C ALA D 725 26.34 7.24 -11.39
N ASN D 726 26.09 8.39 -12.02
CA ASN D 726 24.87 8.56 -12.80
C ASN D 726 24.81 7.58 -13.97
N ALA D 727 25.95 7.38 -14.64
CA ALA D 727 25.98 6.44 -15.76
C ALA D 727 25.70 5.02 -15.30
N ALA D 728 26.26 4.63 -14.16
CA ALA D 728 26.03 3.29 -13.63
C ALA D 728 24.55 3.08 -13.29
N THR D 729 23.92 4.09 -12.67
CA THR D 729 22.51 3.95 -12.34
C THR D 729 21.64 3.89 -13.59
N ILE D 730 21.97 4.71 -14.60
CA ILE D 730 21.18 4.71 -15.84
C ILE D 730 21.31 3.37 -16.56
N ALA D 731 22.54 2.84 -16.62
CA ALA D 731 22.72 1.51 -17.21
C ALA D 731 21.99 0.44 -16.40
N GLY D 732 21.94 0.61 -15.07
CA GLY D 732 21.18 -0.33 -14.26
C GLY D 732 19.71 -0.34 -14.62
N MET D 733 19.11 0.85 -14.75
CA MET D 733 17.72 0.95 -15.19
C MET D 733 17.55 0.29 -16.55
N ALA D 734 18.48 0.58 -17.48
CA ALA D 734 18.36 0.09 -18.84
C ALA D 734 18.37 -1.43 -18.89
N PHE D 735 19.28 -2.07 -18.17
CA PHE D 735 19.29 -3.53 -18.25
C PHE D 735 18.34 -4.16 -17.25
N ALA D 736 17.72 -3.38 -16.36
CA ALA D 736 16.60 -3.89 -15.58
C ALA D 736 15.35 -4.03 -16.45
N ASN D 737 15.05 -3.02 -17.26
CA ASN D 737 13.84 -3.10 -18.08
C ASN D 737 14.01 -4.08 -19.24
N ALA D 738 15.17 -4.06 -19.89
CA ALA D 738 15.48 -5.00 -20.96
C ALA D 738 16.62 -5.90 -20.49
N PHE D 739 16.42 -7.21 -20.58
CA PHE D 739 17.34 -8.15 -19.95
C PHE D 739 18.69 -8.15 -20.68
N LEU D 740 19.61 -8.97 -20.18
CA LEU D 740 20.98 -9.00 -20.66
C LEU D 740 21.14 -9.98 -21.82
N GLY D 741 22.39 -10.27 -22.17
CA GLY D 741 22.67 -11.15 -23.29
C GLY D 741 23.44 -12.39 -22.90
N VAL D 742 24.35 -12.83 -23.78
CA VAL D 742 25.10 -14.07 -23.58
C VAL D 742 26.44 -13.83 -22.91
N CYS D 743 26.98 -12.61 -22.93
CA CYS D 743 28.25 -12.36 -22.28
C CYS D 743 28.18 -12.60 -20.78
N HIS D 744 27.08 -12.18 -20.15
CA HIS D 744 26.92 -12.43 -18.72
C HIS D 744 26.71 -13.89 -18.41
N SER D 745 26.01 -14.62 -19.30
CA SER D 745 25.74 -16.03 -19.06
C SER D 745 27.02 -16.83 -18.87
N MET D 746 28.07 -16.52 -19.63
CA MET D 746 29.35 -17.18 -19.48
C MET D 746 30.30 -16.45 -18.54
N ALA D 747 30.14 -15.14 -18.37
CA ALA D 747 30.97 -14.40 -17.43
C ALA D 747 30.69 -14.83 -15.99
N HIS D 748 29.43 -15.10 -15.66
CA HIS D 748 29.10 -15.58 -14.32
C HIS D 748 29.84 -16.87 -14.00
N LYS D 749 29.81 -17.82 -14.94
CA LYS D 749 30.48 -19.10 -14.71
C LYS D 749 31.99 -18.94 -14.69
N LEU D 750 32.53 -18.06 -15.55
CA LEU D 750 33.97 -17.81 -15.53
C LEU D 750 34.41 -17.24 -14.18
N GLY D 751 33.66 -16.27 -13.66
CA GLY D 751 33.97 -15.70 -12.36
C GLY D 751 33.79 -16.65 -11.20
N ALA D 752 32.78 -17.52 -11.26
CA ALA D 752 32.56 -18.50 -10.21
C ALA D 752 33.57 -19.64 -10.21
N PHE D 753 34.04 -20.06 -11.37
CA PHE D 753 34.96 -21.19 -11.45
C PHE D 753 36.37 -20.82 -11.03
N TYR D 754 36.84 -19.61 -11.36
CA TYR D 754 38.23 -19.23 -11.12
C TYR D 754 38.37 -18.00 -10.23
N HIS D 755 37.29 -17.55 -9.60
CA HIS D 755 37.33 -16.48 -8.59
C HIS D 755 37.93 -15.19 -9.17
N LEU D 756 37.22 -14.63 -10.14
CA LEU D 756 37.56 -13.35 -10.74
C LEU D 756 36.51 -12.31 -10.42
N PRO D 757 36.87 -11.03 -10.41
CA PRO D 757 35.86 -9.98 -10.27
C PRO D 757 34.89 -10.00 -11.44
N HIS D 758 33.66 -9.59 -11.18
CA HIS D 758 32.62 -9.66 -12.21
C HIS D 758 32.95 -8.76 -13.38
N GLY D 759 33.45 -7.55 -13.10
CA GLY D 759 33.84 -6.65 -14.18
C GLY D 759 35.01 -7.19 -14.98
N VAL D 760 35.97 -7.83 -14.30
CA VAL D 760 37.10 -8.43 -15.00
C VAL D 760 36.62 -9.55 -15.91
N ALA D 761 35.70 -10.39 -15.41
CA ALA D 761 35.15 -11.46 -16.25
C ALA D 761 34.37 -10.91 -17.43
N ASN D 762 33.65 -9.81 -17.23
CA ASN D 762 32.93 -9.19 -18.34
C ASN D 762 33.90 -8.63 -19.38
N ALA D 763 35.02 -8.07 -18.93
CA ALA D 763 35.97 -7.43 -19.86
C ALA D 763 36.57 -8.43 -20.82
N LEU D 764 36.81 -9.66 -20.36
CA LEU D 764 37.48 -10.67 -21.17
C LEU D 764 36.59 -11.28 -22.25
N MET D 765 35.30 -10.97 -22.26
CA MET D 765 34.36 -11.67 -23.13
C MET D 765 33.52 -10.75 -24.01
N ILE D 766 33.50 -9.45 -23.74
CA ILE D 766 32.59 -8.56 -24.48
C ILE D 766 32.98 -8.49 -25.95
N ASN D 767 34.29 -8.45 -26.25
CA ASN D 767 34.74 -8.29 -27.61
C ASN D 767 34.37 -9.45 -28.51
N GLU D 768 34.52 -10.69 -28.04
CA GLU D 768 34.15 -11.84 -28.85
C GLU D 768 32.64 -12.02 -28.93
N VAL D 769 31.91 -11.62 -27.88
CA VAL D 769 30.45 -11.68 -27.92
C VAL D 769 29.90 -10.70 -28.95
N ILE D 770 30.54 -9.53 -29.07
CA ILE D 770 30.09 -8.54 -30.05
C ILE D 770 30.21 -9.10 -31.47
N ARG D 771 31.33 -9.75 -31.76
CA ARG D 771 31.52 -10.37 -33.07
C ARG D 771 30.61 -11.57 -33.28
N PHE D 772 30.35 -12.35 -32.23
CA PHE D 772 29.42 -13.46 -32.33
C PHE D 772 28.02 -12.99 -32.69
N ASN D 773 27.54 -11.93 -32.01
CA ASN D 773 26.20 -11.43 -32.28
C ASN D 773 26.10 -10.77 -33.64
N SER D 774 27.17 -10.08 -34.07
CA SER D 774 27.18 -9.42 -35.37
C SER D 774 27.35 -10.44 -36.48
N SER D 775 26.24 -10.96 -37.00
CA SER D 775 26.29 -11.96 -38.06
C SER D 775 25.01 -11.88 -38.86
N GLU D 776 25.14 -11.84 -40.19
CA GLU D 776 23.98 -11.77 -41.06
C GLU D 776 23.35 -13.13 -41.33
N ALA D 777 24.05 -14.22 -41.00
CA ALA D 777 23.55 -15.57 -41.19
C ALA D 777 23.79 -16.39 -39.94
N PRO D 778 23.05 -16.11 -38.87
CA PRO D 778 23.24 -16.88 -37.63
C PRO D 778 22.70 -18.29 -37.75
N THR D 779 23.34 -19.21 -37.03
CA THR D 779 22.89 -20.60 -37.05
C THR D 779 21.48 -20.75 -36.51
N LYS D 780 21.18 -20.07 -35.40
CA LYS D 780 19.85 -20.05 -34.83
C LYS D 780 19.46 -18.60 -34.55
N MET D 781 18.20 -18.41 -34.16
CA MET D 781 17.69 -17.08 -33.87
C MET D 781 16.96 -17.11 -32.52
N GLY D 782 16.68 -15.92 -31.99
CA GLY D 782 16.19 -15.80 -30.62
C GLY D 782 14.71 -16.08 -30.43
N THR D 783 13.99 -16.37 -31.51
CA THR D 783 12.55 -16.71 -31.49
C THR D 783 11.75 -15.77 -30.57
N PHE D 784 11.77 -14.50 -30.94
CA PHE D 784 10.96 -13.48 -30.30
C PHE D 784 10.15 -12.77 -31.38
N PRO D 785 8.85 -12.56 -31.17
CA PRO D 785 8.01 -11.97 -32.24
C PRO D 785 8.48 -10.59 -32.68
N GLN D 786 8.99 -9.77 -31.76
CA GLN D 786 9.42 -8.43 -32.10
C GLN D 786 10.70 -8.43 -32.95
N TYR D 787 11.46 -9.54 -32.92
CA TYR D 787 12.73 -9.65 -33.62
C TYR D 787 12.49 -10.39 -34.92
N ASP D 788 12.26 -9.63 -36.00
CA ASP D 788 11.89 -10.25 -37.27
C ASP D 788 13.11 -10.83 -37.98
N HIS D 789 14.10 -9.99 -38.24
CA HIS D 789 15.31 -10.37 -38.96
C HIS D 789 16.51 -9.89 -38.16
N PRO D 790 17.68 -10.51 -38.37
CA PRO D 790 18.88 -10.07 -37.64
C PRO D 790 19.19 -8.60 -37.91
N ARG D 791 19.48 -7.87 -36.83
CA ARG D 791 19.75 -6.44 -36.92
C ARG D 791 20.88 -5.98 -36.00
N THR D 792 21.63 -6.91 -35.39
CA THR D 792 22.60 -6.52 -34.36
C THR D 792 23.75 -5.70 -34.96
N LEU D 793 24.12 -5.99 -36.20
CA LEU D 793 25.18 -5.21 -36.85
C LEU D 793 24.78 -3.74 -36.96
N GLU D 794 23.53 -3.48 -37.36
CA GLU D 794 23.07 -2.11 -37.47
C GLU D 794 23.01 -1.42 -36.12
N ARG D 795 22.61 -2.15 -35.08
CA ARG D 795 22.58 -1.58 -33.73
C ARG D 795 23.98 -1.20 -33.25
N TYR D 796 24.96 -2.08 -33.48
CA TYR D 796 26.33 -1.76 -33.13
C TYR D 796 26.85 -0.58 -33.93
N ALA D 797 26.49 -0.50 -35.20
CA ALA D 797 26.86 0.66 -36.01
C ALA D 797 26.24 1.94 -35.46
N GLU D 798 25.00 1.86 -34.97
CA GLU D 798 24.36 3.02 -34.35
C GLU D 798 25.09 3.44 -33.09
N ILE D 799 25.51 2.46 -32.27
CA ILE D 799 26.29 2.78 -31.07
C ILE D 799 27.58 3.49 -31.45
N ALA D 800 28.27 2.95 -32.47
CA ALA D 800 29.54 3.55 -32.90
C ALA D 800 29.34 4.96 -33.43
N ASP D 801 28.26 5.17 -34.20
CA ASP D 801 27.98 6.51 -34.72
C ASP D 801 27.68 7.49 -33.58
N TYR D 802 26.93 7.04 -32.57
CA TYR D 802 26.63 7.91 -31.44
C TYR D 802 27.88 8.26 -30.65
N ILE D 803 28.79 7.30 -30.46
CA ILE D 803 30.02 7.56 -29.72
C ILE D 803 30.84 8.63 -30.44
N GLY D 804 30.98 8.51 -31.76
CA GLY D 804 31.73 9.48 -32.53
C GLY D 804 32.75 8.84 -33.45
N LEU D 805 32.68 7.53 -33.59
CA LEU D 805 33.63 6.80 -34.43
C LEU D 805 33.30 6.98 -35.90
N LYS D 806 34.23 6.55 -36.75
CA LYS D 806 34.12 6.71 -38.19
C LYS D 806 34.26 5.36 -38.87
N GLY D 807 33.60 5.20 -40.02
CA GLY D 807 33.66 3.97 -40.77
C GLY D 807 32.74 4.02 -41.96
N LYS D 808 32.65 2.88 -42.66
CA LYS D 808 31.79 2.74 -43.81
C LYS D 808 31.15 1.36 -43.83
N ASN D 809 29.96 1.28 -44.43
CA ASN D 809 29.27 0.03 -44.72
C ASN D 809 28.92 -0.77 -43.47
N ASN D 810 28.76 -0.12 -42.33
CA ASN D 810 28.28 -0.69 -41.07
C ASN D 810 29.18 -1.79 -40.51
N GLU D 811 30.33 -2.06 -41.12
CA GLU D 811 31.26 -3.07 -40.63
C GLU D 811 32.51 -2.45 -40.01
N GLU D 812 33.11 -1.48 -40.70
CA GLU D 812 34.23 -0.75 -40.13
C GLU D 812 33.82 -0.03 -38.85
N LYS D 813 32.56 0.37 -38.74
CA LYS D 813 32.08 1.00 -37.51
C LYS D 813 32.15 0.03 -36.34
N VAL D 814 31.73 -1.21 -36.56
CA VAL D 814 31.78 -2.21 -35.49
C VAL D 814 33.23 -2.57 -35.17
N GLU D 815 34.09 -2.64 -36.18
CA GLU D 815 35.49 -2.90 -35.92
C GLU D 815 36.12 -1.79 -35.09
N ASN D 816 35.77 -0.53 -35.41
CA ASN D 816 36.28 0.60 -34.63
C ASN D 816 35.71 0.57 -33.21
N LEU D 817 34.47 0.12 -33.04
CA LEU D 817 33.92 -0.03 -31.71
C LEU D 817 34.71 -1.04 -30.90
N ILE D 818 35.06 -2.18 -31.51
CA ILE D 818 35.87 -3.18 -30.81
C ILE D 818 37.24 -2.61 -30.47
N LYS D 819 37.85 -1.85 -31.39
CA LYS D 819 39.13 -1.23 -31.12
C LYS D 819 39.05 -0.24 -29.96
N ALA D 820 37.99 0.57 -29.91
CA ALA D 820 37.81 1.52 -28.83
C ALA D 820 37.62 0.82 -27.50
N ILE D 821 36.89 -0.30 -27.49
CA ILE D 821 36.72 -1.06 -26.25
C ILE D 821 38.07 -1.63 -25.80
N ASP D 822 38.88 -2.10 -26.74
CA ASP D 822 40.22 -2.57 -26.39
C ASP D 822 41.06 -1.45 -25.80
N GLU D 823 40.98 -0.26 -26.39
CA GLU D 823 41.74 0.87 -25.85
C GLU D 823 41.30 1.22 -24.44
N LEU D 824 39.98 1.24 -24.20
CA LEU D 824 39.47 1.54 -22.86
C LEU D 824 39.91 0.49 -21.85
N LYS D 825 39.90 -0.79 -22.25
CA LYS D 825 40.38 -1.85 -21.37
C LYS D 825 41.86 -1.67 -21.06
N GLU D 826 42.65 -1.28 -22.07
CA GLU D 826 44.08 -1.08 -21.86
C GLU D 826 44.34 0.09 -20.91
N LYS D 827 43.56 1.16 -21.02
CA LYS D 827 43.80 2.34 -20.19
C LYS D 827 43.60 2.04 -18.70
N VAL D 828 42.64 1.18 -18.37
CA VAL D 828 42.26 0.98 -16.98
C VAL D 828 42.97 -0.25 -16.41
N GLY D 829 44.04 -0.68 -17.08
CA GLY D 829 44.88 -1.74 -16.53
C GLY D 829 44.23 -3.10 -16.44
N ILE D 830 43.51 -3.51 -17.47
CA ILE D 830 42.91 -4.84 -17.56
C ILE D 830 43.68 -5.63 -18.61
N ARG D 831 44.11 -6.84 -18.25
CA ARG D 831 44.90 -7.66 -19.15
C ARG D 831 44.07 -8.09 -20.37
N LYS D 832 44.73 -8.73 -21.32
CA LYS D 832 44.15 -9.03 -22.62
C LYS D 832 43.47 -10.39 -22.69
N THR D 833 44.06 -11.42 -22.08
CA THR D 833 43.55 -12.78 -22.19
C THR D 833 43.33 -13.38 -20.80
N ILE D 834 42.60 -14.49 -20.78
CA ILE D 834 42.35 -15.20 -19.54
C ILE D 834 43.64 -15.77 -18.97
N LYS D 835 44.50 -16.30 -19.86
CA LYS D 835 45.75 -16.91 -19.41
C LYS D 835 46.66 -15.91 -18.69
N ASP D 836 46.49 -14.62 -18.93
CA ASP D 836 47.29 -13.61 -18.25
C ASP D 836 46.90 -13.45 -16.78
N TYR D 837 45.81 -14.08 -16.33
CA TYR D 837 45.40 -14.03 -14.94
C TYR D 837 45.78 -15.30 -14.18
N ASP D 838 46.82 -15.99 -14.64
CA ASP D 838 47.42 -17.12 -13.93
C ASP D 838 46.40 -18.24 -13.70
N ILE D 839 45.93 -18.81 -14.80
CA ILE D 839 45.04 -19.97 -14.78
C ILE D 839 45.70 -21.09 -15.58
N ASP D 840 45.80 -22.26 -14.98
CA ASP D 840 46.46 -23.40 -15.62
C ASP D 840 45.67 -23.85 -16.85
N GLU D 841 46.40 -24.31 -17.87
CA GLU D 841 45.75 -24.74 -19.10
C GLU D 841 45.07 -26.10 -18.92
N LYS D 842 45.71 -27.02 -18.19
CA LYS D 842 45.11 -28.33 -17.96
C LYS D 842 43.81 -28.21 -17.17
N GLU D 843 43.81 -27.34 -16.15
CA GLU D 843 42.58 -27.12 -15.37
C GLU D 843 41.47 -26.58 -16.26
N PHE D 844 41.81 -25.62 -17.12
CA PHE D 844 40.81 -25.05 -18.04
C PHE D 844 40.26 -26.11 -18.98
N LEU D 845 41.15 -26.95 -19.54
CA LEU D 845 40.70 -27.94 -20.50
C LEU D 845 39.94 -29.08 -19.83
N ASP D 846 40.15 -29.29 -18.53
CA ASP D 846 39.39 -30.31 -17.82
C ASP D 846 38.08 -29.79 -17.23
N ARG D 847 37.94 -28.47 -17.08
CA ARG D 847 36.69 -27.89 -16.60
C ARG D 847 35.85 -27.26 -17.71
N LEU D 848 36.35 -27.19 -18.94
CA LEU D 848 35.62 -26.52 -20.01
C LEU D 848 34.28 -27.20 -20.32
N ASP D 849 34.25 -28.52 -20.33
CA ASP D 849 33.02 -29.22 -20.70
C ASP D 849 31.91 -28.95 -19.70
N GLU D 850 32.25 -28.89 -18.41
CA GLU D 850 31.25 -28.55 -17.40
C GLU D 850 30.89 -27.07 -17.45
N MET D 851 31.88 -26.21 -17.71
CA MET D 851 31.61 -24.77 -17.73
C MET D 851 30.67 -24.41 -18.87
N VAL D 852 30.85 -25.02 -20.04
CA VAL D 852 29.94 -24.74 -21.17
C VAL D 852 28.53 -25.21 -20.85
N GLU D 853 28.40 -26.41 -20.27
CA GLU D 853 27.08 -26.92 -19.91
C GLU D 853 26.38 -26.00 -18.93
N GLN D 854 27.12 -25.51 -17.93
CA GLN D 854 26.52 -24.59 -16.96
C GLN D 854 26.17 -23.26 -17.62
N ALA D 855 27.02 -22.79 -18.54
CA ALA D 855 26.78 -21.48 -19.16
C ALA D 855 25.57 -21.50 -20.09
N PHE D 856 25.36 -22.60 -20.82
CA PHE D 856 24.19 -22.66 -21.68
C PHE D 856 22.90 -22.65 -20.88
N ASP D 857 22.87 -23.37 -19.76
CA ASP D 857 21.69 -23.44 -18.90
C ASP D 857 21.71 -22.26 -17.92
N ASP D 858 21.46 -21.08 -18.45
CA ASP D 858 21.47 -19.84 -17.69
C ASP D 858 20.29 -18.98 -18.10
N GLN D 859 19.85 -18.13 -17.16
CA GLN D 859 18.68 -17.29 -17.42
C GLN D 859 18.95 -16.28 -18.53
N CYS D 860 20.16 -15.72 -18.55
CA CYS D 860 20.50 -14.68 -19.51
C CYS D 860 20.59 -15.18 -20.94
N THR D 861 20.70 -16.49 -21.14
CA THR D 861 20.87 -17.05 -22.48
C THR D 861 19.65 -16.79 -23.36
N GLY D 862 18.45 -16.90 -22.81
CA GLY D 862 17.24 -16.86 -23.60
C GLY D 862 16.86 -15.51 -24.16
N THR D 863 17.55 -14.44 -23.75
CA THR D 863 17.25 -13.10 -24.21
C THR D 863 18.20 -12.64 -25.32
N ASN D 864 19.29 -13.36 -25.53
CA ASN D 864 20.28 -12.96 -26.53
C ASN D 864 19.67 -12.99 -27.92
N PRO D 865 20.03 -12.05 -28.80
CA PRO D 865 19.44 -12.03 -30.15
C PRO D 865 20.00 -13.08 -31.10
N ARG D 866 20.77 -14.05 -30.60
CA ARG D 866 21.34 -15.12 -31.41
C ARG D 866 21.45 -16.34 -30.52
N TYR D 867 20.61 -17.35 -30.77
CA TYR D 867 20.54 -18.50 -29.89
C TYR D 867 21.84 -19.29 -29.97
N PRO D 868 22.55 -19.47 -28.85
CA PRO D 868 23.86 -20.13 -28.91
C PRO D 868 23.74 -21.64 -28.78
N LEU D 869 24.65 -22.34 -29.44
CA LEU D 869 24.82 -23.77 -29.22
C LEU D 869 26.00 -24.01 -28.28
N MET D 870 26.12 -25.25 -27.80
CA MET D 870 27.19 -25.57 -26.85
C MET D 870 28.57 -25.46 -27.50
N ASN D 871 28.69 -25.91 -28.75
CA ASN D 871 29.98 -25.83 -29.43
C ASN D 871 30.40 -24.39 -29.66
N GLU D 872 29.44 -23.51 -29.96
CA GLU D 872 29.77 -22.10 -30.13
C GLU D 872 30.25 -21.49 -28.82
N ILE D 873 29.62 -21.86 -27.71
CA ILE D 873 30.05 -21.34 -26.41
C ILE D 873 31.45 -21.84 -26.08
N ARG D 874 31.73 -23.12 -26.35
CA ARG D 874 33.07 -23.65 -26.11
C ARG D 874 34.09 -22.95 -26.98
N GLN D 875 33.76 -22.68 -28.25
CA GLN D 875 34.67 -21.96 -29.13
C GLN D 875 34.94 -20.56 -28.62
N MET D 876 33.91 -19.87 -28.13
CA MET D 876 34.10 -18.54 -27.55
C MET D 876 35.01 -18.61 -26.33
N TYR D 877 34.82 -19.63 -25.49
CA TYR D 877 35.69 -19.81 -24.33
C TYR D 877 37.15 -19.99 -24.77
N LEU D 878 37.37 -20.82 -25.78
CA LEU D 878 38.73 -21.07 -26.24
C LEU D 878 39.35 -19.82 -26.87
N ASN D 879 38.56 -19.06 -27.63
CA ASN D 879 39.07 -17.81 -28.20
C ASN D 879 39.41 -16.79 -27.12
N ALA D 880 38.60 -16.71 -26.08
CA ALA D 880 38.92 -15.83 -24.96
C ALA D 880 40.18 -16.27 -24.24
N TYR D 881 40.37 -17.57 -24.05
CA TYR D 881 41.55 -18.06 -23.33
C TYR D 881 42.83 -17.85 -24.14
N TYR D 882 42.81 -18.25 -25.41
CA TYR D 882 44.02 -18.22 -26.24
C TYR D 882 44.23 -16.91 -26.96
N GLY D 883 43.28 -15.97 -26.87
CA GLY D 883 43.41 -14.69 -27.55
C GLY D 883 43.18 -14.79 -29.04
N ILE E 25 6.18 -54.73 -18.60
CA ILE E 25 5.04 -55.22 -19.38
C ILE E 25 5.52 -55.67 -20.75
N ASP E 26 5.63 -56.99 -20.91
CA ASP E 26 5.99 -57.58 -22.21
C ASP E 26 5.04 -58.68 -22.66
N ASN E 27 4.05 -59.06 -21.85
CA ASN E 27 3.10 -60.09 -22.19
C ASN E 27 1.69 -59.56 -22.05
N VAL E 28 0.73 -60.30 -22.62
CA VAL E 28 -0.66 -59.87 -22.59
C VAL E 28 -1.19 -59.85 -21.15
N GLU E 29 -1.00 -60.95 -20.41
CA GLU E 29 -1.55 -61.06 -19.07
C GLU E 29 -1.10 -59.92 -18.18
N LYS E 30 0.18 -59.54 -18.27
CA LYS E 30 0.66 -58.36 -17.57
C LYS E 30 -0.11 -57.12 -18.03
N LEU E 31 -0.52 -57.08 -19.29
CA LEU E 31 -1.23 -55.91 -19.80
C LEU E 31 -2.63 -55.80 -19.19
N GLU E 32 -3.37 -56.92 -19.12
CA GLU E 32 -4.66 -56.84 -18.41
C GLU E 32 -4.47 -56.53 -16.94
N LYS E 33 -3.42 -57.06 -16.31
CA LYS E 33 -3.20 -56.73 -14.90
C LYS E 33 -2.96 -55.24 -14.72
N ALA E 34 -2.12 -54.64 -15.58
CA ALA E 34 -1.85 -53.22 -15.50
C ALA E 34 -3.10 -52.40 -15.75
N LEU E 35 -3.91 -52.81 -16.74
CA LEU E 35 -5.14 -52.09 -17.04
C LEU E 35 -6.11 -52.14 -15.87
N LYS E 36 -6.22 -53.30 -15.22
CA LYS E 36 -7.08 -53.43 -14.06
C LYS E 36 -6.61 -52.53 -12.93
N ARG E 37 -5.31 -52.52 -12.66
CA ARG E 37 -4.79 -51.68 -11.57
C ARG E 37 -4.98 -50.21 -11.88
N LEU E 38 -4.85 -49.83 -13.16
CA LEU E 38 -5.04 -48.44 -13.55
C LEU E 38 -6.49 -48.03 -13.41
N ARG E 39 -7.42 -48.90 -13.79
CA ARG E 39 -8.84 -48.60 -13.59
C ARG E 39 -9.16 -48.46 -12.10
N GLU E 40 -8.59 -49.34 -11.27
CA GLU E 40 -8.80 -49.25 -9.84
C GLU E 40 -8.28 -47.95 -9.25
N ALA E 41 -7.09 -47.51 -9.69
CA ALA E 41 -6.54 -46.25 -9.20
C ALA E 41 -7.28 -45.03 -9.73
N GLN E 42 -7.78 -45.10 -10.97
CA GLN E 42 -8.58 -44.01 -11.51
C GLN E 42 -9.91 -43.89 -10.77
N SER E 43 -10.49 -45.01 -10.36
CA SER E 43 -11.73 -44.95 -9.59
C SER E 43 -11.54 -44.20 -8.28
N VAL E 44 -10.31 -44.16 -7.75
CA VAL E 44 -10.00 -43.39 -6.56
C VAL E 44 -9.68 -41.95 -6.91
N TYR E 45 -8.88 -41.74 -7.96
CA TYR E 45 -8.47 -40.38 -8.33
C TYR E 45 -9.65 -39.54 -8.80
N ALA E 46 -10.71 -40.17 -9.32
CA ALA E 46 -11.82 -39.42 -9.88
C ALA E 46 -12.62 -38.64 -8.85
N THR E 47 -12.39 -38.88 -7.56
CA THR E 47 -13.14 -38.21 -6.50
C THR E 47 -12.28 -37.23 -5.71
N TYR E 48 -11.38 -36.53 -6.38
CA TYR E 48 -10.56 -35.52 -5.73
C TYR E 48 -11.19 -34.14 -5.87
N THR E 49 -10.69 -33.21 -5.07
CA THR E 49 -11.18 -31.84 -5.07
C THR E 49 -10.29 -30.97 -5.96
N GLN E 50 -10.67 -29.70 -6.09
CA GLN E 50 -9.92 -28.77 -6.92
C GLN E 50 -8.53 -28.50 -6.35
N GLU E 51 -8.43 -28.38 -5.02
CA GLU E 51 -7.16 -28.05 -4.39
C GLU E 51 -6.12 -29.15 -4.60
N GLN E 52 -6.53 -30.40 -4.43
CA GLN E 52 -5.60 -31.52 -4.60
C GLN E 52 -5.13 -31.61 -6.05
N VAL E 53 -6.05 -31.41 -7.00
CA VAL E 53 -5.70 -31.42 -8.42
C VAL E 53 -4.72 -30.30 -8.72
N ASP E 54 -4.96 -29.10 -8.18
CA ASP E 54 -4.05 -27.98 -8.40
C ASP E 54 -2.66 -28.30 -7.85
N LYS E 55 -2.61 -28.87 -6.64
CA LYS E 55 -1.32 -29.23 -6.05
C LYS E 55 -0.57 -30.21 -6.92
N ILE E 56 -1.25 -31.27 -7.36
CA ILE E 56 -0.59 -32.30 -8.18
C ILE E 56 -0.12 -31.71 -9.50
N PHE E 57 -0.97 -30.90 -10.13
CA PHE E 57 -0.63 -30.28 -11.40
C PHE E 57 0.60 -29.39 -11.26
N PHE E 58 0.64 -28.56 -10.20
CA PHE E 58 1.76 -27.67 -9.99
C PHE E 58 3.05 -28.44 -9.74
N GLU E 59 3.00 -29.46 -8.88
CA GLU E 59 4.21 -30.23 -8.58
C GLU E 59 4.73 -30.95 -9.82
N ALA E 60 3.83 -31.56 -10.60
CA ALA E 60 4.25 -32.24 -11.81
C ALA E 60 4.82 -31.26 -12.83
N ALA E 61 4.20 -30.09 -12.97
CA ALA E 61 4.71 -29.10 -13.91
C ALA E 61 6.11 -28.63 -13.53
N MET E 62 6.34 -28.38 -12.23
CA MET E 62 7.67 -27.98 -11.80
C MET E 62 8.70 -29.09 -12.02
N ALA E 63 8.34 -30.32 -11.67
CA ALA E 63 9.28 -31.43 -11.85
C ALA E 63 9.64 -31.65 -13.31
N ALA E 64 8.66 -31.52 -14.20
CA ALA E 64 8.95 -31.63 -15.63
C ALA E 64 9.71 -30.41 -16.15
N ASN E 65 9.52 -29.25 -15.54
CA ASN E 65 10.18 -28.04 -16.00
C ASN E 65 11.66 -28.03 -15.66
N LYS E 66 12.03 -28.55 -14.49
CA LYS E 66 13.42 -28.48 -14.08
C LYS E 66 14.25 -29.68 -14.54
N MET E 67 13.80 -30.44 -15.54
CA MET E 67 14.57 -31.56 -16.08
C MET E 67 14.48 -31.57 -17.61
N ARG E 68 14.72 -30.42 -18.22
CA ARG E 68 14.60 -30.30 -19.68
C ARG E 68 15.88 -30.74 -20.38
N ILE E 69 17.03 -30.29 -19.89
CA ILE E 69 18.32 -30.57 -20.52
C ILE E 69 18.60 -32.06 -20.57
N PRO E 70 18.52 -32.81 -19.45
CA PRO E 70 18.78 -34.26 -19.53
C PRO E 70 17.82 -35.00 -20.44
N LEU E 71 16.54 -34.62 -20.43
CA LEU E 71 15.57 -35.29 -21.29
C LEU E 71 15.87 -35.04 -22.77
N ALA E 72 16.24 -33.80 -23.11
CA ALA E 72 16.60 -33.50 -24.50
C ALA E 72 17.85 -34.27 -24.92
N LYS E 73 18.85 -34.33 -24.03
CA LYS E 73 20.05 -35.09 -24.34
C LYS E 73 19.74 -36.56 -24.56
N MET E 74 18.90 -37.13 -23.69
CA MET E 74 18.51 -38.53 -23.83
C MET E 74 17.77 -38.79 -25.13
N ALA E 75 16.85 -37.89 -25.48
CA ALA E 75 16.09 -38.04 -26.71
C ALA E 75 16.99 -37.99 -27.93
N VAL E 76 17.95 -37.05 -27.95
CA VAL E 76 18.87 -36.94 -29.07
C VAL E 76 19.76 -38.17 -29.16
N GLU E 77 20.24 -38.67 -28.01
CA GLU E 77 21.10 -39.85 -28.02
C GLU E 77 20.34 -41.09 -28.48
N GLU E 78 19.06 -41.19 -28.11
CA GLU E 78 18.30 -42.40 -28.42
C GLU E 78 17.82 -42.38 -29.87
N THR E 79 17.10 -41.33 -30.26
CA THR E 79 16.53 -41.30 -31.61
C THR E 79 17.61 -41.14 -32.68
N GLY E 80 18.71 -40.48 -32.35
CA GLY E 80 19.73 -40.21 -33.35
C GLY E 80 19.37 -39.14 -34.34
N MET E 81 18.41 -38.28 -34.00
CA MET E 81 17.97 -37.22 -34.90
C MET E 81 17.60 -35.99 -34.07
N GLY E 82 17.54 -34.85 -34.74
CA GLY E 82 17.22 -33.60 -34.09
C GLY E 82 18.42 -32.94 -33.45
N VAL E 83 18.19 -31.74 -32.93
CA VAL E 83 19.22 -30.94 -32.27
C VAL E 83 18.81 -30.73 -30.82
N VAL E 84 19.81 -30.70 -29.93
CA VAL E 84 19.53 -30.69 -28.48
C VAL E 84 18.82 -29.42 -28.07
N GLU E 85 19.27 -28.28 -28.58
CA GLU E 85 18.77 -26.99 -28.10
C GLU E 85 17.30 -26.80 -28.42
N ASP E 86 16.88 -27.18 -29.62
CA ASP E 86 15.47 -27.06 -29.98
C ASP E 86 14.60 -28.03 -29.18
N LYS E 87 15.15 -29.21 -28.87
CA LYS E 87 14.43 -30.13 -28.00
C LYS E 87 14.28 -29.55 -26.60
N VAL E 88 15.29 -28.84 -26.12
CA VAL E 88 15.20 -28.15 -24.84
C VAL E 88 14.08 -27.10 -24.88
N ILE E 89 14.03 -26.33 -25.97
CA ILE E 89 12.98 -25.33 -26.11
C ILE E 89 11.62 -25.99 -26.12
N LYS E 90 11.49 -27.13 -26.81
CA LYS E 90 10.21 -27.83 -26.88
C LYS E 90 9.79 -28.36 -25.51
N ASN E 91 10.74 -28.92 -24.76
CA ASN E 91 10.43 -29.40 -23.42
C ASN E 91 9.99 -28.25 -22.51
N HIS E 92 10.70 -27.13 -22.57
CA HIS E 92 10.34 -25.98 -21.76
C HIS E 92 8.94 -25.48 -22.12
N TYR E 93 8.64 -25.42 -23.42
CA TYR E 93 7.31 -25.01 -23.86
C TYR E 93 6.24 -25.95 -23.33
N ALA E 94 6.41 -27.25 -23.57
CA ALA E 94 5.44 -28.24 -23.16
C ALA E 94 5.28 -28.35 -21.66
N SER E 95 6.26 -27.90 -20.87
CA SER E 95 6.14 -27.98 -19.42
C SER E 95 5.71 -26.68 -18.77
N GLU E 96 5.85 -25.54 -19.44
CA GLU E 96 5.51 -24.26 -18.82
C GLU E 96 4.28 -23.61 -19.43
N TYR E 97 4.14 -23.64 -20.76
CA TYR E 97 2.99 -22.97 -21.38
C TYR E 97 1.70 -23.72 -21.08
N ILE E 98 1.77 -25.05 -20.96
CA ILE E 98 0.60 -25.83 -20.56
C ILE E 98 0.09 -25.36 -19.20
N TYR E 99 1.00 -25.23 -18.24
CA TYR E 99 0.60 -24.76 -16.91
C TYR E 99 0.06 -23.34 -16.97
N ASN E 100 0.75 -22.45 -17.70
CA ASN E 100 0.27 -21.08 -17.77
C ASN E 100 -1.10 -20.98 -18.40
N ALA E 101 -1.44 -21.92 -19.28
CA ALA E 101 -2.74 -21.89 -19.94
C ALA E 101 -3.84 -22.45 -19.04
N TYR E 102 -3.63 -23.66 -18.50
CA TYR E 102 -4.70 -24.40 -17.85
C TYR E 102 -4.63 -24.38 -16.33
N LYS E 103 -3.90 -23.44 -15.73
CA LYS E 103 -3.82 -23.41 -14.28
C LYS E 103 -5.09 -22.83 -13.66
N ASN E 104 -5.76 -21.93 -14.36
CA ASN E 104 -6.91 -21.22 -13.81
C ASN E 104 -8.23 -21.74 -14.34
N THR E 105 -8.24 -22.85 -15.07
CA THR E 105 -9.49 -23.38 -15.61
C THR E 105 -10.17 -24.27 -14.57
N LYS E 106 -11.49 -24.37 -14.67
CA LYS E 106 -12.29 -25.16 -13.74
C LYS E 106 -12.74 -26.45 -14.42
N THR E 107 -12.35 -27.60 -13.86
CA THR E 107 -12.65 -28.89 -14.45
C THR E 107 -13.11 -29.88 -13.39
N CYS E 108 -13.77 -29.38 -12.34
CA CYS E 108 -14.13 -30.21 -11.19
C CYS E 108 -15.64 -30.39 -11.03
N GLY E 109 -16.40 -29.31 -10.93
CA GLY E 109 -17.80 -29.43 -10.62
C GLY E 109 -18.70 -28.59 -11.51
N VAL E 110 -19.51 -27.73 -10.90
CA VAL E 110 -20.44 -26.89 -11.65
C VAL E 110 -19.66 -25.87 -12.47
N ILE E 111 -19.75 -25.99 -13.80
CA ILE E 111 -19.04 -25.09 -14.70
C ILE E 111 -19.91 -23.87 -14.98
N GLU E 112 -21.08 -24.11 -15.57
CA GLU E 112 -22.04 -23.06 -15.88
C GLU E 112 -23.32 -23.30 -15.11
N GLU E 113 -23.93 -22.22 -14.64
CA GLU E 113 -25.15 -22.32 -13.83
C GLU E 113 -26.08 -21.17 -14.19
N ASP E 114 -27.33 -21.51 -14.50
CA ASP E 114 -28.36 -20.53 -14.85
C ASP E 114 -29.54 -20.75 -13.92
N PRO E 115 -29.57 -20.07 -12.77
CA PRO E 115 -30.67 -20.29 -11.81
C PRO E 115 -32.05 -19.94 -12.34
N ALA E 116 -32.15 -19.04 -13.31
CA ALA E 116 -33.45 -18.71 -13.88
C ALA E 116 -34.09 -19.93 -14.54
N PHE E 117 -33.30 -20.70 -15.29
CA PHE E 117 -33.70 -21.99 -15.80
C PHE E 117 -33.25 -23.07 -14.82
N GLY E 118 -33.32 -24.32 -15.23
CA GLY E 118 -32.88 -25.41 -14.38
C GLY E 118 -31.53 -25.98 -14.76
N ILE E 119 -30.84 -25.32 -15.69
CA ILE E 119 -29.62 -25.86 -16.28
C ILE E 119 -28.48 -25.81 -15.27
N LYS E 120 -27.71 -26.90 -15.22
CA LYS E 120 -26.51 -26.94 -14.40
C LYS E 120 -25.52 -27.88 -15.08
N LYS E 121 -24.36 -27.36 -15.48
CA LYS E 121 -23.36 -28.15 -16.18
C LYS E 121 -22.27 -28.60 -15.21
N ILE E 122 -22.00 -29.90 -15.21
CA ILE E 122 -21.06 -30.53 -14.30
C ILE E 122 -19.98 -31.24 -15.11
N ALA E 123 -18.72 -30.96 -14.82
CA ALA E 123 -17.58 -31.56 -15.51
C ALA E 123 -17.18 -32.82 -14.76
N GLU E 124 -17.00 -33.91 -15.50
CA GLU E 124 -16.66 -35.23 -14.98
C GLU E 124 -15.50 -35.82 -15.77
N PRO E 125 -14.62 -36.58 -15.12
CA PRO E 125 -13.49 -37.19 -15.84
C PRO E 125 -13.97 -38.10 -16.96
N LEU E 126 -13.04 -38.40 -17.87
CA LEU E 126 -13.34 -39.11 -19.11
C LEU E 126 -13.13 -40.61 -19.01
N GLY E 127 -12.18 -41.06 -18.17
CA GLY E 127 -11.93 -42.47 -17.98
C GLY E 127 -10.45 -42.77 -18.11
N VAL E 128 -10.15 -43.93 -18.66
CA VAL E 128 -8.76 -44.35 -18.88
C VAL E 128 -8.40 -44.08 -20.33
N ILE E 129 -7.29 -43.37 -20.54
CA ILE E 129 -6.87 -42.94 -21.86
C ILE E 129 -5.70 -43.81 -22.32
N ALA E 130 -5.66 -44.10 -23.62
CA ALA E 130 -4.55 -44.81 -24.24
C ALA E 130 -3.91 -43.88 -25.26
N ALA E 131 -2.71 -43.41 -24.95
CA ALA E 131 -2.02 -42.43 -25.80
C ALA E 131 -0.83 -43.08 -26.47
N VAL E 132 -0.63 -42.74 -27.74
CA VAL E 132 0.54 -43.17 -28.49
C VAL E 132 1.44 -41.97 -28.74
N ILE E 133 2.74 -42.20 -28.85
CA ILE E 133 3.74 -41.16 -28.91
C ILE E 133 4.59 -41.38 -30.17
N PRO E 134 4.88 -40.33 -30.95
CA PRO E 134 5.77 -40.50 -32.10
C PRO E 134 7.24 -40.40 -31.72
N THR E 135 8.13 -40.43 -32.71
CA THR E 135 9.54 -40.19 -32.49
C THR E 135 9.95 -38.75 -32.74
N THR E 136 9.08 -37.95 -33.36
CA THR E 136 9.39 -36.53 -33.56
C THR E 136 9.49 -35.79 -32.23
N ASN E 137 8.58 -36.07 -31.30
CA ASN E 137 8.59 -35.47 -29.97
C ASN E 137 8.48 -36.57 -28.93
N PRO E 138 9.56 -37.33 -28.70
CA PRO E 138 9.48 -38.46 -27.77
C PRO E 138 9.14 -38.07 -26.34
N THR E 139 9.60 -36.90 -25.88
CA THR E 139 9.45 -36.52 -24.49
C THR E 139 8.47 -35.36 -24.27
N SER E 140 8.49 -34.34 -25.13
CA SER E 140 7.61 -33.20 -24.94
C SER E 140 6.15 -33.60 -25.07
N THR E 141 5.83 -34.45 -26.05
CA THR E 141 4.46 -34.92 -26.21
C THR E 141 4.01 -35.74 -25.00
N ALA E 142 4.91 -36.60 -24.48
CA ALA E 142 4.56 -37.38 -23.30
C ALA E 142 4.31 -36.48 -22.10
N ILE E 143 5.14 -35.46 -21.91
CA ILE E 143 4.95 -34.54 -20.79
C ILE E 143 3.62 -33.81 -20.93
N PHE E 144 3.32 -33.31 -22.14
CA PHE E 144 2.08 -32.56 -22.35
C PHE E 144 0.86 -33.43 -22.09
N LYS E 145 0.87 -34.66 -22.64
CA LYS E 145 -0.28 -35.53 -22.47
C LYS E 145 -0.45 -35.98 -21.02
N THR E 146 0.66 -36.28 -20.34
CA THR E 146 0.56 -36.67 -18.94
C THR E 146 0.04 -35.52 -18.09
N LEU E 147 0.49 -34.29 -18.36
CA LEU E 147 0.01 -33.15 -17.59
C LEU E 147 -1.49 -32.92 -17.81
N ILE E 148 -1.94 -32.98 -19.07
CA ILE E 148 -3.35 -32.72 -19.31
C ILE E 148 -4.21 -33.88 -18.80
N ALA E 149 -3.65 -35.08 -18.69
CA ALA E 149 -4.39 -36.18 -18.08
C ALA E 149 -4.46 -36.03 -16.58
N LEU E 150 -3.38 -35.55 -15.96
CA LEU E 150 -3.39 -35.31 -14.52
C LEU E 150 -4.35 -34.19 -14.13
N LYS E 151 -4.46 -33.16 -14.97
CA LYS E 151 -5.34 -32.05 -14.64
C LYS E 151 -6.80 -32.48 -14.58
N THR E 152 -7.22 -33.37 -15.49
CA THR E 152 -8.62 -33.73 -15.64
C THR E 152 -9.00 -34.98 -14.86
N ARG E 153 -8.19 -35.38 -13.87
CA ARG E 153 -8.48 -36.53 -13.02
C ARG E 153 -8.59 -37.83 -13.84
N ASN E 154 -7.80 -37.92 -14.90
CA ASN E 154 -7.82 -39.07 -15.80
C ASN E 154 -6.62 -39.96 -15.55
N ALA E 155 -6.65 -41.14 -16.17
CA ALA E 155 -5.54 -42.08 -16.17
C ALA E 155 -5.09 -42.36 -17.59
N ILE E 156 -3.79 -42.60 -17.76
CA ILE E 156 -3.22 -42.65 -19.10
C ILE E 156 -2.28 -43.85 -19.24
N ILE E 157 -2.33 -44.46 -20.42
CA ILE E 157 -1.37 -45.45 -20.87
C ILE E 157 -0.53 -44.81 -21.97
N ILE E 158 0.78 -44.82 -21.80
CA ILE E 158 1.71 -44.34 -22.81
C ILE E 158 2.22 -45.54 -23.60
N SER E 159 2.06 -45.50 -24.92
CA SER E 159 2.55 -46.54 -25.80
C SER E 159 3.76 -46.03 -26.56
N PRO E 160 4.97 -46.19 -26.03
CA PRO E 160 6.13 -45.57 -26.66
C PRO E 160 6.47 -46.21 -27.99
N HIS E 161 7.06 -45.40 -28.87
CA HIS E 161 7.54 -45.91 -30.14
C HIS E 161 8.69 -46.89 -29.90
N PRO E 162 8.79 -47.97 -30.69
CA PRO E 162 9.87 -48.94 -30.47
C PRO E 162 11.26 -48.36 -30.61
N ARG E 163 11.41 -47.20 -31.28
CA ARG E 163 12.72 -46.61 -31.51
C ARG E 163 13.12 -45.61 -30.45
N ALA E 164 12.15 -44.98 -29.77
CA ALA E 164 12.41 -43.95 -28.77
C ALA E 164 11.62 -44.23 -27.50
N LYS E 165 11.70 -45.47 -27.00
CA LYS E 165 10.87 -45.83 -25.84
C LYS E 165 11.50 -45.37 -24.53
N ASN E 166 12.83 -45.41 -24.43
CA ASN E 166 13.49 -45.15 -23.16
C ASN E 166 13.26 -43.73 -22.68
N SER E 167 13.39 -42.75 -23.57
CA SER E 167 13.17 -41.36 -23.19
C SER E 167 11.73 -41.11 -22.76
N THR E 168 10.77 -41.72 -23.48
CA THR E 168 9.37 -41.56 -23.12
C THR E 168 9.09 -42.15 -21.74
N ILE E 169 9.63 -43.34 -21.47
CA ILE E 169 9.46 -43.95 -20.15
C ILE E 169 10.10 -43.07 -19.08
N GLU E 170 11.25 -42.49 -19.36
CA GLU E 170 11.92 -41.64 -18.37
C GLU E 170 11.08 -40.40 -18.06
N ALA E 171 10.52 -39.76 -19.09
CA ALA E 171 9.67 -38.59 -18.86
C ALA E 171 8.42 -38.97 -18.08
N ALA E 172 7.82 -40.11 -18.42
CA ALA E 172 6.63 -40.57 -17.70
C ALA E 172 6.96 -40.81 -16.23
N LYS E 173 8.11 -41.43 -15.95
CA LYS E 173 8.52 -41.66 -14.57
C LYS E 173 8.76 -40.35 -13.84
N ILE E 174 9.38 -39.38 -14.53
CA ILE E 174 9.66 -38.09 -13.90
C ILE E 174 8.37 -37.41 -13.48
N VAL E 175 7.35 -37.43 -14.35
CA VAL E 175 6.08 -36.81 -13.98
C VAL E 175 5.37 -37.64 -12.91
N LEU E 176 5.43 -38.96 -13.02
CA LEU E 176 4.67 -39.83 -12.12
C LEU E 176 5.18 -39.74 -10.68
N GLU E 177 6.50 -39.69 -10.50
CA GLU E 177 7.04 -39.63 -9.15
C GLU E 177 6.59 -38.36 -8.44
N ALA E 178 6.66 -37.22 -9.12
CA ALA E 178 6.17 -35.98 -8.53
C ALA E 178 4.67 -36.02 -8.29
N ALA E 179 3.90 -36.60 -9.21
CA ALA E 179 2.46 -36.69 -9.02
C ALA E 179 2.12 -37.50 -7.78
N VAL E 180 2.73 -38.68 -7.63
CA VAL E 180 2.42 -39.53 -6.48
C VAL E 180 2.94 -38.90 -5.19
N LYS E 181 4.06 -38.17 -5.25
CA LYS E 181 4.56 -37.48 -4.07
C LYS E 181 3.60 -36.36 -3.65
N ALA E 182 2.97 -35.71 -4.62
CA ALA E 182 2.03 -34.63 -4.33
C ALA E 182 0.74 -35.11 -3.69
N GLY E 183 0.50 -36.42 -3.63
CA GLY E 183 -0.71 -36.93 -3.02
C GLY E 183 -1.70 -37.53 -3.99
N ALA E 184 -1.20 -38.22 -5.01
CA ALA E 184 -2.01 -38.86 -6.03
C ALA E 184 -1.95 -40.38 -5.90
N PRO E 185 -2.93 -41.09 -6.43
CA PRO E 185 -2.87 -42.56 -6.41
C PRO E 185 -1.65 -43.09 -7.13
N GLU E 186 -1.14 -44.22 -6.66
CA GLU E 186 0.13 -44.74 -7.14
C GLU E 186 0.05 -45.12 -8.62
N GLY E 187 -0.98 -45.86 -9.00
CA GLY E 187 -1.09 -46.32 -10.37
C GLY E 187 -1.91 -45.43 -11.29
N ILE E 188 -1.46 -44.19 -11.48
CA ILE E 188 -2.14 -43.26 -12.38
C ILE E 188 -1.64 -43.39 -13.80
N ILE E 189 -0.33 -43.47 -13.99
CA ILE E 189 0.29 -43.48 -15.30
C ILE E 189 0.89 -44.86 -15.54
N GLY E 190 0.52 -45.49 -16.66
CA GLY E 190 1.08 -46.76 -17.06
C GLY E 190 1.78 -46.64 -18.40
N TRP E 191 2.62 -47.63 -18.68
CA TRP E 191 3.37 -47.62 -19.93
C TRP E 191 3.70 -49.05 -20.33
N ILE E 192 3.97 -49.23 -21.62
CA ILE E 192 4.35 -50.51 -22.19
C ILE E 192 5.86 -50.53 -22.37
N ASP E 193 6.51 -51.54 -21.78
CA ASP E 193 7.97 -51.62 -21.86
C ASP E 193 8.44 -51.89 -23.29
N VAL E 194 8.03 -53.01 -23.87
CA VAL E 194 8.36 -53.32 -25.26
C VAL E 194 7.08 -53.25 -26.10
N PRO E 195 6.99 -52.34 -27.06
CA PRO E 195 5.78 -52.22 -27.86
C PRO E 195 5.76 -53.18 -29.04
N SER E 196 4.55 -53.51 -29.47
CA SER E 196 4.32 -54.39 -30.61
C SER E 196 2.94 -54.10 -31.16
N LEU E 197 2.70 -54.61 -32.38
CA LEU E 197 1.39 -54.39 -33.01
C LEU E 197 0.27 -55.01 -32.19
N GLU E 198 0.48 -56.24 -31.71
CA GLU E 198 -0.55 -56.92 -30.93
C GLU E 198 -0.83 -56.18 -29.62
N LEU E 199 0.22 -55.76 -28.92
CA LEU E 199 0.03 -55.08 -27.65
C LEU E 199 -0.66 -53.73 -27.82
N THR E 200 -0.25 -52.95 -28.82
CA THR E 200 -0.90 -51.67 -29.07
C THR E 200 -2.35 -51.86 -29.48
N ASN E 201 -2.63 -52.83 -30.36
CA ASN E 201 -4.00 -53.07 -30.78
C ASN E 201 -4.87 -53.58 -29.64
N LEU E 202 -4.30 -54.31 -28.68
CA LEU E 202 -5.07 -54.73 -27.52
C LEU E 202 -5.30 -53.57 -26.55
N VAL E 203 -4.31 -52.69 -26.36
CA VAL E 203 -4.50 -51.52 -25.52
C VAL E 203 -5.59 -50.62 -26.10
N MET E 204 -5.55 -50.40 -27.42
CA MET E 204 -6.52 -49.53 -28.07
C MET E 204 -7.96 -50.02 -27.91
N ARG E 205 -8.18 -51.34 -27.86
CA ARG E 205 -9.52 -51.88 -27.80
C ARG E 205 -10.14 -51.86 -26.40
N GLU E 206 -9.34 -51.67 -25.36
CA GLU E 206 -9.84 -51.72 -23.99
C GLU E 206 -10.02 -50.36 -23.34
N ALA E 207 -9.21 -49.37 -23.70
CA ALA E 207 -9.30 -48.05 -23.08
C ALA E 207 -10.56 -47.34 -23.54
N ASP E 208 -10.97 -46.34 -22.75
CA ASP E 208 -12.18 -45.59 -23.08
C ASP E 208 -11.95 -44.66 -24.27
N VAL E 209 -10.83 -43.95 -24.28
CA VAL E 209 -10.51 -42.99 -25.34
C VAL E 209 -9.05 -43.20 -25.75
N ILE E 210 -8.78 -42.92 -27.03
CA ILE E 210 -7.46 -43.11 -27.61
C ILE E 210 -6.95 -41.77 -28.10
N LEU E 211 -5.72 -41.44 -27.72
CA LEU E 211 -5.04 -40.22 -28.16
C LEU E 211 -3.93 -40.63 -29.13
N ALA E 212 -4.17 -40.42 -30.41
CA ALA E 212 -3.28 -40.88 -31.48
C ALA E 212 -2.49 -39.69 -32.03
N THR E 213 -1.17 -39.83 -32.08
CA THR E 213 -0.28 -38.81 -32.61
C THR E 213 0.80 -39.44 -33.48
N GLY E 214 0.74 -40.76 -33.67
CA GLY E 214 1.78 -41.51 -34.33
C GLY E 214 1.75 -41.48 -35.85
N GLY E 215 0.94 -40.63 -36.46
CA GLY E 215 0.91 -40.52 -37.90
C GLY E 215 -0.05 -41.50 -38.54
N PRO E 216 -0.18 -41.43 -39.87
CA PRO E 216 -1.15 -42.30 -40.55
C PRO E 216 -0.69 -43.74 -40.54
N GLY E 217 -1.66 -44.65 -40.62
CA GLY E 217 -1.39 -46.07 -40.50
C GLY E 217 -1.61 -46.54 -39.07
N LEU E 218 -1.61 -45.59 -38.14
CA LEU E 218 -1.92 -45.85 -36.74
C LEU E 218 -3.17 -45.11 -36.30
N VAL E 219 -3.35 -43.89 -36.80
CA VAL E 219 -4.57 -43.13 -36.54
C VAL E 219 -5.77 -43.83 -37.16
N LYS E 220 -5.58 -44.42 -38.35
CA LYS E 220 -6.67 -45.16 -38.99
C LYS E 220 -7.08 -46.36 -38.14
N ALA E 221 -6.10 -47.08 -37.58
CA ALA E 221 -6.44 -48.18 -36.68
C ALA E 221 -7.13 -47.67 -35.42
N ALA E 222 -6.66 -46.55 -34.87
CA ALA E 222 -7.28 -45.98 -33.68
C ALA E 222 -8.75 -45.65 -33.95
N TYR E 223 -9.04 -45.11 -35.12
CA TYR E 223 -10.43 -44.78 -35.43
C TYR E 223 -11.24 -46.04 -35.77
N SER E 224 -10.62 -47.01 -36.42
CA SER E 224 -11.25 -48.32 -36.60
C SER E 224 -10.83 -49.31 -35.52
N SER E 225 -10.91 -48.87 -34.27
CA SER E 225 -10.67 -49.74 -33.12
C SER E 225 -11.93 -50.10 -32.35
N GLY E 226 -13.01 -49.34 -32.50
CA GLY E 226 -14.25 -49.60 -31.80
C GLY E 226 -14.50 -48.73 -30.59
N LYS E 227 -13.61 -47.80 -30.28
CA LYS E 227 -13.73 -46.89 -29.16
C LYS E 227 -13.59 -45.46 -29.67
N PRO E 228 -14.12 -44.48 -28.95
CA PRO E 228 -13.91 -43.08 -29.35
C PRO E 228 -12.44 -42.74 -29.36
N ALA E 229 -12.03 -41.98 -30.38
CA ALA E 229 -10.62 -41.69 -30.61
C ALA E 229 -10.44 -40.21 -30.93
N ILE E 230 -9.23 -39.74 -30.67
CA ILE E 230 -8.82 -38.37 -31.00
C ILE E 230 -7.47 -38.50 -31.69
N GLY E 231 -7.45 -38.29 -33.01
CA GLY E 231 -6.25 -38.45 -33.80
C GLY E 231 -5.86 -37.15 -34.49
N VAL E 232 -4.73 -37.22 -35.20
CA VAL E 232 -4.16 -36.06 -35.88
C VAL E 232 -3.71 -36.46 -37.27
N GLY E 233 -3.92 -35.57 -38.24
CA GLY E 233 -3.31 -35.70 -39.55
C GLY E 233 -2.13 -34.76 -39.70
N ALA E 234 -1.42 -34.93 -40.82
CA ALA E 234 -0.26 -34.09 -41.10
C ALA E 234 0.03 -34.15 -42.58
N GLY E 235 0.86 -33.21 -43.04
CA GLY E 235 1.28 -33.22 -44.43
C GLY E 235 1.81 -31.85 -44.85
N ASN E 236 1.74 -31.61 -46.16
CA ASN E 236 2.37 -30.45 -46.77
C ASN E 236 1.72 -29.17 -46.27
N THR E 237 2.56 -28.15 -46.03
CA THR E 237 2.12 -26.83 -45.60
C THR E 237 2.54 -25.80 -46.65
N PRO E 238 1.63 -25.37 -47.51
CA PRO E 238 1.96 -24.31 -48.46
C PRO E 238 2.16 -22.96 -47.79
N ALA E 239 3.07 -22.18 -48.37
CA ALA E 239 3.36 -20.83 -47.93
C ALA E 239 3.32 -19.91 -49.14
N ILE E 240 2.56 -18.81 -49.04
CA ILE E 240 2.36 -17.88 -50.14
C ILE E 240 3.06 -16.57 -49.81
N ILE E 241 3.82 -16.05 -50.77
CA ILE E 241 4.44 -14.73 -50.68
C ILE E 241 3.98 -13.96 -51.91
N ASP E 242 3.35 -12.81 -51.71
CA ASP E 242 2.82 -12.03 -52.82
C ASP E 242 3.52 -10.68 -52.90
N ASP E 243 3.05 -9.84 -53.83
CA ASP E 243 3.75 -8.60 -54.15
C ASP E 243 3.78 -7.66 -52.95
N SER E 244 2.64 -7.50 -52.27
CA SER E 244 2.54 -6.58 -51.15
C SER E 244 2.88 -7.25 -49.82
N ALA E 245 4.16 -7.56 -49.64
CA ALA E 245 4.65 -8.23 -48.43
C ALA E 245 6.07 -7.76 -48.12
N ASP E 246 6.45 -7.90 -46.86
CA ASP E 246 7.81 -7.62 -46.44
C ASP E 246 8.69 -8.82 -46.79
N ILE E 247 9.63 -8.62 -47.72
CA ILE E 247 10.45 -9.71 -48.20
C ILE E 247 11.33 -10.25 -47.08
N VAL E 248 11.97 -9.35 -46.33
CA VAL E 248 12.90 -9.77 -45.28
C VAL E 248 12.15 -10.54 -44.19
N LEU E 249 11.00 -10.01 -43.76
CA LEU E 249 10.22 -10.67 -42.72
C LEU E 249 9.78 -12.05 -43.17
N ALA E 250 9.24 -12.17 -44.39
CA ALA E 250 8.75 -13.45 -44.88
C ALA E 250 9.89 -14.46 -44.99
N VAL E 251 11.01 -14.04 -45.60
CA VAL E 251 12.13 -14.96 -45.80
C VAL E 251 12.68 -15.44 -44.47
N ASN E 252 12.87 -14.52 -43.53
CA ASN E 252 13.46 -14.90 -42.25
C ASN E 252 12.51 -15.76 -41.42
N SER E 253 11.20 -15.47 -41.50
CA SER E 253 10.22 -16.32 -40.81
C SER E 253 10.22 -17.72 -41.40
N ILE E 254 10.27 -17.84 -42.72
CA ILE E 254 10.30 -19.16 -43.35
C ILE E 254 11.57 -19.91 -42.95
N ILE E 255 12.71 -19.23 -42.95
CA ILE E 255 13.96 -19.88 -42.57
C ILE E 255 13.91 -20.36 -41.13
N HIS E 256 13.43 -19.50 -40.22
CA HIS E 256 13.33 -19.88 -38.82
C HIS E 256 12.42 -21.09 -38.63
N SER E 257 11.23 -21.04 -39.24
CA SER E 257 10.28 -22.14 -39.11
C SER E 257 10.83 -23.44 -39.68
N LYS E 258 11.47 -23.37 -40.85
CA LYS E 258 11.97 -24.58 -41.49
C LYS E 258 13.17 -25.16 -40.76
N THR E 259 14.04 -24.32 -40.20
CA THR E 259 15.23 -24.80 -39.53
C THR E 259 15.00 -25.14 -38.06
N PHE E 260 13.86 -24.77 -37.48
CA PHE E 260 13.57 -25.17 -36.11
C PHE E 260 13.53 -26.69 -35.98
N ASP E 261 14.49 -27.26 -35.23
CA ASP E 261 14.60 -28.70 -35.02
C ASP E 261 14.71 -29.45 -36.35
N ASN E 262 15.45 -28.87 -37.29
CA ASN E 262 15.73 -29.47 -38.59
C ASN E 262 14.46 -29.82 -39.36
N GLY E 263 13.39 -29.05 -39.17
CA GLY E 263 12.13 -29.31 -39.84
C GLY E 263 11.46 -30.61 -39.46
N MET E 264 11.93 -31.29 -38.41
CA MET E 264 11.38 -32.59 -38.03
C MET E 264 9.98 -32.45 -37.45
N ILE E 265 9.72 -31.33 -36.76
CA ILE E 265 8.39 -31.06 -36.26
C ILE E 265 7.43 -30.86 -37.42
N CYS E 266 6.22 -31.37 -37.27
CA CYS E 266 5.20 -31.22 -38.31
C CYS E 266 4.73 -29.77 -38.36
N ALA E 267 3.77 -29.49 -39.23
CA ALA E 267 3.19 -28.15 -39.40
C ALA E 267 4.24 -27.13 -39.87
N SER E 268 5.32 -27.62 -40.46
CA SER E 268 6.37 -26.75 -41.01
C SER E 268 6.22 -26.67 -42.52
N GLU E 269 6.74 -25.57 -43.08
CA GLU E 269 6.61 -25.33 -44.51
C GLU E 269 7.26 -26.44 -45.32
N GLN E 270 6.57 -26.88 -46.37
CA GLN E 270 7.10 -27.86 -47.29
C GLN E 270 7.26 -27.31 -48.71
N SER E 271 6.62 -26.19 -49.01
CA SER E 271 6.72 -25.57 -50.33
C SER E 271 6.34 -24.11 -50.18
N VAL E 272 6.94 -23.26 -51.02
CA VAL E 272 6.70 -21.83 -51.00
C VAL E 272 6.34 -21.40 -52.42
N ILE E 273 5.27 -20.60 -52.55
CA ILE E 273 4.83 -20.08 -53.83
C ILE E 273 5.09 -18.57 -53.81
N VAL E 274 5.90 -18.10 -54.75
CA VAL E 274 6.28 -16.70 -54.81
C VAL E 274 5.71 -16.08 -56.07
N LEU E 275 5.04 -14.93 -55.92
CA LEU E 275 4.51 -14.22 -57.07
C LEU E 275 5.64 -13.76 -57.98
N ASP E 276 5.27 -13.46 -59.23
CA ASP E 276 6.25 -13.17 -60.26
C ASP E 276 7.04 -11.90 -59.98
N GLY E 277 6.42 -10.85 -59.46
CA GLY E 277 7.07 -9.56 -59.36
C GLY E 277 8.07 -9.42 -58.22
N VAL E 278 8.21 -10.44 -57.37
CA VAL E 278 9.12 -10.35 -56.23
C VAL E 278 10.02 -11.58 -56.18
N TYR E 279 10.08 -12.34 -57.28
CA TYR E 279 10.86 -13.57 -57.29
C TYR E 279 12.35 -13.28 -57.10
N LYS E 280 12.86 -12.27 -57.78
CA LYS E 280 14.29 -11.97 -57.74
C LYS E 280 14.73 -11.56 -56.34
N GLU E 281 13.96 -10.67 -55.71
CA GLU E 281 14.32 -10.20 -54.37
C GLU E 281 14.27 -11.34 -53.36
N VAL E 282 13.24 -12.19 -53.45
CA VAL E 282 13.13 -13.32 -52.53
C VAL E 282 14.30 -14.27 -52.72
N LYS E 283 14.67 -14.56 -53.98
CA LYS E 283 15.80 -15.45 -54.23
C LYS E 283 17.10 -14.85 -53.69
N LYS E 284 17.29 -13.54 -53.89
CA LYS E 284 18.49 -12.88 -53.40
C LYS E 284 18.56 -12.94 -51.87
N GLU E 285 17.44 -12.69 -51.19
CA GLU E 285 17.43 -12.75 -49.73
C GLU E 285 17.69 -14.16 -49.24
N PHE E 286 17.10 -15.17 -49.89
CA PHE E 286 17.35 -16.55 -49.50
C PHE E 286 18.82 -16.91 -49.66
N GLU E 287 19.43 -16.47 -50.75
CA GLU E 287 20.86 -16.72 -50.95
C GLU E 287 21.70 -16.00 -49.90
N LYS E 288 21.33 -14.75 -49.58
CA LYS E 288 22.08 -13.97 -48.61
C LYS E 288 22.03 -14.55 -47.20
N ARG E 289 20.87 -15.04 -46.75
CA ARG E 289 20.73 -15.56 -45.40
C ARG E 289 21.19 -17.00 -45.27
N GLY E 290 21.90 -17.54 -46.26
CA GLY E 290 22.53 -18.84 -46.12
C GLY E 290 21.69 -20.02 -46.56
N CYS E 291 21.17 -19.98 -47.78
CA CYS E 291 20.43 -21.09 -48.36
C CYS E 291 21.03 -21.45 -49.71
N TYR E 292 21.11 -22.75 -50.00
CA TYR E 292 21.76 -23.25 -51.21
C TYR E 292 20.69 -23.66 -52.21
N PHE E 293 20.78 -23.12 -53.41
CA PHE E 293 19.84 -23.46 -54.48
C PHE E 293 20.40 -24.58 -55.34
N LEU E 294 19.60 -25.62 -55.55
CA LEU E 294 20.00 -26.76 -56.36
C LEU E 294 19.74 -26.50 -57.83
N ASN E 295 20.60 -27.05 -58.68
CA ASN E 295 20.41 -27.00 -60.12
C ASN E 295 19.73 -28.29 -60.58
N GLU E 296 19.66 -28.50 -61.90
CA GLU E 296 18.89 -29.62 -62.43
C GLU E 296 19.47 -30.96 -61.97
N ASP E 297 20.79 -31.12 -62.06
CA ASP E 297 21.42 -32.35 -61.60
C ASP E 297 21.25 -32.53 -60.10
N GLU E 298 21.47 -31.45 -59.33
CA GLU E 298 21.31 -31.53 -57.89
C GLU E 298 19.85 -31.82 -57.53
N THR E 299 18.91 -31.19 -58.24
CA THR E 299 17.50 -31.47 -58.00
C THR E 299 17.18 -32.94 -58.27
N GLU E 300 17.72 -33.49 -59.36
CA GLU E 300 17.50 -34.91 -59.66
C GLU E 300 18.03 -35.80 -58.56
N LYS E 301 19.27 -35.55 -58.11
CA LYS E 301 19.85 -36.38 -57.06
C LYS E 301 19.03 -36.29 -55.77
N VAL E 302 18.63 -35.07 -55.39
CA VAL E 302 17.90 -34.89 -54.14
C VAL E 302 16.54 -35.57 -54.22
N ARG E 303 15.81 -35.38 -55.32
CA ARG E 303 14.49 -35.97 -55.43
C ARG E 303 14.56 -37.49 -55.52
N LYS E 304 15.66 -38.03 -56.06
CA LYS E 304 15.81 -39.48 -56.07
C LYS E 304 16.18 -40.01 -54.69
N THR E 305 16.90 -39.23 -53.89
CA THR E 305 17.30 -39.71 -52.58
C THR E 305 16.28 -39.40 -51.48
N ILE E 306 15.25 -38.62 -51.77
CA ILE E 306 14.24 -38.30 -50.75
C ILE E 306 13.27 -39.45 -50.57
N ILE E 307 12.65 -39.91 -51.66
CA ILE E 307 11.59 -40.90 -51.62
C ILE E 307 12.11 -42.19 -52.22
N ILE E 308 12.00 -43.29 -51.46
CA ILE E 308 12.42 -44.61 -51.89
C ILE E 308 11.17 -45.48 -51.97
N ASN E 309 10.90 -46.04 -53.15
CA ASN E 309 9.78 -46.96 -53.37
C ASN E 309 8.46 -46.32 -52.95
N GLY E 310 8.29 -45.04 -53.27
CA GLY E 310 7.04 -44.35 -52.96
C GLY E 310 6.84 -44.06 -51.49
N ALA E 311 7.90 -44.13 -50.69
CA ALA E 311 7.80 -43.87 -49.26
C ALA E 311 8.95 -42.96 -48.85
N LEU E 312 8.72 -42.19 -47.79
CA LEU E 312 9.73 -41.28 -47.28
C LEU E 312 10.89 -42.06 -46.69
N ASN E 313 12.11 -41.63 -47.01
CA ASN E 313 13.32 -42.29 -46.51
C ASN E 313 13.40 -42.18 -45.00
N ALA E 314 13.76 -43.28 -44.33
CA ALA E 314 13.86 -43.28 -42.87
C ALA E 314 15.17 -42.69 -42.37
N LYS E 315 16.18 -42.55 -43.24
CA LYS E 315 17.48 -42.03 -42.85
C LYS E 315 17.68 -40.57 -43.20
N ILE E 316 16.63 -39.86 -43.61
CA ILE E 316 16.73 -38.46 -43.98
C ILE E 316 16.03 -37.54 -43.00
N VAL E 317 15.14 -38.06 -42.17
CA VAL E 317 14.35 -37.22 -41.27
C VAL E 317 15.21 -36.72 -40.12
N GLY E 318 15.16 -35.41 -39.86
CA GLY E 318 15.85 -34.83 -38.75
C GLY E 318 17.33 -34.53 -38.96
N GLN E 319 17.86 -34.82 -40.14
CA GLN E 319 19.27 -34.60 -40.41
C GLN E 319 19.49 -33.21 -41.01
N LYS E 320 20.73 -32.74 -40.92
CA LYS E 320 21.11 -31.43 -41.44
C LYS E 320 21.15 -31.45 -42.97
N ALA E 321 21.15 -30.26 -43.56
CA ALA E 321 21.21 -30.14 -45.01
C ALA E 321 22.50 -30.74 -45.56
N HIS E 322 23.61 -30.57 -44.85
CA HIS E 322 24.88 -31.12 -45.29
C HIS E 322 24.82 -32.64 -45.36
N THR E 323 24.21 -33.28 -44.36
CA THR E 323 24.10 -34.73 -44.37
C THR E 323 23.22 -35.21 -45.53
N ILE E 324 22.13 -34.49 -45.80
CA ILE E 324 21.27 -34.86 -46.93
C ILE E 324 22.03 -34.73 -48.24
N ALA E 325 22.80 -33.65 -48.39
CA ALA E 325 23.59 -33.48 -49.61
C ALA E 325 24.64 -34.58 -49.75
N ASN E 326 25.28 -34.96 -48.65
CA ASN E 326 26.27 -36.03 -48.69
C ASN E 326 25.62 -37.36 -49.08
N LEU E 327 24.44 -37.64 -48.54
CA LEU E 327 23.76 -38.89 -48.88
C LEU E 327 23.25 -38.88 -50.32
N ALA E 328 22.90 -37.70 -50.84
CA ALA E 328 22.44 -37.62 -52.22
C ALA E 328 23.56 -37.87 -53.23
N GLY E 329 24.79 -37.50 -52.90
CA GLY E 329 25.91 -37.72 -53.77
C GLY E 329 26.68 -36.48 -54.22
N PHE E 330 26.64 -35.40 -53.45
CA PHE E 330 27.42 -34.20 -53.77
C PHE E 330 27.82 -33.52 -52.47
N GLU E 331 28.35 -32.31 -52.57
CA GLU E 331 28.85 -31.58 -51.41
C GLU E 331 28.34 -30.14 -51.43
N VAL E 332 28.08 -29.61 -50.25
CA VAL E 332 27.64 -28.22 -50.07
C VAL E 332 28.46 -27.61 -48.96
N PRO E 333 28.55 -26.27 -48.92
CA PRO E 333 29.26 -25.62 -47.81
C PRO E 333 28.66 -26.01 -46.48
N GLU E 334 29.54 -26.12 -45.47
CA GLU E 334 29.14 -26.58 -44.15
C GLU E 334 28.14 -25.67 -43.47
N THR E 335 28.02 -24.42 -43.90
CA THR E 335 27.11 -23.45 -43.27
C THR E 335 25.78 -23.32 -43.99
N THR E 336 25.51 -24.16 -44.98
CA THR E 336 24.22 -24.11 -45.67
C THR E 336 23.11 -24.56 -44.73
N LYS E 337 21.98 -23.84 -44.77
CA LYS E 337 20.86 -24.14 -43.90
C LYS E 337 19.70 -24.84 -44.60
N ILE E 338 19.28 -24.33 -45.76
CA ILE E 338 18.13 -24.90 -46.46
C ILE E 338 18.53 -25.17 -47.91
N LEU E 339 18.23 -26.37 -48.37
CA LEU E 339 18.40 -26.75 -49.77
C LEU E 339 17.09 -26.44 -50.49
N ILE E 340 17.15 -25.53 -51.46
CA ILE E 340 15.96 -25.05 -52.15
C ILE E 340 16.03 -25.49 -53.60
N GLY E 341 14.99 -26.17 -54.07
CA GLY E 341 14.89 -26.57 -55.45
C GLY E 341 13.71 -25.93 -56.15
N GLU E 342 13.94 -25.33 -57.31
CA GLU E 342 12.87 -24.68 -58.06
C GLU E 342 12.20 -25.69 -58.98
N VAL E 343 10.89 -25.84 -58.85
CA VAL E 343 10.15 -26.83 -59.62
C VAL E 343 8.92 -26.19 -60.24
N THR E 344 8.25 -26.91 -61.12
CA THR E 344 7.06 -26.43 -61.81
C THR E 344 5.86 -27.37 -61.68
N SER E 345 6.10 -28.68 -61.63
CA SER E 345 5.01 -29.65 -61.59
C SER E 345 4.44 -29.73 -60.18
N VAL E 346 3.11 -29.74 -60.07
CA VAL E 346 2.43 -29.82 -58.78
C VAL E 346 1.80 -31.18 -58.54
N ASP E 347 1.53 -31.94 -59.60
CA ASP E 347 0.89 -33.24 -59.50
C ASP E 347 1.72 -34.20 -58.63
N ILE E 348 1.11 -35.33 -58.30
CA ILE E 348 1.76 -36.31 -57.44
C ILE E 348 3.01 -36.90 -58.08
N SER E 349 3.16 -36.75 -59.39
CA SER E 349 4.36 -37.25 -60.07
C SER E 349 5.61 -36.54 -59.56
N GLU E 350 5.52 -35.22 -59.38
CA GLU E 350 6.63 -34.46 -58.82
C GLU E 350 6.92 -34.93 -57.41
N GLU E 351 8.20 -35.17 -57.10
CA GLU E 351 8.55 -35.72 -55.81
C GLU E 351 8.88 -34.63 -54.79
N PHE E 352 8.86 -33.36 -55.21
CA PHE E 352 8.98 -32.26 -54.26
C PHE E 352 7.64 -31.75 -53.77
N ALA E 353 6.53 -32.31 -54.26
CA ALA E 353 5.20 -31.97 -53.77
C ALA E 353 4.80 -32.84 -52.59
N HIS E 354 5.65 -33.76 -52.16
CA HIS E 354 5.36 -34.63 -51.04
C HIS E 354 5.86 -34.01 -49.74
N GLU E 355 5.35 -34.53 -48.63
CA GLU E 355 5.81 -34.08 -47.32
C GLU E 355 7.22 -34.59 -47.07
N LYS E 356 7.99 -33.81 -46.31
CA LYS E 356 9.34 -34.22 -45.94
C LYS E 356 9.73 -33.52 -44.65
N LEU E 357 10.16 -34.30 -43.67
CA LEU E 357 10.58 -33.77 -42.38
C LEU E 357 12.09 -33.56 -42.35
N CYS E 358 12.53 -32.63 -43.19
CA CYS E 358 13.95 -32.36 -43.39
C CYS E 358 14.08 -30.95 -43.95
N PRO E 359 15.29 -30.36 -43.91
CA PRO E 359 15.44 -28.97 -44.36
C PRO E 359 15.34 -28.78 -45.87
N VAL E 360 14.95 -29.81 -46.63
CA VAL E 360 14.73 -29.62 -48.06
C VAL E 360 13.43 -28.87 -48.29
N LEU E 361 13.47 -27.89 -49.20
CA LEU E 361 12.32 -27.03 -49.47
C LEU E 361 12.15 -26.90 -50.98
N ALA E 362 10.91 -26.66 -51.39
CA ALA E 362 10.55 -26.55 -52.80
C ALA E 362 9.96 -25.18 -53.07
N MET E 363 10.33 -24.58 -54.19
CA MET E 363 9.94 -23.22 -54.54
C MET E 363 9.14 -23.22 -55.83
N TYR E 364 8.01 -22.51 -55.83
CA TYR E 364 7.14 -22.41 -56.99
C TYR E 364 7.00 -20.94 -57.40
N ARG E 365 6.65 -20.74 -58.67
CA ARG E 365 6.48 -19.40 -59.23
C ARG E 365 5.05 -19.27 -59.76
N ALA E 366 4.44 -18.11 -59.51
CA ALA E 366 3.09 -17.83 -59.96
C ALA E 366 3.05 -16.47 -60.63
N LYS E 367 2.20 -16.34 -61.65
CA LYS E 367 2.07 -15.09 -62.39
C LYS E 367 0.96 -14.19 -61.87
N ASP E 368 0.08 -14.71 -61.01
CA ASP E 368 -1.01 -13.94 -60.44
C ASP E 368 -1.45 -14.59 -59.14
N PHE E 369 -2.19 -13.81 -58.33
CA PHE E 369 -2.63 -14.33 -57.03
C PHE E 369 -3.62 -15.48 -57.20
N ASP E 370 -4.48 -15.42 -58.22
CA ASP E 370 -5.42 -16.52 -58.45
C ASP E 370 -4.68 -17.80 -58.80
N ASP E 371 -3.61 -17.70 -59.60
CA ASP E 371 -2.80 -18.88 -59.90
C ASP E 371 -2.14 -19.43 -58.65
N ALA E 372 -1.66 -18.53 -57.78
CA ALA E 372 -1.07 -18.97 -56.52
C ALA E 372 -2.09 -19.69 -55.65
N LEU E 373 -3.31 -19.16 -55.58
CA LEU E 373 -4.37 -19.80 -54.81
C LEU E 373 -4.71 -21.18 -55.38
N ASP E 374 -4.82 -21.28 -56.70
CA ASP E 374 -5.12 -22.56 -57.33
C ASP E 374 -4.03 -23.58 -57.03
N LYS E 375 -2.77 -23.15 -57.16
CA LYS E 375 -1.65 -24.04 -56.89
C LYS E 375 -1.66 -24.51 -55.44
N ALA E 376 -1.79 -23.57 -54.49
CA ALA E 376 -1.76 -23.91 -53.05
C ALA E 376 -2.88 -24.89 -52.69
N GLU E 377 -4.04 -24.76 -53.32
CA GLU E 377 -5.21 -25.62 -52.99
C GLU E 377 -4.96 -27.05 -53.47
N ARG E 378 -4.14 -27.23 -54.51
CA ARG E 378 -3.79 -28.59 -55.00
C ARG E 378 -2.77 -29.21 -54.05
N LEU E 379 -1.96 -28.37 -53.39
CA LEU E 379 -0.85 -28.85 -52.53
C LEU E 379 -1.38 -29.20 -51.14
N VAL E 380 -2.41 -28.48 -50.66
CA VAL E 380 -3.04 -28.83 -49.35
C VAL E 380 -3.73 -30.19 -49.52
N ALA E 381 -4.56 -30.34 -50.57
CA ALA E 381 -5.19 -31.64 -50.84
C ALA E 381 -4.10 -32.65 -51.21
N ASP E 382 -4.38 -33.94 -51.03
CA ASP E 382 -3.38 -35.00 -51.36
C ASP E 382 -2.16 -34.88 -50.44
N GLY E 383 -2.13 -33.91 -49.52
CA GLY E 383 -1.01 -33.85 -48.61
C GLY E 383 -1.47 -33.56 -47.20
N GLY E 384 -1.30 -32.31 -46.76
CA GLY E 384 -1.81 -31.88 -45.48
C GLY E 384 -3.22 -31.33 -45.59
N PHE E 385 -4.18 -32.19 -45.88
CA PHE E 385 -5.56 -31.76 -46.10
C PHE E 385 -6.21 -31.43 -44.77
N GLY E 386 -6.37 -30.14 -44.50
CA GLY E 386 -6.96 -29.68 -43.26
C GLY E 386 -6.01 -29.38 -42.14
N HIS E 387 -4.71 -29.28 -42.42
CA HIS E 387 -3.73 -29.09 -41.35
C HIS E 387 -3.39 -27.62 -41.09
N THR E 388 -2.80 -26.95 -42.08
CA THR E 388 -2.32 -25.58 -41.91
C THR E 388 -1.75 -25.05 -43.22
N SER E 389 -1.68 -23.72 -43.30
CA SER E 389 -1.11 -23.01 -44.44
C SER E 389 -0.68 -21.63 -43.97
N SER E 390 0.16 -20.98 -44.79
CA SER E 390 0.72 -19.69 -44.40
C SER E 390 0.65 -18.71 -45.57
N LEU E 391 0.43 -17.44 -45.24
CA LEU E 391 0.38 -16.38 -46.24
C LEU E 391 1.06 -15.14 -45.68
N TYR E 392 1.93 -14.52 -46.46
CA TYR E 392 2.59 -13.28 -46.08
C TYR E 392 2.08 -12.16 -46.98
N ILE E 393 1.44 -11.16 -46.38
CA ILE E 393 0.75 -10.12 -47.14
C ILE E 393 0.63 -8.88 -46.25
N ASP E 394 0.43 -7.73 -46.89
CA ASP E 394 0.11 -6.50 -46.17
C ASP E 394 -1.38 -6.53 -45.87
N THR E 395 -1.72 -6.62 -44.57
CA THR E 395 -3.10 -6.83 -44.15
C THR E 395 -3.87 -5.52 -43.98
N VAL E 396 -3.27 -4.38 -44.32
CA VAL E 396 -3.91 -3.09 -44.24
C VAL E 396 -4.52 -2.69 -45.59
N THR E 397 -3.78 -2.90 -46.67
CA THR E 397 -4.24 -2.52 -48.01
C THR E 397 -4.94 -3.67 -48.72
N GLN E 398 -4.34 -4.86 -48.72
CA GLN E 398 -4.87 -6.01 -49.46
C GLN E 398 -5.88 -6.76 -48.58
N LYS E 399 -7.04 -6.13 -48.40
CA LYS E 399 -8.09 -6.74 -47.60
C LYS E 399 -8.82 -7.83 -48.36
N GLU E 400 -9.06 -7.63 -49.66
CA GLU E 400 -9.82 -8.61 -50.44
C GLU E 400 -9.04 -9.92 -50.59
N LYS E 401 -7.72 -9.84 -50.81
CA LYS E 401 -6.93 -11.04 -50.98
C LYS E 401 -6.94 -11.89 -49.71
N LEU E 402 -6.93 -11.24 -48.54
CA LEU E 402 -7.01 -11.98 -47.29
C LEU E 402 -8.32 -12.75 -47.18
N GLN E 403 -9.44 -12.11 -47.54
CA GLN E 403 -10.73 -12.79 -47.52
C GLN E 403 -10.74 -13.97 -48.48
N LYS E 404 -10.19 -13.78 -49.69
CA LYS E 404 -10.16 -14.85 -50.67
C LYS E 404 -9.33 -16.02 -50.17
N PHE E 405 -8.16 -15.74 -49.58
CA PHE E 405 -7.32 -16.81 -49.05
C PHE E 405 -8.03 -17.53 -47.90
N SER E 406 -8.71 -16.79 -47.03
CA SER E 406 -9.41 -17.42 -45.91
C SER E 406 -10.53 -18.32 -46.40
N GLU E 407 -11.28 -17.88 -47.41
CA GLU E 407 -12.38 -18.69 -47.93
C GLU E 407 -11.87 -19.93 -48.66
N ARG E 408 -10.81 -19.78 -49.46
CA ARG E 408 -10.42 -20.86 -50.36
C ARG E 408 -9.76 -22.02 -49.60
N MET E 409 -8.90 -21.73 -48.64
CA MET E 409 -8.07 -22.77 -48.04
C MET E 409 -8.90 -23.66 -47.11
N LYS E 410 -8.78 -24.97 -47.31
CA LYS E 410 -9.46 -25.96 -46.47
C LYS E 410 -8.49 -26.49 -45.42
N THR E 411 -8.06 -25.59 -44.54
CA THR E 411 -7.15 -25.93 -43.45
C THR E 411 -7.72 -25.37 -42.15
N CYS E 412 -7.48 -26.09 -41.05
CA CYS E 412 -7.99 -25.67 -39.75
C CYS E 412 -7.17 -24.54 -39.13
N ARG E 413 -5.96 -24.28 -39.64
CA ARG E 413 -5.11 -23.21 -39.13
C ARG E 413 -4.65 -22.37 -40.32
N ILE E 414 -5.06 -21.11 -40.36
CA ILE E 414 -4.64 -20.18 -41.39
C ILE E 414 -3.79 -19.11 -40.72
N LEU E 415 -2.50 -19.08 -41.05
CA LEU E 415 -1.54 -18.18 -40.43
C LEU E 415 -1.19 -17.05 -41.38
N VAL E 416 -1.15 -15.83 -40.85
CA VAL E 416 -0.81 -14.64 -41.63
C VAL E 416 0.45 -14.02 -41.03
N ASN E 417 1.50 -13.91 -41.83
CA ASN E 417 2.78 -13.30 -41.44
C ASN E 417 3.41 -13.99 -40.23
N THR E 418 3.19 -15.30 -40.09
CA THR E 418 3.68 -16.04 -38.94
C THR E 418 4.44 -17.27 -39.40
N PRO E 419 5.58 -17.59 -38.78
CA PRO E 419 6.23 -18.87 -39.06
C PRO E 419 5.30 -20.04 -38.75
N SER E 420 5.35 -21.06 -39.62
CA SER E 420 4.38 -22.15 -39.52
C SER E 420 4.71 -23.09 -38.35
N SER E 421 6.01 -23.36 -38.13
CA SER E 421 6.39 -24.33 -37.11
C SER E 421 5.97 -23.88 -35.72
N GLN E 422 6.15 -22.61 -35.40
CA GLN E 422 5.74 -22.08 -34.10
C GLN E 422 4.30 -21.58 -34.10
N GLY E 423 3.72 -21.33 -35.27
CA GLY E 423 2.33 -20.92 -35.35
C GLY E 423 1.32 -22.03 -35.32
N GLY E 424 1.71 -23.25 -35.68
CA GLY E 424 0.78 -24.36 -35.59
C GLY E 424 0.42 -24.71 -34.16
N ILE E 425 1.39 -24.59 -33.25
CA ILE E 425 1.18 -24.83 -31.84
C ILE E 425 1.02 -23.47 -31.15
N GLY E 426 0.58 -22.48 -31.92
CA GLY E 426 0.74 -21.08 -31.59
C GLY E 426 0.28 -20.61 -30.22
N ASP E 427 1.25 -20.27 -29.38
CA ASP E 427 1.05 -19.46 -28.20
C ASP E 427 2.24 -18.52 -28.10
N LEU E 428 3.15 -18.65 -29.07
CA LEU E 428 4.38 -17.85 -29.07
C LEU E 428 4.21 -16.60 -29.91
N TYR E 429 3.56 -16.73 -31.08
CA TYR E 429 3.42 -15.61 -31.99
C TYR E 429 2.01 -15.06 -31.99
N ASN E 430 1.03 -15.88 -31.63
CA ASN E 430 -0.35 -15.44 -31.55
C ASN E 430 -0.97 -15.96 -30.26
N PHE E 431 -1.88 -15.17 -29.68
CA PHE E 431 -2.53 -15.54 -28.43
C PHE E 431 -4.01 -15.80 -28.69
N LYS E 432 -4.70 -16.31 -27.67
CA LYS E 432 -6.04 -16.88 -27.81
C LYS E 432 -6.05 -18.03 -28.82
N LEU E 433 -4.91 -18.71 -28.93
CA LEU E 433 -4.79 -19.94 -29.71
C LEU E 433 -4.23 -21.00 -28.78
N ALA E 434 -4.86 -22.17 -28.77
CA ALA E 434 -4.56 -23.19 -27.78
C ALA E 434 -3.13 -23.68 -27.95
N PRO E 435 -2.31 -23.67 -26.88
CA PRO E 435 -0.95 -24.19 -26.93
C PRO E 435 -0.88 -25.71 -26.79
N SER E 436 -1.07 -26.42 -27.90
CA SER E 436 -1.10 -27.87 -27.87
C SER E 436 -0.06 -28.46 -28.82
N LEU E 437 0.50 -29.61 -28.43
CA LEU E 437 1.45 -30.33 -29.26
C LEU E 437 0.75 -31.35 -30.16
N THR E 438 -0.55 -31.54 -29.96
CA THR E 438 -1.33 -32.42 -30.81
C THR E 438 -2.39 -31.60 -31.54
N LEU E 439 -2.44 -31.74 -32.87
CA LEU E 439 -3.15 -30.82 -33.75
C LEU E 439 -4.18 -31.59 -34.55
N GLY E 440 -5.46 -31.43 -34.20
CA GLY E 440 -6.53 -32.07 -34.95
C GLY E 440 -6.72 -31.40 -36.31
N CYS E 441 -7.36 -32.11 -37.23
CA CYS E 441 -7.54 -31.64 -38.59
C CYS E 441 -8.99 -31.63 -39.04
N GLY E 442 -9.93 -32.08 -38.21
CA GLY E 442 -11.32 -32.07 -38.57
C GLY E 442 -11.70 -33.20 -39.51
N SER E 443 -12.93 -33.10 -40.03
CA SER E 443 -13.43 -34.13 -40.92
C SER E 443 -12.62 -34.24 -42.20
N TRP E 444 -11.94 -33.14 -42.58
CA TRP E 444 -11.09 -33.17 -43.77
C TRP E 444 -9.96 -34.18 -43.61
N GLY E 445 -9.31 -34.18 -42.44
CA GLY E 445 -8.19 -35.04 -42.16
C GLY E 445 -8.52 -36.41 -41.63
N GLY E 446 -9.80 -36.77 -41.57
CA GLY E 446 -10.18 -38.09 -41.11
C GLY E 446 -10.25 -38.25 -39.60
N ASN E 447 -10.34 -37.14 -38.87
CA ASN E 447 -10.48 -37.17 -37.42
C ASN E 447 -11.61 -36.23 -37.02
N SER E 448 -11.77 -36.06 -35.70
CA SER E 448 -12.98 -35.39 -35.20
C SER E 448 -12.69 -34.31 -34.16
N VAL E 449 -11.72 -33.43 -34.42
CA VAL E 449 -11.42 -32.37 -33.47
C VAL E 449 -11.55 -31.01 -34.14
N SER E 450 -10.81 -30.80 -35.23
CA SER E 450 -10.82 -29.54 -35.97
C SER E 450 -10.33 -28.37 -35.13
N ASP E 451 -9.44 -28.64 -34.17
CA ASP E 451 -8.88 -27.60 -33.31
C ASP E 451 -7.67 -28.19 -32.59
N ASN E 452 -6.90 -27.33 -31.94
CA ASN E 452 -5.82 -27.79 -31.09
C ASN E 452 -6.41 -28.46 -29.84
N VAL E 453 -6.07 -29.73 -29.64
CA VAL E 453 -6.65 -30.50 -28.56
C VAL E 453 -6.23 -29.89 -27.24
N GLY E 454 -7.21 -29.53 -26.41
CA GLY E 454 -6.94 -28.87 -25.16
C GLY E 454 -7.38 -29.65 -23.95
N VAL E 455 -7.91 -28.96 -22.95
CA VAL E 455 -8.31 -29.58 -21.69
C VAL E 455 -9.81 -29.86 -21.75
N LYS E 456 -10.51 -29.20 -22.66
CA LYS E 456 -11.95 -29.35 -22.79
C LYS E 456 -12.36 -30.58 -23.58
N HIS E 457 -11.42 -31.25 -24.24
CA HIS E 457 -11.71 -32.47 -24.99
C HIS E 457 -11.51 -33.73 -24.16
N LEU E 458 -11.12 -33.60 -22.90
CA LEU E 458 -10.92 -34.75 -22.01
C LEU E 458 -11.94 -34.76 -20.87
N LEU E 459 -13.11 -34.17 -21.09
CA LEU E 459 -14.12 -34.02 -20.05
C LEU E 459 -15.48 -34.45 -20.58
N ASN E 460 -16.31 -34.94 -19.65
CA ASN E 460 -17.71 -35.22 -19.92
C ASN E 460 -18.54 -34.14 -19.23
N ILE E 461 -19.57 -33.66 -19.91
CA ILE E 461 -20.41 -32.59 -19.38
C ILE E 461 -21.80 -33.15 -19.14
N LYS E 462 -22.18 -33.22 -17.85
CA LYS E 462 -23.52 -33.64 -17.46
C LYS E 462 -24.40 -32.41 -17.32
N THR E 463 -25.64 -32.52 -17.78
CA THR E 463 -26.61 -31.43 -17.71
C THR E 463 -27.71 -31.82 -16.74
N VAL E 464 -27.86 -31.05 -15.67
CA VAL E 464 -28.96 -31.19 -14.74
C VAL E 464 -30.03 -30.20 -15.13
N ALA E 465 -31.27 -30.68 -15.27
CA ALA E 465 -32.38 -29.88 -15.76
C ALA E 465 -33.54 -29.94 -14.79
N GLU E 466 -34.04 -28.78 -14.39
CA GLU E 466 -35.22 -28.68 -13.53
C GLU E 466 -36.45 -28.35 -14.37
N ARG E 467 -37.60 -28.84 -13.89
CA ARG E 467 -38.85 -28.63 -14.61
C ARG E 467 -39.29 -27.17 -14.49
N ARG E 468 -39.38 -26.49 -15.62
CA ARG E 468 -39.83 -25.10 -15.69
C ARG E 468 -41.18 -25.04 -16.40
N GLU E 469 -41.95 -24.00 -16.09
CA GLU E 469 -43.29 -23.83 -16.62
C GLU E 469 -43.26 -22.85 -17.79
N ASN E 470 -44.17 -23.06 -18.73
CA ASN E 470 -44.28 -22.19 -19.89
C ASN E 470 -44.70 -20.79 -19.46
N MET E 471 -44.14 -19.79 -20.15
CA MET E 471 -44.51 -18.40 -19.94
C MET E 471 -45.86 -18.11 -20.58
N LEU E 472 -46.73 -17.46 -19.84
CA LEU E 472 -48.07 -17.11 -20.31
C LEU E 472 -48.15 -15.59 -20.50
N TRP E 473 -49.34 -15.12 -20.87
CA TRP E 473 -49.52 -13.71 -21.21
C TRP E 473 -50.98 -13.34 -21.02
N PHE E 474 -51.28 -12.07 -21.26
CA PHE E 474 -52.66 -11.57 -21.22
C PHE E 474 -52.70 -10.34 -22.14
N ARG E 475 -53.21 -10.53 -23.36
CA ARG E 475 -53.22 -9.48 -24.37
C ARG E 475 -54.67 -9.17 -24.75
N THR E 476 -55.02 -7.90 -24.72
CA THR E 476 -56.34 -7.40 -25.10
C THR E 476 -56.17 -6.17 -25.97
N PRO E 477 -57.13 -5.89 -26.85
CA PRO E 477 -57.05 -4.67 -27.65
C PRO E 477 -57.23 -3.44 -26.79
N GLU E 478 -56.62 -2.33 -27.23
CA GLU E 478 -56.74 -1.09 -26.49
C GLU E 478 -58.06 -0.39 -26.83
N LYS E 479 -58.48 0.50 -25.93
CA LYS E 479 -59.66 1.34 -26.12
C LYS E 479 -60.92 0.50 -26.38
N ILE E 480 -61.29 -0.29 -25.38
CA ILE E 480 -62.55 -1.03 -25.39
C ILE E 480 -63.60 -0.15 -24.75
N TYR E 481 -64.66 0.15 -25.49
CA TYR E 481 -65.68 1.11 -25.05
C TYR E 481 -66.99 0.38 -24.78
N ILE E 482 -67.55 0.60 -23.59
CA ILE E 482 -68.69 -0.16 -23.09
C ILE E 482 -69.71 0.80 -22.48
N LYS E 483 -70.71 1.18 -23.27
CA LYS E 483 -71.91 1.88 -22.78
C LYS E 483 -72.85 2.09 -23.97
N ARG E 484 -74.11 2.34 -23.65
CA ARG E 484 -75.11 2.58 -24.69
C ARG E 484 -74.91 3.95 -25.31
N GLY E 485 -75.07 4.01 -26.63
CA GLY E 485 -74.95 5.27 -27.34
C GLY E 485 -73.56 5.83 -27.40
N CYS E 486 -72.53 5.00 -27.26
CA CYS E 486 -71.16 5.46 -27.27
C CYS E 486 -70.57 5.58 -28.67
N LEU E 487 -71.29 5.14 -29.70
CA LEU E 487 -70.74 5.15 -31.05
C LEU E 487 -70.37 6.55 -31.54
N PRO E 488 -71.23 7.58 -31.44
CA PRO E 488 -70.83 8.90 -31.94
C PRO E 488 -69.69 9.53 -31.14
N VAL E 489 -69.77 9.44 -29.81
CA VAL E 489 -68.74 10.07 -28.98
C VAL E 489 -67.40 9.37 -29.17
N ALA E 490 -67.42 8.05 -29.41
CA ALA E 490 -66.18 7.33 -29.67
C ALA E 490 -65.64 7.64 -31.06
N LEU E 491 -66.52 7.69 -32.06
CA LEU E 491 -66.08 8.04 -33.41
C LEU E 491 -65.61 9.48 -33.50
N ASP E 492 -65.94 10.30 -32.50
CA ASP E 492 -65.34 11.62 -32.40
C ASP E 492 -63.83 11.58 -32.27
N GLU E 493 -63.26 10.44 -31.86
CA GLU E 493 -61.81 10.36 -31.71
C GLU E 493 -61.11 10.50 -33.05
N LEU E 494 -61.76 10.12 -34.15
CA LEU E 494 -61.24 10.45 -35.47
C LEU E 494 -61.25 11.96 -35.65
N LYS E 495 -60.24 12.46 -36.37
CA LYS E 495 -59.94 13.88 -36.56
C LYS E 495 -59.92 14.68 -35.26
N ASN E 496 -59.77 14.01 -34.12
CA ASN E 496 -59.56 14.65 -32.83
C ASN E 496 -58.20 14.30 -32.24
N VAL E 497 -57.90 13.01 -32.12
CA VAL E 497 -56.57 12.56 -31.71
C VAL E 497 -55.79 11.95 -32.86
N MET E 498 -56.42 11.72 -34.01
CA MET E 498 -55.77 11.21 -35.20
C MET E 498 -56.08 12.14 -36.38
N GLY E 499 -55.72 11.71 -37.58
CA GLY E 499 -55.96 12.50 -38.77
C GLY E 499 -56.52 11.69 -39.92
N LYS E 500 -57.29 10.65 -39.61
CA LYS E 500 -57.88 9.80 -40.63
C LYS E 500 -58.88 10.59 -41.46
N LYS E 501 -58.82 10.45 -42.79
CA LYS E 501 -59.70 11.16 -43.70
C LYS E 501 -60.37 10.23 -44.71
N LYS E 502 -60.14 8.92 -44.59
CA LYS E 502 -60.73 7.96 -45.52
C LYS E 502 -61.12 6.71 -44.75
N ALA E 503 -62.35 6.24 -44.99
CA ALA E 503 -62.90 5.10 -44.28
C ALA E 503 -63.40 4.04 -45.25
N PHE E 504 -63.20 2.77 -44.89
CA PHE E 504 -63.68 1.64 -45.67
C PHE E 504 -64.52 0.75 -44.75
N ILE E 505 -65.83 0.82 -44.90
CA ILE E 505 -66.77 0.07 -44.09
C ILE E 505 -66.97 -1.31 -44.71
N VAL E 506 -66.87 -2.34 -43.88
CA VAL E 506 -67.15 -3.72 -44.29
C VAL E 506 -68.33 -4.22 -43.48
N THR E 507 -69.35 -4.71 -44.18
CA THR E 507 -70.60 -5.11 -43.53
C THR E 507 -71.18 -6.31 -44.28
N ASP E 508 -72.41 -6.66 -43.94
CA ASP E 508 -73.15 -7.75 -44.56
C ASP E 508 -74.24 -7.16 -45.45
N ASN E 509 -74.70 -7.98 -46.40
CA ASN E 509 -75.76 -7.54 -47.30
C ASN E 509 -77.06 -7.28 -46.55
N PHE E 510 -77.41 -8.17 -45.61
CA PHE E 510 -78.65 -8.01 -44.86
C PHE E 510 -78.63 -6.73 -44.02
N LEU E 511 -77.51 -6.47 -43.35
CA LEU E 511 -77.40 -5.26 -42.54
C LEU E 511 -77.36 -4.00 -43.40
N TYR E 512 -76.69 -4.06 -44.54
CA TYR E 512 -76.64 -2.90 -45.43
C TYR E 512 -78.01 -2.57 -46.00
N ASN E 513 -78.79 -3.60 -46.36
CA ASN E 513 -80.11 -3.38 -46.94
C ASN E 513 -81.03 -2.66 -45.97
N ASN E 514 -81.00 -3.06 -44.69
CA ASN E 514 -81.85 -2.45 -43.68
C ASN E 514 -81.30 -1.14 -43.15
N GLY E 515 -80.26 -0.59 -43.76
CA GLY E 515 -79.74 0.69 -43.34
C GLY E 515 -79.12 0.70 -41.96
N TYR E 516 -78.36 -0.34 -41.62
CA TYR E 516 -77.70 -0.40 -40.33
C TYR E 516 -76.40 0.40 -40.28
N THR E 517 -75.86 0.79 -41.43
CA THR E 517 -74.69 1.66 -41.46
C THR E 517 -75.06 3.14 -41.42
N LYS E 518 -76.35 3.46 -41.37
CA LYS E 518 -76.78 4.86 -41.31
C LYS E 518 -76.22 5.61 -40.10
N PRO E 519 -76.26 5.08 -38.87
CA PRO E 519 -75.69 5.84 -37.75
C PRO E 519 -74.19 6.07 -37.88
N ILE E 520 -73.50 5.24 -38.65
CA ILE E 520 -72.07 5.43 -38.85
C ILE E 520 -71.80 6.32 -40.06
N THR E 521 -72.55 6.11 -41.14
CA THR E 521 -72.40 6.95 -42.33
C THR E 521 -72.74 8.41 -42.04
N ASP E 522 -73.79 8.65 -41.26
CA ASP E 522 -74.13 10.01 -40.88
C ASP E 522 -73.02 10.64 -40.06
N LYS E 523 -72.47 9.89 -39.11
CA LYS E 523 -71.43 10.41 -38.24
C LYS E 523 -70.16 10.73 -39.02
N LEU E 524 -69.77 9.86 -39.94
CA LEU E 524 -68.58 10.13 -40.77
C LEU E 524 -68.81 11.34 -41.67
N ASP E 525 -70.02 11.45 -42.24
CA ASP E 525 -70.31 12.58 -43.12
C ASP E 525 -70.36 13.89 -42.35
N GLU E 526 -70.73 13.84 -41.06
CA GLU E 526 -70.73 15.04 -40.24
C GLU E 526 -69.32 15.61 -40.12
N MET E 527 -68.33 14.75 -39.93
CA MET E 527 -66.94 15.16 -39.95
C MET E 527 -66.42 15.14 -41.39
N GLY E 528 -65.14 15.47 -41.55
CA GLY E 528 -64.53 15.52 -42.86
C GLY E 528 -63.84 14.24 -43.29
N ILE E 529 -64.60 13.16 -43.43
CA ILE E 529 -64.06 11.87 -43.88
C ILE E 529 -64.94 11.34 -45.00
N VAL E 530 -64.31 10.94 -46.10
CA VAL E 530 -65.00 10.25 -47.19
C VAL E 530 -64.95 8.75 -46.90
N HIS E 531 -66.00 8.03 -47.30
CA HIS E 531 -66.13 6.63 -46.98
C HIS E 531 -66.54 5.83 -48.20
N LYS E 532 -66.16 4.55 -48.20
CA LYS E 532 -66.62 3.59 -49.20
C LYS E 532 -67.02 2.32 -48.48
N THR E 533 -68.10 1.69 -48.95
CA THR E 533 -68.67 0.53 -48.27
C THR E 533 -68.58 -0.71 -49.15
N PHE E 534 -68.47 -1.86 -48.49
CA PHE E 534 -68.40 -3.15 -49.15
C PHE E 534 -69.37 -4.10 -48.45
N PHE E 535 -70.32 -4.65 -49.21
CA PHE E 535 -71.40 -5.44 -48.64
C PHE E 535 -71.61 -6.75 -49.38
N ASP E 536 -70.52 -7.43 -49.75
CA ASP E 536 -70.58 -8.72 -50.42
C ASP E 536 -70.07 -9.83 -49.50
N VAL E 537 -70.42 -9.77 -48.23
CA VAL E 537 -69.95 -10.73 -47.23
C VAL E 537 -71.12 -11.66 -46.91
N SER E 538 -71.07 -12.87 -47.46
CA SER E 538 -72.07 -13.88 -47.16
C SER E 538 -71.71 -14.63 -45.88
N PRO E 539 -72.68 -15.28 -45.23
CA PRO E 539 -72.36 -16.12 -44.09
C PRO E 539 -71.42 -17.25 -44.49
N ASP E 540 -70.55 -17.63 -43.56
CA ASP E 540 -69.42 -18.50 -43.84
C ASP E 540 -68.62 -17.90 -45.00
N PRO E 541 -67.90 -16.80 -44.78
CA PRO E 541 -67.31 -16.05 -45.90
C PRO E 541 -66.33 -16.90 -46.69
N SER E 542 -66.34 -16.68 -48.01
CA SER E 542 -65.44 -17.36 -48.92
C SER E 542 -64.20 -16.51 -49.18
N LEU E 543 -63.12 -17.18 -49.58
CA LEU E 543 -61.86 -16.48 -49.81
C LEU E 543 -61.98 -15.52 -51.00
N ALA E 544 -62.85 -15.83 -51.96
CA ALA E 544 -63.02 -14.95 -53.11
C ALA E 544 -63.56 -13.59 -52.70
N SER E 545 -64.51 -13.56 -51.76
CA SER E 545 -65.02 -12.28 -51.26
C SER E 545 -63.92 -11.48 -50.57
N ALA E 546 -63.08 -12.16 -49.80
CA ALA E 546 -61.97 -11.48 -49.14
C ALA E 546 -61.00 -10.89 -50.15
N LYS E 547 -60.68 -11.66 -51.21
CA LYS E 547 -59.79 -11.15 -52.24
C LYS E 547 -60.41 -9.95 -52.96
N ALA E 548 -61.71 -10.02 -53.25
CA ALA E 548 -62.38 -8.90 -53.89
C ALA E 548 -62.36 -7.65 -53.01
N GLY E 549 -62.59 -7.81 -51.71
CA GLY E 549 -62.51 -6.68 -50.80
C GLY E 549 -61.12 -6.10 -50.70
N ALA E 550 -60.10 -6.97 -50.68
CA ALA E 550 -58.73 -6.49 -50.65
C ALA E 550 -58.40 -5.69 -51.91
N ALA E 551 -58.84 -6.19 -53.07
CA ALA E 551 -58.61 -5.46 -54.32
C ALA E 551 -59.35 -4.12 -54.30
N GLU E 552 -60.57 -4.11 -53.76
CA GLU E 552 -61.33 -2.86 -53.69
C GLU E 552 -60.62 -1.83 -52.81
N MET E 553 -60.08 -2.26 -51.66
CA MET E 553 -59.34 -1.33 -50.82
C MET E 553 -58.05 -0.88 -51.50
N LEU E 554 -57.36 -1.79 -52.18
CA LEU E 554 -56.15 -1.40 -52.89
C LEU E 554 -56.45 -0.35 -53.95
N ALA E 555 -57.61 -0.45 -54.60
CA ALA E 555 -58.01 0.58 -55.55
C ALA E 555 -58.46 1.85 -54.86
N PHE E 556 -58.99 1.74 -53.64
CA PHE E 556 -59.56 2.90 -52.94
C PHE E 556 -58.54 3.66 -52.11
N GLN E 557 -57.50 2.98 -51.62
CA GLN E 557 -56.48 3.58 -50.75
C GLN E 557 -57.10 4.18 -49.49
N PRO E 558 -57.61 3.35 -48.58
CA PRO E 558 -58.25 3.88 -47.37
C PRO E 558 -57.22 4.17 -46.28
N ASP E 559 -57.73 4.80 -45.21
CA ASP E 559 -56.94 5.07 -44.01
C ASP E 559 -57.34 4.22 -42.82
N THR E 560 -58.63 3.96 -42.65
CA THR E 560 -59.13 3.13 -41.56
C THR E 560 -60.15 2.14 -42.10
N ILE E 561 -60.28 1.01 -41.43
CA ILE E 561 -61.19 -0.06 -41.83
C ILE E 561 -62.17 -0.29 -40.69
N ILE E 562 -63.45 -0.07 -40.96
CA ILE E 562 -64.51 -0.26 -39.97
C ILE E 562 -65.28 -1.51 -40.35
N ALA E 563 -65.26 -2.51 -39.46
CA ALA E 563 -65.91 -3.80 -39.69
C ALA E 563 -67.13 -3.89 -38.80
N VAL E 564 -68.32 -3.79 -39.41
CA VAL E 564 -69.57 -3.82 -38.68
C VAL E 564 -70.35 -5.07 -39.10
N GLY E 565 -70.97 -5.70 -38.12
CA GLY E 565 -71.74 -6.90 -38.36
C GLY E 565 -71.42 -8.01 -37.36
N GLY E 566 -71.79 -9.22 -37.74
CA GLY E 566 -71.59 -10.40 -36.92
C GLY E 566 -70.17 -10.92 -37.00
N GLY E 567 -69.99 -12.15 -36.51
CA GLY E 567 -68.67 -12.75 -36.50
C GLY E 567 -68.11 -12.98 -37.89
N SER E 568 -68.94 -13.46 -38.80
CA SER E 568 -68.49 -13.75 -40.16
C SER E 568 -67.98 -12.49 -40.83
N ALA E 569 -68.71 -11.39 -40.69
CA ALA E 569 -68.29 -10.13 -41.30
C ALA E 569 -66.97 -9.65 -40.73
N MET E 570 -66.80 -9.73 -39.41
CA MET E 570 -65.55 -9.25 -38.81
C MET E 570 -64.37 -10.12 -39.21
N ASP E 571 -64.55 -11.45 -39.24
CA ASP E 571 -63.46 -12.32 -39.65
C ASP E 571 -63.09 -12.10 -41.11
N ALA E 572 -64.10 -11.95 -41.98
CA ALA E 572 -63.82 -11.67 -43.38
C ALA E 572 -63.12 -10.33 -43.54
N ALA E 573 -63.51 -9.33 -42.75
CA ALA E 573 -62.83 -8.03 -42.82
C ALA E 573 -61.39 -8.13 -42.33
N LYS E 574 -61.14 -8.97 -41.32
CA LYS E 574 -59.77 -9.19 -40.88
C LYS E 574 -58.93 -9.80 -42.01
N ILE E 575 -59.49 -10.78 -42.71
CA ILE E 575 -58.76 -11.41 -43.81
C ILE E 575 -58.51 -10.40 -44.93
N MET E 576 -59.52 -9.57 -45.24
CA MET E 576 -59.34 -8.54 -46.24
C MET E 576 -58.26 -7.55 -45.83
N TRP E 577 -58.21 -7.18 -44.54
CA TRP E 577 -57.17 -6.29 -44.05
C TRP E 577 -55.79 -6.91 -44.24
N VAL E 578 -55.66 -8.20 -43.92
CA VAL E 578 -54.38 -8.88 -44.09
C VAL E 578 -53.95 -8.86 -45.56
N MET E 579 -54.88 -9.18 -46.45
CA MET E 579 -54.51 -9.23 -47.87
C MET E 579 -54.30 -7.83 -48.45
N TYR E 580 -54.94 -6.81 -47.88
CA TYR E 580 -54.77 -5.45 -48.37
C TYR E 580 -53.42 -4.88 -47.97
N GLU E 581 -53.01 -5.09 -46.72
CA GLU E 581 -51.78 -4.46 -46.25
C GLU E 581 -50.53 -5.24 -46.62
N HIS E 582 -50.65 -6.55 -46.81
CA HIS E 582 -49.54 -7.38 -47.27
C HIS E 582 -50.03 -8.26 -48.42
N PRO E 583 -50.06 -7.72 -49.64
CA PRO E 583 -50.68 -8.44 -50.76
C PRO E 583 -49.90 -9.65 -51.25
N GLU E 584 -48.76 -9.98 -50.63
CA GLU E 584 -47.96 -11.12 -51.07
C GLU E 584 -48.20 -12.37 -50.22
N VAL E 585 -49.12 -12.32 -49.28
CA VAL E 585 -49.30 -13.42 -48.32
C VAL E 585 -49.93 -14.62 -49.02
N ASP E 586 -49.57 -15.81 -48.52
CA ASP E 586 -50.16 -17.06 -48.99
C ASP E 586 -51.09 -17.61 -47.92
N PHE E 587 -52.35 -17.83 -48.29
CA PHE E 587 -53.35 -18.25 -47.31
C PHE E 587 -53.01 -19.61 -46.71
N MET E 588 -52.55 -20.55 -47.54
CA MET E 588 -52.29 -21.90 -47.04
C MET E 588 -51.17 -21.92 -46.01
N ASP E 589 -50.26 -20.95 -46.06
CA ASP E 589 -49.19 -20.90 -45.08
C ASP E 589 -49.69 -20.37 -43.74
N MET E 590 -50.65 -19.43 -43.76
CA MET E 590 -51.20 -18.91 -42.52
C MET E 590 -51.99 -19.98 -41.77
N ALA E 591 -52.85 -20.71 -42.47
CA ALA E 591 -53.64 -21.78 -41.85
C ALA E 591 -52.76 -23.03 -41.73
N MET E 592 -51.90 -23.01 -40.72
CA MET E 592 -50.88 -24.03 -40.52
C MET E 592 -50.85 -24.41 -39.04
N ARG E 593 -50.86 -25.71 -38.77
CA ARG E 593 -50.93 -26.21 -37.40
C ARG E 593 -49.60 -26.00 -36.69
N PHE E 594 -49.66 -25.51 -35.46
CA PHE E 594 -48.48 -25.29 -34.64
C PHE E 594 -48.67 -25.90 -33.26
N MET E 595 -47.57 -26.31 -32.64
CA MET E 595 -47.63 -26.83 -31.28
C MET E 595 -47.63 -25.70 -30.26
N ASP E 596 -46.71 -24.75 -30.41
CA ASP E 596 -46.62 -23.58 -29.56
C ASP E 596 -46.77 -22.33 -30.41
N ILE E 597 -47.61 -21.40 -29.97
CA ILE E 597 -47.86 -20.20 -30.75
C ILE E 597 -46.63 -19.32 -30.82
N ARG E 598 -45.75 -19.40 -29.82
CA ARG E 598 -44.53 -18.61 -29.82
C ARG E 598 -43.41 -19.26 -30.63
N LYS E 599 -43.56 -20.53 -31.02
CA LYS E 599 -42.59 -21.23 -31.84
C LYS E 599 -43.15 -21.52 -33.23
N ARG E 600 -43.94 -20.60 -33.76
CA ARG E 600 -44.51 -20.77 -35.09
C ARG E 600 -43.41 -20.89 -36.14
N VAL E 601 -43.62 -21.81 -37.09
CA VAL E 601 -42.74 -21.88 -38.25
C VAL E 601 -42.98 -20.68 -39.16
N TYR E 602 -44.23 -20.29 -39.34
CA TYR E 602 -44.60 -19.14 -40.14
C TYR E 602 -44.94 -17.97 -39.23
N THR E 603 -44.28 -16.84 -39.45
CA THR E 603 -44.46 -15.65 -38.64
C THR E 603 -45.30 -14.63 -39.40
N PHE E 604 -46.41 -14.21 -38.79
CA PHE E 604 -47.27 -13.24 -39.43
C PHE E 604 -46.54 -11.90 -39.58
N PRO E 605 -46.67 -11.24 -40.72
CA PRO E 605 -46.02 -9.94 -40.88
C PRO E 605 -46.64 -8.87 -40.00
N LYS E 606 -45.81 -7.91 -39.59
CA LYS E 606 -46.29 -6.80 -38.79
C LYS E 606 -47.26 -5.95 -39.62
N MET E 607 -48.42 -5.65 -39.04
CA MET E 607 -49.49 -4.95 -39.75
C MET E 607 -50.12 -3.88 -38.85
N GLY E 608 -49.64 -2.65 -38.99
CA GLY E 608 -50.26 -1.52 -38.34
C GLY E 608 -50.10 -0.21 -39.07
N GLN E 609 -49.54 -0.25 -40.28
CA GLN E 609 -49.05 0.95 -40.94
C GLN E 609 -50.01 1.53 -41.97
N LYS E 610 -50.73 0.69 -42.72
CA LYS E 610 -51.50 1.22 -43.84
C LYS E 610 -52.96 1.45 -43.46
N ALA E 611 -53.45 0.79 -42.43
CA ALA E 611 -54.85 0.89 -42.04
C ALA E 611 -54.99 0.82 -40.53
N TYR E 612 -56.07 1.42 -40.04
CA TYR E 612 -56.43 1.38 -38.63
C TYR E 612 -57.77 0.68 -38.49
N PHE E 613 -57.81 -0.37 -37.69
CA PHE E 613 -58.95 -1.28 -37.66
C PHE E 613 -59.86 -0.94 -36.49
N ILE E 614 -61.17 -0.87 -36.76
CA ILE E 614 -62.20 -0.69 -35.76
C ILE E 614 -63.27 -1.74 -35.98
N ALA E 615 -63.75 -2.36 -34.89
CA ALA E 615 -64.73 -3.42 -34.96
C ALA E 615 -65.99 -3.03 -34.19
N ILE E 616 -67.14 -3.12 -34.86
CA ILE E 616 -68.43 -2.80 -34.25
C ILE E 616 -69.33 -4.02 -34.40
N PRO E 617 -69.62 -4.77 -33.34
CA PRO E 617 -70.43 -5.97 -33.48
C PRO E 617 -71.92 -5.70 -33.38
N THR E 618 -72.69 -6.44 -34.19
CA THR E 618 -74.15 -6.40 -34.11
C THR E 618 -74.72 -7.69 -33.52
N SER E 619 -74.15 -8.84 -33.84
CA SER E 619 -74.44 -10.09 -33.15
C SER E 619 -73.63 -10.15 -31.86
N ALA E 620 -74.20 -10.82 -30.86
CA ALA E 620 -73.64 -10.80 -29.52
C ALA E 620 -72.61 -11.89 -29.28
N GLY E 621 -72.99 -13.16 -29.40
CA GLY E 621 -72.20 -14.23 -28.83
C GLY E 621 -70.90 -14.53 -29.56
N THR E 622 -70.73 -13.98 -30.77
CA THR E 622 -69.54 -14.32 -31.54
C THR E 622 -68.25 -13.86 -30.86
N GLY E 623 -68.25 -12.65 -30.28
CA GLY E 623 -67.11 -12.16 -29.53
C GLY E 623 -65.81 -12.14 -30.28
N SER E 624 -65.85 -11.76 -31.56
CA SER E 624 -64.65 -11.73 -32.40
C SER E 624 -63.99 -10.37 -32.44
N GLU E 625 -64.51 -9.38 -31.72
CA GLU E 625 -63.90 -8.05 -31.68
C GLU E 625 -62.81 -7.93 -30.62
N VAL E 626 -62.55 -8.99 -29.86
CA VAL E 626 -61.42 -9.00 -28.93
C VAL E 626 -60.54 -10.22 -29.07
N THR E 627 -60.57 -10.94 -30.19
CA THR E 627 -59.86 -12.20 -30.31
C THR E 627 -58.96 -12.20 -31.54
N PRO E 628 -57.90 -13.01 -31.55
CA PRO E 628 -57.02 -13.07 -32.73
C PRO E 628 -57.47 -14.08 -33.77
N PHE E 629 -58.60 -14.75 -33.55
CA PHE E 629 -59.11 -15.76 -34.45
C PHE E 629 -59.82 -15.12 -35.63
N ALA E 630 -59.60 -15.67 -36.83
CA ALA E 630 -60.23 -15.19 -38.04
C ALA E 630 -60.66 -16.38 -38.90
N VAL E 631 -61.30 -17.36 -38.27
CA VAL E 631 -61.73 -18.59 -38.93
C VAL E 631 -62.56 -18.28 -40.17
N ILE E 632 -62.16 -18.83 -41.32
CA ILE E 632 -62.89 -18.69 -42.57
C ILE E 632 -62.90 -20.02 -43.30
N THR E 633 -63.86 -20.20 -44.20
CA THR E 633 -63.94 -21.44 -44.95
C THR E 633 -63.25 -21.29 -46.31
N ASP E 634 -62.89 -22.44 -46.88
CA ASP E 634 -62.23 -22.47 -48.17
C ASP E 634 -63.21 -22.14 -49.29
N GLU E 635 -62.66 -21.65 -50.41
CA GLU E 635 -63.46 -21.27 -51.56
C GLU E 635 -63.78 -22.45 -52.47
N LYS E 636 -63.00 -23.52 -52.43
CA LYS E 636 -63.18 -24.67 -53.31
C LYS E 636 -63.65 -25.90 -52.56
N THR E 637 -62.91 -26.33 -51.54
CA THR E 637 -63.25 -27.52 -50.78
C THR E 637 -64.19 -27.24 -49.62
N GLY E 638 -64.43 -25.96 -49.29
CA GLY E 638 -65.34 -25.61 -48.23
C GLY E 638 -64.92 -26.13 -46.87
N ILE E 639 -63.64 -26.01 -46.54
CA ILE E 639 -63.08 -26.49 -45.28
C ILE E 639 -62.80 -25.30 -44.39
N LYS E 640 -63.27 -25.37 -43.14
CA LYS E 640 -63.09 -24.26 -42.21
C LYS E 640 -61.67 -24.27 -41.64
N TYR E 641 -60.90 -23.24 -41.97
CA TYR E 641 -59.57 -23.04 -41.41
C TYR E 641 -59.64 -21.95 -40.35
N PRO E 642 -59.37 -22.26 -39.08
CA PRO E 642 -59.29 -21.26 -38.00
C PRO E 642 -57.90 -20.68 -37.78
N LEU E 643 -57.50 -19.74 -38.65
CA LEU E 643 -56.21 -19.10 -38.51
C LEU E 643 -56.26 -18.06 -37.39
N ALA E 644 -55.27 -18.09 -36.51
CA ALA E 644 -55.24 -17.24 -35.32
C ALA E 644 -53.82 -16.79 -35.05
N ASP E 645 -53.63 -15.48 -34.91
CA ASP E 645 -52.35 -14.90 -34.54
C ASP E 645 -52.60 -13.55 -33.89
N TYR E 646 -51.81 -13.24 -32.86
CA TYR E 646 -52.03 -12.00 -32.10
C TYR E 646 -51.75 -10.73 -32.91
N GLU E 647 -51.41 -10.82 -34.19
CA GLU E 647 -51.35 -9.64 -35.04
C GLU E 647 -52.71 -9.21 -35.55
N LEU E 648 -53.76 -9.98 -35.25
CA LEU E 648 -55.10 -9.72 -35.75
C LEU E 648 -56.02 -9.02 -34.75
N LEU E 649 -55.49 -8.58 -33.61
CA LEU E 649 -56.31 -7.92 -32.61
C LEU E 649 -56.94 -6.64 -33.17
N PRO E 650 -58.26 -6.51 -33.15
CA PRO E 650 -58.90 -5.27 -33.62
C PRO E 650 -58.89 -4.17 -32.57
N ASP E 651 -57.80 -3.40 -32.50
CA ASP E 651 -57.73 -2.27 -31.59
C ASP E 651 -58.96 -1.37 -31.74
N MET E 652 -59.30 -0.68 -30.65
CA MET E 652 -60.51 0.14 -30.58
C MET E 652 -61.75 -0.74 -30.84
N ALA E 653 -61.98 -1.66 -29.91
CA ALA E 653 -63.15 -2.54 -29.95
C ALA E 653 -64.28 -1.86 -29.20
N ILE E 654 -65.25 -1.35 -29.95
CA ILE E 654 -66.38 -0.61 -29.39
C ILE E 654 -67.59 -1.53 -29.30
N VAL E 655 -68.27 -1.51 -28.15
CA VAL E 655 -69.47 -2.31 -27.92
C VAL E 655 -70.61 -1.34 -27.61
N ASP E 656 -71.65 -1.35 -28.44
CA ASP E 656 -72.81 -0.50 -28.26
C ASP E 656 -74.06 -1.37 -28.21
N ALA E 657 -74.83 -1.24 -27.14
CA ALA E 657 -76.01 -2.09 -26.94
C ALA E 657 -77.17 -1.71 -27.83
N ASP E 658 -77.32 -0.43 -28.19
CA ASP E 658 -78.48 0.00 -28.96
C ASP E 658 -78.50 -0.59 -30.37
N MET E 659 -77.34 -1.04 -30.87
CA MET E 659 -77.31 -1.67 -32.18
C MET E 659 -77.60 -3.16 -32.09
N MET E 660 -77.81 -3.68 -30.89
CA MET E 660 -77.93 -5.12 -30.66
C MET E 660 -79.34 -5.55 -30.31
N MET E 661 -80.36 -4.84 -30.79
CA MET E 661 -81.71 -5.03 -30.26
C MET E 661 -82.56 -5.90 -31.18
N ASN E 662 -82.40 -5.75 -32.50
CA ASN E 662 -83.32 -6.34 -33.46
C ASN E 662 -82.92 -7.76 -33.88
N ALA E 663 -82.18 -8.49 -33.04
CA ALA E 663 -81.81 -9.85 -33.38
C ALA E 663 -82.97 -10.82 -33.13
N PRO E 664 -83.33 -11.63 -34.12
CA PRO E 664 -84.43 -12.59 -33.92
C PRO E 664 -84.06 -13.67 -32.91
N LYS E 665 -85.06 -14.49 -32.59
CA LYS E 665 -84.93 -15.44 -31.50
C LYS E 665 -83.84 -16.48 -31.77
N GLY E 666 -83.80 -17.02 -32.99
CA GLY E 666 -82.81 -18.03 -33.32
C GLY E 666 -81.40 -17.52 -33.23
N LEU E 667 -81.16 -16.31 -33.74
CA LEU E 667 -79.82 -15.72 -33.67
C LEU E 667 -79.40 -15.50 -32.21
N THR E 668 -80.32 -15.00 -31.38
CA THR E 668 -79.99 -14.78 -29.98
C THR E 668 -79.67 -16.10 -29.28
N ALA E 669 -80.46 -17.15 -29.54
CA ALA E 669 -80.20 -18.43 -28.90
C ALA E 669 -78.85 -18.99 -29.32
N ALA E 670 -78.56 -18.96 -30.63
CA ALA E 670 -77.28 -19.48 -31.12
C ALA E 670 -76.11 -18.70 -30.55
N SER E 671 -76.23 -17.36 -30.52
CA SER E 671 -75.15 -16.54 -29.99
C SER E 671 -74.94 -16.80 -28.50
N GLY E 672 -76.01 -16.92 -27.73
CA GLY E 672 -75.88 -17.21 -26.32
C GLY E 672 -75.21 -18.55 -26.05
N ILE E 673 -75.61 -19.59 -26.79
CA ILE E 673 -75.00 -20.89 -26.58
C ILE E 673 -73.54 -20.87 -27.00
N ASP E 674 -73.22 -20.17 -28.09
CA ASP E 674 -71.83 -20.07 -28.51
C ASP E 674 -70.99 -19.36 -27.45
N ALA E 675 -71.50 -18.29 -26.86
CA ALA E 675 -70.78 -17.59 -25.80
C ALA E 675 -70.61 -18.48 -24.58
N LEU E 676 -71.64 -19.24 -24.23
CA LEU E 676 -71.52 -20.16 -23.09
C LEU E 676 -70.43 -21.19 -23.34
N THR E 677 -70.39 -21.76 -24.55
CA THR E 677 -69.34 -22.72 -24.87
C THR E 677 -67.97 -22.08 -24.85
N HIS E 678 -67.86 -20.85 -25.36
CA HIS E 678 -66.59 -20.12 -25.29
C HIS E 678 -66.11 -19.99 -23.86
N ALA E 679 -66.99 -19.55 -22.96
CA ALA E 679 -66.62 -19.37 -21.57
C ALA E 679 -66.22 -20.69 -20.92
N LEU E 680 -67.00 -21.76 -21.18
CA LEU E 680 -66.70 -23.05 -20.57
C LEU E 680 -65.34 -23.57 -21.02
N GLU E 681 -65.08 -23.56 -22.34
CA GLU E 681 -63.80 -24.03 -22.82
C GLU E 681 -62.64 -23.15 -22.38
N ALA E 682 -62.86 -21.84 -22.28
CA ALA E 682 -61.80 -20.97 -21.77
C ALA E 682 -61.47 -21.30 -20.33
N TYR E 683 -62.50 -21.58 -19.51
CA TYR E 683 -62.23 -21.92 -18.11
C TYR E 683 -61.51 -23.25 -17.99
N VAL E 684 -61.95 -24.26 -18.75
CA VAL E 684 -61.41 -25.61 -18.58
C VAL E 684 -60.11 -25.82 -19.37
N SER E 685 -59.71 -24.85 -20.19
CA SER E 685 -58.57 -25.04 -21.08
C SER E 685 -57.29 -25.33 -20.32
N MET E 686 -56.31 -25.90 -21.03
CA MET E 686 -55.04 -26.24 -20.42
C MET E 686 -54.18 -25.00 -20.22
N LEU E 687 -54.26 -24.04 -21.13
CA LEU E 687 -53.54 -22.77 -21.01
C LEU E 687 -54.25 -21.77 -20.12
N ALA E 688 -55.38 -22.15 -19.53
CA ALA E 688 -56.16 -21.22 -18.73
C ALA E 688 -55.35 -20.73 -17.53
N THR E 689 -55.07 -19.44 -17.50
CA THR E 689 -54.37 -18.81 -16.39
C THR E 689 -55.39 -18.19 -15.46
N ASP E 690 -54.91 -17.72 -14.31
CA ASP E 690 -55.79 -17.16 -13.30
C ASP E 690 -56.41 -15.84 -13.77
N TYR E 691 -55.73 -15.12 -14.65
CA TYR E 691 -56.24 -13.84 -15.12
C TYR E 691 -57.53 -14.01 -15.94
N THR E 692 -57.79 -15.22 -16.43
CA THR E 692 -58.94 -15.47 -17.30
C THR E 692 -60.07 -16.21 -16.59
N ASP E 693 -59.76 -16.87 -15.47
CA ASP E 693 -60.77 -17.65 -14.77
C ASP E 693 -61.90 -16.77 -14.25
N SER E 694 -61.55 -15.58 -13.73
CA SER E 694 -62.57 -14.66 -13.23
C SER E 694 -63.53 -14.25 -14.34
N LEU E 695 -62.97 -13.89 -15.51
CA LEU E 695 -63.81 -13.51 -16.64
C LEU E 695 -64.68 -14.67 -17.08
N ALA E 696 -64.12 -15.87 -17.13
CA ALA E 696 -64.90 -17.04 -17.54
C ALA E 696 -66.07 -17.29 -16.59
N LEU E 697 -65.82 -17.23 -15.28
CA LEU E 697 -66.86 -17.46 -14.30
C LEU E 697 -67.94 -16.39 -14.39
N ARG E 698 -67.53 -15.13 -14.52
CA ARG E 698 -68.50 -14.04 -14.62
C ARG E 698 -69.37 -14.20 -15.86
N ALA E 699 -68.75 -14.56 -16.99
CA ALA E 699 -69.50 -14.75 -18.22
C ALA E 699 -70.49 -15.90 -18.09
N ILE E 700 -70.06 -17.00 -17.46
CA ILE E 700 -70.95 -18.15 -17.28
C ILE E 700 -72.15 -17.76 -16.44
N LYS E 701 -71.91 -17.06 -15.33
CA LYS E 701 -73.01 -16.62 -14.47
C LYS E 701 -73.96 -15.70 -15.23
N MET E 702 -73.41 -14.75 -15.98
CA MET E 702 -74.24 -13.82 -16.75
C MET E 702 -75.11 -14.56 -17.76
N ILE E 703 -74.52 -15.51 -18.49
CA ILE E 703 -75.22 -16.21 -19.55
C ILE E 703 -76.32 -17.08 -18.96
N PHE E 704 -76.02 -17.76 -17.85
CA PHE E 704 -77.03 -18.57 -17.18
C PHE E 704 -78.18 -17.74 -16.64
N GLU E 705 -77.91 -16.55 -16.07
CA GLU E 705 -78.94 -15.76 -15.42
C GLU E 705 -79.79 -14.94 -16.38
N TYR E 706 -79.26 -14.55 -17.55
CA TYR E 706 -79.98 -13.58 -18.39
C TYR E 706 -80.34 -14.07 -19.79
N LEU E 707 -79.86 -15.23 -20.24
CA LEU E 707 -80.18 -15.67 -21.61
C LEU E 707 -81.66 -15.91 -21.83
N PRO E 708 -82.39 -16.66 -20.97
CA PRO E 708 -83.82 -16.85 -21.22
C PRO E 708 -84.61 -15.56 -21.26
N ARG E 709 -84.26 -14.59 -20.42
CA ARG E 709 -84.99 -13.32 -20.41
C ARG E 709 -84.83 -12.57 -21.72
N ALA E 710 -83.63 -12.59 -22.29
CA ALA E 710 -83.42 -11.96 -23.59
C ALA E 710 -84.08 -12.76 -24.71
N TYR E 711 -84.11 -14.09 -24.58
CA TYR E 711 -84.69 -14.92 -25.63
C TYR E 711 -86.20 -14.77 -25.70
N GLU E 712 -86.88 -14.67 -24.55
CA GLU E 712 -88.34 -14.59 -24.55
C GLU E 712 -88.83 -13.16 -24.74
N ASN E 713 -88.41 -12.24 -23.87
CA ASN E 713 -88.91 -10.87 -23.94
C ASN E 713 -88.50 -10.19 -25.23
N GLY E 714 -87.25 -10.37 -25.65
CA GLY E 714 -86.77 -9.77 -26.88
C GLY E 714 -86.26 -8.36 -26.70
N ALA E 715 -86.49 -7.51 -27.68
CA ALA E 715 -86.01 -6.13 -27.65
C ALA E 715 -86.75 -5.26 -26.63
N SER E 716 -87.83 -5.75 -26.04
CA SER E 716 -88.57 -4.99 -25.05
C SER E 716 -87.89 -4.96 -23.68
N ASP E 717 -86.79 -5.70 -23.52
CA ASP E 717 -86.06 -5.77 -22.25
C ASP E 717 -84.60 -5.40 -22.53
N PRO E 718 -84.27 -4.10 -22.58
CA PRO E 718 -82.90 -3.70 -22.93
C PRO E 718 -81.86 -4.20 -21.96
N VAL E 719 -82.20 -4.37 -20.68
CA VAL E 719 -81.21 -4.81 -19.69
C VAL E 719 -80.67 -6.18 -20.04
N ALA E 720 -81.55 -7.11 -20.43
CA ALA E 720 -81.10 -8.45 -20.77
C ALA E 720 -80.17 -8.43 -21.97
N ARG E 721 -80.49 -7.64 -22.99
CA ARG E 721 -79.63 -7.56 -24.18
C ARG E 721 -78.28 -6.96 -23.83
N GLU E 722 -78.26 -5.90 -23.02
CA GLU E 722 -77.00 -5.30 -22.62
C GLU E 722 -76.14 -6.27 -21.83
N LYS E 723 -76.75 -6.99 -20.87
CA LYS E 723 -76.00 -7.96 -20.10
C LYS E 723 -75.49 -9.10 -20.97
N MET E 724 -76.29 -9.56 -21.94
CA MET E 724 -75.84 -10.62 -22.83
C MET E 724 -74.65 -10.15 -23.67
N ALA E 725 -74.71 -8.93 -24.19
CA ALA E 725 -73.59 -8.40 -24.97
C ALA E 725 -72.34 -8.29 -24.11
N ASN E 726 -72.48 -7.80 -22.88
CA ASN E 726 -71.33 -7.67 -21.98
C ASN E 726 -70.74 -9.04 -21.66
N ALA E 727 -71.59 -10.04 -21.40
CA ALA E 727 -71.10 -11.39 -21.14
C ALA E 727 -70.39 -11.96 -22.35
N ALA E 728 -70.92 -11.71 -23.55
CA ALA E 728 -70.28 -12.19 -24.76
C ALA E 728 -68.90 -11.58 -24.93
N THR E 729 -68.76 -10.28 -24.67
CA THR E 729 -67.45 -9.64 -24.77
C THR E 729 -66.48 -10.17 -23.71
N ILE E 730 -66.97 -10.39 -22.49
CA ILE E 730 -66.10 -10.90 -21.43
C ILE E 730 -65.60 -12.29 -21.78
N ALA E 731 -66.50 -13.17 -22.23
CA ALA E 731 -66.10 -14.50 -22.66
C ALA E 731 -65.20 -14.44 -23.88
N GLY E 732 -65.39 -13.43 -24.73
CA GLY E 732 -64.50 -13.25 -25.87
C GLY E 732 -63.07 -12.99 -25.45
N MET E 733 -62.89 -12.09 -24.48
CA MET E 733 -61.56 -11.88 -23.92
C MET E 733 -61.04 -13.15 -23.27
N ALA E 734 -61.90 -13.85 -22.54
CA ALA E 734 -61.48 -15.06 -21.82
C ALA E 734 -60.92 -16.10 -22.78
N PHE E 735 -61.61 -16.36 -23.89
CA PHE E 735 -61.09 -17.36 -24.82
C PHE E 735 -60.11 -16.78 -25.82
N ALA E 736 -59.95 -15.45 -25.86
CA ALA E 736 -58.84 -14.87 -26.61
C ALA E 736 -57.52 -15.14 -25.90
N ASN E 737 -57.52 -15.05 -24.57
CA ASN E 737 -56.26 -15.28 -23.84
C ASN E 737 -56.00 -16.77 -23.61
N ALA E 738 -57.06 -17.57 -23.53
CA ALA E 738 -56.95 -19.02 -23.36
C ALA E 738 -57.66 -19.73 -24.50
N PHE E 739 -56.94 -20.63 -25.18
CA PHE E 739 -57.46 -21.25 -26.38
C PHE E 739 -58.55 -22.26 -26.04
N LEU E 740 -59.23 -22.73 -27.09
CA LEU E 740 -60.44 -23.53 -26.95
C LEU E 740 -60.09 -24.99 -26.67
N GLY E 741 -61.09 -25.86 -26.77
CA GLY E 741 -60.90 -27.30 -26.61
C GLY E 741 -61.38 -28.08 -27.81
N VAL E 742 -61.80 -29.33 -27.58
CA VAL E 742 -62.19 -30.20 -28.68
C VAL E 742 -63.62 -29.93 -29.18
N CYS E 743 -64.47 -29.31 -28.36
CA CYS E 743 -65.85 -29.07 -28.76
C CYS E 743 -65.91 -28.17 -29.99
N HIS E 744 -65.07 -27.13 -30.03
CA HIS E 744 -65.03 -26.27 -31.21
C HIS E 744 -64.42 -27.00 -32.40
N SER E 745 -63.41 -27.84 -32.16
CA SER E 745 -62.82 -28.61 -33.24
C SER E 745 -63.84 -29.55 -33.88
N MET E 746 -64.86 -29.96 -33.12
CA MET E 746 -65.94 -30.77 -33.68
C MET E 746 -67.04 -29.91 -34.29
N ALA E 747 -67.39 -28.81 -33.64
CA ALA E 747 -68.48 -27.95 -34.11
C ALA E 747 -68.15 -27.27 -35.43
N HIS E 748 -66.88 -26.90 -35.64
CA HIS E 748 -66.49 -26.29 -36.90
C HIS E 748 -66.78 -27.23 -38.07
N LYS E 749 -66.35 -28.49 -37.95
CA LYS E 749 -66.60 -29.46 -38.99
C LYS E 749 -68.08 -29.80 -39.10
N LEU E 750 -68.80 -29.82 -37.97
CA LEU E 750 -70.24 -30.10 -38.03
C LEU E 750 -70.98 -29.02 -38.80
N GLY E 751 -70.64 -27.76 -38.56
CA GLY E 751 -71.24 -26.66 -39.30
C GLY E 751 -70.75 -26.52 -40.72
N ALA E 752 -69.56 -27.01 -41.03
CA ALA E 752 -69.06 -26.97 -42.41
C ALA E 752 -69.56 -28.13 -43.26
N PHE E 753 -69.91 -29.25 -42.66
CA PHE E 753 -70.38 -30.42 -43.42
C PHE E 753 -71.87 -30.42 -43.68
N TYR E 754 -72.68 -29.86 -42.77
CA TYR E 754 -74.13 -29.92 -42.90
C TYR E 754 -74.78 -28.53 -42.83
N HIS E 755 -73.99 -27.46 -42.91
CA HIS E 755 -74.49 -26.09 -43.02
C HIS E 755 -75.34 -25.66 -41.83
N LEU E 756 -75.16 -26.29 -40.67
CA LEU E 756 -75.87 -25.86 -39.48
C LEU E 756 -75.26 -24.57 -38.93
N PRO E 757 -76.04 -23.75 -38.24
CA PRO E 757 -75.48 -22.55 -37.62
C PRO E 757 -74.44 -22.90 -36.56
N HIS E 758 -73.51 -21.98 -36.35
CA HIS E 758 -72.38 -22.21 -35.46
C HIS E 758 -72.86 -22.48 -34.03
N GLY E 759 -73.81 -21.67 -33.55
CA GLY E 759 -74.27 -21.82 -32.18
C GLY E 759 -74.93 -23.16 -31.92
N VAL E 760 -75.83 -23.57 -32.81
CA VAL E 760 -76.50 -24.85 -32.62
C VAL E 760 -75.53 -26.00 -32.86
N ALA E 761 -74.50 -25.80 -33.69
CA ALA E 761 -73.48 -26.82 -33.86
C ALA E 761 -72.70 -27.01 -32.56
N ASN E 762 -72.40 -25.92 -31.87
CA ASN E 762 -71.73 -26.03 -30.58
C ASN E 762 -72.66 -26.61 -29.52
N ALA E 763 -73.96 -26.33 -29.63
CA ALA E 763 -74.92 -26.76 -28.62
C ALA E 763 -75.05 -28.27 -28.53
N LEU E 764 -74.88 -28.99 -29.63
CA LEU E 764 -75.17 -30.42 -29.69
C LEU E 764 -74.01 -31.28 -29.22
N MET E 765 -72.86 -30.69 -28.88
CA MET E 765 -71.68 -31.46 -28.53
C MET E 765 -71.13 -31.15 -27.15
N ILE E 766 -71.71 -30.18 -26.43
CA ILE E 766 -71.10 -29.72 -25.19
C ILE E 766 -71.18 -30.79 -24.11
N ASN E 767 -72.31 -31.49 -24.02
CA ASN E 767 -72.47 -32.49 -22.96
C ASN E 767 -71.48 -33.63 -23.12
N GLU E 768 -71.28 -34.09 -24.36
CA GLU E 768 -70.32 -35.16 -24.60
C GLU E 768 -68.91 -34.74 -24.23
N VAL E 769 -68.53 -33.50 -24.56
CA VAL E 769 -67.19 -33.03 -24.21
C VAL E 769 -67.04 -32.91 -22.70
N ILE E 770 -68.10 -32.45 -22.01
CA ILE E 770 -68.04 -32.33 -20.55
C ILE E 770 -67.85 -33.71 -19.93
N ARG E 771 -68.60 -34.70 -20.40
CA ARG E 771 -68.43 -36.06 -19.89
C ARG E 771 -67.09 -36.68 -20.28
N PHE E 772 -66.50 -36.24 -21.40
CA PHE E 772 -65.23 -36.78 -21.86
C PHE E 772 -64.05 -36.24 -21.06
N ASN E 773 -64.01 -34.91 -20.88
CA ASN E 773 -62.91 -34.30 -20.13
C ASN E 773 -62.89 -34.75 -18.69
N SER E 774 -64.06 -34.88 -18.06
CA SER E 774 -64.16 -35.32 -16.67
C SER E 774 -63.87 -36.81 -16.61
N SER E 775 -62.62 -37.16 -16.33
CA SER E 775 -62.23 -38.56 -16.20
C SER E 775 -60.95 -38.61 -15.38
N GLU E 776 -60.95 -39.39 -14.30
CA GLU E 776 -59.78 -39.48 -13.46
C GLU E 776 -58.64 -40.26 -14.11
N ALA E 777 -58.95 -41.18 -15.02
CA ALA E 777 -57.95 -42.03 -15.66
C ALA E 777 -58.14 -42.00 -17.17
N PRO E 778 -57.63 -40.96 -17.84
CA PRO E 778 -57.71 -40.90 -19.29
C PRO E 778 -56.57 -41.66 -19.95
N THR E 779 -56.83 -42.08 -21.20
CA THR E 779 -55.80 -42.79 -21.97
C THR E 779 -54.61 -41.89 -22.26
N LYS E 780 -54.88 -40.64 -22.62
CA LYS E 780 -53.83 -39.69 -22.97
C LYS E 780 -54.06 -38.38 -22.21
N MET E 781 -52.96 -37.71 -21.89
CA MET E 781 -53.00 -36.40 -21.25
C MET E 781 -52.62 -35.32 -22.26
N GLY E 782 -52.71 -34.07 -21.82
CA GLY E 782 -52.51 -32.94 -22.72
C GLY E 782 -51.09 -32.51 -22.97
N THR E 783 -50.12 -33.02 -22.22
CA THR E 783 -48.71 -32.74 -22.42
C THR E 783 -48.44 -31.23 -22.32
N PHE E 784 -48.64 -30.70 -21.12
CA PHE E 784 -48.31 -29.31 -20.83
C PHE E 784 -47.52 -29.25 -19.53
N PRO E 785 -46.54 -28.33 -19.43
CA PRO E 785 -45.70 -28.29 -18.22
C PRO E 785 -46.47 -28.09 -16.92
N GLN E 786 -47.51 -27.27 -16.91
CA GLN E 786 -48.22 -26.97 -15.68
C GLN E 786 -49.42 -27.87 -15.43
N TYR E 787 -49.94 -28.54 -16.46
CA TYR E 787 -51.03 -29.51 -16.31
C TYR E 787 -50.40 -30.83 -15.91
N ASP E 788 -49.98 -30.92 -14.64
CA ASP E 788 -49.20 -32.06 -14.17
C ASP E 788 -50.05 -33.26 -13.79
N HIS E 789 -51.36 -33.09 -13.64
CA HIS E 789 -52.24 -34.20 -13.35
C HIS E 789 -53.67 -33.83 -13.74
N PRO E 790 -54.52 -34.82 -14.02
CA PRO E 790 -55.92 -34.51 -14.39
C PRO E 790 -56.64 -33.76 -13.29
N ARG E 791 -57.12 -32.57 -13.62
CA ARG E 791 -57.82 -31.70 -12.68
C ARG E 791 -59.20 -31.28 -13.18
N THR E 792 -59.64 -31.80 -14.33
CA THR E 792 -60.81 -31.26 -15.00
C THR E 792 -62.08 -31.43 -14.16
N LEU E 793 -62.20 -32.55 -13.46
CA LEU E 793 -63.38 -32.77 -12.62
C LEU E 793 -63.48 -31.69 -11.55
N GLU E 794 -62.35 -31.30 -10.95
CA GLU E 794 -62.37 -30.25 -9.95
C GLU E 794 -62.76 -28.90 -10.57
N ARG E 795 -62.30 -28.62 -11.79
CA ARG E 795 -62.68 -27.36 -12.44
C ARG E 795 -64.18 -27.31 -12.73
N TYR E 796 -64.75 -28.43 -13.20
CA TYR E 796 -66.19 -28.45 -13.43
C TYR E 796 -66.97 -28.37 -12.12
N ALA E 797 -66.46 -28.98 -11.05
CA ALA E 797 -67.09 -28.84 -9.74
C ALA E 797 -67.06 -27.38 -9.27
N GLU E 798 -65.94 -26.69 -9.53
CA GLU E 798 -65.86 -25.27 -9.19
C GLU E 798 -66.88 -24.46 -9.98
N ILE E 799 -67.03 -24.76 -11.27
CA ILE E 799 -68.04 -24.08 -12.08
C ILE E 799 -69.43 -24.30 -11.49
N ALA E 800 -69.74 -25.55 -11.13
CA ALA E 800 -71.05 -25.86 -10.57
C ALA E 800 -71.27 -25.14 -9.24
N ASP E 801 -70.25 -25.11 -8.38
CA ASP E 801 -70.37 -24.43 -7.10
C ASP E 801 -70.58 -22.93 -7.28
N TYR E 802 -69.84 -22.32 -8.21
CA TYR E 802 -70.02 -20.89 -8.44
C TYR E 802 -71.40 -20.58 -8.99
N ILE E 803 -71.90 -21.41 -9.91
CA ILE E 803 -73.21 -21.13 -10.49
C ILE E 803 -74.33 -21.54 -9.53
N GLY E 804 -74.07 -22.47 -8.62
CA GLY E 804 -75.01 -22.75 -7.55
C GLY E 804 -75.93 -23.93 -7.74
N LEU E 805 -75.38 -25.10 -8.10
CA LEU E 805 -76.18 -26.31 -8.14
C LEU E 805 -76.15 -27.10 -6.83
N LYS E 806 -75.07 -26.95 -6.04
CA LYS E 806 -75.01 -27.49 -4.69
C LYS E 806 -75.21 -29.01 -4.67
N GLY E 807 -74.28 -29.71 -5.28
CA GLY E 807 -74.31 -31.17 -5.34
C GLY E 807 -73.48 -31.80 -4.24
N LYS E 808 -72.75 -32.84 -4.60
CA LYS E 808 -71.94 -33.58 -3.63
C LYS E 808 -70.79 -34.26 -4.35
N ASN E 809 -69.69 -34.47 -3.61
CA ASN E 809 -68.51 -35.25 -3.96
C ASN E 809 -67.96 -34.98 -5.37
N ASN E 810 -68.16 -33.78 -5.91
CA ASN E 810 -67.51 -33.33 -7.15
C ASN E 810 -67.99 -34.08 -8.38
N GLU E 811 -68.85 -35.08 -8.20
CA GLU E 811 -69.39 -35.82 -9.34
C GLU E 811 -70.85 -35.49 -9.60
N GLU E 812 -71.66 -35.44 -8.53
CA GLU E 812 -73.04 -35.01 -8.67
C GLU E 812 -73.14 -33.57 -9.15
N LYS E 813 -72.14 -32.75 -8.82
CA LYS E 813 -72.13 -31.38 -9.30
C LYS E 813 -71.97 -31.32 -10.82
N VAL E 814 -71.13 -32.19 -11.38
CA VAL E 814 -70.97 -32.23 -12.83
C VAL E 814 -72.27 -32.67 -13.50
N GLU E 815 -72.94 -33.67 -12.94
CA GLU E 815 -74.21 -34.11 -13.50
C GLU E 815 -75.26 -33.00 -13.40
N ASN E 816 -75.26 -32.26 -12.29
CA ASN E 816 -76.18 -31.15 -12.15
C ASN E 816 -75.89 -30.07 -13.18
N LEU E 817 -74.61 -29.80 -13.45
CA LEU E 817 -74.26 -28.82 -14.47
C LEU E 817 -74.71 -29.29 -15.86
N ILE E 818 -74.54 -30.58 -16.15
CA ILE E 818 -75.00 -31.11 -17.43
C ILE E 818 -76.51 -30.95 -17.56
N LYS E 819 -77.25 -31.29 -16.50
CA LYS E 819 -78.71 -31.15 -16.54
C LYS E 819 -79.11 -29.69 -16.69
N ALA E 820 -78.42 -28.78 -16.01
CA ALA E 820 -78.73 -27.36 -16.15
C ALA E 820 -78.48 -26.88 -17.57
N ILE E 821 -77.39 -27.33 -18.19
CA ILE E 821 -77.12 -26.94 -19.57
C ILE E 821 -78.18 -27.50 -20.51
N ASP E 822 -78.64 -28.73 -20.26
CA ASP E 822 -79.71 -29.29 -21.07
C ASP E 822 -81.00 -28.51 -20.91
N GLU E 823 -81.32 -28.10 -19.68
CA GLU E 823 -82.51 -27.29 -19.46
C GLU E 823 -82.40 -25.94 -20.16
N LEU E 824 -81.22 -25.32 -20.12
CA LEU E 824 -81.02 -24.06 -20.82
C LEU E 824 -81.19 -24.23 -22.32
N LYS E 825 -80.68 -25.34 -22.87
CA LYS E 825 -80.90 -25.63 -24.29
C LYS E 825 -82.38 -25.79 -24.60
N GLU E 826 -83.11 -26.45 -23.70
CA GLU E 826 -84.55 -26.61 -23.89
C GLU E 826 -85.26 -25.25 -23.89
N LYS E 827 -84.88 -24.36 -22.99
CA LYS E 827 -85.57 -23.08 -22.85
C LYS E 827 -85.30 -22.14 -24.03
N VAL E 828 -84.27 -22.40 -24.83
CA VAL E 828 -83.92 -21.51 -25.93
C VAL E 828 -84.30 -22.13 -27.28
N GLY E 829 -84.95 -23.29 -27.27
CA GLY E 829 -85.40 -23.89 -28.51
C GLY E 829 -84.33 -24.60 -29.31
N ILE E 830 -83.33 -25.17 -28.65
CA ILE E 830 -82.32 -25.98 -29.32
C ILE E 830 -82.73 -27.44 -29.23
N ARG E 831 -82.81 -28.09 -30.39
CA ARG E 831 -83.26 -29.48 -30.41
C ARG E 831 -82.25 -30.40 -29.74
N LYS E 832 -82.75 -31.55 -29.28
CA LYS E 832 -81.97 -32.41 -28.40
C LYS E 832 -80.81 -33.10 -29.13
N THR E 833 -81.02 -33.56 -30.36
CA THR E 833 -80.08 -34.43 -31.02
C THR E 833 -79.88 -33.98 -32.47
N ILE E 834 -78.74 -34.38 -33.04
CA ILE E 834 -78.43 -34.02 -34.42
C ILE E 834 -79.45 -34.64 -35.38
N LYS E 835 -79.92 -35.85 -35.06
CA LYS E 835 -80.91 -36.51 -35.91
C LYS E 835 -82.17 -35.67 -36.07
N ASP E 836 -82.50 -34.87 -35.07
CA ASP E 836 -83.68 -34.01 -35.14
C ASP E 836 -83.52 -32.86 -36.11
N TYR E 837 -82.32 -32.64 -36.65
CA TYR E 837 -82.06 -31.59 -37.63
C TYR E 837 -82.12 -32.10 -39.06
N ASP E 838 -82.79 -33.24 -39.29
CA ASP E 838 -83.04 -33.78 -40.63
C ASP E 838 -81.73 -34.09 -41.36
N ILE E 839 -80.97 -35.01 -40.78
CA ILE E 839 -79.71 -35.48 -41.36
C ILE E 839 -79.86 -36.96 -41.68
N ASP E 840 -79.62 -37.33 -42.94
CA ASP E 840 -79.72 -38.72 -43.36
C ASP E 840 -78.64 -39.56 -42.69
N GLU E 841 -79.03 -40.77 -42.27
CA GLU E 841 -78.11 -41.63 -41.53
C GLU E 841 -77.05 -42.25 -42.43
N LYS E 842 -77.42 -42.66 -43.64
CA LYS E 842 -76.45 -43.31 -44.52
C LYS E 842 -75.35 -42.35 -44.94
N GLU E 843 -75.71 -41.14 -45.36
CA GLU E 843 -74.71 -40.12 -45.68
C GLU E 843 -73.88 -39.77 -44.46
N PHE E 844 -74.52 -39.73 -43.28
CA PHE E 844 -73.80 -39.50 -42.04
C PHE E 844 -72.69 -40.53 -41.84
N LEU E 845 -73.03 -41.82 -41.94
CA LEU E 845 -72.05 -42.86 -41.70
C LEU E 845 -71.01 -42.94 -42.82
N ASP E 846 -71.36 -42.53 -44.04
CA ASP E 846 -70.40 -42.47 -45.13
C ASP E 846 -69.38 -41.35 -44.95
N ARG E 847 -69.80 -40.18 -44.46
CA ARG E 847 -68.88 -39.07 -44.23
C ARG E 847 -68.24 -39.05 -42.85
N LEU E 848 -68.62 -39.97 -41.94
CA LEU E 848 -68.09 -39.93 -40.59
C LEU E 848 -66.57 -40.08 -40.55
N ASP E 849 -66.02 -40.95 -41.37
CA ASP E 849 -64.58 -41.21 -41.32
C ASP E 849 -63.81 -39.97 -41.72
N GLU E 850 -64.17 -39.36 -42.85
CA GLU E 850 -63.50 -38.14 -43.29
C GLU E 850 -63.70 -37.02 -42.28
N MET E 851 -64.90 -36.94 -41.69
CA MET E 851 -65.14 -35.87 -40.74
C MET E 851 -64.31 -36.03 -39.47
N VAL E 852 -64.15 -37.27 -38.99
CA VAL E 852 -63.30 -37.51 -37.83
C VAL E 852 -61.85 -37.18 -38.15
N GLU E 853 -61.38 -37.58 -39.34
CA GLU E 853 -60.02 -37.29 -39.73
C GLU E 853 -59.76 -35.80 -39.78
N GLN E 854 -60.72 -35.02 -40.30
CA GLN E 854 -60.58 -33.57 -40.30
C GLN E 854 -60.70 -32.99 -38.89
N ALA E 855 -61.53 -33.57 -38.03
CA ALA E 855 -61.72 -33.05 -36.68
C ALA E 855 -60.47 -33.21 -35.84
N PHE E 856 -59.77 -34.34 -35.98
CA PHE E 856 -58.52 -34.51 -35.24
C PHE E 856 -57.48 -33.48 -35.67
N ASP E 857 -57.40 -33.22 -36.97
CA ASP E 857 -56.45 -32.24 -37.52
C ASP E 857 -57.08 -30.84 -37.49
N ASP E 858 -57.10 -30.27 -36.29
CA ASP E 858 -57.60 -28.92 -36.06
C ASP E 858 -56.68 -28.22 -35.06
N GLN E 859 -56.69 -26.89 -35.05
CA GLN E 859 -55.89 -26.12 -34.12
C GLN E 859 -56.41 -26.14 -32.69
N CYS E 860 -57.73 -26.26 -32.51
CA CYS E 860 -58.32 -26.18 -31.17
C CYS E 860 -58.06 -27.41 -30.31
N THR E 861 -57.81 -28.57 -30.92
CA THR E 861 -57.63 -29.79 -30.13
C THR E 861 -56.27 -29.84 -29.43
N GLY E 862 -55.35 -28.92 -29.75
CA GLY E 862 -54.05 -28.94 -29.12
C GLY E 862 -54.09 -28.61 -27.64
N THR E 863 -54.96 -27.70 -27.24
CA THR E 863 -55.03 -27.22 -25.86
C THR E 863 -56.06 -27.97 -25.03
N ASN E 864 -56.68 -29.01 -25.56
CA ASN E 864 -57.67 -29.75 -24.80
C ASN E 864 -56.98 -30.55 -23.70
N PRO E 865 -57.57 -30.63 -22.50
CA PRO E 865 -56.90 -31.32 -21.39
C PRO E 865 -56.69 -32.81 -21.61
N ARG E 866 -57.43 -33.42 -22.54
CA ARG E 866 -57.42 -34.86 -22.70
C ARG E 866 -56.69 -35.35 -23.94
N TYR E 867 -56.56 -34.54 -24.99
CA TYR E 867 -55.93 -34.95 -26.24
C TYR E 867 -56.66 -36.16 -26.83
N PRO E 868 -57.88 -35.95 -27.36
CA PRO E 868 -58.69 -37.10 -27.80
C PRO E 868 -58.05 -37.85 -28.95
N LEU E 869 -58.28 -39.16 -28.96
CA LEU E 869 -57.91 -40.02 -30.08
C LEU E 869 -59.02 -40.06 -31.12
N MET E 870 -58.71 -40.67 -32.27
CA MET E 870 -59.69 -40.70 -33.35
C MET E 870 -60.87 -41.60 -33.03
N ASN E 871 -60.61 -42.78 -32.44
CA ASN E 871 -61.70 -43.67 -32.09
C ASN E 871 -62.60 -43.06 -31.03
N GLU E 872 -62.02 -42.36 -30.05
CA GLU E 872 -62.82 -41.67 -29.04
C GLU E 872 -63.64 -40.56 -29.66
N ILE E 873 -63.07 -39.83 -30.62
CA ILE E 873 -63.82 -38.80 -31.33
C ILE E 873 -65.01 -39.40 -32.05
N ARG E 874 -64.80 -40.52 -32.75
CA ARG E 874 -65.88 -41.17 -33.46
C ARG E 874 -66.97 -41.65 -32.50
N GLN E 875 -66.57 -42.27 -31.39
CA GLN E 875 -67.54 -42.77 -30.43
C GLN E 875 -68.36 -41.64 -29.84
N MET E 876 -67.70 -40.54 -29.46
CA MET E 876 -68.42 -39.41 -28.89
C MET E 876 -69.36 -38.77 -29.90
N TYR E 877 -68.95 -38.66 -31.15
CA TYR E 877 -69.78 -37.97 -32.12
C TYR E 877 -70.97 -38.84 -32.53
N LEU E 878 -70.78 -40.17 -32.58
CA LEU E 878 -71.91 -41.07 -32.72
C LEU E 878 -72.85 -41.01 -31.53
N ASN E 879 -72.31 -40.89 -30.31
CA ASN E 879 -73.18 -40.73 -29.14
C ASN E 879 -74.00 -39.46 -29.25
N ALA E 880 -73.39 -38.38 -29.72
CA ALA E 880 -74.12 -37.12 -29.88
C ALA E 880 -75.16 -37.20 -31.00
N TYR E 881 -74.91 -37.98 -32.04
CA TYR E 881 -75.90 -38.13 -33.11
C TYR E 881 -77.03 -39.07 -32.75
N TYR E 882 -76.79 -40.09 -31.93
CA TYR E 882 -77.82 -41.05 -31.56
C TYR E 882 -78.56 -40.69 -30.27
N GLY E 883 -77.89 -40.04 -29.32
CA GLY E 883 -78.51 -39.68 -28.06
C GLY E 883 -78.07 -40.57 -26.91
N LEU F 472 -68.04 4.60 -20.34
CA LEU F 472 -66.99 3.83 -19.67
C LEU F 472 -66.00 3.28 -20.69
N TRP F 473 -64.89 2.74 -20.20
CA TRP F 473 -63.85 2.20 -21.05
C TRP F 473 -63.01 1.22 -20.23
N PHE F 474 -62.27 0.38 -20.93
CA PHE F 474 -61.38 -0.60 -20.29
C PHE F 474 -60.04 -0.54 -21.00
N ARG F 475 -59.03 -0.01 -20.31
CA ARG F 475 -57.69 0.16 -20.87
C ARG F 475 -56.66 -0.46 -19.94
N THR F 476 -55.82 -1.33 -20.49
CA THR F 476 -54.72 -1.98 -19.79
C THR F 476 -53.48 -1.92 -20.64
N PRO F 477 -52.29 -1.96 -20.05
CA PRO F 477 -51.07 -2.04 -20.84
C PRO F 477 -51.02 -3.33 -21.65
N GLU F 478 -50.53 -3.22 -22.88
CA GLU F 478 -50.41 -4.38 -23.74
C GLU F 478 -49.24 -5.25 -23.31
N LYS F 479 -49.29 -6.53 -23.68
CA LYS F 479 -48.22 -7.49 -23.43
C LYS F 479 -47.90 -7.61 -21.94
N ILE F 480 -48.88 -8.06 -21.19
CA ILE F 480 -48.66 -8.46 -19.80
C ILE F 480 -48.17 -9.90 -19.79
N TYR F 481 -47.03 -10.14 -19.14
CA TYR F 481 -46.38 -11.44 -19.16
C TYR F 481 -46.32 -12.02 -17.76
N ILE F 482 -46.65 -13.30 -17.64
CA ILE F 482 -46.90 -13.97 -16.38
C ILE F 482 -45.99 -15.20 -16.30
N LYS F 483 -45.88 -15.77 -15.09
CA LYS F 483 -45.22 -17.05 -14.78
C LYS F 483 -43.73 -16.88 -14.53
N ARG F 484 -43.15 -17.82 -13.80
CA ARG F 484 -41.76 -17.71 -13.34
C ARG F 484 -40.79 -17.85 -14.49
N GLY F 485 -39.61 -17.27 -14.32
CA GLY F 485 -38.56 -17.38 -15.31
C GLY F 485 -38.88 -16.72 -16.63
N CYS F 486 -39.84 -15.79 -16.63
CA CYS F 486 -40.27 -15.13 -17.85
C CYS F 486 -39.49 -13.86 -18.15
N LEU F 487 -38.61 -13.42 -17.26
CA LEU F 487 -37.86 -12.19 -17.50
C LEU F 487 -36.95 -12.29 -18.72
N PRO F 488 -36.08 -13.30 -18.86
CA PRO F 488 -35.24 -13.35 -20.07
C PRO F 488 -36.03 -13.64 -21.33
N VAL F 489 -37.06 -14.50 -21.24
CA VAL F 489 -37.88 -14.79 -22.41
C VAL F 489 -38.61 -13.54 -22.88
N ALA F 490 -39.14 -12.75 -21.93
CA ALA F 490 -39.78 -11.49 -22.30
C ALA F 490 -38.78 -10.50 -22.87
N LEU F 491 -37.58 -10.44 -22.27
CA LEU F 491 -36.56 -9.52 -22.76
C LEU F 491 -36.02 -9.90 -24.13
N ASP F 492 -36.18 -11.17 -24.53
CA ASP F 492 -35.82 -11.58 -25.88
C ASP F 492 -36.51 -10.74 -26.96
N GLU F 493 -37.71 -10.24 -26.67
CA GLU F 493 -38.46 -9.48 -27.66
C GLU F 493 -37.83 -8.13 -27.97
N LEU F 494 -36.88 -7.68 -27.15
CA LEU F 494 -36.25 -6.38 -27.39
C LEU F 494 -35.39 -6.39 -28.64
N LYS F 495 -34.78 -7.53 -28.96
CA LYS F 495 -33.88 -7.63 -30.10
C LYS F 495 -34.53 -8.34 -31.29
N ASN F 496 -35.08 -9.53 -31.05
CA ASN F 496 -35.60 -10.35 -32.14
C ASN F 496 -36.77 -9.68 -32.83
N VAL F 497 -37.67 -9.07 -32.08
CA VAL F 497 -38.88 -8.50 -32.65
C VAL F 497 -38.82 -6.98 -32.74
N MET F 498 -38.32 -6.32 -31.70
CA MET F 498 -38.36 -4.87 -31.61
C MET F 498 -37.11 -4.21 -32.16
N GLY F 499 -35.93 -4.74 -31.87
CA GLY F 499 -34.69 -4.20 -32.39
C GLY F 499 -34.15 -2.98 -31.69
N LYS F 500 -34.47 -2.79 -30.41
CA LYS F 500 -33.95 -1.64 -29.68
C LYS F 500 -32.45 -1.80 -29.44
N LYS F 501 -31.80 -0.68 -29.16
CA LYS F 501 -30.34 -0.65 -29.05
C LYS F 501 -29.87 -0.10 -27.70
N LYS F 502 -30.59 0.87 -27.16
CA LYS F 502 -30.17 1.57 -25.95
C LYS F 502 -31.20 1.36 -24.85
N ALA F 503 -30.73 1.06 -23.65
CA ALA F 503 -31.61 0.81 -22.51
C ALA F 503 -31.19 1.67 -21.32
N PHE F 504 -32.19 2.13 -20.57
CA PHE F 504 -31.98 2.99 -19.39
C PHE F 504 -32.72 2.36 -18.23
N ILE F 505 -31.99 1.66 -17.36
CA ILE F 505 -32.59 1.05 -16.18
C ILE F 505 -32.76 2.11 -15.09
N VAL F 506 -33.95 2.18 -14.51
CA VAL F 506 -34.24 3.02 -13.36
C VAL F 506 -34.59 2.11 -12.19
N THR F 507 -33.83 2.22 -11.11
CA THR F 507 -33.97 1.29 -9.99
C THR F 507 -33.84 2.08 -8.69
N ASP F 508 -33.66 1.34 -7.59
CA ASP F 508 -33.56 1.90 -6.25
C ASP F 508 -32.18 1.59 -5.68
N ASN F 509 -31.71 2.48 -4.82
CA ASN F 509 -30.38 2.33 -4.22
C ASN F 509 -30.31 1.04 -3.40
N PHE F 510 -31.34 0.76 -2.61
CA PHE F 510 -31.38 -0.47 -1.83
C PHE F 510 -31.33 -1.69 -2.73
N LEU F 511 -32.13 -1.68 -3.81
CA LEU F 511 -32.14 -2.82 -4.73
C LEU F 511 -30.84 -2.90 -5.52
N TYR F 512 -30.31 -1.75 -5.96
CA TYR F 512 -29.08 -1.77 -6.76
C TYR F 512 -27.89 -2.25 -5.94
N ASN F 513 -27.80 -1.88 -4.67
CA ASN F 513 -26.65 -2.28 -3.86
C ASN F 513 -26.57 -3.79 -3.71
N ASN F 514 -27.70 -4.47 -3.50
CA ASN F 514 -27.70 -5.92 -3.39
C ASN F 514 -27.60 -6.62 -4.73
N GLY F 515 -27.72 -5.89 -5.84
CA GLY F 515 -27.59 -6.48 -7.15
C GLY F 515 -28.87 -7.10 -7.68
N TYR F 516 -29.97 -6.35 -7.60
CA TYR F 516 -31.25 -6.84 -8.13
C TYR F 516 -31.39 -6.61 -9.62
N THR F 517 -30.52 -5.79 -10.23
CA THR F 517 -30.52 -5.58 -11.66
C THR F 517 -29.50 -6.45 -12.38
N LYS F 518 -28.83 -7.34 -11.66
CA LYS F 518 -27.80 -8.19 -12.27
C LYS F 518 -28.35 -9.09 -13.37
N PRO F 519 -29.45 -9.83 -13.18
CA PRO F 519 -29.97 -10.64 -14.30
C PRO F 519 -30.35 -9.82 -15.51
N ILE F 520 -30.91 -8.62 -15.31
CA ILE F 520 -31.34 -7.80 -16.44
C ILE F 520 -30.14 -7.31 -17.23
N THR F 521 -29.10 -6.83 -16.53
CA THR F 521 -27.91 -6.36 -17.22
C THR F 521 -27.17 -7.51 -17.89
N ASP F 522 -27.16 -8.68 -17.26
CA ASP F 522 -26.54 -9.85 -17.89
C ASP F 522 -27.28 -10.23 -19.16
N LYS F 523 -28.61 -10.19 -19.13
CA LYS F 523 -29.39 -10.53 -20.31
C LYS F 523 -29.17 -9.49 -21.42
N LEU F 524 -29.16 -8.22 -21.07
CA LEU F 524 -28.94 -7.18 -22.08
C LEU F 524 -27.53 -7.24 -22.66
N ASP F 525 -26.59 -7.83 -21.92
CA ASP F 525 -25.24 -7.99 -22.45
C ASP F 525 -25.17 -9.13 -23.46
N GLU F 526 -25.99 -10.17 -23.27
CA GLU F 526 -26.04 -11.26 -24.24
C GLU F 526 -26.49 -10.78 -25.61
N MET F 527 -27.21 -9.67 -25.68
CA MET F 527 -27.60 -9.03 -26.92
C MET F 527 -26.75 -7.78 -27.12
N GLY F 528 -26.78 -7.24 -28.34
CA GLY F 528 -26.01 -6.05 -28.63
C GLY F 528 -26.68 -4.77 -28.17
N ILE F 529 -27.01 -4.70 -26.88
CA ILE F 529 -27.72 -3.58 -26.30
C ILE F 529 -26.83 -2.94 -25.24
N VAL F 530 -26.63 -1.63 -25.33
CA VAL F 530 -25.89 -0.89 -24.32
C VAL F 530 -26.87 -0.29 -23.32
N HIS F 531 -26.53 -0.35 -22.04
CA HIS F 531 -27.44 0.03 -20.97
C HIS F 531 -26.77 1.01 -20.03
N LYS F 532 -27.60 1.87 -19.43
CA LYS F 532 -27.17 2.82 -18.42
C LYS F 532 -28.12 2.75 -17.23
N THR F 533 -27.57 2.69 -16.02
CA THR F 533 -28.35 2.50 -14.81
C THR F 533 -28.40 3.80 -14.02
N PHE F 534 -29.56 4.12 -13.47
CA PHE F 534 -29.75 5.30 -12.62
C PHE F 534 -30.43 4.88 -11.33
N PHE F 535 -29.67 4.92 -10.23
CA PHE F 535 -30.16 4.40 -8.96
C PHE F 535 -30.33 5.49 -7.90
N ASP F 536 -30.29 6.76 -8.26
CA ASP F 536 -30.41 7.85 -7.28
C ASP F 536 -31.88 8.21 -7.05
N VAL F 537 -32.63 7.22 -6.58
CA VAL F 537 -34.05 7.37 -6.27
C VAL F 537 -34.26 6.95 -4.82
N SER F 538 -34.95 7.79 -4.05
CA SER F 538 -35.21 7.54 -2.65
C SER F 538 -36.70 7.27 -2.41
N PRO F 539 -37.04 6.59 -1.33
CA PRO F 539 -38.45 6.43 -0.98
C PRO F 539 -39.11 7.79 -0.80
N ASP F 540 -40.40 7.86 -1.15
CA ASP F 540 -41.10 9.13 -1.32
C ASP F 540 -40.30 9.99 -2.30
N PRO F 541 -40.30 9.62 -3.58
CA PRO F 541 -39.41 10.30 -4.55
C PRO F 541 -39.74 11.77 -4.70
N SER F 542 -38.74 12.62 -4.51
CA SER F 542 -38.90 14.05 -4.67
C SER F 542 -38.73 14.44 -6.13
N LEU F 543 -39.03 15.72 -6.42
CA LEU F 543 -38.93 16.21 -7.79
C LEU F 543 -37.49 16.32 -8.26
N ALA F 544 -36.54 16.54 -7.33
CA ALA F 544 -35.15 16.71 -7.72
C ALA F 544 -34.60 15.45 -8.38
N SER F 545 -34.92 14.28 -7.83
CA SER F 545 -34.48 13.02 -8.44
C SER F 545 -35.08 12.85 -9.82
N ALA F 546 -36.36 13.22 -9.99
CA ALA F 546 -36.99 13.13 -11.30
C ALA F 546 -36.30 14.04 -12.31
N LYS F 547 -35.96 15.27 -11.91
CA LYS F 547 -35.27 16.18 -12.82
C LYS F 547 -33.88 15.65 -13.17
N ALA F 548 -33.17 15.10 -12.19
CA ALA F 548 -31.85 14.53 -12.47
C ALA F 548 -31.96 13.37 -13.45
N GLY F 549 -32.94 12.49 -13.24
CA GLY F 549 -33.13 11.38 -14.17
C GLY F 549 -33.50 11.84 -15.56
N ALA F 550 -34.35 12.87 -15.67
CA ALA F 550 -34.71 13.39 -16.97
C ALA F 550 -33.50 13.99 -17.68
N ALA F 551 -32.65 14.71 -16.95
CA ALA F 551 -31.44 15.26 -17.54
C ALA F 551 -30.51 14.14 -18.02
N GLU F 552 -30.35 13.10 -17.20
CA GLU F 552 -29.50 11.98 -17.60
C GLU F 552 -30.04 11.29 -18.85
N MET F 553 -31.36 11.09 -18.91
CA MET F 553 -31.95 10.49 -20.10
C MET F 553 -31.76 11.36 -21.33
N LEU F 554 -31.96 12.67 -21.19
CA LEU F 554 -31.74 13.58 -22.31
C LEU F 554 -30.30 13.56 -22.78
N ALA F 555 -29.36 13.35 -21.85
CA ALA F 555 -27.96 13.25 -22.23
C ALA F 555 -27.63 11.92 -22.88
N PHE F 556 -28.33 10.84 -22.47
CA PHE F 556 -28.01 9.50 -22.95
C PHE F 556 -28.77 9.12 -24.22
N GLN F 557 -29.95 9.69 -24.44
CA GLN F 557 -30.79 9.43 -25.61
C GLN F 557 -31.10 7.95 -25.76
N PRO F 558 -31.92 7.37 -24.88
CA PRO F 558 -32.20 5.94 -24.96
C PRO F 558 -33.41 5.63 -25.84
N ASP F 559 -33.52 4.35 -26.20
CA ASP F 559 -34.67 3.85 -26.95
C ASP F 559 -35.74 3.25 -26.05
N THR F 560 -35.34 2.58 -24.97
CA THR F 560 -36.30 1.98 -24.04
C THR F 560 -35.92 2.38 -22.62
N ILE F 561 -36.92 2.47 -21.75
CA ILE F 561 -36.75 2.80 -20.35
C ILE F 561 -37.33 1.67 -19.52
N ILE F 562 -36.49 1.05 -18.69
CA ILE F 562 -36.88 -0.10 -17.88
C ILE F 562 -36.87 0.33 -16.42
N ALA F 563 -38.06 0.28 -15.80
CA ALA F 563 -38.20 0.53 -14.37
C ALA F 563 -38.21 -0.80 -13.65
N VAL F 564 -37.43 -0.90 -12.57
CA VAL F 564 -37.18 -2.19 -11.94
C VAL F 564 -37.66 -2.15 -10.49
N GLY F 565 -37.66 -0.96 -9.89
CA GLY F 565 -37.98 -0.80 -8.49
C GLY F 565 -39.46 -0.98 -8.20
N GLY F 566 -39.81 -0.72 -6.94
CA GLY F 566 -41.15 -0.90 -6.42
C GLY F 566 -42.11 0.18 -6.90
N GLY F 567 -43.13 0.45 -6.09
CA GLY F 567 -44.16 1.39 -6.49
C GLY F 567 -43.65 2.81 -6.66
N SER F 568 -42.82 3.26 -5.72
CA SER F 568 -42.30 4.63 -5.78
C SER F 568 -41.31 4.79 -6.94
N ALA F 569 -40.46 3.79 -7.15
CA ALA F 569 -39.50 3.86 -8.25
C ALA F 569 -40.21 3.90 -9.60
N MET F 570 -41.30 3.16 -9.74
CA MET F 570 -42.09 3.23 -10.97
C MET F 570 -42.71 4.60 -11.18
N ASP F 571 -43.21 5.22 -10.11
CA ASP F 571 -43.74 6.58 -10.23
C ASP F 571 -42.66 7.55 -10.68
N ALA F 572 -41.48 7.44 -10.08
CA ALA F 572 -40.37 8.31 -10.46
C ALA F 572 -39.99 8.09 -11.93
N ALA F 573 -39.91 6.82 -12.35
CA ALA F 573 -39.55 6.51 -13.73
C ALA F 573 -40.59 7.02 -14.70
N LYS F 574 -41.88 6.89 -14.35
CA LYS F 574 -42.94 7.41 -15.20
C LYS F 574 -42.82 8.92 -15.35
N ILE F 575 -42.55 9.63 -14.26
CA ILE F 575 -42.41 11.07 -14.32
C ILE F 575 -41.21 11.46 -15.18
N MET F 576 -40.09 10.74 -15.01
CA MET F 576 -38.91 11.00 -15.83
C MET F 576 -39.19 10.76 -17.30
N TRP F 577 -39.93 9.69 -17.62
CA TRP F 577 -40.27 9.41 -19.01
C TRP F 577 -41.14 10.51 -19.60
N VAL F 578 -42.12 10.98 -18.82
CA VAL F 578 -42.98 12.07 -19.30
C VAL F 578 -42.16 13.31 -19.56
N MET F 579 -41.26 13.67 -18.65
CA MET F 579 -40.43 14.85 -18.87
C MET F 579 -39.48 14.68 -20.05
N TYR F 580 -38.89 13.50 -20.20
CA TYR F 580 -37.93 13.27 -21.28
C TYR F 580 -38.62 13.32 -22.63
N GLU F 581 -39.81 12.74 -22.76
CA GLU F 581 -40.52 12.78 -24.03
C GLU F 581 -40.90 14.21 -24.41
N HIS F 582 -41.37 14.99 -23.44
CA HIS F 582 -41.75 16.38 -23.70
C HIS F 582 -41.02 17.29 -22.72
N PRO F 583 -39.91 17.91 -23.14
CA PRO F 583 -39.11 18.70 -22.20
C PRO F 583 -39.70 20.07 -21.85
N GLU F 584 -40.95 20.34 -22.22
CA GLU F 584 -41.60 21.60 -21.91
C GLU F 584 -42.81 21.44 -21.01
N VAL F 585 -42.87 20.36 -20.23
CA VAL F 585 -44.03 20.08 -19.39
C VAL F 585 -43.82 20.75 -18.03
N ASP F 586 -44.76 21.59 -17.63
CA ASP F 586 -44.74 22.16 -16.29
C ASP F 586 -45.28 21.15 -15.28
N PHE F 587 -44.54 20.96 -14.19
CA PHE F 587 -44.95 20.03 -13.15
C PHE F 587 -45.82 20.71 -12.11
N GLY F 608 -45.20 8.56 -26.85
CA GLY F 608 -44.26 7.47 -26.91
C GLY F 608 -43.50 7.40 -28.22
N GLN F 609 -43.20 8.56 -28.79
CA GLN F 609 -42.47 8.62 -30.05
C GLN F 609 -40.99 8.32 -29.85
N LYS F 610 -40.46 8.58 -28.66
CA LYS F 610 -39.03 8.44 -28.42
C LYS F 610 -38.66 7.20 -27.62
N ALA F 611 -39.51 6.76 -26.69
CA ALA F 611 -39.11 5.75 -25.73
C ALA F 611 -40.17 4.66 -25.63
N TYR F 612 -39.75 3.51 -25.11
CA TYR F 612 -40.61 2.35 -24.87
C TYR F 612 -40.46 1.96 -23.41
N PHE F 613 -41.55 2.07 -22.65
CA PHE F 613 -41.50 1.90 -21.20
C PHE F 613 -41.83 0.46 -20.83
N ILE F 614 -40.96 -0.14 -20.02
CA ILE F 614 -41.15 -1.49 -19.48
C ILE F 614 -41.10 -1.38 -17.97
N ALA F 615 -42.05 -2.03 -17.29
CA ALA F 615 -42.14 -2.01 -15.83
C ALA F 615 -42.02 -3.43 -15.28
N ILE F 616 -41.11 -3.60 -14.33
CA ILE F 616 -40.88 -4.90 -13.70
C ILE F 616 -41.09 -4.76 -12.20
N PRO F 617 -42.20 -5.23 -11.65
CA PRO F 617 -42.43 -5.09 -10.20
C PRO F 617 -41.45 -5.92 -9.38
N THR F 618 -41.09 -5.41 -8.20
CA THR F 618 -40.27 -6.14 -7.24
C THR F 618 -40.99 -6.33 -5.91
N SER F 619 -42.19 -5.78 -5.75
CA SER F 619 -43.02 -5.99 -4.58
C SER F 619 -44.43 -6.33 -5.02
N ALA F 620 -45.02 -7.34 -4.38
CA ALA F 620 -46.34 -7.84 -4.78
C ALA F 620 -47.45 -7.16 -4.00
N GLY F 621 -47.42 -5.83 -3.98
CA GLY F 621 -48.50 -5.12 -3.29
C GLY F 621 -48.96 -3.81 -3.89
N THR F 622 -48.37 -3.37 -5.00
CA THR F 622 -48.69 -2.03 -5.47
C THR F 622 -49.43 -2.04 -6.81
N GLY F 623 -49.05 -2.93 -7.72
CA GLY F 623 -49.65 -2.96 -9.03
C GLY F 623 -49.51 -1.69 -9.84
N SER F 624 -48.38 -0.98 -9.72
CA SER F 624 -48.21 0.27 -10.44
C SER F 624 -47.78 0.04 -11.89
N GLU F 625 -47.48 -1.20 -12.26
CA GLU F 625 -47.09 -1.48 -13.64
C GLU F 625 -48.27 -1.44 -14.60
N VAL F 626 -49.50 -1.35 -14.08
CA VAL F 626 -50.68 -1.35 -14.93
C VAL F 626 -51.52 -0.09 -14.77
N THR F 627 -51.31 0.72 -13.75
CA THR F 627 -52.13 1.90 -13.53
C THR F 627 -51.55 3.10 -14.28
N PRO F 628 -52.41 4.04 -14.70
CA PRO F 628 -51.90 5.27 -15.33
C PRO F 628 -51.59 6.35 -14.31
N PHE F 629 -51.51 5.98 -13.04
CA PHE F 629 -51.30 6.92 -11.95
C PHE F 629 -49.82 7.03 -11.61
N ALA F 630 -49.46 8.11 -10.93
CA ALA F 630 -48.08 8.34 -10.54
C ALA F 630 -47.99 8.66 -9.05
N LEU F 643 -50.45 13.38 -10.40
CA LEU F 643 -50.53 13.19 -11.84
C LEU F 643 -51.33 11.95 -12.20
N ALA F 644 -52.14 12.05 -13.26
CA ALA F 644 -52.94 10.92 -13.72
C ALA F 644 -53.31 11.16 -15.17
N ASP F 645 -52.82 10.30 -16.05
CA ASP F 645 -53.10 10.40 -17.48
C ASP F 645 -52.81 9.06 -18.13
N TYR F 646 -53.57 8.73 -19.18
CA TYR F 646 -53.36 7.47 -19.89
C TYR F 646 -52.07 7.45 -20.70
N GLU F 647 -51.43 8.59 -20.91
CA GLU F 647 -50.11 8.61 -21.54
C GLU F 647 -49.04 7.99 -20.66
N LEU F 648 -49.32 7.80 -19.37
CA LEU F 648 -48.36 7.24 -18.42
C LEU F 648 -48.44 5.72 -18.33
N LEU F 649 -49.28 5.09 -19.14
CA LEU F 649 -49.39 3.64 -19.13
C LEU F 649 -48.10 3.01 -19.64
N PRO F 650 -47.53 2.03 -18.95
CA PRO F 650 -46.38 1.32 -19.49
C PRO F 650 -46.78 0.53 -20.74
N ASP F 651 -45.79 0.29 -21.60
CA ASP F 651 -46.03 -0.43 -22.84
C ASP F 651 -45.96 -1.95 -22.66
N MET F 652 -45.45 -2.44 -21.54
CA MET F 652 -45.30 -3.88 -21.33
C MET F 652 -44.95 -4.11 -19.87
N ALA F 653 -45.59 -5.12 -19.25
CA ALA F 653 -45.42 -5.41 -17.84
C ALA F 653 -44.93 -6.84 -17.68
N ILE F 654 -43.90 -7.02 -16.86
CA ILE F 654 -43.29 -8.33 -16.62
C ILE F 654 -43.41 -8.63 -15.13
N VAL F 655 -44.40 -9.43 -14.75
CA VAL F 655 -44.57 -9.88 -13.37
C VAL F 655 -43.91 -11.25 -13.24
N ASP F 656 -42.85 -11.31 -12.44
CA ASP F 656 -42.04 -12.52 -12.31
C ASP F 656 -41.94 -12.87 -10.83
N ALA F 657 -42.26 -14.12 -10.48
CA ALA F 657 -42.37 -14.48 -9.08
C ALA F 657 -41.01 -14.66 -8.42
N ASP F 658 -40.04 -15.23 -9.14
CA ASP F 658 -38.76 -15.52 -8.50
C ASP F 658 -37.91 -14.27 -8.36
N MET F 659 -38.33 -13.15 -8.96
CA MET F 659 -37.68 -11.87 -8.73
C MET F 659 -38.15 -11.25 -7.41
N MET F 660 -39.25 -11.77 -6.86
CA MET F 660 -39.96 -11.16 -5.74
C MET F 660 -40.12 -12.17 -4.61
N MET F 661 -39.07 -12.91 -4.31
CA MET F 661 -39.13 -14.08 -3.44
C MET F 661 -38.19 -13.95 -2.25
N ASN F 662 -37.81 -12.71 -1.92
CA ASN F 662 -36.87 -12.52 -0.81
C ASN F 662 -37.26 -11.33 0.06
N ALA F 663 -38.44 -10.78 -0.14
CA ALA F 663 -38.91 -9.65 0.64
C ALA F 663 -39.09 -10.06 2.10
N PRO F 664 -38.81 -9.19 3.06
CA PRO F 664 -38.99 -9.55 4.47
C PRO F 664 -40.47 -9.64 4.84
N LYS F 665 -40.72 -10.05 6.09
CA LYS F 665 -42.08 -10.29 6.54
C LYS F 665 -42.90 -9.00 6.57
N GLY F 666 -42.32 -7.93 7.09
CA GLY F 666 -43.07 -6.68 7.22
C GLY F 666 -43.49 -6.12 5.89
N LEU F 667 -42.57 -6.09 4.93
CA LEU F 667 -42.89 -5.61 3.59
C LEU F 667 -43.92 -6.50 2.92
N THR F 668 -43.81 -7.82 3.09
CA THR F 668 -44.79 -8.74 2.53
C THR F 668 -46.19 -8.45 3.07
N ALA F 669 -46.31 -8.33 4.40
CA ALA F 669 -47.62 -8.10 5.00
C ALA F 669 -48.19 -6.75 4.57
N ALA F 670 -47.37 -5.70 4.58
CA ALA F 670 -47.84 -4.39 4.19
C ALA F 670 -48.32 -4.39 2.74
N SER F 671 -47.54 -5.02 1.85
CA SER F 671 -47.91 -5.07 0.44
C SER F 671 -49.20 -5.86 0.23
N GLY F 672 -49.34 -6.99 0.93
CA GLY F 672 -50.55 -7.78 0.80
C GLY F 672 -51.79 -7.03 1.25
N ILE F 673 -51.70 -6.36 2.40
CA ILE F 673 -52.86 -5.62 2.89
C ILE F 673 -53.15 -4.41 1.99
N ASP F 674 -52.11 -3.79 1.44
CA ASP F 674 -52.34 -2.69 0.50
C ASP F 674 -53.07 -3.17 -0.75
N ALA F 675 -52.66 -4.33 -1.29
CA ALA F 675 -53.34 -4.89 -2.45
C ALA F 675 -54.79 -5.23 -2.12
N LEU F 676 -55.03 -5.80 -0.93
CA LEU F 676 -56.40 -6.09 -0.51
C LEU F 676 -57.24 -4.83 -0.43
N THR F 677 -56.67 -3.75 0.12
CA THR F 677 -57.40 -2.49 0.20
C THR F 677 -57.71 -1.93 -1.19
N HIS F 678 -56.75 -2.00 -2.11
CA HIS F 678 -57.00 -1.55 -3.47
C HIS F 678 -58.13 -2.34 -4.11
N ALA F 679 -58.10 -3.68 -3.95
CA ALA F 679 -59.15 -4.51 -4.54
C ALA F 679 -60.52 -4.17 -3.96
N LEU F 680 -60.60 -4.00 -2.64
CA LEU F 680 -61.88 -3.71 -2.01
C LEU F 680 -62.41 -2.35 -2.45
N GLU F 681 -61.55 -1.33 -2.48
CA GLU F 681 -61.99 -0.01 -2.90
C GLU F 681 -62.39 0.01 -4.36
N ALA F 682 -61.71 -0.77 -5.21
CA ALA F 682 -62.13 -0.88 -6.60
C ALA F 682 -63.49 -1.55 -6.71
N TYR F 683 -63.74 -2.59 -5.91
CA TYR F 683 -65.00 -3.30 -5.96
C TYR F 683 -66.18 -2.46 -5.47
N VAL F 684 -66.00 -1.67 -4.42
CA VAL F 684 -67.11 -0.94 -3.81
C VAL F 684 -67.33 0.38 -4.54
N SER F 685 -66.43 0.71 -5.46
CA SER F 685 -66.49 2.00 -6.15
C SER F 685 -67.79 2.12 -6.95
N MET F 686 -68.31 3.35 -7.02
CA MET F 686 -69.54 3.60 -7.74
C MET F 686 -69.36 3.55 -9.25
N LEU F 687 -68.14 3.72 -9.73
CA LEU F 687 -67.85 3.70 -11.16
C LEU F 687 -67.46 2.32 -11.66
N ALA F 688 -67.38 1.34 -10.76
CA ALA F 688 -66.94 0.00 -11.14
C ALA F 688 -67.96 -0.68 -12.04
N THR F 689 -67.47 -1.62 -12.85
CA THR F 689 -68.30 -2.40 -13.75
C THR F 689 -67.95 -3.88 -13.58
N ASP F 690 -68.58 -4.73 -14.38
CA ASP F 690 -68.44 -6.17 -14.19
C ASP F 690 -67.03 -6.65 -14.52
N TYR F 691 -66.40 -6.06 -15.55
CA TYR F 691 -65.00 -6.36 -15.84
C TYR F 691 -64.15 -6.19 -14.60
N THR F 692 -64.33 -5.07 -13.90
CA THR F 692 -63.60 -4.83 -12.66
C THR F 692 -64.11 -5.69 -11.51
N ASP F 693 -65.40 -6.02 -11.50
CA ASP F 693 -65.96 -6.82 -10.41
C ASP F 693 -65.34 -8.20 -10.37
N SER F 694 -65.22 -8.85 -11.52
CA SER F 694 -64.66 -10.21 -11.56
C SER F 694 -63.21 -10.21 -11.09
N LEU F 695 -62.41 -9.26 -11.60
CA LEU F 695 -61.01 -9.18 -11.22
C LEU F 695 -60.86 -8.88 -9.74
N ALA F 696 -61.68 -7.97 -9.21
CA ALA F 696 -61.59 -7.62 -7.79
C ALA F 696 -61.94 -8.81 -6.91
N LEU F 697 -63.00 -9.55 -7.28
CA LEU F 697 -63.38 -10.72 -6.49
C LEU F 697 -62.27 -11.76 -6.50
N ARG F 698 -61.70 -12.02 -7.68
CA ARG F 698 -60.62 -12.99 -7.78
C ARG F 698 -59.42 -12.55 -6.95
N ALA F 699 -59.04 -11.28 -7.03
CA ALA F 699 -57.90 -10.78 -6.28
C ALA F 699 -58.12 -10.90 -4.78
N ILE F 700 -59.34 -10.58 -4.33
CA ILE F 700 -59.66 -10.70 -2.90
C ILE F 700 -59.52 -12.15 -2.46
N LYS F 701 -60.04 -13.08 -3.27
CA LYS F 701 -59.94 -14.50 -2.89
C LYS F 701 -58.50 -14.97 -2.82
N MET F 702 -57.67 -14.59 -3.80
CA MET F 702 -56.26 -14.97 -3.74
C MET F 702 -55.56 -14.37 -2.53
N ILE F 703 -55.83 -13.09 -2.24
CA ILE F 703 -55.17 -12.44 -1.12
C ILE F 703 -55.56 -13.12 0.19
N PHE F 704 -56.83 -13.45 0.35
CA PHE F 704 -57.25 -14.15 1.57
C PHE F 704 -56.66 -15.55 1.66
N GLU F 705 -56.56 -16.26 0.53
CA GLU F 705 -56.18 -17.67 0.58
C GLU F 705 -54.69 -17.90 0.85
N TYR F 706 -53.81 -17.08 0.28
CA TYR F 706 -52.38 -17.39 0.25
C TYR F 706 -51.48 -16.44 1.02
N LEU F 707 -51.95 -15.26 1.41
CA LEU F 707 -51.08 -14.31 2.09
C LEU F 707 -50.48 -14.84 3.39
N PRO F 708 -51.23 -15.50 4.28
CA PRO F 708 -50.58 -16.05 5.49
C PRO F 708 -49.47 -17.04 5.17
N ARG F 709 -49.64 -17.88 4.15
CA ARG F 709 -48.61 -18.86 3.80
C ARG F 709 -47.34 -18.16 3.35
N ALA F 710 -47.48 -17.11 2.53
CA ALA F 710 -46.31 -16.34 2.11
C ALA F 710 -45.67 -15.65 3.30
N TYR F 711 -46.47 -15.15 4.24
CA TYR F 711 -45.92 -14.44 5.38
C TYR F 711 -45.13 -15.36 6.30
N GLU F 712 -45.66 -16.55 6.59
CA GLU F 712 -45.03 -17.39 7.60
C GLU F 712 -43.93 -18.27 7.00
N ASN F 713 -44.18 -18.86 5.83
CA ASN F 713 -43.16 -19.70 5.21
C ASN F 713 -42.02 -18.88 4.63
N GLY F 714 -42.35 -17.79 3.93
CA GLY F 714 -41.33 -16.91 3.39
C GLY F 714 -40.88 -17.29 2.00
N ALA F 715 -39.56 -17.49 1.84
CA ALA F 715 -39.00 -17.83 0.54
C ALA F 715 -39.10 -19.31 0.22
N SER F 716 -39.54 -20.14 1.17
CA SER F 716 -39.62 -21.58 0.96
C SER F 716 -40.96 -22.01 0.36
N ASP F 717 -41.84 -21.07 0.03
CA ASP F 717 -43.14 -21.36 -0.58
C ASP F 717 -43.27 -20.54 -1.85
N PRO F 718 -42.68 -20.99 -2.96
CA PRO F 718 -42.80 -20.23 -4.21
C PRO F 718 -44.23 -20.09 -4.71
N VAL F 719 -45.09 -21.09 -4.44
CA VAL F 719 -46.46 -21.04 -4.92
C VAL F 719 -47.19 -19.84 -4.32
N ALA F 720 -47.01 -19.61 -3.03
CA ALA F 720 -47.66 -18.47 -2.38
C ALA F 720 -47.18 -17.16 -2.96
N ARG F 721 -45.86 -17.05 -3.22
CA ARG F 721 -45.33 -15.83 -3.79
C ARG F 721 -45.90 -15.57 -5.18
N GLU F 722 -45.96 -16.61 -6.02
CA GLU F 722 -46.51 -16.44 -7.37
C GLU F 722 -47.98 -16.04 -7.32
N LYS F 723 -48.76 -16.71 -6.47
CA LYS F 723 -50.18 -16.37 -6.36
C LYS F 723 -50.38 -14.96 -5.82
N MET F 724 -49.55 -14.52 -4.87
CA MET F 724 -49.68 -13.17 -4.34
C MET F 724 -49.30 -12.13 -5.39
N ALA F 725 -48.27 -12.41 -6.21
CA ALA F 725 -47.91 -11.50 -7.28
C ALA F 725 -49.06 -11.37 -8.29
N ASN F 726 -49.65 -12.50 -8.67
CA ASN F 726 -50.78 -12.47 -9.59
C ASN F 726 -51.96 -11.71 -9.00
N ALA F 727 -52.22 -11.93 -7.70
CA ALA F 727 -53.31 -11.23 -7.03
C ALA F 727 -53.07 -9.72 -7.02
N ALA F 728 -51.83 -9.31 -6.75
CA ALA F 728 -51.50 -7.90 -6.73
C ALA F 728 -51.69 -7.28 -8.11
N THR F 729 -51.27 -8.00 -9.16
CA THR F 729 -51.43 -7.47 -10.51
C THR F 729 -52.91 -7.35 -10.89
N ILE F 730 -53.71 -8.36 -10.55
CA ILE F 730 -55.14 -8.33 -10.86
C ILE F 730 -55.82 -7.19 -10.11
N ALA F 731 -55.49 -7.02 -8.83
CA ALA F 731 -56.06 -5.91 -8.06
C ALA F 731 -55.61 -4.57 -8.62
N GLY F 732 -54.38 -4.50 -9.14
CA GLY F 732 -53.93 -3.27 -9.76
C GLY F 732 -54.72 -2.93 -11.00
N MET F 733 -55.00 -3.92 -11.84
CA MET F 733 -55.84 -3.67 -13.02
C MET F 733 -57.24 -3.24 -12.60
N ALA F 734 -57.81 -3.92 -11.60
CA ALA F 734 -59.15 -3.57 -11.15
C ALA F 734 -59.20 -2.14 -10.62
N PHE F 735 -58.18 -1.73 -9.85
CA PHE F 735 -58.12 -0.37 -9.33
C PHE F 735 -57.90 0.65 -10.43
N ALA F 736 -57.08 0.30 -11.43
CA ALA F 736 -56.81 1.22 -12.52
C ALA F 736 -58.06 1.48 -13.35
N ASN F 737 -58.85 0.44 -13.61
CA ASN F 737 -60.01 0.62 -14.49
C ASN F 737 -61.17 1.27 -13.76
N ALA F 738 -61.22 1.13 -12.44
CA ALA F 738 -62.25 1.76 -11.63
C ALA F 738 -61.61 2.53 -10.48
N PHE F 739 -61.72 3.85 -10.52
CA PHE F 739 -61.09 4.73 -9.53
C PHE F 739 -61.37 4.31 -8.09
N PRO F 757 -45.68 3.73 6.76
CA PRO F 757 -45.88 2.90 5.58
C PRO F 757 -47.27 3.08 4.98
N HIS F 758 -47.38 2.85 3.67
CA HIS F 758 -48.69 3.01 3.02
C HIS F 758 -49.62 1.87 3.40
N GLY F 759 -49.17 0.63 3.25
CA GLY F 759 -50.02 -0.51 3.52
C GLY F 759 -50.52 -0.55 4.96
N VAL F 760 -49.65 -0.16 5.90
CA VAL F 760 -50.07 -0.04 7.30
C VAL F 760 -51.13 1.04 7.43
N ALA F 761 -50.98 2.15 6.69
CA ALA F 761 -51.96 3.22 6.74
C ALA F 761 -53.33 2.77 6.25
N ASN F 762 -53.38 2.00 5.16
CA ASN F 762 -54.68 1.48 4.73
C ASN F 762 -55.18 0.39 5.67
N ALA F 763 -54.27 -0.35 6.31
CA ALA F 763 -54.69 -1.45 7.17
C ALA F 763 -55.49 -0.96 8.37
N LEU F 764 -55.07 0.14 8.98
CA LEU F 764 -55.67 0.61 10.23
C LEU F 764 -56.98 1.37 10.03
N MET F 765 -57.36 1.67 8.79
CA MET F 765 -58.58 2.43 8.54
C MET F 765 -59.54 1.76 7.57
N ILE F 766 -59.24 0.55 7.07
CA ILE F 766 -60.13 -0.10 6.13
C ILE F 766 -61.43 -0.52 6.81
N ASN F 767 -61.35 -0.96 8.06
CA ASN F 767 -62.54 -1.39 8.79
C ASN F 767 -63.50 -0.23 9.00
N GLU F 768 -62.97 0.94 9.37
CA GLU F 768 -63.81 2.11 9.57
C GLU F 768 -64.49 2.53 8.29
N VAL F 769 -63.78 2.49 7.16
CA VAL F 769 -64.38 2.87 5.88
C VAL F 769 -65.45 1.85 5.48
N ILE F 770 -65.19 0.57 5.72
CA ILE F 770 -66.17 -0.47 5.43
C ILE F 770 -67.45 -0.23 6.24
N ARG F 771 -67.28 0.05 7.53
CA ARG F 771 -68.45 0.30 8.38
C ARG F 771 -69.18 1.57 7.98
N PHE F 772 -68.45 2.60 7.60
CA PHE F 772 -69.08 3.86 7.19
C PHE F 772 -69.89 3.68 5.91
N ASN F 773 -69.36 2.93 4.94
CA ASN F 773 -70.07 2.74 3.69
C ASN F 773 -71.38 1.97 3.87
N SER F 774 -71.39 0.94 4.70
CA SER F 774 -72.59 0.14 4.91
C SER F 774 -73.65 0.93 5.67
N ARG F 791 -76.65 0.51 -1.74
CA ARG F 791 -76.30 -0.61 -2.62
C ARG F 791 -74.99 -1.25 -2.17
N THR F 792 -74.33 -0.63 -1.19
CA THR F 792 -73.05 -1.13 -0.72
C THR F 792 -73.21 -2.41 0.10
N LEU F 793 -74.32 -2.51 0.84
CA LEU F 793 -74.52 -3.66 1.73
C LEU F 793 -74.55 -4.97 0.95
N GLU F 794 -75.28 -5.00 -0.17
CA GLU F 794 -75.33 -6.23 -0.96
C GLU F 794 -74.00 -6.52 -1.63
N ARG F 795 -73.23 -5.48 -1.98
CA ARG F 795 -71.91 -5.70 -2.53
C ARG F 795 -71.00 -6.41 -1.52
N TYR F 796 -71.00 -5.92 -0.28
CA TYR F 796 -70.21 -6.60 0.75
C TYR F 796 -70.76 -7.99 1.05
N ALA F 797 -72.07 -8.17 0.92
CA ALA F 797 -72.65 -9.50 1.10
C ALA F 797 -72.13 -10.47 0.03
N GLU F 798 -72.08 -10.02 -1.23
CA GLU F 798 -71.51 -10.86 -2.28
C GLU F 798 -70.04 -11.16 -2.02
N ILE F 799 -69.28 -10.15 -1.56
CA ILE F 799 -67.87 -10.38 -1.24
C ILE F 799 -67.75 -11.49 -0.19
N ALA F 800 -68.51 -11.37 0.90
CA ALA F 800 -68.44 -12.35 1.97
C ALA F 800 -68.89 -13.74 1.50
N ASP F 801 -69.93 -13.79 0.66
CA ASP F 801 -70.41 -15.07 0.17
C ASP F 801 -69.37 -15.75 -0.72
N TYR F 802 -68.73 -14.98 -1.62
CA TYR F 802 -67.72 -15.56 -2.49
C TYR F 802 -66.51 -16.05 -1.69
N ILE F 803 -66.09 -15.27 -0.68
CA ILE F 803 -64.96 -15.71 0.14
C ILE F 803 -65.30 -17.01 0.85
N GLY F 804 -66.55 -17.16 1.30
CA GLY F 804 -66.97 -18.36 1.96
C GLY F 804 -67.61 -18.10 3.32
N LEU F 805 -67.78 -16.83 3.66
CA LEU F 805 -68.36 -16.47 4.94
C LEU F 805 -69.85 -16.72 4.94
N LYS F 806 -70.37 -17.20 6.07
CA LYS F 806 -71.78 -17.48 6.23
C LYS F 806 -72.52 -16.20 6.64
N GLY F 807 -73.79 -16.35 7.01
CA GLY F 807 -74.58 -15.21 7.44
C GLY F 807 -76.02 -15.27 6.99
N LYS F 808 -76.78 -14.20 7.23
CA LYS F 808 -78.18 -14.15 6.84
C LYS F 808 -78.59 -12.69 6.71
N ASN F 809 -79.72 -12.48 6.03
CA ASN F 809 -80.41 -11.19 5.88
C ASN F 809 -79.48 -10.03 5.53
N ASN F 810 -78.34 -10.34 4.90
CA ASN F 810 -77.37 -9.37 4.39
C ASN F 810 -76.82 -8.43 5.46
N GLU F 811 -76.88 -8.81 6.74
CA GLU F 811 -76.32 -7.99 7.82
C GLU F 811 -75.15 -8.66 8.51
N GLU F 812 -75.33 -9.88 9.01
CA GLU F 812 -74.26 -10.56 9.73
C GLU F 812 -73.06 -10.86 8.82
N LYS F 813 -73.29 -10.88 7.50
CA LYS F 813 -72.20 -11.13 6.57
C LYS F 813 -71.14 -10.05 6.65
N VAL F 814 -71.55 -8.79 6.82
CA VAL F 814 -70.60 -7.70 6.90
C VAL F 814 -69.71 -7.83 8.14
N GLU F 815 -70.31 -8.16 9.29
CA GLU F 815 -69.50 -8.35 10.50
C GLU F 815 -68.62 -9.58 10.39
N ASN F 816 -69.10 -10.64 9.73
CA ASN F 816 -68.24 -11.79 9.49
C ASN F 816 -67.04 -11.41 8.63
N LEU F 817 -67.26 -10.62 7.59
CA LEU F 817 -66.17 -10.16 6.75
C LEU F 817 -65.18 -9.30 7.52
N ILE F 818 -65.69 -8.39 8.36
CA ILE F 818 -64.79 -7.51 9.10
C ILE F 818 -64.01 -8.30 10.14
N LYS F 819 -64.63 -9.31 10.75
CA LYS F 819 -63.90 -10.17 11.68
C LYS F 819 -62.82 -10.96 10.95
N ALA F 820 -63.12 -11.44 9.74
CA ALA F 820 -62.11 -12.14 8.95
C ALA F 820 -60.95 -11.22 8.59
N ILE F 821 -61.26 -9.97 8.22
CA ILE F 821 -60.20 -9.02 7.91
C ILE F 821 -59.34 -8.76 9.15
N ASP F 822 -59.96 -8.59 10.31
CA ASP F 822 -59.20 -8.36 11.53
C ASP F 822 -58.33 -9.57 11.87
N GLU F 823 -58.86 -10.78 11.68
CA GLU F 823 -58.08 -11.98 11.94
C GLU F 823 -56.88 -12.08 11.00
N LEU F 824 -57.10 -11.74 9.73
CA LEU F 824 -55.99 -11.74 8.77
C LEU F 824 -54.94 -10.71 9.15
N LYS F 825 -55.37 -9.52 9.59
CA LYS F 825 -54.43 -8.51 10.04
C LYS F 825 -53.63 -8.98 11.25
N GLU F 826 -54.30 -9.67 12.18
CA GLU F 826 -53.60 -10.24 13.32
C GLU F 826 -52.58 -11.28 12.89
N LYS F 827 -52.94 -12.12 11.92
CA LYS F 827 -52.07 -13.21 11.51
C LYS F 827 -50.81 -12.74 10.79
N VAL F 828 -50.79 -11.51 10.29
CA VAL F 828 -49.62 -10.96 9.61
C VAL F 828 -48.98 -9.84 10.42
N GLY F 829 -49.53 -9.51 11.58
CA GLY F 829 -48.99 -8.46 12.41
C GLY F 829 -49.86 -7.22 12.47
FE FE G . 44.68 9.35 62.29
FE FE H . 0.86 20.77 -22.00
FE FE I . 26.28 -7.95 -13.85
FE FE J . -67.11 -20.47 -31.81
FE FE K . -51.39 2.49 -2.35
#